data_5X2M
#
_entry.id   5X2M
#
_cell.length_a   99.656
_cell.length_b   116.355
_cell.length_c   129.476
_cell.angle_alpha   90.00
_cell.angle_beta   92.20
_cell.angle_gamma   90.00
#
_symmetry.space_group_name_H-M   'P 1 21 1'
#
loop_
_entity.id
_entity.type
_entity.pdbx_description
1 polymer 'Taste receptor, type 1, member 2a'
2 polymer 'Taste receptor, type 1, member 3'
3 polymer 'Fab16A Heavy chain'
4 polymer 'Fab16A Light chain'
5 non-polymer 2-acetamido-2-deoxy-beta-D-glucopyranose
6 non-polymer GLUTAMINE
7 non-polymer 'SODIUM ION'
8 non-polymer 'CHLORIDE ION'
9 non-polymer 'CALCIUM ION'
10 water water
#
loop_
_entity_poly.entity_id
_entity_poly.type
_entity_poly.pdbx_seq_one_letter_code
_entity_poly.pdbx_strand_id
1 'polypeptide(L)'
;QSTDQTSEFHLRGDYLIGGLFNIHYVAAANFQRPQAIDCSSKLFILPNYRRFQMMRFSVEEINNSSSLLPNVSLGYQMFD
HCSDIHSFPGIFKLLSVNDLIRPWEDASTGLPNAIGVVGPFTSTHALSIAPIFMTNLFPMVSYGCSGSVFSKENLYPSFL
RTVHSNKDVINAIVGIILNFNWRWVAFLYSDDDFGKDGLEQFKNKIEDSEICLAFYKAINVNTDYLQVFKQIEEQNIKVI
VVFAPKVYAEAVVESAVQLNVTNKVWIADDGWSLNKKLPSMNGIQNIGTVLGVAQPVVTIPGFTDFIYSAISQTDGGDTE
QKMFCNQKCNCSNLSVKSLLNADPSFSFPVYAAVYAIAHALHNTLRCGSDRCPKNITVHPHMILEELKKSNFTLLNQTVQ
FDENGDPKFGSLSVVFWNSSGNAEEVGSYHFQSSIHLSINKTKIKWFTNGEVPTSSGIEGR
;
A,C
2 'polypeptide(L)'
;SPNWFNNISTDLFSMPGDIKLGGLFPIKEQSNEVSNDLTKLNSVSCDSLNKDGLGRALVMKYAVEEINANSQLLPGVKLG
YKIYNTCRHSAVIVRPALSFLTEKSNGTLSVECNYTDYETDMVAVIGPQSSEMVTVIGKLLGFFLMPQISFGATSDKFSD
SLVYPSFFRTVPSDIRQVDAMVQLIKKFNWNWVAVVGSEEEYGQQGVQQFSKKAEDMGVCVAYQGLIPIYDDPKPAIQTI
INNIQTTEVKVVVVFSLVSPAVSFFEEVIKKNLTGVWIASSSWAISDKVYSLPNIDSIGTVIGFIDETETLELLSPFTEV
LFKKIHEASPTEKPEDPYNPCPECWSLSPANVSLVKEESVQRTAFSVYAAVYTVAHALHKLLECNSAACKWSSSTRLYPW
KLLEVLKEFSVNISNTSLKFDQNGNPNIGYSVIQRIWENQSLSSVGSYRSANLSINETLFKWYTNNSEKPESSGIEGR
;
B,D
3 'polypeptide(L)'
;EVQLQQSGPELVKPGASMKISCKASGYSFTGYSMNWVKQSHGKNLEWIGLINPYNGDTTYKQKFKGKATLTVDRSSSTAY
MELLRLTSEDSAVYYCARSGRGAPTTTTAWFTYWGQGTLVTVSAAKTTPPSVYPLAPGSAAQTNSMVTLGCLVKGYFPEP
VTVTWNSGSLSSGVHTFPAVLQSDLYTLSSSVTVPSSTWPSETVTCNVAHPASSTKVDKKIVPRD
;
H,J
4 'polypeptide(L)'
;DIVLTQSPASLAVSLGQRATISCRASESVDSYGNSFMHWYQQKPGQPPILLISRASNLESGIPARFSGSGSRTDFTLTIN
PVEADDFATYYCQQTNEDPRTFGGGTKLEIKRADAAPTVSIFPPSSEQLTSGGASVVCFLNNFYPKDINVKWKIDGSERQ
NGVLNSWTDQDSKDSTYSMSSTLTLTKDEYERHNSYTCEATHKTSTSPIVKSFNRNE
;
L,K
#
loop_
_chem_comp.id
_chem_comp.type
_chem_comp.name
_chem_comp.formula
CA non-polymer 'CALCIUM ION' 'Ca 2'
CL non-polymer 'CHLORIDE ION' 'Cl -1'
NA non-polymer 'SODIUM ION' 'Na 1'
NAG D-saccharide, beta linking 2-acetamido-2-deoxy-beta-D-glucopyranose 'C8 H15 N O6'
#
# COMPACT_ATOMS: atom_id res chain seq x y z
N THR A 6 26.63 -0.42 68.69
CA THR A 6 26.10 -0.44 67.32
C THR A 6 26.52 0.81 66.55
N SER A 7 25.98 0.96 65.34
CA SER A 7 26.33 2.07 64.45
C SER A 7 25.19 2.42 63.52
N GLU A 8 25.08 3.71 63.17
CA GLU A 8 24.19 4.16 62.11
C GLU A 8 24.53 3.51 60.78
N PHE A 9 25.80 3.20 60.56
CA PHE A 9 26.27 2.81 59.24
C PHE A 9 26.03 1.35 58.88
N HIS A 10 25.66 0.54 59.85
CA HIS A 10 25.40 -0.85 59.53
C HIS A 10 24.33 -1.44 60.40
N LEU A 11 23.60 -2.36 59.80
CA LEU A 11 22.43 -2.96 60.41
C LEU A 11 22.37 -4.35 59.84
N ARG A 12 22.22 -5.32 60.71
CA ARG A 12 22.11 -6.70 60.27
C ARG A 12 20.69 -6.95 59.81
N GLY A 13 20.55 -7.82 58.82
CA GLY A 13 19.25 -8.22 58.31
C GLY A 13 19.35 -9.55 57.55
N ASP A 14 18.21 -10.06 57.12
CA ASP A 14 18.21 -11.25 56.27
C ASP A 14 18.86 -10.95 54.92
N TYR A 15 18.66 -9.75 54.39
CA TYR A 15 19.35 -9.34 53.17
C TYR A 15 19.90 -7.93 53.33
N LEU A 16 21.02 -7.65 52.67
CA LEU A 16 21.67 -6.37 52.85
C LEU A 16 21.65 -5.50 51.60
N ILE A 17 21.48 -4.22 51.87
CA ILE A 17 21.51 -3.19 50.86
C ILE A 17 22.70 -2.27 51.13
N GLY A 18 23.52 -2.02 50.12
CA GLY A 18 24.59 -1.04 50.26
C GLY A 18 24.04 0.40 50.23
N GLY A 19 24.58 1.25 51.09
CA GLY A 19 24.30 2.67 51.03
C GLY A 19 25.62 3.40 50.74
N LEU A 20 25.68 4.11 49.63
CA LEU A 20 26.87 4.89 49.25
C LEU A 20 26.57 6.37 49.42
N PHE A 21 27.06 6.95 50.49
CA PHE A 21 26.82 8.36 50.70
C PHE A 21 28.14 9.11 50.79
N ASN A 22 28.07 10.43 50.82
CA ASN A 22 29.24 11.24 51.07
C ASN A 22 28.80 12.35 52.02
N ILE A 23 28.97 12.04 53.30
CA ILE A 23 28.63 12.89 54.43
C ILE A 23 29.63 14.05 54.62
N HIS A 24 30.88 13.81 54.26
CA HIS A 24 31.90 14.84 54.35
C HIS A 24 32.41 15.24 52.96
N TYR A 25 32.98 16.43 52.87
CA TYR A 25 33.56 16.92 51.64
C TYR A 25 35.03 17.20 51.80
N VAL A 26 35.81 16.80 50.80
CA VAL A 26 37.18 17.24 50.69
C VAL A 26 37.60 17.29 49.20
N ALA A 27 38.34 18.32 48.80
CA ALA A 27 38.85 18.38 47.44
C ALA A 27 39.92 17.33 47.26
N ALA A 28 40.01 16.78 46.05
CA ALA A 28 40.99 15.75 45.76
C ALA A 28 42.41 16.26 46.00
N ALA A 29 43.28 15.37 46.47
CA ALA A 29 44.66 15.67 46.71
C ALA A 29 45.54 14.43 46.42
N ASN A 30 46.79 14.68 46.08
CA ASN A 30 47.76 13.63 45.78
C ASN A 30 48.03 12.75 47.00
N PHE A 31 48.17 11.45 46.75
CA PHE A 31 48.42 10.49 47.83
C PHE A 31 49.45 9.49 47.37
N GLN A 32 50.28 9.01 48.30
CA GLN A 32 51.41 8.16 47.94
C GLN A 32 51.27 6.77 48.56
N ARG A 33 50.13 6.52 49.20
CA ARG A 33 49.84 5.24 49.82
C ARG A 33 48.47 4.70 49.39
N PRO A 34 48.37 3.38 49.18
CA PRO A 34 47.08 2.82 48.72
C PRO A 34 46.18 2.44 49.91
N GLN A 35 45.35 3.39 50.35
CA GLN A 35 44.59 3.18 51.59
C GLN A 35 43.45 4.16 51.64
N ALA A 36 42.41 3.81 52.40
CA ALA A 36 41.26 4.68 52.55
C ALA A 36 41.62 6.01 53.20
N ILE A 37 40.79 7.01 52.93
CA ILE A 37 40.92 8.35 53.45
C ILE A 37 40.08 8.51 54.73
N ASP A 38 40.62 9.26 55.69
CA ASP A 38 39.87 9.56 56.90
C ASP A 38 38.91 10.71 56.61
N CYS A 39 37.66 10.36 56.27
CA CYS A 39 36.66 11.36 55.95
C CYS A 39 36.05 12.03 57.19
N SER A 40 36.09 11.35 58.34
CA SER A 40 35.48 11.87 59.58
C SER A 40 36.08 13.22 60.06
N SER A 41 37.28 13.54 59.61
CA SER A 41 37.91 14.79 60.00
C SER A 41 37.67 15.94 59.02
N LYS A 42 36.91 15.66 57.96
CA LYS A 42 36.76 16.65 56.90
C LYS A 42 35.49 17.46 57.08
N LEU A 43 35.17 18.30 56.09
CA LEU A 43 34.01 19.21 56.18
C LEU A 43 32.69 18.46 56.19
N PHE A 44 31.93 18.62 57.26
CA PHE A 44 30.61 17.99 57.37
C PHE A 44 29.59 18.63 56.41
N ILE A 45 28.71 17.81 55.84
CA ILE A 45 27.69 18.30 54.91
C ILE A 45 26.30 17.93 55.40
N LEU A 46 25.59 18.89 55.96
CA LEU A 46 24.32 18.65 56.62
C LEU A 46 23.25 18.02 55.69
N PRO A 47 23.02 18.60 54.50
CA PRO A 47 21.98 17.96 53.68
C PRO A 47 22.31 16.56 53.17
N ASN A 48 23.60 16.22 53.00
CA ASN A 48 23.92 14.88 52.54
C ASN A 48 23.63 13.91 53.67
N TYR A 49 23.94 14.37 54.89
CA TYR A 49 23.68 13.60 56.09
C TYR A 49 22.19 13.34 56.26
N ARG A 50 21.36 14.33 55.90
CA ARG A 50 19.92 14.16 55.91
C ARG A 50 19.47 13.04 54.99
N ARG A 51 20.03 13.01 53.78
CA ARG A 51 19.77 11.97 52.78
C ARG A 51 20.20 10.57 53.26
N PHE A 52 21.35 10.51 53.92
CA PHE A 52 21.82 9.33 54.65
C PHE A 52 20.78 8.81 55.65
N GLN A 53 20.26 9.70 56.47
CA GLN A 53 19.21 9.32 57.43
C GLN A 53 17.93 8.84 56.72
N MET A 54 17.60 9.47 55.60
CA MET A 54 16.44 9.09 54.80
C MET A 54 16.50 7.62 54.41
N MET A 55 17.71 7.13 54.09
CA MET A 55 17.83 5.71 53.76
C MET A 55 17.59 4.88 55.00
N ARG A 56 18.16 5.31 56.12
CA ARG A 56 18.00 4.59 57.40
C ARG A 56 16.52 4.57 57.77
N PHE A 57 15.86 5.70 57.53
CA PHE A 57 14.43 5.81 57.85
C PHE A 57 13.61 4.83 57.01
N SER A 58 13.94 4.76 55.71
CA SER A 58 13.21 3.94 54.76
C SER A 58 13.26 2.46 55.10
N VAL A 59 14.46 2.00 55.40
CA VAL A 59 14.70 0.59 55.71
C VAL A 59 13.97 0.22 56.98
N GLU A 60 13.98 1.12 57.96
CA GLU A 60 13.34 0.80 59.22
C GLU A 60 11.84 0.77 59.01
N GLU A 61 11.34 1.64 58.14
CA GLU A 61 9.90 1.72 57.87
C GLU A 61 9.43 0.41 57.26
N ILE A 62 10.24 -0.11 56.35
CA ILE A 62 9.93 -1.36 55.66
C ILE A 62 10.04 -2.56 56.62
N ASN A 63 11.07 -2.56 57.46
CA ASN A 63 11.22 -3.59 58.47
C ASN A 63 10.05 -3.57 59.47
N ASN A 64 9.42 -2.42 59.65
CA ASN A 64 8.25 -2.29 60.52
C ASN A 64 6.99 -2.86 59.89
N SER A 65 7.03 -3.01 58.56
CA SER A 65 5.87 -3.42 57.79
C SER A 65 5.73 -4.92 57.79
N SER A 66 4.51 -5.38 58.09
CA SER A 66 4.17 -6.80 57.99
C SER A 66 3.59 -7.10 56.61
N SER A 67 3.56 -6.10 55.74
CA SER A 67 3.03 -6.28 54.40
C SER A 67 4.12 -6.40 53.32
N LEU A 68 5.05 -5.46 53.30
CA LEU A 68 6.21 -5.55 52.40
C LEU A 68 7.34 -6.27 53.12
N LEU A 69 7.87 -7.32 52.49
CA LEU A 69 8.86 -8.19 53.14
C LEU A 69 8.41 -8.63 54.52
N PRO A 70 7.32 -9.40 54.57
CA PRO A 70 6.84 -9.91 55.87
C PRO A 70 7.84 -10.89 56.46
N ASN A 71 8.25 -10.65 57.70
CA ASN A 71 9.22 -11.50 58.40
C ASN A 71 10.55 -11.65 57.67
N VAL A 72 10.89 -10.67 56.85
CA VAL A 72 12.19 -10.63 56.19
C VAL A 72 12.80 -9.27 56.44
N SER A 73 13.87 -9.27 57.22
CA SER A 73 14.53 -8.05 57.62
C SER A 73 15.53 -7.58 56.56
N LEU A 74 15.51 -6.27 56.31
CA LEU A 74 16.53 -5.58 55.51
C LEU A 74 17.59 -5.02 56.41
N GLY A 75 18.84 -5.32 56.11
CA GLY A 75 19.94 -4.67 56.80
C GLY A 75 20.67 -3.83 55.79
N TYR A 76 21.71 -3.11 56.22
CA TYR A 76 22.54 -2.36 55.27
C TYR A 76 24.00 -2.27 55.69
N GLN A 77 24.85 -1.97 54.71
CA GLN A 77 26.20 -1.46 54.99
C GLN A 77 26.29 -0.11 54.30
N MET A 78 26.47 0.93 55.08
CA MET A 78 26.49 2.27 54.54
C MET A 78 27.88 2.89 54.65
N PHE A 79 28.20 3.77 53.72
CA PHE A 79 29.53 4.36 53.63
C PHE A 79 29.51 5.86 53.42
N ASP A 80 30.46 6.54 54.05
CA ASP A 80 30.76 7.94 53.84
C ASP A 80 32.03 8.09 52.95
N HIS A 81 31.85 8.16 51.63
CA HIS A 81 33.01 8.24 50.73
C HIS A 81 33.27 9.66 50.29
N CYS A 82 34.00 10.42 51.10
CA CYS A 82 34.29 11.80 50.73
C CYS A 82 35.15 11.85 49.49
N SER A 83 35.81 10.73 49.17
CA SER A 83 36.68 10.64 48.00
C SER A 83 36.32 9.45 47.09
N ASP A 84 35.92 9.74 45.85
CA ASP A 84 35.53 8.67 44.91
C ASP A 84 36.69 7.72 44.61
N ILE A 85 37.92 8.22 44.52
CA ILE A 85 39.05 7.36 44.16
C ILE A 85 39.40 6.40 45.30
N HIS A 86 39.08 6.81 46.52
CA HIS A 86 39.35 5.99 47.69
C HIS A 86 38.08 5.26 48.21
N SER A 87 37.08 5.11 47.36
CA SER A 87 35.85 4.46 47.82
C SER A 87 35.90 2.94 47.67
N PHE A 88 36.90 2.41 46.95
CA PHE A 88 36.88 0.99 46.63
C PHE A 88 36.82 -0.02 47.81
N PRO A 89 37.41 0.33 48.98
CA PRO A 89 37.24 -0.65 50.09
C PRO A 89 35.76 -0.92 50.43
N GLY A 90 34.93 0.11 50.47
CA GLY A 90 33.53 -0.07 50.75
C GLY A 90 32.83 -0.86 49.66
N ILE A 91 33.20 -0.55 48.41
CA ILE A 91 32.60 -1.21 47.27
C ILE A 91 32.94 -2.70 47.28
N PHE A 92 34.19 -3.01 47.54
CA PHE A 92 34.62 -4.40 47.62
C PHE A 92 33.84 -5.16 48.70
N LYS A 93 33.55 -4.48 49.80
CA LYS A 93 32.86 -5.14 50.92
C LYS A 93 31.45 -5.55 50.50
N LEU A 94 30.79 -4.71 49.69
CA LEU A 94 29.44 -5.01 49.23
C LEU A 94 29.43 -6.24 48.28
N LEU A 95 30.49 -6.41 47.50
CA LEU A 95 30.54 -7.44 46.46
C LEU A 95 31.22 -8.75 46.89
N SER A 96 31.78 -8.75 48.09
CA SER A 96 32.58 -9.89 48.56
C SER A 96 31.78 -11.03 49.14
N VAL A 97 32.34 -12.23 48.99
CA VAL A 97 31.90 -13.40 49.74
C VAL A 97 32.86 -13.66 50.89
N ASN A 98 32.46 -13.24 52.09
CA ASN A 98 33.27 -13.40 53.30
C ASN A 98 34.62 -12.70 53.20
N ASP A 99 34.56 -11.39 52.97
CA ASP A 99 35.75 -10.53 52.84
C ASP A 99 36.75 -11.03 51.78
N LEU A 100 36.23 -11.65 50.73
CA LEU A 100 37.07 -12.06 49.60
C LEU A 100 36.38 -11.79 48.27
N ILE A 101 37.13 -11.26 47.32
CA ILE A 101 36.62 -11.20 45.96
C ILE A 101 37.40 -12.14 45.06
N ARG A 102 36.69 -12.96 44.29
CA ARG A 102 37.33 -13.70 43.24
C ARG A 102 36.80 -13.15 41.92
N PRO A 103 37.70 -12.56 41.11
CA PRO A 103 37.41 -11.83 39.87
C PRO A 103 36.70 -12.64 38.79
N TRP A 104 36.98 -13.93 38.70
CA TRP A 104 36.41 -14.76 37.65
C TRP A 104 35.10 -15.48 38.03
N GLU A 105 34.34 -14.93 38.97
CA GLU A 105 33.08 -15.54 39.40
C GLU A 105 31.87 -15.09 38.56
N ASP A 106 30.97 -16.02 38.26
CA ASP A 106 29.86 -15.76 37.32
C ASP A 106 28.81 -14.78 37.88
N LEU A 111 26.75 -15.91 45.92
CA LEU A 111 26.27 -15.41 47.21
C LEU A 111 26.99 -14.14 47.66
N PRO A 112 26.73 -13.00 46.97
CA PRO A 112 27.36 -11.73 47.36
C PRO A 112 26.78 -11.19 48.67
N ASN A 113 27.57 -10.41 49.40
CA ASN A 113 27.17 -9.91 50.72
C ASN A 113 25.91 -9.03 50.68
N ALA A 114 25.72 -8.31 49.59
CA ALA A 114 24.58 -7.42 49.43
C ALA A 114 23.76 -7.81 48.21
N ILE A 115 22.52 -7.37 48.14
CA ILE A 115 21.66 -7.73 47.02
C ILE A 115 21.47 -6.57 46.06
N GLY A 116 21.98 -5.41 46.45
CA GLY A 116 21.88 -4.25 45.59
C GLY A 116 22.40 -3.06 46.36
N VAL A 117 22.53 -1.93 45.70
CA VAL A 117 23.08 -0.79 46.39
C VAL A 117 22.30 0.50 46.08
N VAL A 118 22.12 1.32 47.09
CA VAL A 118 21.53 2.65 46.89
C VAL A 118 22.65 3.69 46.85
N GLY A 119 22.63 4.57 45.85
CA GLY A 119 23.71 5.52 45.64
C GLY A 119 24.52 5.16 44.41
N PRO A 120 25.62 5.90 44.18
CA PRO A 120 26.06 7.03 45.00
C PRO A 120 25.33 8.35 44.64
N PHE A 121 25.75 9.47 45.24
CA PHE A 121 25.06 10.74 45.02
C PHE A 121 25.50 11.41 43.71
N THR A 122 26.78 11.32 43.36
CA THR A 122 27.33 12.12 42.27
C THR A 122 27.85 11.29 41.09
N SER A 123 27.91 11.93 39.94
CA SER A 123 28.34 11.26 38.72
C SER A 123 29.80 10.79 38.83
N THR A 124 30.64 11.60 39.45
CA THR A 124 32.05 11.23 39.61
C THR A 124 32.19 9.95 40.44
N HIS A 125 31.41 9.85 41.52
CA HIS A 125 31.40 8.66 42.35
C HIS A 125 30.95 7.45 41.53
N ALA A 126 29.94 7.64 40.70
CA ALA A 126 29.37 6.53 39.93
C ALA A 126 30.28 6.08 38.79
N LEU A 127 30.89 7.01 38.09
CA LEU A 127 31.77 6.69 36.96
C LEU A 127 32.98 5.88 37.45
N SER A 128 33.43 6.18 38.65
CA SER A 128 34.62 5.53 39.20
C SER A 128 34.40 4.08 39.55
N ILE A 129 33.18 3.74 39.94
CA ILE A 129 32.94 2.40 40.52
C ILE A 129 31.94 1.54 39.74
N ALA A 130 31.07 2.17 38.95
CA ALA A 130 29.98 1.42 38.29
C ALA A 130 30.40 0.22 37.43
N PRO A 131 31.53 0.30 36.68
CA PRO A 131 31.89 -0.89 35.92
C PRO A 131 32.06 -2.14 36.75
N ILE A 132 32.48 -2.00 38.00
CA ILE A 132 32.65 -3.17 38.84
C ILE A 132 31.29 -3.80 39.17
N PHE A 133 30.30 -2.96 39.41
CA PHE A 133 28.94 -3.47 39.62
C PHE A 133 28.30 -4.00 38.32
N MET A 134 28.52 -3.29 37.21
CA MET A 134 27.89 -3.66 35.93
C MET A 134 28.29 -5.05 35.47
N THR A 135 29.56 -5.41 35.64
CA THR A 135 30.08 -6.72 35.22
C THR A 135 29.24 -7.92 35.65
N ASN A 136 28.81 -7.93 36.90
CA ASN A 136 27.97 -9.02 37.38
C ASN A 136 26.52 -8.62 37.48
N LEU A 137 26.15 -7.55 36.79
CA LEU A 137 24.78 -7.06 36.77
C LEU A 137 24.25 -6.83 38.19
N PHE A 138 25.14 -6.36 39.05
CA PHE A 138 24.79 -5.99 40.41
C PHE A 138 24.03 -4.67 40.38
N PRO A 139 22.79 -4.66 40.91
CA PRO A 139 21.97 -3.45 40.71
C PRO A 139 22.35 -2.26 41.57
N MET A 140 22.52 -1.11 40.90
CA MET A 140 22.70 0.18 41.56
C MET A 140 21.49 1.05 41.28
N VAL A 141 20.92 1.60 42.35
CA VAL A 141 19.89 2.59 42.24
C VAL A 141 20.35 3.92 42.84
N SER A 142 20.79 4.83 41.97
CA SER A 142 21.33 6.14 42.38
C SER A 142 20.26 7.19 42.70
N TYR A 143 20.43 7.89 43.82
CA TYR A 143 19.44 8.90 44.23
C TYR A 143 19.88 10.29 43.77
N GLY A 144 20.96 10.38 43.00
CA GLY A 144 21.48 11.70 42.63
C GLY A 144 22.22 11.87 41.32
N CYS A 145 22.78 10.77 40.80
CA CYS A 145 23.59 10.82 39.60
CA CYS A 145 23.57 10.80 39.56
C CYS A 145 22.77 11.20 38.36
N SER A 146 23.14 12.31 37.73
CA SER A 146 22.33 12.84 36.63
C SER A 146 23.08 12.87 35.30
N GLY A 147 24.26 12.25 35.24
CA GLY A 147 25.00 12.18 33.99
C GLY A 147 24.22 11.59 32.83
N SER A 148 24.27 12.27 31.69
CA SER A 148 23.70 11.77 30.44
C SER A 148 24.15 10.36 30.11
N VAL A 149 25.44 10.10 30.33
CA VAL A 149 26.00 8.84 29.89
C VAL A 149 25.33 7.62 30.59
N PHE A 150 24.80 7.80 31.81
CA PHE A 150 24.19 6.66 32.49
C PHE A 150 22.84 6.19 31.90
N SER A 151 22.31 6.97 30.96
CA SER A 151 21.14 6.55 30.15
C SER A 151 21.51 5.59 29.01
N LYS A 152 22.79 5.30 28.80
CA LYS A 152 23.17 4.34 27.77
C LYS A 152 23.19 2.93 28.37
N GLU A 153 22.14 2.17 28.10
CA GLU A 153 21.91 0.93 28.84
C GLU A 153 22.99 -0.12 28.57
N ASN A 154 23.55 -0.13 27.35
CA ASN A 154 24.60 -1.08 27.01
C ASN A 154 25.89 -0.83 27.80
N LEU A 155 26.11 0.41 28.23
CA LEU A 155 27.27 0.74 29.06
C LEU A 155 26.99 0.57 30.56
N TYR A 156 25.74 0.80 30.97
CA TYR A 156 25.36 0.69 32.38
C TYR A 156 24.10 -0.19 32.59
N PRO A 157 24.20 -1.49 32.28
CA PRO A 157 23.02 -2.37 32.19
C PRO A 157 22.30 -2.60 33.52
N SER A 158 22.98 -2.45 34.65
CA SER A 158 22.33 -2.65 35.94
C SER A 158 22.33 -1.37 36.74
N PHE A 159 22.43 -0.25 36.04
CA PHE A 159 22.35 1.06 36.70
C PHE A 159 20.96 1.71 36.56
N LEU A 160 20.35 2.09 37.67
CA LEU A 160 19.10 2.83 37.64
C LEU A 160 19.18 4.08 38.51
N ARG A 161 18.25 5.00 38.33
CA ARG A 161 18.30 6.20 39.13
C ARG A 161 16.93 6.77 39.39
N THR A 162 16.79 7.46 40.50
CA THR A 162 15.48 7.97 40.88
C THR A 162 15.42 9.49 40.81
N VAL A 163 16.43 10.11 40.17
CA VAL A 163 16.34 11.51 39.73
C VAL A 163 16.53 11.59 38.23
N HIS A 164 16.08 12.70 37.65
CA HIS A 164 16.14 12.84 36.18
C HIS A 164 17.54 13.14 35.64
N SER A 165 17.77 12.74 34.40
CA SER A 165 19.01 13.08 33.69
C SER A 165 19.23 14.61 33.57
N ASN A 166 20.48 15.02 33.39
CA ASN A 166 20.83 16.41 33.13
C ASN A 166 20.03 17.05 31.99
N LYS A 167 19.71 16.27 30.96
CA LYS A 167 18.94 16.80 29.83
C LYS A 167 17.59 17.42 30.25
N ASP A 168 16.92 16.83 31.23
CA ASP A 168 15.62 17.34 31.65
C ASP A 168 15.76 18.66 32.41
N VAL A 169 16.73 18.73 33.31
CA VAL A 169 16.97 19.94 34.06
C VAL A 169 17.44 21.05 33.12
N ILE A 170 18.30 20.69 32.17
CA ILE A 170 18.75 21.65 31.18
C ILE A 170 17.58 22.18 30.35
N ASN A 171 16.71 21.29 29.86
CA ASN A 171 15.45 21.73 29.22
C ASN A 171 14.64 22.73 30.07
N ALA A 172 14.52 22.48 31.38
CA ALA A 172 13.72 23.35 32.24
C ALA A 172 14.39 24.72 32.36
N ILE A 173 15.72 24.70 32.38
CA ILE A 173 16.49 25.94 32.50
C ILE A 173 16.31 26.78 31.23
N VAL A 174 16.29 26.11 30.08
CA VAL A 174 16.07 26.79 28.81
C VAL A 174 14.66 27.37 28.76
N GLY A 175 13.68 26.57 29.21
CA GLY A 175 12.32 27.06 29.35
C GLY A 175 12.22 28.29 30.26
N ILE A 176 13.04 28.36 31.31
CA ILE A 176 13.01 29.56 32.16
C ILE A 176 13.49 30.79 31.37
N ILE A 177 14.63 30.64 30.68
CA ILE A 177 15.19 31.71 29.86
C ILE A 177 14.22 32.18 28.77
N LEU A 178 13.62 31.24 28.06
CA LEU A 178 12.73 31.57 26.94
C LEU A 178 11.46 32.25 27.40
N ASN A 179 11.06 32.05 28.66
CA ASN A 179 9.87 32.73 29.17
C ASN A 179 10.11 34.23 29.28
N PHE A 180 11.36 34.63 29.45
CA PHE A 180 11.70 36.05 29.58
C PHE A 180 12.38 36.62 28.32
N ASN A 181 12.84 37.86 28.40
CA ASN A 181 13.28 38.58 27.19
C ASN A 181 14.78 38.56 26.92
N TRP A 182 15.57 38.08 27.88
CA TRP A 182 17.03 38.06 27.78
C TRP A 182 17.55 36.87 26.95
N ARG A 183 18.51 37.14 26.07
CA ARG A 183 18.98 36.11 25.15
C ARG A 183 20.50 35.87 25.14
N TRP A 184 21.30 36.79 25.67
CA TRP A 184 22.70 36.50 25.99
C TRP A 184 22.79 35.86 27.37
N VAL A 185 23.50 34.74 27.47
CA VAL A 185 23.57 34.01 28.72
C VAL A 185 25.00 33.65 29.09
N ALA A 186 25.30 33.76 30.38
CA ALA A 186 26.53 33.20 30.93
C ALA A 186 26.21 31.85 31.56
N PHE A 187 27.12 30.91 31.38
CA PHE A 187 26.91 29.57 31.94
C PHE A 187 28.11 29.18 32.77
N LEU A 188 27.98 29.29 34.10
CA LEU A 188 29.06 28.90 35.00
C LEU A 188 28.78 27.49 35.49
N TYR A 189 29.75 26.61 35.28
CA TYR A 189 29.57 25.20 35.61
C TYR A 189 30.75 24.62 36.39
N SER A 190 30.45 23.71 37.30
CA SER A 190 31.49 23.01 38.06
C SER A 190 32.45 22.29 37.15
N ASP A 191 33.72 22.43 37.48
CA ASP A 191 34.80 21.77 36.77
C ASP A 191 34.88 20.28 37.11
N ASP A 192 33.79 19.55 36.80
CA ASP A 192 33.70 18.11 37.04
C ASP A 192 32.76 17.47 36.00
N ASP A 193 32.54 16.17 36.13
CA ASP A 193 31.75 15.42 35.14
C ASP A 193 30.32 15.93 35.06
N PHE A 194 29.73 16.24 36.22
CA PHE A 194 28.37 16.75 36.31
C PHE A 194 28.25 18.08 35.55
N GLY A 195 29.09 19.04 35.92
CA GLY A 195 29.13 20.33 35.28
C GLY A 195 29.43 20.27 33.79
N LYS A 196 30.42 19.47 33.38
CA LYS A 196 30.75 19.41 31.96
C LYS A 196 29.59 18.85 31.13
N ASP A 197 28.94 17.81 31.64
CA ASP A 197 27.83 17.21 30.93
C ASP A 197 26.71 18.26 30.82
N GLY A 198 26.50 19.03 31.87
CA GLY A 198 25.52 20.10 31.86
C GLY A 198 25.76 21.15 30.77
N LEU A 199 27.02 21.59 30.67
CA LEU A 199 27.40 22.55 29.63
C LEU A 199 27.12 21.99 28.25
N GLU A 200 27.44 20.71 28.07
CA GLU A 200 27.25 20.02 26.79
C GLU A 200 25.77 19.99 26.44
N GLN A 201 24.91 19.60 27.39
CA GLN A 201 23.47 19.58 27.13
C GLN A 201 22.94 21.00 26.85
N PHE A 202 23.42 21.98 27.61
CA PHE A 202 23.02 23.36 27.38
C PHE A 202 23.38 23.79 25.97
N LYS A 203 24.64 23.63 25.60
CA LYS A 203 25.12 23.97 24.25
C LYS A 203 24.28 23.27 23.21
N ASN A 204 23.96 22.00 23.42
CA ASN A 204 23.20 21.26 22.40
C ASN A 204 21.78 21.79 22.29
N LYS A 205 21.17 22.15 23.42
CA LYS A 205 19.77 22.54 23.45
C LYS A 205 19.51 23.94 22.85
N ILE A 206 20.43 24.87 23.04
CA ILE A 206 20.22 26.25 22.58
C ILE A 206 20.73 26.52 21.18
N GLU A 207 21.46 25.56 20.60
CA GLU A 207 22.13 25.79 19.32
C GLU A 207 21.13 26.29 18.28
N ASP A 208 19.98 25.64 18.20
CA ASP A 208 18.95 26.12 17.30
C ASP A 208 17.87 26.92 18.02
N SER A 209 18.28 28.04 18.62
CA SER A 209 17.35 28.92 19.29
C SER A 209 17.93 30.33 19.31
N GLU A 210 17.13 31.26 19.83
CA GLU A 210 17.49 32.68 19.91
C GLU A 210 18.54 32.90 21.03
N ILE A 211 18.65 31.92 21.92
CA ILE A 211 19.59 32.01 23.02
C ILE A 211 21.04 31.92 22.55
N CYS A 212 21.85 32.88 22.98
CA CYS A 212 23.25 32.90 22.64
C CYS A 212 24.09 32.72 23.90
N LEU A 213 24.94 31.69 23.91
CA LEU A 213 25.88 31.50 25.01
C LEU A 213 27.07 32.46 24.86
N ALA A 214 26.97 33.59 25.53
CA ALA A 214 27.91 34.69 25.37
C ALA A 214 29.18 34.52 26.20
N PHE A 215 29.13 33.60 27.16
CA PHE A 215 30.24 33.42 28.09
C PHE A 215 30.01 32.16 28.90
N TYR A 216 31.08 31.43 29.14
CA TYR A 216 31.02 30.24 29.97
C TYR A 216 32.36 29.98 30.61
N LYS A 217 32.34 29.30 31.75
CA LYS A 217 33.55 29.07 32.52
C LYS A 217 33.41 27.89 33.49
N ALA A 218 34.41 27.04 33.49
CA ALA A 218 34.55 25.95 34.44
C ALA A 218 34.87 26.53 35.83
N ILE A 219 34.10 26.17 36.83
CA ILE A 219 34.33 26.72 38.16
C ILE A 219 35.15 25.75 39.00
N ASN A 220 36.24 26.25 39.59
CA ASN A 220 37.03 25.52 40.59
C ASN A 220 37.70 26.51 41.59
N VAL A 221 38.54 26.01 42.51
CA VAL A 221 39.13 26.84 43.57
C VAL A 221 40.02 27.97 43.04
N ASN A 222 40.46 27.84 41.79
CA ASN A 222 41.38 28.80 41.19
C ASN A 222 40.70 29.87 40.35
N THR A 223 39.37 29.84 40.32
CA THR A 223 38.64 30.76 39.48
C THR A 223 38.93 32.22 39.85
N ASP A 224 39.35 33.00 38.86
CA ASP A 224 39.50 34.44 39.07
C ASP A 224 38.13 35.10 38.95
N TYR A 225 37.36 35.05 40.03
CA TYR A 225 36.02 35.64 40.08
C TYR A 225 36.03 37.12 39.77
N LEU A 226 37.06 37.81 40.23
CA LEU A 226 37.22 39.21 39.88
C LEU A 226 37.21 39.37 38.35
N GLN A 227 37.91 38.47 37.66
CA GLN A 227 38.06 38.56 36.21
C GLN A 227 36.82 38.04 35.47
N VAL A 228 36.26 36.93 35.93
CA VAL A 228 35.02 36.38 35.37
C VAL A 228 33.88 37.40 35.40
N PHE A 229 33.64 38.00 36.55
CA PHE A 229 32.57 38.97 36.66
C PHE A 229 32.93 40.26 35.96
N LYS A 230 34.22 40.57 35.87
CA LYS A 230 34.62 41.73 35.08
C LYS A 230 34.22 41.53 33.62
N GLN A 231 34.46 40.33 33.08
CA GLN A 231 34.13 40.04 31.69
C GLN A 231 32.62 40.01 31.45
N ILE A 232 31.90 39.34 32.34
CA ILE A 232 30.46 39.26 32.28
C ILE A 232 29.87 40.67 32.24
N GLU A 233 30.43 41.57 33.04
CA GLU A 233 29.90 42.93 33.12
C GLU A 233 30.16 43.74 31.85
N GLU A 234 31.31 43.50 31.22
CA GLU A 234 31.71 44.25 30.02
C GLU A 234 31.07 43.72 28.77
N GLN A 235 30.53 42.51 28.86
CA GLN A 235 29.76 41.97 27.75
C GLN A 235 28.30 42.31 27.96
N ASN A 236 28.02 43.03 29.05
CA ASN A 236 26.67 43.45 29.39
C ASN A 236 25.68 42.26 29.49
N ILE A 237 26.19 41.11 29.92
CA ILE A 237 25.38 39.93 30.15
C ILE A 237 24.56 40.06 31.43
N LYS A 238 23.28 39.74 31.38
CA LYS A 238 22.41 39.91 32.55
CA LYS A 238 22.41 39.91 32.54
C LYS A 238 22.01 38.56 33.16
N VAL A 239 22.01 37.50 32.35
CA VAL A 239 21.55 36.20 32.81
C VAL A 239 22.74 35.28 33.09
N ILE A 240 22.81 34.75 34.31
CA ILE A 240 23.92 33.87 34.68
C ILE A 240 23.39 32.53 35.17
N VAL A 241 23.51 31.50 34.35
CA VAL A 241 23.22 30.15 34.79
C VAL A 241 24.40 29.61 35.61
N VAL A 242 24.11 29.06 36.79
CA VAL A 242 25.15 28.43 37.59
C VAL A 242 24.71 26.99 37.78
N PHE A 243 25.38 26.09 37.07
CA PHE A 243 25.06 24.67 37.06
C PHE A 243 26.16 23.94 37.81
N ALA A 244 25.97 23.77 39.12
CA ALA A 244 27.06 23.31 39.99
C ALA A 244 26.57 22.77 41.36
N PRO A 245 27.31 21.81 41.96
CA PRO A 245 26.97 21.31 43.31
C PRO A 245 27.18 22.37 44.40
N LYS A 246 26.63 22.09 45.58
CA LYS A 246 26.66 23.01 46.73
C LYS A 246 27.97 23.80 46.88
N VAL A 247 29.11 23.10 46.95
CA VAL A 247 30.38 23.78 47.25
C VAL A 247 30.74 24.81 46.18
N TYR A 248 30.57 24.44 44.91
CA TYR A 248 30.92 25.35 43.83
C TYR A 248 29.91 26.51 43.73
N ALA A 249 28.62 26.18 43.87
CA ALA A 249 27.56 27.21 43.77
C ALA A 249 27.73 28.25 44.87
N GLU A 250 28.05 27.81 46.07
CA GLU A 250 28.28 28.77 47.14
C GLU A 250 29.51 29.65 46.87
N ALA A 251 30.59 29.05 46.36
CA ALA A 251 31.75 29.86 45.96
C ALA A 251 31.37 30.99 44.95
N VAL A 252 30.59 30.64 43.92
CA VAL A 252 30.16 31.63 42.94
C VAL A 252 29.36 32.79 43.58
N VAL A 253 28.36 32.46 44.37
CA VAL A 253 27.42 33.46 44.80
C VAL A 253 28.04 34.29 45.91
N GLU A 254 28.84 33.66 46.74
CA GLU A 254 29.56 34.41 47.76
C GLU A 254 30.58 35.36 47.13
N SER A 255 31.22 34.93 46.04
CA SER A 255 32.20 35.79 45.39
C SER A 255 31.48 36.94 44.74
N ALA A 256 30.30 36.67 44.22
CA ALA A 256 29.50 37.70 43.56
C ALA A 256 29.11 38.79 44.57
N VAL A 257 28.70 38.37 45.76
CA VAL A 257 28.38 39.35 46.80
C VAL A 257 29.61 40.21 47.16
N GLN A 258 30.76 39.56 47.32
CA GLN A 258 31.99 40.27 47.70
C GLN A 258 32.49 41.22 46.60
N LEU A 259 32.24 40.87 45.34
CA LEU A 259 32.72 41.68 44.22
C LEU A 259 31.68 42.71 43.73
N ASN A 260 30.66 42.94 44.56
CA ASN A 260 29.48 43.75 44.25
C ASN A 260 28.96 43.61 42.81
N VAL A 261 28.77 42.37 42.39
CA VAL A 261 27.97 42.09 41.21
C VAL A 261 26.55 42.59 41.48
N THR A 262 25.96 43.36 40.56
CA THR A 262 24.56 43.77 40.71
C THR A 262 23.75 43.51 39.46
N ASN A 263 22.43 43.55 39.62
CA ASN A 263 21.49 43.56 38.51
C ASN A 263 21.70 42.39 37.57
N LYS A 264 21.90 41.20 38.15
CA LYS A 264 21.92 39.98 37.37
C LYS A 264 20.66 39.19 37.64
N VAL A 265 20.36 38.29 36.72
CA VAL A 265 19.33 37.29 36.87
C VAL A 265 20.01 35.94 36.98
N TRP A 266 20.02 35.38 38.19
CA TRP A 266 20.73 34.11 38.44
C TRP A 266 19.79 32.93 38.30
N ILE A 267 20.24 31.88 37.62
CA ILE A 267 19.43 30.68 37.47
C ILE A 267 20.13 29.43 37.98
N ALA A 268 19.49 28.81 38.96
CA ALA A 268 20.05 27.68 39.68
C ALA A 268 19.54 26.37 39.12
N ASP A 269 20.37 25.33 39.15
CA ASP A 269 19.87 23.99 38.87
C ASP A 269 19.31 23.46 40.19
N ASP A 270 18.68 22.28 40.18
CA ASP A 270 17.96 21.83 41.37
C ASP A 270 18.90 21.45 42.52
N GLY A 271 20.20 21.37 42.25
CA GLY A 271 21.18 21.08 43.29
C GLY A 271 21.54 22.25 44.19
N TRP A 272 21.04 23.46 43.87
CA TRP A 272 21.25 24.56 44.80
C TRP A 272 20.15 25.60 44.82
N SER A 273 19.10 25.40 44.01
CA SER A 273 17.95 26.31 44.10
C SER A 273 17.32 26.24 45.51
N LEU A 274 17.42 25.10 46.18
CA LEU A 274 16.92 25.01 47.57
C LEU A 274 18.05 25.05 48.62
N ASN A 275 19.18 25.62 48.24
CA ASN A 275 20.31 25.85 49.16
C ASN A 275 19.82 26.66 50.37
N LYS A 276 20.31 26.36 51.57
CA LYS A 276 19.78 27.01 52.76
C LYS A 276 20.75 28.02 53.36
N LYS A 277 21.97 28.05 52.84
CA LYS A 277 22.95 29.01 53.36
C LYS A 277 22.82 30.34 52.63
N LEU A 278 22.77 30.27 51.31
CA LEU A 278 22.83 31.46 50.48
C LEU A 278 21.62 32.43 50.61
N PRO A 279 20.37 31.91 50.71
CA PRO A 279 19.25 32.87 50.84
C PRO A 279 19.30 33.74 52.09
N SER A 280 20.03 33.31 53.11
CA SER A 280 20.11 34.03 54.39
C SER A 280 21.41 34.79 54.56
N MET A 281 22.36 34.58 53.66
CA MET A 281 23.63 35.29 53.70
C MET A 281 23.43 36.80 53.55
N ASN A 282 24.23 37.58 54.26
CA ASN A 282 24.06 39.01 54.18
C ASN A 282 24.58 39.51 52.84
N GLY A 283 23.83 40.43 52.24
CA GLY A 283 24.14 40.97 50.93
C GLY A 283 23.53 40.23 49.76
N ILE A 284 22.94 39.05 50.00
CA ILE A 284 22.43 38.22 48.90
C ILE A 284 21.50 39.03 48.00
N GLN A 285 20.81 39.99 48.63
CA GLN A 285 19.88 40.87 47.94
C GLN A 285 20.58 41.64 46.82
N ASN A 286 21.84 41.98 47.03
CA ASN A 286 22.53 42.97 46.19
C ASN A 286 22.81 42.52 44.76
N ILE A 287 22.97 41.21 44.57
CA ILE A 287 23.41 40.66 43.31
C ILE A 287 22.27 40.50 42.30
N GLY A 288 21.04 40.73 42.76
CA GLY A 288 19.91 40.72 41.84
C GLY A 288 18.85 39.71 42.18
N THR A 289 18.38 38.98 41.16
CA THR A 289 17.29 38.03 41.38
C THR A 289 17.72 36.58 41.16
N VAL A 290 17.41 35.71 42.12
CA VAL A 290 17.68 34.30 41.92
C VAL A 290 16.45 33.48 41.59
N LEU A 291 16.50 32.80 40.45
CA LEU A 291 15.48 31.81 40.07
C LEU A 291 16.15 30.45 39.98
N GLY A 292 15.37 29.39 39.85
CA GLY A 292 15.99 28.08 39.66
C GLY A 292 14.98 26.99 39.36
N VAL A 293 15.46 25.91 38.76
CA VAL A 293 14.72 24.66 38.70
C VAL A 293 14.85 23.99 40.06
N ALA A 294 13.75 23.52 40.61
CA ALA A 294 13.78 22.86 41.92
C ALA A 294 12.93 21.60 41.94
N GLN A 295 13.37 20.60 42.71
CA GLN A 295 12.49 19.51 43.09
C GLN A 295 11.47 20.08 44.07
N PRO A 296 10.18 19.87 43.80
CA PRO A 296 9.19 20.28 44.81
C PRO A 296 9.47 19.57 46.13
N VAL A 297 9.21 20.25 47.25
CA VAL A 297 9.28 19.62 48.56
C VAL A 297 8.29 18.45 48.64
N VAL A 298 8.81 17.24 48.80
CA VAL A 298 7.96 16.08 49.03
C VAL A 298 8.01 15.75 50.52
N THR A 299 6.85 15.72 51.17
CA THR A 299 6.79 15.36 52.58
C THR A 299 6.86 13.85 52.76
N ILE A 300 7.83 13.42 53.56
CA ILE A 300 8.00 12.01 53.92
C ILE A 300 7.48 11.83 55.34
N PRO A 301 6.23 11.37 55.49
CA PRO A 301 5.62 11.33 56.82
C PRO A 301 6.38 10.41 57.79
N GLY A 302 6.61 10.90 59.01
CA GLY A 302 7.33 10.13 59.99
C GLY A 302 8.80 10.49 60.09
N PHE A 303 9.35 11.09 59.03
CA PHE A 303 10.79 11.39 58.99
C PHE A 303 11.21 12.33 60.14
N THR A 304 10.41 13.36 60.38
CA THR A 304 10.65 14.29 61.50
C THR A 304 10.83 13.54 62.83
N ASP A 305 9.93 12.62 63.12
CA ASP A 305 10.03 11.84 64.35
C ASP A 305 11.29 10.98 64.35
N PHE A 306 11.65 10.45 63.18
CA PHE A 306 12.83 9.60 63.07
C PHE A 306 14.11 10.37 63.38
N ILE A 307 14.19 11.58 62.86
CA ILE A 307 15.34 12.45 63.05
C ILE A 307 15.52 12.82 64.51
N TYR A 308 14.44 13.29 65.16
CA TYR A 308 14.47 13.60 66.59
C TYR A 308 14.98 12.41 67.38
N SER A 309 14.51 11.23 67.01
CA SER A 309 14.92 10.01 67.67
C SER A 309 16.40 9.68 67.37
N ALA A 310 16.83 9.79 66.11
CA ALA A 310 18.20 9.46 65.73
C ALA A 310 19.24 10.39 66.38
N ILE A 311 18.98 11.70 66.35
CA ILE A 311 19.93 12.67 66.90
C ILE A 311 20.10 12.50 68.43
N SER A 312 19.09 11.96 69.10
CA SER A 312 19.18 11.70 70.54
C SER A 312 20.20 10.63 70.91
N GLN A 313 20.90 10.10 69.92
CA GLN A 313 21.92 9.08 70.15
C GLN A 313 23.33 9.67 70.12
N MET A 323 36.51 -2.01 63.46
CA MET A 323 35.96 -0.82 62.81
C MET A 323 36.44 -0.72 61.36
N PHE A 324 35.49 -0.59 60.43
CA PHE A 324 35.80 -0.51 59.00
C PHE A 324 35.85 0.96 58.55
N CYS A 325 36.67 1.26 57.55
CA CYS A 325 36.87 2.64 57.11
C CYS A 325 35.59 3.26 56.57
N ASN A 326 35.49 4.58 56.71
CA ASN A 326 34.42 5.38 56.11
C ASN A 326 33.04 5.09 56.70
N GLN A 327 33.01 4.64 57.94
CA GLN A 327 31.74 4.45 58.63
C GLN A 327 31.74 5.20 59.97
N LYS A 328 32.11 6.47 59.92
CA LYS A 328 32.19 7.28 61.13
C LYS A 328 31.77 8.71 60.87
N CYS A 329 30.78 9.18 61.64
CA CYS A 329 30.16 10.46 61.38
C CYS A 329 30.89 11.64 62.02
N ASN A 330 31.32 11.49 63.27
CA ASN A 330 31.95 12.59 64.00
C ASN A 330 31.11 13.85 63.85
N CYS A 331 29.81 13.71 64.10
CA CYS A 331 28.91 14.83 64.05
C CYS A 331 28.05 14.92 65.31
N SER A 332 28.67 14.69 66.47
CA SER A 332 27.95 14.73 67.73
C SER A 332 27.44 16.14 68.00
N ASN A 333 26.31 16.24 68.69
CA ASN A 333 25.71 17.51 69.09
C ASN A 333 25.29 18.37 67.91
N LEU A 334 24.76 17.71 66.87
CA LEU A 334 24.11 18.41 65.77
C LEU A 334 22.81 18.99 66.26
N SER A 335 22.53 20.23 65.89
CA SER A 335 21.20 20.77 66.09
C SER A 335 20.19 19.94 65.32
N VAL A 336 19.22 19.37 66.03
CA VAL A 336 18.13 18.63 65.40
C VAL A 336 17.37 19.54 64.42
N LYS A 337 17.17 20.79 64.84
CA LYS A 337 16.51 21.82 64.05
C LYS A 337 17.18 22.01 62.69
N SER A 338 18.50 22.18 62.73
CA SER A 338 19.27 22.47 61.54
C SER A 338 19.20 21.32 60.56
N LEU A 339 19.19 20.09 61.10
CA LEU A 339 19.11 18.91 60.26
C LEU A 339 17.73 18.79 59.63
N LEU A 340 16.68 19.03 60.41
CA LEU A 340 15.32 18.97 59.89
C LEU A 340 15.11 19.98 58.76
N ASN A 341 15.64 21.18 58.95
CA ASN A 341 15.42 22.29 58.05
C ASN A 341 16.40 22.34 56.88
N ALA A 342 17.28 21.34 56.79
CA ALA A 342 18.29 21.34 55.73
C ALA A 342 17.62 21.12 54.37
N ASP A 343 18.32 21.50 53.29
CA ASP A 343 17.84 21.28 51.92
C ASP A 343 17.31 19.84 51.76
N PRO A 344 15.99 19.72 51.49
CA PRO A 344 15.29 18.43 51.44
C PRO A 344 15.25 17.81 50.05
N SER A 345 15.90 18.43 49.07
CA SER A 345 16.03 17.86 47.74
C SER A 345 16.66 16.48 47.83
N PHE A 346 16.26 15.60 46.91
CA PHE A 346 16.72 14.19 46.84
C PHE A 346 16.15 13.30 47.93
N SER A 347 15.20 13.80 48.74
CA SER A 347 14.57 12.99 49.79
C SER A 347 13.76 11.83 49.20
N PHE A 348 12.77 12.15 48.36
CA PHE A 348 11.99 11.10 47.73
C PHE A 348 12.85 10.19 46.81
N PRO A 349 13.80 10.78 46.05
CA PRO A 349 14.72 9.88 45.33
C PRO A 349 15.40 8.81 46.22
N VAL A 350 15.82 9.17 47.44
CA VAL A 350 16.43 8.18 48.34
C VAL A 350 15.39 7.16 48.78
N TYR A 351 14.28 7.69 49.30
CA TYR A 351 13.11 6.90 49.75
C TYR A 351 12.64 5.89 48.69
N ALA A 352 12.37 6.39 47.48
CA ALA A 352 11.97 5.53 46.36
C ALA A 352 13.02 4.49 45.94
N ALA A 353 14.31 4.85 46.00
CA ALA A 353 15.39 3.90 45.67
C ALA A 353 15.43 2.69 46.61
N VAL A 354 15.30 2.94 47.90
CA VAL A 354 15.21 1.86 48.90
C VAL A 354 13.96 1.01 48.68
N TYR A 355 12.81 1.67 48.51
CA TYR A 355 11.58 0.94 48.27
C TYR A 355 11.60 0.11 46.98
N ALA A 356 12.25 0.60 45.93
CA ALA A 356 12.33 -0.14 44.67
C ALA A 356 13.07 -1.45 44.88
N ILE A 357 14.17 -1.39 45.62
CA ILE A 357 14.95 -2.61 45.88
C ILE A 357 14.15 -3.54 46.79
N ALA A 358 13.44 -2.94 47.76
CA ALA A 358 12.64 -3.72 48.68
C ALA A 358 11.59 -4.50 47.92
N HIS A 359 10.80 -3.79 47.11
CA HIS A 359 9.77 -4.42 46.26
C HIS A 359 10.38 -5.47 45.33
N ALA A 360 11.56 -5.18 44.76
CA ALA A 360 12.22 -6.14 43.87
C ALA A 360 12.53 -7.43 44.63
N LEU A 361 13.06 -7.29 45.83
CA LEU A 361 13.37 -8.43 46.68
C LEU A 361 12.10 -9.19 47.04
N HIS A 362 11.08 -8.44 47.45
CA HIS A 362 9.77 -9.01 47.78
C HIS A 362 9.23 -9.86 46.63
N ASN A 363 9.29 -9.29 45.43
CA ASN A 363 8.79 -10.00 44.27
C ASN A 363 9.71 -11.16 43.84
N THR A 364 11.03 -11.01 44.01
CA THR A 364 11.96 -12.09 43.69
C THR A 364 11.75 -13.30 44.62
N LEU A 365 11.52 -13.03 45.90
CA LEU A 365 11.26 -14.09 46.86
C LEU A 365 9.90 -14.77 46.63
N ARG A 366 9.04 -14.12 45.86
CA ARG A 366 7.64 -14.51 45.67
C ARG A 366 6.85 -14.46 46.98
N CYS A 367 7.11 -13.41 47.76
CA CYS A 367 6.38 -13.17 49.01
C CYS A 367 4.88 -13.00 48.79
N GLY A 368 4.08 -13.54 49.69
CA GLY A 368 2.65 -13.33 49.66
C GLY A 368 2.31 -12.07 50.42
N SER A 369 1.07 -11.99 50.91
CA SER A 369 0.61 -10.80 51.61
C SER A 369 1.02 -10.83 53.09
N ASP A 370 1.33 -12.02 53.59
CA ASP A 370 1.74 -12.11 54.99
C ASP A 370 2.87 -13.10 55.32
N ARG A 371 3.51 -13.71 54.31
CA ARG A 371 4.76 -14.44 54.56
C ARG A 371 5.65 -14.58 53.32
N CYS A 372 6.93 -14.88 53.55
CA CYS A 372 7.91 -15.09 52.48
C CYS A 372 8.52 -16.48 52.52
N PRO A 373 8.63 -17.13 51.33
CA PRO A 373 9.41 -18.37 51.23
C PRO A 373 10.80 -18.15 51.80
N LYS A 374 11.20 -18.97 52.75
CA LYS A 374 12.39 -18.67 53.56
C LYS A 374 13.65 -19.37 53.08
N ASN A 375 14.77 -18.98 53.68
CA ASN A 375 16.11 -19.51 53.37
C ASN A 375 16.50 -19.46 51.88
N ILE A 376 15.69 -18.78 51.07
CA ILE A 376 15.96 -18.66 49.64
C ILE A 376 17.18 -17.78 49.36
N THR A 377 18.16 -18.34 48.67
CA THR A 377 19.33 -17.58 48.27
C THR A 377 19.00 -16.72 47.05
N VAL A 378 19.34 -15.44 47.14
CA VAL A 378 18.98 -14.48 46.11
C VAL A 378 20.23 -13.94 45.41
N HIS A 379 20.23 -13.99 44.08
CA HIS A 379 21.30 -13.38 43.30
C HIS A 379 20.92 -11.97 42.91
N PRO A 380 21.87 -11.03 43.04
CA PRO A 380 21.67 -9.63 42.66
C PRO A 380 21.05 -9.46 41.27
N HIS A 381 21.37 -10.34 40.33
CA HIS A 381 20.86 -10.17 38.98
C HIS A 381 19.36 -10.46 38.93
N MET A 382 18.85 -11.30 39.83
CA MET A 382 17.41 -11.52 39.89
C MET A 382 16.70 -10.26 40.39
N ILE A 383 17.35 -9.58 41.32
CA ILE A 383 16.85 -8.30 41.80
C ILE A 383 16.71 -7.33 40.64
N LEU A 384 17.70 -7.36 39.75
CA LEU A 384 17.75 -6.46 38.61
C LEU A 384 16.47 -6.54 37.75
N GLU A 385 16.08 -7.76 37.38
CA GLU A 385 14.91 -7.96 36.53
C GLU A 385 13.66 -7.37 37.15
N GLU A 386 13.46 -7.59 38.45
CA GLU A 386 12.28 -7.05 39.11
C GLU A 386 12.41 -5.53 39.20
N LEU A 387 13.63 -5.04 39.43
CA LEU A 387 13.86 -3.60 39.52
C LEU A 387 13.44 -2.88 38.26
N LYS A 388 13.82 -3.45 37.12
CA LYS A 388 13.55 -2.80 35.84
C LYS A 388 12.06 -2.82 35.54
N LYS A 389 11.37 -3.86 36.02
CA LYS A 389 9.91 -3.95 35.91
C LYS A 389 9.14 -3.23 37.03
N SER A 390 9.81 -2.38 37.82
CA SER A 390 9.15 -1.67 38.94
C SER A 390 7.85 -1.01 38.51
N ASN A 391 6.82 -1.25 39.31
CA ASN A 391 5.50 -0.68 39.09
C ASN A 391 4.73 -0.71 40.40
N PHE A 392 4.91 0.32 41.22
CA PHE A 392 4.21 0.38 42.50
C PHE A 392 3.99 1.82 42.95
N THR A 393 3.00 2.00 43.83
CA THR A 393 2.71 3.33 44.35
C THR A 393 3.42 3.58 45.69
N LEU A 394 3.81 4.83 45.88
CA LEU A 394 4.51 5.24 47.08
C LEU A 394 4.17 6.72 47.31
N LEU A 395 3.53 7.01 48.44
CA LEU A 395 3.09 8.37 48.74
C LEU A 395 2.37 9.03 47.55
N ASN A 396 1.44 8.28 46.94
CA ASN A 396 0.64 8.76 45.82
C ASN A 396 1.45 9.12 44.57
N GLN A 397 2.67 8.58 44.48
CA GLN A 397 3.41 8.64 43.21
C GLN A 397 3.54 7.21 42.69
N THR A 398 3.78 7.07 41.39
CA THR A 398 3.91 5.75 40.78
C THR A 398 5.37 5.54 40.42
N VAL A 399 6.04 4.57 41.04
CA VAL A 399 7.47 4.33 40.81
C VAL A 399 7.69 3.37 39.67
N GLN A 400 8.21 3.90 38.56
CA GLN A 400 8.56 3.13 37.37
C GLN A 400 9.87 3.66 36.80
N PHE A 401 10.57 2.83 36.04
CA PHE A 401 11.74 3.30 35.31
C PHE A 401 11.57 2.92 33.82
N ASP A 402 12.09 3.76 32.92
CA ASP A 402 12.02 3.38 31.52
C ASP A 402 13.17 2.42 31.21
N GLU A 403 13.24 2.01 29.94
CA GLU A 403 14.24 1.07 29.45
C GLU A 403 15.69 1.53 29.71
N ASN A 404 15.92 2.84 29.71
CA ASN A 404 17.23 3.42 30.05
C ASN A 404 17.58 3.41 31.53
N GLY A 405 16.63 3.01 32.38
CA GLY A 405 16.84 3.06 33.81
C GLY A 405 16.57 4.43 34.42
N ASP A 406 16.09 5.35 33.62
CA ASP A 406 15.69 6.68 34.10
C ASP A 406 14.29 6.67 34.77
N PRO A 407 14.05 7.56 35.74
CA PRO A 407 12.76 7.51 36.45
C PRO A 407 11.61 8.14 35.66
N LYS A 408 10.42 7.53 35.75
CA LYS A 408 9.22 8.09 35.16
C LYS A 408 8.34 8.80 36.19
N PHE A 409 8.96 9.36 37.22
CA PHE A 409 8.26 10.04 38.32
C PHE A 409 9.13 11.18 38.85
N GLY A 410 8.52 12.14 39.54
CA GLY A 410 9.26 13.25 40.08
C GLY A 410 9.05 14.48 39.23
N SER A 411 8.59 15.57 39.85
CA SER A 411 8.34 16.79 39.11
C SER A 411 9.46 17.77 39.28
N LEU A 412 9.43 18.79 38.44
CA LEU A 412 10.33 19.92 38.50
C LEU A 412 9.51 21.19 38.52
N SER A 413 9.92 22.12 39.37
CA SER A 413 9.24 23.39 39.45
C SER A 413 10.25 24.51 39.28
N VAL A 414 9.73 25.73 39.17
CA VAL A 414 10.56 26.91 39.14
C VAL A 414 10.38 27.70 40.43
N VAL A 415 11.48 28.07 41.06
CA VAL A 415 11.37 28.91 42.25
C VAL A 415 11.98 30.29 42.02
N PHE A 416 11.67 31.18 42.96
CA PHE A 416 12.17 32.54 43.04
C PHE A 416 12.50 32.76 44.50
N TRP A 417 13.72 33.25 44.79
CA TRP A 417 14.12 33.51 46.17
C TRP A 417 13.50 34.82 46.57
N ASN A 418 12.53 34.77 47.48
CA ASN A 418 11.75 35.96 47.79
C ASN A 418 12.26 36.61 49.08
N SER A 419 11.72 37.78 49.39
CA SER A 419 12.32 38.69 50.39
C SER A 419 12.43 38.12 51.81
N SER A 420 11.66 37.08 52.12
CA SER A 420 11.72 36.48 53.44
C SER A 420 12.65 35.28 53.45
N GLY A 421 13.32 35.04 52.32
CA GLY A 421 14.35 34.04 52.24
C GLY A 421 13.88 32.67 51.84
N ASN A 422 12.63 32.57 51.34
CA ASN A 422 12.11 31.29 50.89
C ASN A 422 12.25 31.10 49.37
N ALA A 423 12.33 29.85 48.96
CA ALA A 423 12.32 29.50 47.55
C ALA A 423 10.89 29.30 47.10
N GLU A 424 10.25 30.38 46.70
CA GLU A 424 8.82 30.38 46.39
C GLU A 424 8.54 29.83 44.99
N GLU A 425 7.62 28.87 44.91
CA GLU A 425 7.31 28.27 43.61
C GLU A 425 6.50 29.24 42.77
N VAL A 426 6.91 29.38 41.52
CA VAL A 426 6.35 30.38 40.65
C VAL A 426 6.11 29.78 39.29
N GLY A 427 6.35 28.47 39.17
CA GLY A 427 6.16 27.76 37.93
C GLY A 427 6.32 26.26 38.04
N SER A 428 5.91 25.54 36.99
CA SER A 428 5.99 24.09 36.93
C SER A 428 6.51 23.66 35.58
N TYR A 429 7.41 22.69 35.55
CA TYR A 429 7.93 22.20 34.28
C TYR A 429 7.20 20.95 33.85
N HIS A 430 6.65 20.97 32.65
CA HIS A 430 5.89 19.84 32.16
C HIS A 430 6.71 19.10 31.12
N PHE A 431 7.00 17.84 31.40
CA PHE A 431 7.80 17.01 30.49
C PHE A 431 7.12 16.83 29.12
N GLN A 432 5.79 16.79 29.09
CA GLN A 432 5.08 16.45 27.86
C GLN A 432 4.30 17.63 27.25
N SER A 433 3.75 18.51 28.09
CA SER A 433 2.82 19.55 27.64
C SER A 433 3.31 20.41 26.47
N SER A 434 2.35 20.97 25.75
CA SER A 434 2.62 21.83 24.60
C SER A 434 3.45 23.05 24.97
N ILE A 435 3.08 23.72 26.05
CA ILE A 435 4.01 24.66 26.71
C ILE A 435 4.77 23.89 27.77
N HIS A 436 6.08 23.75 27.59
CA HIS A 436 6.88 22.95 28.52
C HIS A 436 7.11 23.64 29.86
N LEU A 437 6.98 24.96 29.90
CA LEU A 437 7.28 25.69 31.12
C LEU A 437 6.35 26.88 31.33
N SER A 438 5.57 26.79 32.40
CA SER A 438 4.69 27.83 32.90
C SER A 438 5.35 28.67 33.98
N ILE A 439 5.15 30.00 33.94
CA ILE A 439 5.65 30.84 35.04
C ILE A 439 4.68 31.98 35.37
N ASN A 440 4.21 32.03 36.61
CA ASN A 440 3.44 33.18 37.09
C ASN A 440 4.37 34.35 37.40
N LYS A 441 4.59 35.20 36.39
CA LYS A 441 5.60 36.25 36.46
C LYS A 441 5.34 37.32 37.52
N THR A 442 4.08 37.50 37.92
CA THR A 442 3.76 38.54 38.89
C THR A 442 4.24 38.17 40.29
N LYS A 443 4.55 36.88 40.50
CA LYS A 443 5.07 36.43 41.79
C LYS A 443 6.53 36.83 41.93
N ILE A 444 7.19 37.11 40.81
CA ILE A 444 8.59 37.46 40.84
C ILE A 444 8.83 38.95 41.03
N LYS A 445 9.42 39.30 42.18
CA LYS A 445 9.76 40.68 42.49
C LYS A 445 11.23 40.96 42.20
N TRP A 446 11.50 41.68 41.10
CA TRP A 446 12.87 41.85 40.58
C TRP A 446 13.72 42.89 41.29
N PHE A 447 14.83 43.24 40.62
CA PHE A 447 15.85 44.21 41.05
C PHE A 447 16.75 43.61 42.10
N PRO B 2 71.07 -13.66 16.25
CA PRO B 2 70.74 -13.34 17.64
C PRO B 2 70.54 -14.59 18.48
N ASN B 3 71.60 -15.09 19.11
CA ASN B 3 71.58 -16.41 19.73
C ASN B 3 70.46 -16.63 20.75
N TRP B 4 70.03 -15.57 21.42
CA TRP B 4 69.08 -15.75 22.52
C TRP B 4 67.68 -16.04 22.00
N PHE B 5 67.48 -15.91 20.69
CA PHE B 5 66.22 -16.32 20.06
C PHE B 5 65.98 -17.82 20.26
N ASN B 6 67.06 -18.56 20.49
CA ASN B 6 66.98 -20.00 20.69
C ASN B 6 66.23 -20.38 21.97
N ASN B 7 66.39 -19.56 23.02
CA ASN B 7 65.88 -19.89 24.36
C ASN B 7 64.47 -19.40 24.64
N ILE B 8 63.81 -18.79 23.66
CA ILE B 8 62.48 -18.21 23.89
C ILE B 8 61.39 -19.28 23.95
N SER B 9 60.38 -19.03 24.77
CA SER B 9 59.31 -20.01 24.98
C SER B 9 58.13 -19.74 24.05
N THR B 10 57.22 -20.70 23.96
CA THR B 10 56.07 -20.64 23.05
C THR B 10 54.79 -19.99 23.64
N ASP B 11 54.74 -19.80 24.95
CA ASP B 11 53.56 -19.18 25.57
C ASP B 11 53.43 -17.71 25.16
N LEU B 12 52.32 -17.35 24.55
CA LEU B 12 52.11 -15.97 24.10
C LEU B 12 51.64 -15.06 25.22
N PHE B 13 50.62 -15.52 25.93
CA PHE B 13 49.90 -14.64 26.84
C PHE B 13 50.14 -14.92 28.32
N SER B 14 51.00 -15.90 28.61
CA SER B 14 51.31 -16.23 29.99
C SER B 14 52.76 -16.70 30.12
N MET B 15 53.63 -15.80 30.57
CA MET B 15 55.01 -16.15 30.89
C MET B 15 55.26 -16.17 32.40
N PRO B 16 55.77 -17.30 32.92
CA PRO B 16 56.08 -17.39 34.34
C PRO B 16 57.25 -16.48 34.71
N GLY B 17 57.29 -16.02 35.95
CA GLY B 17 58.37 -15.16 36.40
C GLY B 17 58.34 -14.87 37.89
N ASP B 18 59.46 -14.36 38.39
CA ASP B 18 59.58 -13.89 39.76
C ASP B 18 58.70 -12.65 39.98
N ILE B 19 58.77 -11.72 39.02
CA ILE B 19 57.96 -10.51 39.06
C ILE B 19 57.11 -10.42 37.79
N LYS B 20 55.84 -10.07 37.93
CA LYS B 20 54.90 -10.17 36.82
C LYS B 20 54.23 -8.85 36.43
N LEU B 21 54.00 -8.68 35.13
CA LEU B 21 53.27 -7.53 34.60
C LEU B 21 51.89 -7.97 34.13
N GLY B 22 50.90 -7.10 34.28
CA GLY B 22 49.58 -7.38 33.72
C GLY B 22 49.51 -6.80 32.31
N GLY B 23 48.91 -7.56 31.40
CA GLY B 23 48.75 -7.09 30.04
C GLY B 23 47.30 -6.94 29.66
N LEU B 24 46.96 -5.81 29.07
CA LEU B 24 45.59 -5.56 28.60
C LEU B 24 45.61 -5.09 27.16
N PHE B 25 45.11 -5.95 26.27
CA PHE B 25 45.17 -5.70 24.83
C PHE B 25 43.82 -6.04 24.20
N PRO B 26 43.37 -5.22 23.24
CA PRO B 26 42.16 -5.56 22.49
C PRO B 26 42.47 -6.61 21.41
N ILE B 27 42.50 -7.88 21.81
CA ILE B 27 42.87 -8.97 20.92
C ILE B 27 41.68 -9.51 20.12
N LYS B 28 40.56 -9.70 20.81
CA LYS B 28 39.33 -10.12 20.13
C LYS B 28 38.17 -9.22 20.51
N GLU B 29 37.42 -8.75 19.52
CA GLU B 29 36.31 -7.81 19.77
C GLU B 29 34.98 -8.37 19.29
N GLN B 30 33.90 -7.62 19.55
CA GLN B 30 32.59 -7.92 18.99
C GLN B 30 32.53 -7.52 17.51
N SER B 31 31.57 -8.07 16.77
CA SER B 31 31.37 -7.68 15.38
C SER B 31 30.24 -6.66 15.20
N VAL B 44 27.67 -11.69 25.94
CA VAL B 44 28.31 -10.89 24.89
C VAL B 44 29.51 -11.62 24.27
N SER B 45 29.55 -11.66 22.94
CA SER B 45 30.52 -12.51 22.22
C SER B 45 31.68 -11.74 21.58
N CYS B 46 32.89 -12.07 22.02
CA CYS B 46 34.12 -11.43 21.52
C CYS B 46 34.84 -12.35 20.54
N ASP B 47 34.48 -12.24 19.26
CA ASP B 47 34.85 -13.26 18.27
C ASP B 47 35.61 -12.74 17.06
N SER B 48 35.85 -11.43 17.01
CA SER B 48 36.58 -10.84 15.89
C SER B 48 38.02 -10.54 16.27
N LEU B 49 38.96 -11.27 15.66
CA LEU B 49 40.38 -11.01 15.89
C LEU B 49 40.75 -9.60 15.51
N ASN B 50 41.35 -8.87 16.44
CA ASN B 50 41.96 -7.60 16.12
C ASN B 50 43.43 -7.83 15.87
N LYS B 51 43.84 -7.79 14.60
CA LYS B 51 45.23 -8.16 14.25
C LYS B 51 46.27 -7.16 14.77
N ASP B 52 45.94 -5.88 14.76
CA ASP B 52 46.78 -4.87 15.41
C ASP B 52 46.92 -5.15 16.92
N GLY B 53 45.79 -5.43 17.57
CA GLY B 53 45.77 -5.78 18.99
C GLY B 53 46.62 -7.02 19.29
N LEU B 54 46.49 -8.06 18.46
CA LEU B 54 47.34 -9.25 18.56
C LEU B 54 48.80 -8.92 18.30
N GLY B 55 49.04 -8.05 17.33
CA GLY B 55 50.40 -7.66 16.98
C GLY B 55 51.10 -6.96 18.12
N ARG B 56 50.40 -6.04 18.80
CA ARG B 56 50.97 -5.32 19.92
C ARG B 56 51.32 -6.24 21.09
N ALA B 57 50.47 -7.24 21.31
CA ALA B 57 50.70 -8.26 22.34
C ALA B 57 52.00 -9.01 22.07
N LEU B 58 52.25 -9.27 20.79
CA LEU B 58 53.48 -9.95 20.38
C LEU B 58 54.68 -9.08 20.71
N VAL B 59 54.51 -7.77 20.55
CA VAL B 59 55.59 -6.84 20.87
C VAL B 59 55.99 -6.93 22.35
N MET B 60 55.01 -7.05 23.23
CA MET B 60 55.29 -7.25 24.65
C MET B 60 56.04 -8.56 24.91
N LYS B 61 55.68 -9.63 24.21
CA LYS B 61 56.38 -10.89 24.39
C LYS B 61 57.82 -10.76 23.90
N TYR B 62 58.00 -10.01 22.82
CA TYR B 62 59.34 -9.73 22.32
C TYR B 62 60.11 -8.99 23.41
N ALA B 63 59.54 -7.90 23.89
CA ALA B 63 60.19 -7.10 24.91
C ALA B 63 60.62 -7.95 26.12
N VAL B 64 59.70 -8.74 26.66
CA VAL B 64 59.96 -9.52 27.86
C VAL B 64 61.00 -10.63 27.62
N GLU B 65 60.92 -11.34 26.49
CA GLU B 65 61.88 -12.40 26.18
C GLU B 65 63.28 -11.83 26.03
N GLU B 66 63.35 -10.62 25.46
CA GLU B 66 64.61 -9.90 25.28
C GLU B 66 65.19 -9.40 26.61
N ILE B 67 64.30 -8.95 27.50
CA ILE B 67 64.72 -8.42 28.80
C ILE B 67 65.34 -9.53 29.66
N ASN B 68 64.73 -10.71 29.60
CA ASN B 68 65.19 -11.84 30.37
C ASN B 68 66.49 -12.42 29.80
N ALA B 69 66.71 -12.21 28.51
CA ALA B 69 67.93 -12.68 27.86
C ALA B 69 69.06 -11.67 28.02
N ASN B 70 68.73 -10.47 28.48
CA ASN B 70 69.76 -9.51 28.85
C ASN B 70 70.27 -9.86 30.24
N SER B 71 71.52 -10.36 30.30
CA SER B 71 72.12 -10.79 31.56
C SER B 71 72.30 -9.65 32.55
N GLN B 72 72.28 -8.40 32.09
CA GLN B 72 72.60 -7.31 33.00
C GLN B 72 71.52 -6.23 33.13
N LEU B 73 70.27 -6.58 32.87
CA LEU B 73 69.19 -5.61 33.09
C LEU B 73 68.45 -5.96 34.38
N LEU B 74 67.91 -7.15 34.47
CA LEU B 74 67.36 -7.59 35.76
C LEU B 74 68.03 -8.92 36.07
N PRO B 75 69.33 -8.87 36.40
CA PRO B 75 70.23 -10.04 36.38
C PRO B 75 69.72 -11.27 37.13
N GLY B 76 69.30 -11.12 38.37
CA GLY B 76 68.93 -12.30 39.13
C GLY B 76 67.45 -12.63 39.08
N VAL B 77 66.70 -11.87 38.29
CA VAL B 77 65.24 -11.86 38.37
C VAL B 77 64.55 -12.17 37.04
N LYS B 78 63.66 -13.15 37.03
CA LYS B 78 62.88 -13.45 35.83
C LYS B 78 61.62 -12.58 35.76
N LEU B 79 61.43 -11.92 34.63
CA LEU B 79 60.23 -11.12 34.42
C LEU B 79 59.18 -11.96 33.72
N GLY B 80 57.97 -11.99 34.29
CA GLY B 80 56.85 -12.69 33.67
C GLY B 80 55.64 -11.77 33.51
N TYR B 81 54.57 -12.30 32.94
CA TYR B 81 53.35 -11.52 32.78
C TYR B 81 52.14 -12.38 32.50
N LYS B 82 50.97 -11.75 32.55
CA LYS B 82 49.75 -12.36 32.04
C LYS B 82 48.98 -11.35 31.23
N ILE B 83 48.67 -11.71 29.99
CA ILE B 83 47.97 -10.84 29.07
C ILE B 83 46.54 -11.28 28.89
N TYR B 84 45.61 -10.35 29.04
CA TYR B 84 44.22 -10.65 28.78
C TYR B 84 43.60 -9.77 27.71
N ASN B 85 42.63 -10.35 27.03
CA ASN B 85 41.80 -9.61 26.09
C ASN B 85 40.93 -8.59 26.84
N THR B 86 40.81 -7.38 26.29
CA THR B 86 39.92 -6.37 26.86
C THR B 86 38.59 -6.33 26.13
N CYS B 87 38.57 -6.91 24.93
CA CYS B 87 37.40 -6.85 24.03
C CYS B 87 36.89 -5.43 23.79
N ARG B 88 37.71 -4.43 24.09
CA ARG B 88 37.29 -3.04 24.13
C ARG B 88 35.88 -2.91 24.71
N HIS B 89 35.64 -3.62 25.82
CA HIS B 89 34.31 -3.65 26.41
C HIS B 89 34.44 -3.62 27.93
N SER B 90 33.64 -2.75 28.54
CA SER B 90 33.67 -2.51 29.99
C SER B 90 33.48 -3.75 30.87
N ALA B 91 32.53 -4.61 30.54
CA ALA B 91 32.31 -5.75 31.41
C ALA B 91 33.47 -6.75 31.32
N VAL B 92 34.14 -6.77 30.18
CA VAL B 92 35.18 -7.75 29.96
C VAL B 92 36.50 -7.35 30.64
N ILE B 93 36.87 -6.09 30.58
CA ILE B 93 38.18 -5.69 31.05
C ILE B 93 38.26 -5.67 32.58
N VAL B 94 37.12 -5.52 33.25
CA VAL B 94 37.13 -5.37 34.71
C VAL B 94 37.69 -6.59 35.44
N ARG B 95 37.32 -7.77 34.99
CA ARG B 95 37.79 -8.98 35.64
C ARG B 95 39.32 -9.16 35.57
N PRO B 96 39.93 -9.03 34.37
CA PRO B 96 41.39 -9.18 34.43
C PRO B 96 42.05 -8.11 35.28
N ALA B 97 41.50 -6.89 35.29
CA ALA B 97 42.04 -5.81 36.13
C ALA B 97 41.94 -6.18 37.60
N LEU B 98 40.81 -6.77 37.98
CA LEU B 98 40.67 -7.24 39.34
C LEU B 98 41.68 -8.38 39.63
N SER B 99 41.92 -9.25 38.65
CA SER B 99 42.81 -10.40 38.88
C SER B 99 44.25 -9.94 39.14
N PHE B 100 44.67 -8.84 38.51
CA PHE B 100 46.00 -8.28 38.75
C PHE B 100 46.21 -7.90 40.22
N LEU B 101 45.10 -7.76 40.96
CA LEU B 101 45.17 -7.20 42.30
C LEU B 101 45.06 -8.27 43.37
N THR B 102 44.81 -9.52 42.98
CA THR B 102 44.71 -10.60 43.93
C THR B 102 46.03 -10.73 44.65
N GLU B 103 45.95 -11.20 45.89
CA GLU B 103 47.13 -11.38 46.72
C GLU B 103 48.00 -12.44 46.05
N LYS B 104 49.30 -12.17 45.93
CA LYS B 104 50.14 -13.00 45.05
C LYS B 104 50.12 -14.50 45.39
N SER B 105 50.08 -14.82 46.67
CA SER B 105 50.08 -16.23 47.10
C SER B 105 48.71 -16.83 47.45
N ASN B 106 47.61 -16.16 47.08
CA ASN B 106 46.28 -16.65 47.41
C ASN B 106 45.34 -16.80 46.23
N GLY B 107 45.50 -15.95 45.22
CA GLY B 107 44.57 -15.91 44.10
C GLY B 107 43.30 -15.13 44.39
N THR B 108 43.16 -14.64 45.63
CA THR B 108 41.97 -13.89 46.01
C THR B 108 42.29 -12.44 46.27
N LEU B 109 41.30 -11.58 46.05
CA LEU B 109 41.39 -10.17 46.40
C LEU B 109 40.74 -9.91 47.75
N SER B 110 41.56 -9.60 48.75
CA SER B 110 41.01 -9.40 50.08
C SER B 110 40.46 -7.98 50.24
N VAL B 111 39.46 -7.86 51.10
CA VAL B 111 38.82 -6.60 51.37
C VAL B 111 39.52 -5.93 52.53
N GLU B 112 40.13 -4.78 52.27
CA GLU B 112 40.80 -4.06 53.35
C GLU B 112 40.65 -2.58 53.17
N CYS B 113 40.96 -1.83 54.23
CA CYS B 113 41.02 -0.38 54.14
C CYS B 113 42.44 0.15 53.84
N ASN B 114 43.43 -0.66 54.15
CA ASN B 114 44.83 -0.28 54.00
C ASN B 114 45.59 -1.36 53.22
N TYR B 115 46.06 -1.01 52.02
CA TYR B 115 46.77 -1.99 51.20
C TYR B 115 48.28 -1.71 51.11
N THR B 116 48.80 -0.92 52.05
CA THR B 116 50.20 -0.52 52.04
C THR B 116 51.15 -1.73 52.06
N ASP B 117 50.81 -2.75 52.85
CA ASP B 117 51.58 -4.00 52.92
C ASP B 117 50.94 -5.14 52.14
N TYR B 118 50.22 -4.83 51.08
CA TYR B 118 49.51 -5.86 50.35
C TYR B 118 50.27 -6.21 49.07
N GLU B 119 50.74 -7.45 48.97
CA GLU B 119 51.50 -7.86 47.80
C GLU B 119 50.57 -8.36 46.70
N THR B 120 50.48 -7.59 45.62
CA THR B 120 49.61 -7.94 44.51
C THR B 120 50.31 -8.92 43.59
N ASP B 121 49.52 -9.70 42.86
CA ASP B 121 50.06 -10.65 41.90
C ASP B 121 50.91 -9.96 40.84
N MET B 122 50.41 -8.89 40.22
CA MET B 122 51.21 -8.11 39.27
C MET B 122 51.74 -6.85 39.92
N VAL B 123 52.84 -6.31 39.40
CA VAL B 123 53.45 -5.14 40.01
C VAL B 123 53.18 -3.87 39.19
N ALA B 124 52.67 -4.05 37.97
CA ALA B 124 52.41 -2.96 37.03
C ALA B 124 51.60 -3.48 35.86
N VAL B 125 50.97 -2.58 35.13
CA VAL B 125 50.09 -2.97 34.05
C VAL B 125 50.57 -2.35 32.74
N ILE B 126 50.67 -3.16 31.70
CA ILE B 126 50.96 -2.64 30.37
C ILE B 126 49.65 -2.59 29.59
N GLY B 127 49.23 -1.39 29.19
CA GLY B 127 47.93 -1.21 28.56
C GLY B 127 46.97 -0.48 29.50
N PRO B 128 45.67 -0.44 29.16
CA PRO B 128 45.07 -0.98 27.93
C PRO B 128 45.39 -0.08 26.73
N GLN B 129 44.85 -0.43 25.56
CA GLN B 129 45.14 0.31 24.34
C GLN B 129 44.31 1.58 24.22
N SER B 130 43.05 1.51 24.62
CA SER B 130 42.14 2.59 24.30
C SER B 130 41.74 3.47 25.50
N SER B 131 41.46 4.74 25.20
CA SER B 131 41.09 5.68 26.27
C SER B 131 39.77 5.31 26.94
N GLU B 132 38.84 4.72 26.20
CA GLU B 132 37.57 4.33 26.83
CA GLU B 132 37.57 4.29 26.79
C GLU B 132 37.84 3.23 27.87
N MET B 133 38.77 2.32 27.58
CA MET B 133 39.09 1.27 28.54
C MET B 133 39.82 1.82 29.79
N VAL B 134 40.68 2.83 29.63
CA VAL B 134 41.36 3.46 30.76
C VAL B 134 40.35 4.05 31.76
N THR B 135 39.26 4.63 31.26
CA THR B 135 38.24 5.20 32.12
C THR B 135 37.54 4.12 32.93
N VAL B 136 37.55 2.88 32.45
CA VAL B 136 36.91 1.79 33.16
C VAL B 136 37.70 1.37 34.41
N ILE B 137 39.02 1.30 34.28
CA ILE B 137 39.88 0.74 35.34
C ILE B 137 40.90 1.69 35.95
N GLY B 138 41.02 2.88 35.38
CA GLY B 138 42.06 3.82 35.80
C GLY B 138 41.92 4.28 37.24
N LYS B 139 40.69 4.40 37.74
CA LYS B 139 40.52 4.83 39.13
C LYS B 139 40.78 3.63 40.04
N LEU B 140 40.29 2.45 39.65
CA LEU B 140 40.54 1.22 40.38
C LEU B 140 42.04 1.01 40.57
N LEU B 141 42.78 1.05 39.46
CA LEU B 141 44.23 0.85 39.52
C LEU B 141 44.94 2.01 40.24
N GLY B 142 44.44 3.23 40.05
CA GLY B 142 44.96 4.41 40.74
C GLY B 142 44.81 4.31 42.25
N PHE B 143 43.71 3.72 42.73
CA PHE B 143 43.52 3.56 44.16
C PHE B 143 44.65 2.71 44.73
N PHE B 144 44.98 1.63 44.03
CA PHE B 144 46.07 0.76 44.46
C PHE B 144 47.42 1.36 44.14
N LEU B 145 47.41 2.52 43.48
CA LEU B 145 48.64 3.14 43.00
C LEU B 145 49.43 2.18 42.13
N MET B 146 48.73 1.31 41.42
CA MET B 146 49.40 0.38 40.51
C MET B 146 49.79 1.09 39.22
N PRO B 147 51.09 1.16 38.93
CA PRO B 147 51.51 1.81 37.69
C PRO B 147 50.84 1.17 36.47
N GLN B 148 50.23 2.00 35.64
CA GLN B 148 49.67 1.52 34.39
C GLN B 148 50.28 2.37 33.29
N ILE B 149 50.90 1.72 32.33
CA ILE B 149 51.54 2.45 31.25
C ILE B 149 50.85 2.09 29.95
N SER B 150 50.07 3.03 29.43
CA SER B 150 49.37 2.76 28.19
C SER B 150 50.26 3.03 27.00
N PHE B 151 50.22 2.10 26.05
CA PHE B 151 50.93 2.21 24.79
C PHE B 151 50.08 2.85 23.70
N GLY B 152 48.85 3.26 24.02
CA GLY B 152 47.94 3.78 23.01
C GLY B 152 46.81 4.75 23.37
N ALA B 153 46.51 4.90 24.66
CA ALA B 153 45.40 5.75 25.11
C ALA B 153 45.82 7.22 25.20
N THR B 154 45.30 8.04 24.32
CA THR B 154 45.84 9.38 24.15
C THR B 154 44.97 10.50 24.74
N SER B 155 43.83 10.17 25.34
CA SER B 155 42.94 11.27 25.79
C SER B 155 43.61 12.16 26.84
N ASP B 156 43.39 13.46 26.74
CA ASP B 156 44.05 14.39 27.66
C ASP B 156 43.49 14.31 29.08
N LYS B 157 42.31 13.70 29.21
CA LYS B 157 41.69 13.52 30.53
C LYS B 157 42.69 12.87 31.51
N PHE B 158 43.57 12.00 31.01
CA PHE B 158 44.41 11.23 31.91
C PHE B 158 45.66 11.99 32.31
N SER B 159 45.85 13.22 31.81
CA SER B 159 47.03 14.02 32.12
C SER B 159 46.96 14.66 33.51
N ASP B 160 45.96 14.28 34.28
CA ASP B 160 45.76 14.87 35.60
C ASP B 160 46.05 13.80 36.66
N SER B 161 47.16 13.93 37.38
CA SER B 161 47.56 12.89 38.33
C SER B 161 46.67 12.90 39.58
N LEU B 162 45.83 13.92 39.71
CA LEU B 162 44.88 13.99 40.81
C LEU B 162 43.67 13.11 40.53
N VAL B 163 43.38 12.93 39.25
CA VAL B 163 42.25 12.13 38.83
C VAL B 163 42.73 10.72 38.46
N TYR B 164 43.86 10.62 37.76
CA TYR B 164 44.42 9.33 37.36
C TYR B 164 45.83 9.17 37.97
N PRO B 165 45.88 8.76 39.25
CA PRO B 165 47.06 8.80 40.10
C PRO B 165 48.23 7.95 39.61
N SER B 166 47.98 6.86 38.88
CA SER B 166 49.09 5.96 38.55
C SER B 166 49.27 5.77 37.04
N PHE B 167 48.82 6.75 36.27
CA PHE B 167 48.77 6.64 34.82
C PHE B 167 49.99 7.22 34.13
N PHE B 168 50.54 6.46 33.17
CA PHE B 168 51.59 6.93 32.26
C PHE B 168 51.26 6.46 30.85
N ARG B 169 51.94 7.03 29.87
CA ARG B 169 51.79 6.56 28.50
C ARG B 169 53.04 6.84 27.67
N THR B 170 53.21 6.02 26.65
CA THR B 170 54.37 6.14 25.77
C THR B 170 53.96 6.80 24.44
N VAL B 171 52.73 7.32 24.39
CA VAL B 171 52.28 8.15 23.26
C VAL B 171 51.78 9.49 23.81
N PRO B 172 51.89 10.58 23.00
CA PRO B 172 51.54 11.91 23.54
C PRO B 172 50.04 12.12 23.72
N SER B 173 49.66 13.04 24.60
CA SER B 173 48.26 13.43 24.76
C SER B 173 47.71 14.06 23.48
N ASP B 174 46.45 13.79 23.18
CA ASP B 174 45.76 14.39 22.05
C ASP B 174 45.68 15.92 22.08
N ILE B 175 45.95 16.55 23.22
CA ILE B 175 45.88 18.01 23.24
C ILE B 175 47.05 18.53 22.40
N ARG B 176 48.11 17.74 22.30
CA ARG B 176 49.23 18.11 21.45
C ARG B 176 48.87 17.84 19.98
N GLN B 177 48.27 16.68 19.69
CA GLN B 177 47.86 16.36 18.32
C GLN B 177 46.88 17.38 17.74
N VAL B 178 45.92 17.84 18.56
CA VAL B 178 44.98 18.82 18.02
C VAL B 178 45.69 20.15 17.87
N ASP B 179 46.74 20.41 18.64
CA ASP B 179 47.52 21.61 18.39
C ASP B 179 48.24 21.52 17.02
N ALA B 180 48.80 20.34 16.73
CA ALA B 180 49.44 20.08 15.45
C ALA B 180 48.45 20.24 14.28
N MET B 181 47.23 19.73 14.45
CA MET B 181 46.19 19.83 13.43
C MET B 181 45.77 21.27 13.14
N VAL B 182 45.60 22.06 14.19
CA VAL B 182 45.16 23.42 14.00
C VAL B 182 46.26 24.23 13.33
N GLN B 183 47.51 23.98 13.74
CA GLN B 183 48.65 24.68 13.14
C GLN B 183 48.75 24.39 11.63
N LEU B 184 48.55 23.12 11.26
CA LEU B 184 48.59 22.73 9.84
C LEU B 184 47.48 23.39 9.03
N ILE B 185 46.31 23.47 9.64
CA ILE B 185 45.16 24.09 9.00
C ILE B 185 45.42 25.58 8.81
N LYS B 186 46.02 26.22 9.82
CA LYS B 186 46.36 27.63 9.70
C LYS B 186 47.39 27.83 8.59
N LYS B 187 48.40 26.96 8.51
CA LYS B 187 49.47 27.10 7.51
C LYS B 187 48.93 27.08 6.07
N PHE B 188 47.97 26.20 5.82
CA PHE B 188 47.37 26.10 4.49
C PHE B 188 46.26 27.10 4.29
N ASN B 189 46.11 28.00 5.26
CA ASN B 189 45.16 29.11 5.19
C ASN B 189 43.72 28.64 5.10
N TRP B 190 43.38 27.53 5.73
CA TRP B 190 41.98 27.11 5.81
C TRP B 190 41.39 27.65 7.12
N ASN B 191 40.19 28.22 7.09
CA ASN B 191 39.65 28.84 8.30
C ASN B 191 38.23 28.38 8.61
N TRP B 192 37.76 27.42 7.82
CA TRP B 192 36.36 27.00 7.86
C TRP B 192 36.31 25.48 7.68
N VAL B 193 36.20 24.77 8.81
CA VAL B 193 36.29 23.31 8.81
C VAL B 193 35.15 22.64 9.58
N ALA B 194 34.97 21.34 9.37
CA ALA B 194 34.09 20.54 10.22
C ALA B 194 34.92 19.54 11.03
N VAL B 195 34.39 19.09 12.16
CA VAL B 195 35.08 18.09 12.96
C VAL B 195 34.15 16.91 13.30
N VAL B 196 34.67 15.70 13.12
CA VAL B 196 33.90 14.48 13.30
C VAL B 196 34.64 13.51 14.20
N GLY B 197 33.98 13.07 15.27
CA GLY B 197 34.59 12.10 16.16
C GLY B 197 33.75 10.84 16.31
N SER B 198 34.37 9.80 16.86
CA SER B 198 33.61 8.63 17.25
C SER B 198 33.01 8.91 18.63
N GLU B 199 31.87 8.29 18.94
CA GLU B 199 31.14 8.61 20.17
C GLU B 199 31.59 7.78 21.39
N GLU B 200 32.79 8.09 21.85
CA GLU B 200 33.33 7.54 23.08
CA GLU B 200 33.36 7.52 23.06
C GLU B 200 34.49 8.46 23.48
N GLU B 201 35.11 8.19 24.62
CA GLU B 201 36.14 9.07 25.20
C GLU B 201 37.14 9.70 24.20
N TYR B 202 37.73 8.87 23.33
CA TYR B 202 38.74 9.35 22.38
C TYR B 202 38.20 10.42 21.44
N GLY B 203 37.18 10.05 20.66
CA GLY B 203 36.59 10.95 19.68
C GLY B 203 35.93 12.15 20.32
N GLN B 204 35.35 11.95 21.50
CA GLN B 204 34.63 13.01 22.17
C GLN B 204 35.58 14.08 22.68
N GLN B 205 36.64 13.66 23.36
CA GLN B 205 37.64 14.60 23.86
C GLN B 205 38.41 15.22 22.69
N GLY B 206 38.64 14.41 21.66
CA GLY B 206 39.31 14.89 20.46
C GLY B 206 38.52 16.04 19.87
N VAL B 207 37.23 15.83 19.68
CA VAL B 207 36.39 16.86 19.08
C VAL B 207 36.35 18.13 19.93
N GLN B 208 36.26 17.96 21.25
CA GLN B 208 36.20 19.13 22.15
C GLN B 208 37.52 19.86 22.22
N GLN B 209 38.61 19.13 22.42
CA GLN B 209 39.93 19.77 22.45
C GLN B 209 40.19 20.50 21.12
N PHE B 210 39.80 19.88 20.01
CA PHE B 210 40.06 20.47 18.73
C PHE B 210 39.26 21.75 18.57
N SER B 211 37.98 21.70 18.93
CA SER B 211 37.13 22.90 18.80
C SER B 211 37.66 24.05 19.63
N LYS B 212 38.17 23.74 20.80
CA LYS B 212 38.74 24.76 21.69
C LYS B 212 39.94 25.44 21.04
N LYS B 213 40.97 24.66 20.75
CA LYS B 213 42.17 25.13 20.07
C LYS B 213 41.82 25.90 18.78
N ALA B 214 41.01 25.28 17.92
CA ALA B 214 40.61 25.88 16.63
C ALA B 214 40.00 27.26 16.81
N GLU B 215 39.18 27.44 17.84
CA GLU B 215 38.61 28.75 18.14
C GLU B 215 39.73 29.74 18.48
N ASP B 216 40.59 29.33 19.42
CA ASP B 216 41.68 30.18 19.89
C ASP B 216 42.57 30.68 18.74
N MET B 217 42.78 29.81 17.76
CA MET B 217 43.62 30.13 16.61
C MET B 217 42.83 30.73 15.45
N GLY B 218 41.56 31.08 15.70
CA GLY B 218 40.74 31.70 14.68
C GLY B 218 40.28 30.81 13.53
N VAL B 219 40.17 29.51 13.78
CA VAL B 219 39.56 28.59 12.81
C VAL B 219 38.10 28.35 13.15
N CYS B 220 37.20 28.71 12.23
CA CYS B 220 35.77 28.52 12.49
C CYS B 220 35.38 27.06 12.26
N VAL B 221 34.92 26.40 13.31
CA VAL B 221 34.37 25.06 13.19
C VAL B 221 32.90 25.18 12.79
N ALA B 222 32.59 24.86 11.53
CA ALA B 222 31.24 24.97 11.01
C ALA B 222 30.28 23.94 11.61
N TYR B 223 30.81 22.78 11.96
CA TYR B 223 29.95 21.69 12.39
C TYR B 223 30.73 20.61 13.15
N GLN B 224 30.09 20.06 14.18
CA GLN B 224 30.66 18.97 14.96
C GLN B 224 29.75 17.75 14.93
N GLY B 225 30.32 16.57 14.78
CA GLY B 225 29.53 15.36 14.70
C GLY B 225 30.15 14.20 15.45
N LEU B 226 29.30 13.34 16.01
CA LEU B 226 29.77 12.12 16.66
C LEU B 226 29.19 10.87 16.00
N ILE B 227 30.05 9.91 15.69
CA ILE B 227 29.64 8.65 15.11
C ILE B 227 29.41 7.60 16.18
N PRO B 228 28.19 7.07 16.29
CA PRO B 228 27.91 6.09 17.34
C PRO B 228 28.79 4.86 17.18
N ILE B 229 29.23 4.26 18.29
CA ILE B 229 29.97 2.99 18.19
C ILE B 229 29.13 1.76 18.56
N TYR B 230 27.90 1.95 19.00
CA TYR B 230 27.09 0.83 19.47
C TYR B 230 25.81 0.67 18.65
N ASP B 231 25.15 1.79 18.37
CA ASP B 231 23.95 1.78 17.53
C ASP B 231 24.20 1.25 16.12
N ASP B 232 23.19 1.43 15.28
CA ASP B 232 23.42 1.50 13.85
C ASP B 232 23.96 2.92 13.59
N PRO B 233 25.23 3.03 13.19
CA PRO B 233 25.82 4.37 13.05
C PRO B 233 25.42 5.07 11.76
N LYS B 234 24.81 4.33 10.82
CA LYS B 234 24.53 4.86 9.48
C LYS B 234 23.56 6.03 9.46
N PRO B 235 22.53 6.04 10.33
CA PRO B 235 21.69 7.25 10.32
C PRO B 235 22.43 8.53 10.76
N ALA B 236 23.17 8.47 11.86
CA ALA B 236 23.93 9.62 12.32
C ALA B 236 24.96 10.07 11.28
N ILE B 237 25.54 9.09 10.58
CA ILE B 237 26.53 9.38 9.54
C ILE B 237 25.92 10.13 8.36
N GLN B 238 24.71 9.75 7.95
CA GLN B 238 24.02 10.47 6.88
C GLN B 238 23.76 11.93 7.27
N THR B 239 23.38 12.13 8.53
CA THR B 239 23.13 13.47 9.06
C THR B 239 24.42 14.31 9.06
N ILE B 240 25.49 13.76 9.63
CA ILE B 240 26.80 14.39 9.60
C ILE B 240 27.25 14.78 8.19
N ILE B 241 27.20 13.82 7.28
CA ILE B 241 27.58 14.02 5.89
C ILE B 241 26.70 15.09 5.21
N ASN B 242 25.42 15.10 5.55
CA ASN B 242 24.53 16.13 5.01
C ASN B 242 24.90 17.53 5.52
N ASN B 243 25.32 17.62 6.77
CA ASN B 243 25.81 18.89 7.33
C ASN B 243 27.14 19.34 6.70
N ILE B 244 27.97 18.37 6.31
CA ILE B 244 29.22 18.72 5.65
C ILE B 244 28.95 19.36 4.29
N GLN B 245 28.03 18.78 3.52
CA GLN B 245 27.67 19.32 2.21
C GLN B 245 27.02 20.70 2.36
N THR B 246 26.21 20.85 3.40
CA THR B 246 25.45 22.07 3.65
C THR B 246 26.38 23.24 3.99
N THR B 247 27.30 23.02 4.92
CA THR B 247 28.24 24.05 5.32
C THR B 247 29.25 24.35 4.22
N GLU B 248 29.29 23.51 3.21
CA GLU B 248 30.26 23.61 2.11
C GLU B 248 31.73 23.64 2.60
N VAL B 249 32.00 23.03 3.74
CA VAL B 249 33.38 22.96 4.21
C VAL B 249 34.15 22.04 3.27
N LYS B 250 35.43 22.32 3.06
CA LYS B 250 36.23 21.41 2.24
C LYS B 250 37.38 20.84 3.03
N VAL B 251 37.37 21.08 4.33
CA VAL B 251 38.33 20.47 5.23
C VAL B 251 37.57 19.87 6.39
N VAL B 252 37.73 18.57 6.58
CA VAL B 252 37.05 17.85 7.64
C VAL B 252 38.07 17.13 8.51
N VAL B 253 38.02 17.38 9.82
CA VAL B 253 38.92 16.69 10.75
C VAL B 253 38.19 15.45 11.27
N VAL B 254 38.80 14.28 11.12
CA VAL B 254 38.12 13.05 11.51
C VAL B 254 38.87 12.42 12.66
N PHE B 255 38.33 12.60 13.85
CA PHE B 255 39.05 12.22 15.05
C PHE B 255 38.32 11.00 15.65
N SER B 256 38.71 9.81 15.20
CA SER B 256 37.82 8.67 15.30
C SER B 256 38.52 7.32 15.37
N LEU B 257 37.94 6.40 16.13
CA LEU B 257 38.38 5.00 16.10
C LEU B 257 38.10 4.40 14.72
N VAL B 258 38.69 3.24 14.45
CA VAL B 258 38.70 2.71 13.08
C VAL B 258 37.35 2.26 12.54
N SER B 259 36.63 1.41 13.27
CA SER B 259 35.34 0.89 12.80
C SER B 259 34.34 2.02 12.46
N PRO B 260 34.17 2.99 13.38
CA PRO B 260 33.35 4.14 12.99
C PRO B 260 33.91 4.88 11.76
N ALA B 261 35.24 5.01 11.66
CA ALA B 261 35.82 5.72 10.54
C ALA B 261 35.51 4.99 9.24
N VAL B 262 35.65 3.66 9.25
CA VAL B 262 35.39 2.87 8.07
C VAL B 262 33.95 3.07 7.64
N SER B 263 33.01 2.91 8.57
CA SER B 263 31.59 3.10 8.26
C SER B 263 31.32 4.48 7.67
N PHE B 264 32.02 5.47 8.23
CA PHE B 264 31.90 6.85 7.78
C PHE B 264 32.35 7.02 6.32
N PHE B 265 33.58 6.61 6.02
CA PHE B 265 34.07 6.77 4.66
C PHE B 265 33.37 5.84 3.67
N GLU B 266 32.71 4.78 4.15
CA GLU B 266 31.88 3.95 3.30
C GLU B 266 30.76 4.81 2.71
N GLU B 267 30.27 5.74 3.52
CA GLU B 267 29.20 6.62 3.10
C GLU B 267 29.71 7.86 2.37
N VAL B 268 30.91 8.29 2.74
CA VAL B 268 31.55 9.39 2.04
C VAL B 268 31.77 8.99 0.57
N ILE B 269 32.19 7.74 0.38
CA ILE B 269 32.51 7.21 -0.94
C ILE B 269 31.25 7.07 -1.80
N LYS B 270 30.21 6.47 -1.20
CA LYS B 270 28.94 6.30 -1.90
C LYS B 270 28.43 7.63 -2.42
N LYS B 271 28.60 8.70 -1.64
CA LYS B 271 28.03 10.00 -2.00
C LYS B 271 29.02 10.84 -2.80
N ASN B 272 30.07 10.18 -3.29
CA ASN B 272 31.17 10.81 -4.05
C ASN B 272 31.64 12.18 -3.57
N LEU B 273 31.84 12.33 -2.26
CA LEU B 273 32.38 13.57 -1.71
C LEU B 273 33.90 13.62 -1.88
N THR B 274 34.42 14.83 -2.09
CA THR B 274 35.85 15.04 -2.22
C THR B 274 36.26 16.26 -1.39
N GLY B 275 37.45 16.21 -0.82
CA GLY B 275 37.97 17.33 -0.06
C GLY B 275 39.26 16.99 0.63
N VAL B 276 39.60 17.77 1.66
CA VAL B 276 40.71 17.49 2.51
C VAL B 276 40.23 16.76 3.75
N TRP B 277 40.90 15.67 4.10
CA TRP B 277 40.56 14.93 5.29
C TRP B 277 41.75 14.89 6.24
N ILE B 278 41.56 15.35 7.46
CA ILE B 278 42.63 15.34 8.48
C ILE B 278 42.45 14.13 9.41
N ALA B 279 43.37 13.18 9.31
CA ALA B 279 43.32 11.91 10.03
C ALA B 279 44.03 11.96 11.39
N SER B 280 43.31 11.69 12.48
CA SER B 280 43.98 11.44 13.77
C SER B 280 44.77 10.13 13.71
N SER B 281 45.62 9.88 14.71
CA SER B 281 46.54 8.75 14.62
C SER B 281 45.84 7.39 14.65
N SER B 282 44.63 7.36 15.19
CA SER B 282 43.83 6.14 15.27
C SER B 282 43.45 5.54 13.91
N TRP B 283 43.34 6.34 12.87
CA TRP B 283 43.01 5.75 11.56
C TRP B 283 43.95 6.17 10.43
N ALA B 284 44.89 7.05 10.75
CA ALA B 284 45.81 7.63 9.76
C ALA B 284 46.63 6.60 8.99
N ILE B 285 46.83 5.42 9.57
CA ILE B 285 47.53 4.35 8.86
C ILE B 285 46.74 3.06 8.94
N SER B 286 45.42 3.19 8.94
CA SER B 286 44.56 2.00 9.03
C SER B 286 44.29 1.39 7.66
N ASP B 287 44.81 0.19 7.44
CA ASP B 287 44.51 -0.53 6.22
C ASP B 287 43.01 -0.78 6.04
N LYS B 288 42.28 -0.91 7.15
CA LYS B 288 40.84 -1.08 7.08
C LYS B 288 40.20 0.08 6.30
N VAL B 289 40.71 1.29 6.50
CA VAL B 289 40.21 2.43 5.73
C VAL B 289 40.77 2.46 4.30
N TYR B 290 42.08 2.28 4.16
CA TYR B 290 42.73 2.53 2.88
C TYR B 290 42.47 1.39 1.90
N SER B 291 41.86 0.30 2.34
CA SER B 291 41.58 -0.79 1.41
C SER B 291 40.12 -0.77 0.94
N LEU B 292 39.37 0.27 1.32
CA LEU B 292 37.99 0.38 0.87
C LEU B 292 37.91 0.68 -0.62
N PRO B 293 36.94 0.04 -1.32
CA PRO B 293 36.69 0.33 -2.74
C PRO B 293 36.46 1.83 -2.99
N ASN B 294 37.26 2.39 -3.90
CA ASN B 294 37.20 3.79 -4.29
C ASN B 294 37.49 4.80 -3.18
N ILE B 295 38.23 4.39 -2.16
CA ILE B 295 38.71 5.33 -1.16
C ILE B 295 39.59 6.37 -1.86
N ASP B 296 40.24 5.95 -2.94
CA ASP B 296 41.15 6.80 -3.68
C ASP B 296 40.44 7.97 -4.36
N SER B 297 39.12 8.02 -4.23
CA SER B 297 38.35 9.08 -4.85
C SER B 297 37.96 10.20 -3.87
N ILE B 298 38.30 10.07 -2.59
CA ILE B 298 37.82 11.07 -1.64
C ILE B 298 38.74 12.28 -1.52
N GLY B 299 39.84 12.29 -2.27
CA GLY B 299 40.73 13.44 -2.28
C GLY B 299 41.97 13.29 -1.42
N THR B 300 42.23 14.28 -0.58
CA THR B 300 43.52 14.36 0.08
C THR B 300 43.43 13.99 1.56
N VAL B 301 44.17 12.96 1.96
CA VAL B 301 44.22 12.60 3.37
C VAL B 301 45.58 12.94 3.97
N ILE B 302 45.55 13.82 4.95
CA ILE B 302 46.73 14.24 5.67
C ILE B 302 46.58 13.68 7.08
N GLY B 303 47.60 13.00 7.56
CA GLY B 303 47.49 12.32 8.83
C GLY B 303 48.61 12.62 9.81
N PHE B 304 48.33 12.30 11.08
CA PHE B 304 49.29 12.48 12.15
C PHE B 304 49.47 11.17 12.87
N ILE B 305 50.72 10.76 13.11
CA ILE B 305 51.00 9.52 13.83
C ILE B 305 52.15 9.75 14.80
N ASP B 306 52.23 8.92 15.83
CA ASP B 306 53.33 9.01 16.80
C ASP B 306 54.67 8.84 16.10
N GLU B 307 55.63 9.70 16.43
CA GLU B 307 57.01 9.53 16.01
C GLU B 307 57.66 8.37 16.78
N THR B 308 58.00 7.30 16.08
CA THR B 308 58.50 6.08 16.70
C THR B 308 59.72 5.54 15.96
N GLU B 309 60.58 4.80 16.67
CA GLU B 309 61.61 3.99 16.04
C GLU B 309 60.95 2.77 15.42
N THR B 310 61.62 2.17 14.45
CA THR B 310 61.27 0.86 13.96
C THR B 310 62.01 -0.17 14.81
N LEU B 311 61.33 -1.22 15.25
CA LEU B 311 61.99 -2.28 16.00
C LEU B 311 62.56 -3.27 15.02
N GLU B 312 63.85 -3.15 14.74
CA GLU B 312 64.48 -3.97 13.72
C GLU B 312 64.49 -5.46 14.07
N LEU B 313 64.43 -5.79 15.35
CA LEU B 313 64.48 -7.19 15.75
C LEU B 313 63.10 -7.86 15.84
N LEU B 314 62.04 -7.07 15.69
CA LEU B 314 60.67 -7.58 15.87
C LEU B 314 60.30 -8.68 14.89
N SER B 315 60.39 -8.40 13.60
CA SER B 315 60.09 -9.41 12.59
C SER B 315 61.02 -10.63 12.64
N PRO B 316 62.35 -10.43 12.91
CA PRO B 316 63.24 -11.60 13.12
C PRO B 316 62.95 -12.42 14.41
N PHE B 317 62.49 -11.78 15.48
CA PHE B 317 62.01 -12.50 16.66
C PHE B 317 60.74 -13.32 16.39
N THR B 318 59.78 -12.71 15.70
CA THR B 318 58.46 -13.30 15.53
C THR B 318 58.44 -14.59 14.68
N GLU B 319 59.13 -14.60 13.54
CA GLU B 319 59.23 -15.77 12.65
C GLU B 319 59.76 -16.99 13.41
N VAL B 320 60.74 -16.77 14.27
CA VAL B 320 61.32 -17.83 15.07
C VAL B 320 60.30 -18.35 16.06
N LEU B 321 59.56 -17.43 16.68
CA LEU B 321 58.56 -17.80 17.66
C LEU B 321 57.45 -18.61 17.01
N PHE B 322 57.01 -18.20 15.82
CA PHE B 322 55.87 -18.87 15.19
C PHE B 322 56.30 -20.22 14.61
N LYS B 323 57.60 -20.40 14.47
CA LYS B 323 58.10 -21.69 14.06
C LYS B 323 58.02 -22.63 15.26
N LYS B 324 58.40 -22.12 16.43
CA LYS B 324 58.34 -22.92 17.65
C LYS B 324 56.91 -23.23 18.06
N ILE B 325 56.01 -22.28 17.85
CA ILE B 325 54.59 -22.51 18.11
C ILE B 325 54.07 -23.65 17.25
N HIS B 326 54.28 -23.54 15.95
CA HIS B 326 53.86 -24.56 15.00
C HIS B 326 54.43 -25.94 15.36
N GLU B 327 55.64 -25.96 15.90
CA GLU B 327 56.30 -27.21 16.26
C GLU B 327 55.61 -27.92 17.40
N ALA B 328 55.39 -27.20 18.51
CA ALA B 328 54.75 -27.80 19.67
C ALA B 328 53.23 -27.65 19.60
N SER B 329 52.70 -27.46 18.39
CA SER B 329 51.28 -27.18 18.20
C SER B 329 50.30 -28.32 18.53
N PRO B 330 50.70 -29.59 18.32
CA PRO B 330 49.75 -30.63 18.75
C PRO B 330 49.59 -30.75 20.28
N THR B 331 50.51 -30.19 21.07
CA THR B 331 50.47 -30.35 22.53
C THR B 331 49.16 -29.86 23.14
N TYR B 338 42.30 -21.09 29.89
CA TYR B 338 41.40 -20.33 29.04
C TYR B 338 42.13 -19.15 28.36
N ASN B 339 41.78 -18.89 27.10
CA ASN B 339 42.63 -18.16 26.15
C ASN B 339 42.04 -16.84 25.61
N PRO B 340 42.88 -15.79 25.51
CA PRO B 340 42.49 -14.54 24.82
C PRO B 340 42.56 -14.67 23.29
N CYS B 341 43.26 -15.69 22.81
CA CYS B 341 43.32 -15.99 21.39
C CYS B 341 43.37 -17.50 21.16
N PRO B 342 42.19 -18.15 21.21
CA PRO B 342 42.10 -19.60 21.07
C PRO B 342 42.73 -20.11 19.78
N GLU B 343 42.45 -19.45 18.66
CA GLU B 343 42.92 -19.90 17.35
C GLU B 343 44.42 -19.63 17.11
N CYS B 344 45.09 -19.02 18.07
CA CYS B 344 46.53 -18.77 17.96
C CYS B 344 47.39 -20.02 18.10
N TRP B 345 46.77 -21.15 18.44
CA TRP B 345 47.52 -22.40 18.55
C TRP B 345 48.11 -22.79 17.20
N SER B 346 47.45 -22.37 16.13
CA SER B 346 47.85 -22.79 14.79
C SER B 346 48.66 -21.72 14.05
N LEU B 347 49.31 -20.83 14.81
CA LEU B 347 50.17 -19.82 14.20
C LEU B 347 51.42 -20.44 13.59
N SER B 348 51.72 -20.08 12.35
CA SER B 348 52.88 -20.60 11.63
C SER B 348 53.74 -19.43 11.15
N PRO B 349 54.95 -19.71 10.61
CA PRO B 349 55.78 -18.65 10.03
C PRO B 349 55.07 -17.77 9.00
N ALA B 350 54.02 -18.27 8.39
CA ALA B 350 53.23 -17.47 7.46
C ALA B 350 52.63 -16.25 8.17
N ASN B 351 52.24 -16.43 9.42
CA ASN B 351 51.55 -15.40 10.18
C ASN B 351 52.47 -14.27 10.68
N VAL B 352 53.72 -14.28 10.21
CA VAL B 352 54.68 -13.24 10.60
C VAL B 352 54.24 -11.87 10.06
N SER B 353 53.22 -11.86 9.22
CA SER B 353 52.66 -10.65 8.67
C SER B 353 52.01 -9.77 9.75
N LEU B 354 51.64 -10.38 10.88
CA LEU B 354 50.98 -9.65 11.95
C LEU B 354 51.84 -8.53 12.48
N VAL B 355 53.16 -8.73 12.47
CA VAL B 355 54.07 -7.71 12.96
C VAL B 355 54.74 -6.98 11.81
N LYS B 356 54.46 -7.41 10.59
CA LYS B 356 55.02 -6.72 9.43
C LYS B 356 54.05 -5.61 8.99
N GLU B 357 52.77 -5.81 9.27
CA GLU B 357 51.72 -4.82 9.02
C GLU B 357 52.13 -3.41 9.46
N GLU B 358 51.93 -2.42 8.59
CA GLU B 358 52.49 -1.10 8.83
C GLU B 358 51.94 -0.44 10.09
N SER B 359 50.66 -0.69 10.41
CA SER B 359 50.06 -0.11 11.62
C SER B 359 50.70 -0.69 12.88
N VAL B 360 51.19 -1.92 12.79
CA VAL B 360 51.88 -2.53 13.92
C VAL B 360 53.36 -2.10 13.92
N GLN B 361 54.01 -2.15 12.76
CA GLN B 361 55.41 -1.72 12.64
C GLN B 361 55.63 -0.30 13.19
N ARG B 362 54.74 0.61 12.84
CA ARG B 362 54.95 2.00 13.20
C ARG B 362 54.50 2.35 14.62
N THR B 363 53.90 1.41 15.34
CA THR B 363 53.44 1.69 16.72
C THR B 363 54.03 0.70 17.74
N ALA B 364 54.73 -0.32 17.24
CA ALA B 364 55.29 -1.37 18.08
C ALA B 364 56.18 -0.82 19.19
N PHE B 365 56.91 0.25 18.89
CA PHE B 365 57.83 0.86 19.85
C PHE B 365 57.11 1.39 21.08
N SER B 366 55.88 1.86 20.91
CA SER B 366 55.08 2.33 22.04
C SER B 366 54.84 1.21 23.07
N VAL B 367 54.58 0.00 22.58
CA VAL B 367 54.45 -1.16 23.46
C VAL B 367 55.81 -1.51 24.07
N TYR B 368 56.84 -1.52 23.22
CA TYR B 368 58.20 -1.85 23.61
C TYR B 368 58.72 -0.91 24.70
N ALA B 369 58.56 0.40 24.50
CA ALA B 369 59.04 1.36 25.50
C ALA B 369 58.30 1.22 26.83
N ALA B 370 57.03 0.83 26.80
CA ALA B 370 56.25 0.68 28.04
C ALA B 370 56.75 -0.47 28.91
N VAL B 371 56.98 -1.62 28.29
CA VAL B 371 57.56 -2.76 28.97
C VAL B 371 58.96 -2.42 29.49
N TYR B 372 59.79 -1.83 28.64
CA TYR B 372 61.16 -1.49 29.06
C TYR B 372 61.17 -0.41 30.14
N THR B 373 60.18 0.48 30.14
CA THR B 373 60.13 1.53 31.15
C THR B 373 59.95 0.89 32.54
N VAL B 374 59.03 -0.05 32.63
CA VAL B 374 58.85 -0.80 33.86
C VAL B 374 60.08 -1.64 34.22
N ALA B 375 60.66 -2.33 33.24
CA ALA B 375 61.82 -3.15 33.52
C ALA B 375 62.95 -2.30 34.12
N HIS B 376 63.21 -1.12 33.56
CA HIS B 376 64.30 -0.28 34.09
C HIS B 376 63.96 0.27 35.46
N ALA B 377 62.69 0.59 35.67
CA ALA B 377 62.24 1.12 36.96
C ALA B 377 62.38 0.07 38.04
N LEU B 378 62.11 -1.18 37.67
CA LEU B 378 62.25 -2.29 38.58
C LEU B 378 63.74 -2.47 38.88
N HIS B 379 64.55 -2.38 37.84
CA HIS B 379 65.98 -2.49 38.01
C HIS B 379 66.50 -1.46 39.02
N LYS B 380 65.92 -0.27 39.00
CA LYS B 380 66.31 0.81 39.91
C LYS B 380 65.74 0.59 41.33
N LEU B 381 64.44 0.26 41.40
CA LEU B 381 63.79 -0.09 42.65
C LEU B 381 64.60 -1.10 43.47
N LEU B 382 64.94 -2.22 42.83
CA LEU B 382 65.66 -3.32 43.45
C LEU B 382 67.18 -3.08 43.57
N GLU B 383 67.61 -1.85 43.31
CA GLU B 383 69.03 -1.48 43.42
C GLU B 383 70.00 -2.43 42.73
N CYS B 384 69.65 -2.89 41.53
CA CYS B 384 70.49 -3.81 40.77
C CYS B 384 71.71 -3.12 40.21
N ASN B 385 72.75 -3.91 39.95
CA ASN B 385 73.77 -3.55 38.97
C ASN B 385 73.75 -4.56 37.83
N SER B 386 74.84 -4.63 37.08
CA SER B 386 74.91 -5.53 35.94
C SER B 386 75.00 -7.00 36.35
N ALA B 387 75.24 -7.25 37.63
CA ALA B 387 75.48 -8.61 38.12
C ALA B 387 74.39 -9.18 39.04
N ALA B 388 73.95 -8.39 40.03
CA ALA B 388 72.99 -8.90 40.99
C ALA B 388 71.98 -7.83 41.41
N CYS B 389 70.85 -8.28 41.97
CA CYS B 389 69.81 -7.38 42.48
C CYS B 389 69.53 -7.63 43.96
N LYS B 390 69.12 -6.59 44.68
CA LYS B 390 68.57 -6.78 46.01
C LYS B 390 67.22 -7.49 45.87
N TRP B 391 67.26 -8.80 45.65
CA TRP B 391 66.05 -9.56 45.46
C TRP B 391 66.25 -11.02 45.83
N SER B 392 65.23 -11.59 46.49
CA SER B 392 65.18 -13.02 46.80
C SER B 392 63.72 -13.44 46.78
N SER B 393 63.47 -14.74 46.92
CA SER B 393 62.11 -15.28 46.89
C SER B 393 61.21 -14.71 48.00
N SER B 394 61.79 -14.05 48.98
CA SER B 394 61.02 -13.50 50.09
C SER B 394 60.92 -11.98 50.01
N THR B 395 61.37 -11.43 48.87
CA THR B 395 61.21 -10.01 48.61
C THR B 395 59.76 -9.69 48.25
N ARG B 396 59.20 -8.67 48.89
CA ARG B 396 57.81 -8.32 48.65
C ARG B 396 57.70 -7.03 47.85
N LEU B 397 57.05 -7.12 46.71
CA LEU B 397 56.94 -6.00 45.78
C LEU B 397 55.58 -5.32 45.90
N TYR B 398 55.57 -4.06 46.30
CA TYR B 398 54.33 -3.28 46.34
C TYR B 398 54.28 -2.26 45.19
N PRO B 399 53.17 -2.25 44.44
CA PRO B 399 53.08 -1.35 43.30
C PRO B 399 53.35 0.12 43.66
N TRP B 400 52.88 0.58 44.81
CA TRP B 400 53.09 1.99 45.19
C TRP B 400 54.56 2.35 45.32
N LYS B 401 55.40 1.39 45.68
CA LYS B 401 56.85 1.66 45.77
C LYS B 401 57.45 1.80 44.38
N LEU B 402 56.98 0.97 43.46
CA LEU B 402 57.40 1.07 42.08
C LEU B 402 56.87 2.38 41.46
N LEU B 403 55.68 2.80 41.84
CA LEU B 403 55.18 4.08 41.35
C LEU B 403 56.10 5.23 41.73
N GLU B 404 56.58 5.21 42.98
CA GLU B 404 57.46 6.26 43.49
C GLU B 404 58.70 6.43 42.60
N VAL B 405 59.22 5.31 42.12
CA VAL B 405 60.35 5.30 41.18
C VAL B 405 59.97 5.79 39.79
N LEU B 406 58.78 5.44 39.31
CA LEU B 406 58.37 5.80 37.95
C LEU B 406 58.04 7.27 37.76
N LYS B 407 57.71 7.99 38.83
CA LYS B 407 57.39 9.41 38.69
C LYS B 407 58.54 10.16 38.02
N GLU B 408 58.21 10.88 36.94
CA GLU B 408 59.14 11.73 36.19
C GLU B 408 60.34 10.96 35.59
N PHE B 409 60.10 9.72 35.18
CA PHE B 409 61.18 8.80 34.85
C PHE B 409 61.90 9.17 33.56
N SER B 410 63.22 9.21 33.60
CA SER B 410 64.04 9.40 32.39
C SER B 410 64.73 8.10 32.06
N VAL B 411 64.57 7.60 30.84
CA VAL B 411 65.27 6.39 30.48
C VAL B 411 65.52 6.37 28.97
N ASN B 412 66.72 5.95 28.60
CA ASN B 412 67.03 5.69 27.20
C ASN B 412 66.56 4.30 26.82
N ILE B 413 65.84 4.22 25.71
CA ILE B 413 65.29 2.98 25.21
C ILE B 413 65.61 2.91 23.74
N SER B 414 66.45 1.95 23.37
CA SER B 414 67.08 1.91 22.06
C SER B 414 67.80 3.24 21.80
N ASN B 415 67.39 3.99 20.77
CA ASN B 415 67.98 5.30 20.53
C ASN B 415 67.03 6.44 20.95
N THR B 416 66.11 6.16 21.87
CA THR B 416 65.14 7.18 22.28
C THR B 416 65.32 7.66 23.72
N SER B 417 65.55 8.95 23.87
CA SER B 417 65.64 9.57 25.18
C SER B 417 64.23 9.90 25.66
N LEU B 418 63.69 9.01 26.49
CA LEU B 418 62.31 9.10 26.96
C LEU B 418 62.19 9.70 28.36
N LYS B 419 61.42 10.79 28.46
CA LYS B 419 61.14 11.43 29.75
C LYS B 419 59.64 11.57 29.95
N PHE B 420 59.17 11.14 31.11
CA PHE B 420 57.75 11.29 31.48
C PHE B 420 57.59 12.55 32.33
N ASP B 421 56.70 13.46 31.95
CA ASP B 421 56.53 14.66 32.76
C ASP B 421 55.67 14.37 34.00
N GLN B 422 55.35 15.42 34.77
CA GLN B 422 54.55 15.33 35.99
C GLN B 422 53.22 14.64 35.78
N ASN B 423 52.74 14.73 34.54
CA ASN B 423 51.40 14.28 34.20
C ASN B 423 51.35 12.84 33.71
N GLY B 424 52.52 12.22 33.53
CA GLY B 424 52.58 10.87 32.96
C GLY B 424 52.68 10.86 31.45
N ASN B 425 52.86 12.04 30.85
CA ASN B 425 53.01 12.19 29.40
C ASN B 425 54.47 12.20 28.97
N PRO B 426 54.75 11.59 27.79
CA PRO B 426 56.11 11.48 27.23
C PRO B 426 56.52 12.59 26.29
N ASN B 427 57.84 12.79 26.15
CA ASN B 427 58.35 13.75 25.17
C ASN B 427 58.40 13.14 23.77
N ILE B 428 57.25 12.64 23.30
CA ILE B 428 57.14 12.03 21.98
C ILE B 428 56.31 12.93 21.06
N GLY B 429 56.80 13.17 19.84
CA GLY B 429 56.12 14.01 18.89
C GLY B 429 55.30 13.25 17.85
N TYR B 430 54.98 13.89 16.73
CA TYR B 430 54.23 13.25 15.67
C TYR B 430 54.97 13.28 14.32
N SER B 431 54.75 12.25 13.50
CA SER B 431 55.06 12.34 12.06
C SER B 431 53.81 12.77 11.31
N VAL B 432 53.93 13.81 10.50
CA VAL B 432 52.85 14.21 9.60
C VAL B 432 52.99 13.43 8.31
N ILE B 433 51.91 12.82 7.85
CA ILE B 433 52.00 11.95 6.69
C ILE B 433 50.85 12.22 5.74
N GLN B 434 50.99 11.75 4.49
CA GLN B 434 49.95 11.85 3.50
C GLN B 434 49.70 10.47 2.89
N ARG B 435 48.45 10.17 2.55
CA ARG B 435 48.17 8.95 1.83
C ARG B 435 48.34 9.14 0.32
N ILE B 436 49.22 8.35 -0.28
CA ILE B 436 49.44 8.39 -1.73
C ILE B 436 48.67 7.25 -2.41
N TRP B 437 47.68 7.59 -3.24
CA TRP B 437 46.74 6.60 -3.79
C TRP B 437 47.33 5.64 -4.83
N GLU B 438 48.11 6.17 -5.76
CA GLU B 438 48.74 5.36 -6.80
C GLU B 438 49.68 4.31 -6.22
N ASN B 439 50.36 4.67 -5.14
CA ASN B 439 51.27 3.81 -4.40
C ASN B 439 50.58 2.86 -3.41
N GLN B 440 49.46 3.34 -2.86
CA GLN B 440 48.86 2.76 -1.67
C GLN B 440 49.90 2.75 -0.55
N SER B 441 50.66 3.84 -0.50
CA SER B 441 51.70 4.04 0.49
C SER B 441 51.48 5.33 1.25
N LEU B 442 52.44 5.67 2.12
CA LEU B 442 52.39 6.89 2.89
C LEU B 442 53.66 7.68 2.70
N SER B 443 53.52 8.95 2.38
CA SER B 443 54.67 9.83 2.25
C SER B 443 54.84 10.65 3.51
N SER B 444 56.09 10.99 3.80
CA SER B 444 56.41 11.84 4.93
C SER B 444 56.48 13.29 4.50
N VAL B 445 55.62 14.13 5.07
CA VAL B 445 55.58 15.54 4.68
C VAL B 445 56.02 16.49 5.78
N GLY B 446 56.36 15.95 6.95
CA GLY B 446 56.86 16.79 8.03
C GLY B 446 56.72 16.17 9.40
N SER B 447 56.90 16.99 10.44
CA SER B 447 56.89 16.49 11.81
C SER B 447 56.35 17.55 12.79
N TYR B 448 55.98 17.09 13.98
CA TYR B 448 55.54 17.97 15.07
C TYR B 448 56.27 17.53 16.34
N ARG B 449 57.13 18.39 16.87
CA ARG B 449 57.92 18.10 18.07
C ARG B 449 57.86 19.31 19.01
N SER B 450 57.79 19.06 20.31
CA SER B 450 57.47 20.09 21.29
C SER B 450 56.13 20.71 20.93
N ALA B 451 56.12 22.00 20.61
CA ALA B 451 54.88 22.62 20.14
C ALA B 451 55.09 23.24 18.76
N ASN B 452 55.94 22.60 17.96
CA ASN B 452 56.35 23.18 16.68
C ASN B 452 56.01 22.28 15.49
N LEU B 453 55.07 22.72 14.67
CA LEU B 453 54.78 22.00 13.43
C LEU B 453 55.80 22.36 12.36
N SER B 454 56.46 21.35 11.82
CA SER B 454 57.41 21.58 10.73
C SER B 454 57.03 20.77 9.49
N ILE B 455 56.29 21.39 8.57
CA ILE B 455 55.93 20.70 7.35
C ILE B 455 56.57 21.37 6.15
N ASN B 456 56.66 20.62 5.06
CA ASN B 456 57.18 21.15 3.83
C ASN B 456 56.10 21.09 2.75
N GLU B 457 55.49 22.24 2.50
CA GLU B 457 54.30 22.34 1.70
C GLU B 457 54.50 21.77 0.29
N THR B 458 55.71 21.91 -0.23
CA THR B 458 55.96 21.48 -1.59
C THR B 458 56.00 19.95 -1.68
N LEU B 459 56.22 19.29 -0.54
CA LEU B 459 56.19 17.84 -0.51
C LEU B 459 54.76 17.28 -0.61
N PHE B 460 53.74 18.15 -0.61
CA PHE B 460 52.35 17.68 -0.56
C PHE B 460 51.76 17.37 -1.94
N LYS B 461 51.02 16.26 -2.04
CA LYS B 461 50.26 15.96 -3.26
C LYS B 461 48.80 16.35 -3.06
N TRP B 462 48.26 17.17 -3.96
CA TRP B 462 46.87 17.59 -3.81
C TRP B 462 45.99 16.84 -4.79
N TYR B 463 45.01 16.10 -4.25
CA TYR B 463 44.16 15.24 -5.05
C TYR B 463 42.91 15.98 -5.48
N THR B 464 43.12 16.85 -6.46
CA THR B 464 42.10 17.79 -6.88
C THR B 464 42.10 17.83 -8.40
N ASN B 465 41.18 18.60 -8.97
CA ASN B 465 41.00 18.63 -10.42
C ASN B 465 42.27 18.96 -11.20
N ASN B 466 43.07 19.90 -10.69
CA ASN B 466 44.30 20.31 -11.36
C ASN B 466 45.55 20.14 -10.49
N SER B 467 45.45 19.26 -9.48
CA SER B 467 46.58 18.94 -8.59
C SER B 467 47.10 20.14 -7.81
N GLU B 468 46.31 21.21 -7.76
CA GLU B 468 46.63 22.35 -6.90
C GLU B 468 45.86 22.27 -5.58
N LYS B 469 46.46 22.85 -4.54
CA LYS B 469 45.86 22.90 -3.21
C LYS B 469 44.47 23.54 -3.24
N PRO B 470 43.50 22.88 -2.59
CA PRO B 470 42.14 23.43 -2.44
C PRO B 470 42.18 24.82 -1.82
N GLU B 471 41.41 25.75 -2.39
CA GLU B 471 41.35 27.16 -1.95
C GLU B 471 42.68 27.85 -2.04
N THR C 6 23.61 -13.65 -3.33
CA THR C 6 22.87 -13.60 -4.59
C THR C 6 21.80 -14.70 -4.66
N SER C 7 20.66 -14.39 -5.28
CA SER C 7 19.52 -15.31 -5.30
C SER C 7 18.78 -15.28 -6.62
N GLU C 8 18.21 -16.42 -7.02
CA GLU C 8 17.38 -16.49 -8.22
C GLU C 8 16.09 -15.67 -8.16
N PHE C 9 15.60 -15.39 -6.94
CA PHE C 9 14.26 -14.82 -6.76
C PHE C 9 14.28 -13.30 -6.68
N HIS C 10 15.42 -12.70 -6.40
CA HIS C 10 15.49 -11.25 -6.40
C HIS C 10 16.71 -10.72 -7.13
N LEU C 11 16.48 -9.61 -7.82
CA LEU C 11 17.50 -8.90 -8.59
C LEU C 11 17.23 -7.43 -8.33
N ARG C 12 18.28 -6.69 -8.05
CA ARG C 12 18.14 -5.26 -7.81
C ARG C 12 18.13 -4.54 -9.17
N GLY C 13 17.46 -3.39 -9.24
CA GLY C 13 17.45 -2.57 -10.44
C GLY C 13 16.81 -1.23 -10.13
N ASP C 14 16.75 -0.34 -11.12
CA ASP C 14 16.17 0.97 -10.90
C ASP C 14 14.66 0.85 -10.68
N TYR C 15 14.05 -0.12 -11.35
CA TYR C 15 12.63 -0.41 -11.19
C TYR C 15 12.42 -1.91 -11.02
N LEU C 16 11.51 -2.26 -10.11
CA LEU C 16 11.25 -3.67 -9.81
C LEU C 16 9.94 -4.14 -10.39
N ILE C 17 9.98 -5.37 -10.92
CA ILE C 17 8.79 -6.06 -11.36
C ILE C 17 8.48 -7.20 -10.40
N GLY C 18 7.26 -7.26 -9.90
CA GLY C 18 6.87 -8.40 -9.10
C GLY C 18 6.70 -9.60 -10.03
N GLY C 19 7.10 -10.77 -9.56
CA GLY C 19 6.85 -12.03 -10.24
C GLY C 19 6.12 -13.02 -9.32
N LEU C 20 4.92 -13.42 -9.72
CA LEU C 20 4.09 -14.31 -8.90
C LEU C 20 3.99 -15.71 -9.52
N PHE C 21 4.71 -16.67 -8.96
CA PHE C 21 4.79 -18.00 -9.52
C PHE C 21 4.41 -19.04 -8.49
N ASN C 22 4.34 -20.30 -8.89
CA ASN C 22 4.08 -21.35 -7.94
C ASN C 22 4.82 -22.60 -8.43
N ILE C 23 6.03 -22.80 -7.91
CA ILE C 23 6.87 -23.88 -8.42
C ILE C 23 6.84 -25.12 -7.53
N HIS C 24 6.11 -25.05 -6.43
CA HIS C 24 5.82 -26.27 -5.68
C HIS C 24 4.31 -26.44 -5.55
N TYR C 25 3.87 -27.69 -5.43
CA TYR C 25 2.47 -28.00 -5.22
C TYR C 25 2.25 -28.66 -3.86
N VAL C 26 1.13 -28.32 -3.23
CA VAL C 26 0.71 -28.90 -1.97
C VAL C 26 -0.79 -28.75 -1.80
N ALA C 27 -1.42 -29.80 -1.28
CA ALA C 27 -2.84 -29.74 -0.93
C ALA C 27 -3.04 -28.66 0.13
N ALA C 28 -4.16 -27.96 0.05
CA ALA C 28 -4.57 -27.08 1.13
C ALA C 28 -4.68 -27.92 2.40
N ALA C 29 -4.40 -27.30 3.54
CA ALA C 29 -4.43 -27.99 4.82
C ALA C 29 -4.71 -26.99 5.92
N ASN C 30 -5.19 -27.47 7.06
CA ASN C 30 -5.50 -26.56 8.15
C ASN C 30 -4.22 -25.95 8.74
N PHE C 31 -4.33 -24.75 9.27
CA PHE C 31 -3.21 -24.10 9.94
C PHE C 31 -3.74 -23.29 11.12
N GLN C 32 -2.91 -23.05 12.13
CA GLN C 32 -3.40 -22.44 13.36
C GLN C 32 -2.56 -21.24 13.75
N ARG C 33 -1.63 -20.90 12.88
CA ARG C 33 -0.79 -19.72 13.07
C ARG C 33 -0.80 -18.92 11.76
N PRO C 34 -0.83 -17.58 11.87
CA PRO C 34 -0.84 -16.69 10.70
C PRO C 34 0.59 -16.43 10.18
N GLN C 35 1.04 -17.27 9.25
CA GLN C 35 2.42 -17.19 8.79
C GLN C 35 2.57 -17.91 7.47
N ALA C 36 3.60 -17.53 6.72
CA ALA C 36 3.90 -18.16 5.46
C ALA C 36 4.14 -19.67 5.61
N ILE C 37 3.84 -20.38 4.53
CA ILE C 37 4.10 -21.80 4.33
C ILE C 37 5.51 -22.02 3.75
N ASP C 38 6.16 -23.09 4.19
CA ASP C 38 7.44 -23.52 3.62
C ASP C 38 7.19 -24.40 2.39
N CYS C 39 7.12 -23.77 1.22
CA CYS C 39 6.84 -24.47 -0.04
C CYS C 39 8.03 -25.27 -0.56
N SER C 40 9.23 -25.00 -0.03
CA SER C 40 10.43 -25.59 -0.58
C SER C 40 10.51 -27.09 -0.28
N SER C 41 9.70 -27.56 0.68
CA SER C 41 9.70 -28.97 1.03
C SER C 41 8.59 -29.73 0.32
N LYS C 42 7.71 -29.02 -0.39
CA LYS C 42 6.62 -29.70 -1.07
C LYS C 42 7.06 -30.24 -2.44
N LEU C 43 6.11 -30.71 -3.24
CA LEU C 43 6.38 -31.31 -4.55
C LEU C 43 6.78 -30.27 -5.62
N PHE C 44 7.95 -30.48 -6.22
CA PHE C 44 8.48 -29.60 -7.25
C PHE C 44 7.70 -29.69 -8.59
N ILE C 45 7.49 -28.55 -9.25
CA ILE C 45 6.76 -28.54 -10.53
C ILE C 45 7.64 -28.08 -11.70
N LEU C 46 8.16 -29.04 -12.46
CA LEU C 46 9.13 -28.76 -13.52
C LEU C 46 8.63 -27.72 -14.53
N PRO C 47 7.44 -27.94 -15.14
CA PRO C 47 7.04 -26.90 -16.10
C PRO C 47 6.73 -25.51 -15.48
N ASN C 48 6.38 -25.46 -14.19
CA ASN C 48 6.19 -24.14 -13.59
C ASN C 48 7.56 -23.47 -13.32
N TYR C 49 8.57 -24.25 -12.90
CA TYR C 49 9.91 -23.69 -12.71
C TYR C 49 10.46 -23.16 -14.03
N ARG C 50 10.09 -23.81 -15.13
CA ARG C 50 10.49 -23.35 -16.45
C ARG C 50 9.91 -21.95 -16.75
N ARG C 51 8.64 -21.73 -16.45
CA ARG C 51 8.01 -20.42 -16.67
C ARG C 51 8.63 -19.35 -15.75
N PHE C 52 8.96 -19.77 -14.55
CA PHE C 52 9.75 -18.99 -13.59
C PHE C 52 11.06 -18.52 -14.28
N GLN C 53 11.81 -19.45 -14.85
CA GLN C 53 13.06 -19.07 -15.51
C GLN C 53 12.80 -18.17 -16.72
N MET C 54 11.68 -18.38 -17.40
CA MET C 54 11.34 -17.57 -18.57
C MET C 54 11.28 -16.10 -18.18
N MET C 55 10.68 -15.81 -17.02
CA MET C 55 10.65 -14.43 -16.54
C MET C 55 12.04 -13.90 -16.27
N ARG C 56 12.86 -14.70 -15.58
CA ARG C 56 14.24 -14.31 -15.29
C ARG C 56 15.04 -14.03 -16.58
N PHE C 57 14.87 -14.93 -17.55
CA PHE C 57 15.51 -14.77 -18.86
C PHE C 57 15.06 -13.48 -19.55
N SER C 58 13.76 -13.20 -19.48
CA SER C 58 13.20 -12.03 -20.17
C SER C 58 13.81 -10.75 -19.65
N VAL C 59 13.87 -10.64 -18.33
CA VAL C 59 14.40 -9.47 -17.67
C VAL C 59 15.88 -9.29 -17.98
N GLU C 60 16.61 -10.40 -18.00
CA GLU C 60 18.03 -10.32 -18.31
C GLU C 60 18.24 -9.94 -19.78
N GLU C 61 17.37 -10.42 -20.67
CA GLU C 61 17.49 -10.07 -22.09
C GLU C 61 17.29 -8.56 -22.26
N ILE C 62 16.25 -8.04 -21.62
CA ILE C 62 15.94 -6.60 -21.67
C ILE C 62 17.04 -5.74 -21.07
N ASN C 63 17.57 -6.15 -19.91
CA ASN C 63 18.68 -5.43 -19.30
C ASN C 63 19.91 -5.47 -20.22
N ASN C 64 20.03 -6.53 -21.01
CA ASN C 64 21.12 -6.65 -21.97
C ASN C 64 20.96 -5.67 -23.15
N SER C 65 19.73 -5.23 -23.39
CA SER C 65 19.43 -4.34 -24.51
C SER C 65 19.86 -2.90 -24.25
N SER C 66 20.55 -2.30 -25.21
CA SER C 66 20.92 -0.89 -25.13
C SER C 66 19.86 -0.02 -25.83
N SER C 67 18.76 -0.65 -26.22
CA SER C 67 17.71 -0.04 -27.04
C SER C 67 16.37 0.08 -26.29
N LEU C 68 15.99 -0.99 -25.61
CA LEU C 68 14.81 -0.96 -24.74
C LEU C 68 15.24 -0.67 -23.30
N LEU C 69 14.69 0.39 -22.73
CA LEU C 69 15.13 0.86 -21.41
C LEU C 69 16.63 1.07 -21.38
N PRO C 70 17.12 1.98 -22.24
CA PRO C 70 18.57 2.23 -22.30
C PRO C 70 19.07 2.76 -20.96
N ASN C 71 20.08 2.12 -20.42
CA ASN C 71 20.64 2.51 -19.12
C ASN C 71 19.65 2.59 -17.94
N VAL C 72 18.57 1.82 -18.03
CA VAL C 72 17.63 1.73 -16.93
C VAL C 72 17.43 0.23 -16.70
N SER C 73 17.87 -0.24 -15.54
CA SER C 73 17.89 -1.67 -15.28
C SER C 73 16.60 -2.17 -14.63
N LEU C 74 16.16 -3.35 -15.05
CA LEU C 74 15.00 -4.00 -14.47
C LEU C 74 15.42 -5.00 -13.39
N GLY C 75 14.86 -4.84 -12.19
CA GLY C 75 15.01 -5.83 -11.14
C GLY C 75 13.69 -6.52 -10.85
N TYR C 76 13.70 -7.51 -9.97
CA TYR C 76 12.47 -8.19 -9.62
C TYR C 76 12.45 -8.74 -8.20
N GLN C 77 11.25 -8.98 -7.70
CA GLN C 77 11.01 -9.78 -6.50
C GLN C 77 10.08 -10.90 -6.93
N MET C 78 10.56 -12.12 -6.95
CA MET C 78 9.74 -13.25 -7.38
C MET C 78 9.37 -14.14 -6.20
N PHE C 79 8.24 -14.84 -6.32
CA PHE C 79 7.75 -15.65 -5.21
C PHE C 79 7.23 -16.98 -5.66
N ASP C 80 7.49 -17.99 -4.82
CA ASP C 80 6.93 -19.32 -5.00
C ASP C 80 5.77 -19.47 -4.03
N HIS C 81 4.55 -19.23 -4.52
CA HIS C 81 3.39 -19.30 -3.65
C HIS C 81 2.63 -20.59 -3.87
N CYS C 82 3.03 -21.66 -3.17
CA CYS C 82 2.40 -22.96 -3.35
C CYS C 82 0.99 -22.96 -2.76
N SER C 83 0.71 -21.93 -1.96
CA SER C 83 -0.61 -21.70 -1.36
C SER C 83 -1.07 -20.28 -1.59
N ASP C 84 -2.18 -20.12 -2.31
CA ASP C 84 -2.80 -18.81 -2.50
C ASP C 84 -3.15 -18.12 -1.18
N ILE C 85 -3.71 -18.87 -0.22
CA ILE C 85 -4.06 -18.29 1.08
C ILE C 85 -2.84 -17.73 1.82
N HIS C 86 -1.65 -18.26 1.58
CA HIS C 86 -0.47 -17.78 2.31
C HIS C 86 0.46 -16.92 1.43
N SER C 87 -0.09 -16.37 0.36
CA SER C 87 0.71 -15.60 -0.59
C SER C 87 0.85 -14.14 -0.16
N PHE C 88 0.08 -13.72 0.84
CA PHE C 88 -0.01 -12.30 1.15
C PHE C 88 1.29 -11.62 1.61
N PRO C 89 2.22 -12.35 2.25
CA PRO C 89 3.46 -11.62 2.56
C PRO C 89 4.22 -11.11 1.33
N GLY C 90 4.27 -11.91 0.28
CA GLY C 90 4.89 -11.49 -0.97
C GLY C 90 4.14 -10.34 -1.62
N ILE C 91 2.82 -10.44 -1.60
CA ILE C 91 1.96 -9.41 -2.17
C ILE C 91 2.16 -8.09 -1.42
N PHE C 92 2.26 -8.18 -0.09
CA PHE C 92 2.50 -6.99 0.73
C PHE C 92 3.88 -6.38 0.42
N LYS C 93 4.88 -7.24 0.24
CA LYS C 93 6.21 -6.77 -0.13
C LYS C 93 6.19 -5.94 -1.43
N LEU C 94 5.46 -6.41 -2.44
CA LEU C 94 5.38 -5.69 -3.71
C LEU C 94 4.64 -4.38 -3.61
N LEU C 95 3.73 -4.27 -2.65
CA LEU C 95 2.87 -3.10 -2.56
C LEU C 95 3.39 -2.07 -1.60
N SER C 96 4.46 -2.38 -0.89
CA SER C 96 4.86 -1.56 0.24
C SER C 96 5.83 -0.43 -0.10
N VAL C 97 6.04 0.42 0.90
CA VAL C 97 7.04 1.48 0.90
C VAL C 97 8.01 1.19 2.05
N ASN C 98 9.20 0.71 1.69
CA ASN C 98 10.06 -0.15 2.52
C ASN C 98 9.39 -0.74 3.76
N ASP C 99 8.66 -1.82 3.51
CA ASP C 99 8.09 -2.70 4.53
C ASP C 99 7.00 -2.05 5.38
N LEU C 100 6.31 -1.08 4.81
CA LEU C 100 5.09 -0.55 5.43
C LEU C 100 3.97 -0.42 4.39
N ILE C 101 2.76 -0.76 4.81
CA ILE C 101 1.59 -0.47 4.00
C ILE C 101 0.68 0.50 4.76
N ARG C 102 0.26 1.54 4.06
CA ARG C 102 -0.74 2.45 4.60
C ARG C 102 -2.04 2.30 3.79
N PRO C 103 -3.01 1.55 4.36
CA PRO C 103 -4.30 1.11 3.80
C PRO C 103 -5.10 2.16 3.03
N TRP C 104 -4.92 3.44 3.36
CA TRP C 104 -5.79 4.48 2.83
C TRP C 104 -5.18 5.37 1.74
N GLU C 105 -3.86 5.39 1.62
CA GLU C 105 -3.20 6.33 0.71
C GLU C 105 -2.81 5.73 -0.65
N ASP C 106 -2.36 6.61 -1.55
CA ASP C 106 -1.64 6.29 -2.78
C ASP C 106 -1.42 7.56 -3.61
N PRO C 112 6.27 3.46 -4.04
CA PRO C 112 5.88 2.06 -4.26
C PRO C 112 7.06 1.17 -4.68
N ASN C 113 7.13 -0.03 -4.11
CA ASN C 113 8.30 -0.89 -4.26
C ASN C 113 8.45 -1.48 -5.65
N ALA C 114 7.32 -1.86 -6.25
CA ALA C 114 7.30 -2.40 -7.59
C ALA C 114 6.47 -1.48 -8.50
N ILE C 115 6.73 -1.53 -9.80
CA ILE C 115 5.93 -0.77 -10.77
C ILE C 115 4.79 -1.61 -11.35
N GLY C 116 4.84 -2.91 -11.16
CA GLY C 116 3.84 -3.79 -11.73
C GLY C 116 4.19 -5.22 -11.37
N VAL C 117 3.28 -6.15 -11.61
CA VAL C 117 3.56 -7.53 -11.26
C VAL C 117 3.19 -8.46 -12.40
N VAL C 118 4.05 -9.44 -12.63
CA VAL C 118 3.81 -10.52 -13.59
C VAL C 118 3.31 -11.79 -12.91
N GLY C 119 2.13 -12.25 -13.29
CA GLY C 119 1.51 -13.39 -12.62
C GLY C 119 0.18 -12.98 -12.04
N PRO C 120 -0.46 -13.86 -11.25
CA PRO C 120 -0.02 -15.24 -11.01
C PRO C 120 -0.38 -16.19 -12.14
N PHE C 121 -0.18 -17.48 -11.91
CA PHE C 121 -0.50 -18.51 -12.87
C PHE C 121 -1.99 -18.97 -12.82
N THR C 122 -2.55 -19.21 -11.64
CA THR C 122 -3.93 -19.73 -11.54
C THR C 122 -5.00 -18.70 -11.19
N SER C 123 -6.22 -19.00 -11.60
CA SER C 123 -7.35 -18.12 -11.30
C SER C 123 -7.55 -18.01 -9.79
N THR C 124 -7.28 -19.10 -9.07
CA THR C 124 -7.45 -19.10 -7.63
C THR C 124 -6.46 -18.16 -6.95
N HIS C 125 -5.20 -18.17 -7.40
CA HIS C 125 -4.18 -17.28 -6.83
C HIS C 125 -4.58 -15.83 -7.06
N ALA C 126 -5.14 -15.55 -8.23
CA ALA C 126 -5.50 -14.19 -8.61
C ALA C 126 -6.72 -13.67 -7.84
N LEU C 127 -7.71 -14.54 -7.64
CA LEU C 127 -8.94 -14.11 -6.96
C LEU C 127 -8.63 -13.75 -5.50
N SER C 128 -7.64 -14.41 -4.90
CA SER C 128 -7.33 -14.15 -3.49
C SER C 128 -6.67 -12.80 -3.27
N ILE C 129 -5.98 -12.30 -4.28
CA ILE C 129 -5.10 -11.17 -4.05
C ILE C 129 -5.43 -9.95 -4.95
N ALA C 130 -6.13 -10.20 -6.06
CA ALA C 130 -6.37 -9.12 -7.05
C ALA C 130 -7.00 -7.87 -6.45
N PRO C 131 -8.06 -8.02 -5.62
CA PRO C 131 -8.66 -6.82 -5.04
C PRO C 131 -7.65 -5.85 -4.39
N ILE C 132 -6.61 -6.41 -3.78
CA ILE C 132 -5.62 -5.56 -3.13
C ILE C 132 -4.85 -4.75 -4.18
N PHE C 133 -4.52 -5.39 -5.31
CA PHE C 133 -3.91 -4.67 -6.43
C PHE C 133 -4.91 -3.72 -7.13
N MET C 134 -6.13 -4.19 -7.38
CA MET C 134 -7.12 -3.40 -8.13
C MET C 134 -7.43 -2.05 -7.50
N THR C 135 -7.51 -2.00 -6.16
CA THR C 135 -7.84 -0.77 -5.45
C THR C 135 -6.84 0.35 -5.68
N ASN C 136 -5.59 -0.02 -5.95
CA ASN C 136 -4.54 0.95 -6.18
C ASN C 136 -4.24 1.08 -7.67
N LEU C 137 -5.07 0.46 -8.50
CA LEU C 137 -4.83 0.40 -9.94
C LEU C 137 -3.38 -0.03 -10.21
N PHE C 138 -2.94 -0.99 -9.41
CA PHE C 138 -1.63 -1.54 -9.56
C PHE C 138 -1.69 -2.59 -10.65
N PRO C 139 -0.90 -2.42 -11.71
CA PRO C 139 -1.07 -3.33 -12.87
C PRO C 139 -0.61 -4.76 -12.63
N MET C 140 -1.46 -5.72 -12.97
CA MET C 140 -1.12 -7.13 -12.96
C MET C 140 -1.22 -7.66 -14.37
N VAL C 141 -0.20 -8.38 -14.81
CA VAL C 141 -0.24 -9.03 -16.11
C VAL C 141 -0.05 -10.51 -15.88
N SER C 142 -1.17 -11.23 -15.84
CA SER C 142 -1.11 -12.68 -15.62
C SER C 142 -0.72 -13.44 -16.88
N TYR C 143 0.18 -14.40 -16.71
CA TYR C 143 0.61 -15.25 -17.81
C TYR C 143 -0.17 -16.58 -17.82
N GLY C 144 -1.18 -16.74 -16.97
CA GLY C 144 -1.95 -17.99 -17.03
C GLY C 144 -3.42 -17.98 -16.62
N CYS C 145 -3.85 -16.94 -15.94
CA CYS C 145 -5.20 -16.92 -15.41
CA CYS C 145 -5.22 -16.88 -15.41
C CYS C 145 -6.25 -16.77 -16.52
N SER C 146 -7.15 -17.75 -16.61
CA SER C 146 -8.09 -17.75 -17.74
C SER C 146 -9.56 -17.58 -17.36
N GLY C 147 -9.82 -17.46 -16.06
CA GLY C 147 -11.16 -17.15 -15.54
C GLY C 147 -11.87 -16.09 -16.38
N SER C 148 -13.12 -16.36 -16.75
CA SER C 148 -13.82 -15.43 -17.62
C SER C 148 -14.12 -14.12 -16.87
N VAL C 149 -14.22 -14.20 -15.54
CA VAL C 149 -14.56 -13.04 -14.72
C VAL C 149 -13.52 -11.91 -14.80
N PHE C 150 -12.27 -12.23 -15.17
CA PHE C 150 -11.22 -11.22 -15.23
C PHE C 150 -11.33 -10.33 -16.47
N SER C 151 -12.26 -10.68 -17.35
CA SER C 151 -12.59 -9.85 -18.51
C SER C 151 -13.56 -8.73 -18.13
N LYS C 152 -13.98 -8.68 -16.89
CA LYS C 152 -14.92 -7.66 -16.42
C LYS C 152 -14.17 -6.47 -15.81
N GLU C 153 -14.02 -5.42 -16.60
CA GLU C 153 -13.17 -4.28 -16.26
C GLU C 153 -13.64 -3.49 -15.01
N ASN C 154 -14.94 -3.51 -14.72
CA ASN C 154 -15.46 -2.84 -13.52
C ASN C 154 -14.98 -3.54 -12.24
N LEU C 155 -14.70 -4.84 -12.36
CA LEU C 155 -14.22 -5.63 -11.23
C LEU C 155 -12.69 -5.71 -11.19
N TYR C 156 -12.05 -5.74 -12.36
CA TYR C 156 -10.58 -5.92 -12.44
C TYR C 156 -9.89 -4.87 -13.31
N PRO C 157 -9.95 -3.59 -12.88
CA PRO C 157 -9.55 -2.49 -13.77
C PRO C 157 -8.07 -2.46 -14.13
N SER C 158 -7.18 -3.01 -13.31
CA SER C 158 -5.76 -2.97 -13.60
C SER C 158 -5.22 -4.37 -13.85
N PHE C 159 -6.12 -5.31 -14.16
CA PHE C 159 -5.73 -6.69 -14.45
C PHE C 159 -5.68 -6.92 -15.97
N LEU C 160 -4.56 -7.41 -16.47
CA LEU C 160 -4.39 -7.80 -17.86
C LEU C 160 -3.88 -9.22 -17.93
N ARG C 161 -3.92 -9.83 -19.11
CA ARG C 161 -3.38 -11.17 -19.26
C ARG C 161 -2.91 -11.47 -20.68
N THR C 162 -1.90 -12.34 -20.76
CA THR C 162 -1.28 -12.72 -22.00
C THR C 162 -1.73 -14.12 -22.43
N VAL C 163 -2.73 -14.69 -21.72
CA VAL C 163 -3.44 -15.86 -22.25
C VAL C 163 -4.90 -15.54 -22.45
N HIS C 164 -5.56 -16.34 -23.27
CA HIS C 164 -6.97 -16.11 -23.58
C HIS C 164 -7.86 -16.61 -22.44
N SER C 165 -9.05 -16.02 -22.36
CA SER C 165 -10.09 -16.47 -21.45
C SER C 165 -10.53 -17.91 -21.73
N ASN C 166 -11.04 -18.57 -20.69
CA ASN C 166 -11.74 -19.84 -20.84
C ASN C 166 -12.74 -19.88 -21.98
N LYS C 167 -13.42 -18.76 -22.23
CA LYS C 167 -14.42 -18.69 -23.28
C LYS C 167 -13.85 -19.12 -24.62
N ASP C 168 -12.60 -18.74 -24.89
CA ASP C 168 -12.01 -19.09 -26.18
C ASP C 168 -11.59 -20.54 -26.23
N VAL C 169 -11.04 -21.04 -25.14
CA VAL C 169 -10.62 -22.44 -25.13
C VAL C 169 -11.85 -23.35 -25.17
N ILE C 170 -12.95 -22.93 -24.53
CA ILE C 170 -14.18 -23.70 -24.59
C ILE C 170 -14.74 -23.70 -26.02
N ASN C 171 -14.70 -22.55 -26.70
CA ASN C 171 -15.18 -22.49 -28.09
C ASN C 171 -14.42 -23.47 -28.97
N ALA C 172 -13.13 -23.59 -28.70
CA ALA C 172 -12.26 -24.45 -29.48
C ALA C 172 -12.56 -25.93 -29.18
N ILE C 173 -12.83 -26.23 -27.92
CA ILE C 173 -13.19 -27.59 -27.54
C ILE C 173 -14.53 -28.00 -28.17
N VAL C 174 -15.49 -27.08 -28.19
CA VAL C 174 -16.78 -27.35 -28.82
C VAL C 174 -16.56 -27.58 -30.32
N GLY C 175 -15.66 -26.79 -30.89
CA GLY C 175 -15.26 -26.94 -32.27
C GLY C 175 -14.73 -28.34 -32.57
N ILE C 176 -13.91 -28.88 -31.67
CA ILE C 176 -13.45 -30.25 -31.84
C ILE C 176 -14.62 -31.26 -31.84
N ILE C 177 -15.52 -31.13 -30.89
CA ILE C 177 -16.65 -32.04 -30.77
C ILE C 177 -17.52 -32.01 -32.02
N LEU C 178 -17.86 -30.79 -32.47
CA LEU C 178 -18.73 -30.64 -33.63
C LEU C 178 -18.07 -31.21 -34.88
N ASN C 179 -16.75 -31.37 -34.87
CA ASN C 179 -16.10 -31.95 -36.05
C ASN C 179 -16.33 -33.45 -36.14
N PHE C 180 -16.76 -34.07 -35.05
CA PHE C 180 -17.00 -35.50 -35.07
C PHE C 180 -18.49 -35.78 -34.86
N ASN C 181 -18.87 -37.06 -34.76
CA ASN C 181 -20.30 -37.42 -34.78
C ASN C 181 -20.91 -37.65 -33.41
N TRP C 182 -20.09 -37.64 -32.36
CA TRP C 182 -20.63 -37.89 -31.02
C TRP C 182 -21.28 -36.63 -30.45
N ARG C 183 -22.44 -36.79 -29.82
CA ARG C 183 -23.19 -35.64 -29.34
C ARG C 183 -23.54 -35.70 -27.85
N TRP C 184 -23.27 -36.84 -27.20
CA TRP C 184 -23.28 -36.91 -25.73
C TRP C 184 -21.86 -36.75 -25.22
N VAL C 185 -21.64 -35.88 -24.24
CA VAL C 185 -20.29 -35.74 -23.70
C VAL C 185 -20.25 -35.73 -22.17
N ALA C 186 -19.16 -36.26 -21.64
CA ALA C 186 -18.84 -36.06 -20.24
C ALA C 186 -17.90 -34.88 -20.15
N PHE C 187 -18.05 -34.10 -19.09
CA PHE C 187 -17.20 -32.95 -18.85
C PHE C 187 -16.67 -33.07 -17.43
N LEU C 188 -15.40 -33.48 -17.30
CA LEU C 188 -14.75 -33.54 -15.98
C LEU C 188 -13.90 -32.30 -15.80
N TYR C 189 -14.10 -31.62 -14.68
CA TYR C 189 -13.44 -30.34 -14.50
C TYR C 189 -12.85 -30.24 -13.09
N SER C 190 -11.66 -29.66 -12.99
CA SER C 190 -11.04 -29.46 -11.69
C SER C 190 -11.96 -28.67 -10.76
N ASP C 191 -11.99 -29.11 -9.51
CA ASP C 191 -12.83 -28.55 -8.48
C ASP C 191 -12.24 -27.25 -7.92
N ASP C 192 -12.01 -26.29 -8.81
CA ASP C 192 -11.48 -24.97 -8.44
C ASP C 192 -12.13 -23.90 -9.34
N ASP C 193 -11.72 -22.64 -9.18
CA ASP C 193 -12.38 -21.56 -9.91
C ASP C 193 -12.21 -21.72 -11.40
N PHE C 194 -11.00 -22.08 -11.79
CA PHE C 194 -10.69 -22.39 -13.18
C PHE C 194 -11.72 -23.35 -13.81
N GLY C 195 -11.83 -24.55 -13.24
CA GLY C 195 -12.69 -25.60 -13.78
C GLY C 195 -14.18 -25.26 -13.73
N LYS C 196 -14.61 -24.65 -12.63
CA LYS C 196 -16.01 -24.27 -12.49
C LYS C 196 -16.40 -23.25 -13.54
N ASP C 197 -15.50 -22.31 -13.83
CA ASP C 197 -15.79 -21.33 -14.85
C ASP C 197 -15.84 -22.04 -16.21
N GLY C 198 -14.94 -23.00 -16.41
CA GLY C 198 -14.91 -23.80 -17.63
C GLY C 198 -16.22 -24.54 -17.85
N LEU C 199 -16.76 -25.11 -16.77
CA LEU C 199 -18.06 -25.76 -16.85
C LEU C 199 -19.17 -24.78 -17.27
N GLU C 200 -19.26 -23.63 -16.61
CA GLU C 200 -20.28 -22.64 -16.98
C GLU C 200 -20.16 -22.21 -18.44
N GLN C 201 -18.94 -21.98 -18.91
CA GLN C 201 -18.74 -21.55 -20.29
C GLN C 201 -19.14 -22.68 -21.25
N PHE C 202 -18.84 -23.91 -20.87
CA PHE C 202 -19.20 -25.07 -21.69
C PHE C 202 -20.71 -25.21 -21.79
N LYS C 203 -21.41 -25.14 -20.65
CA LYS C 203 -22.89 -25.24 -20.66
C LYS C 203 -23.48 -24.12 -21.51
N ASN C 204 -23.00 -22.90 -21.28
CA ASN C 204 -23.50 -21.75 -22.03
C ASN C 204 -23.33 -21.89 -23.54
N LYS C 205 -22.17 -22.43 -23.95
CA LYS C 205 -21.85 -22.53 -25.35
C LYS C 205 -22.69 -23.61 -26.05
N ILE C 206 -22.81 -24.79 -25.45
CA ILE C 206 -23.51 -25.90 -26.10
C ILE C 206 -25.02 -25.85 -25.98
N GLU C 207 -25.55 -24.96 -25.14
CA GLU C 207 -26.98 -24.97 -24.83
C GLU C 207 -27.85 -24.98 -26.08
N ASP C 208 -27.56 -24.08 -27.01
CA ASP C 208 -28.29 -24.10 -28.28
C ASP C 208 -27.45 -24.81 -29.33
N SER C 209 -27.35 -26.12 -29.20
CA SER C 209 -26.62 -26.94 -30.16
C SER C 209 -26.98 -28.40 -29.94
N GLU C 210 -26.58 -29.23 -30.89
CA GLU C 210 -26.83 -30.66 -30.85
C GLU C 210 -26.06 -31.37 -29.73
N ILE C 211 -25.04 -30.72 -29.16
CA ILE C 211 -24.25 -31.31 -28.08
C ILE C 211 -25.00 -31.35 -26.76
N CYS C 212 -25.01 -32.51 -26.11
CA CYS C 212 -25.72 -32.70 -24.85
C CYS C 212 -24.76 -33.10 -23.73
N LEU C 213 -24.74 -32.34 -22.65
CA LEU C 213 -23.89 -32.67 -21.50
C LEU C 213 -24.53 -33.82 -20.75
N ALA C 214 -24.12 -35.05 -21.04
CA ALA C 214 -24.78 -36.22 -20.48
C ALA C 214 -24.24 -36.54 -19.08
N PHE C 215 -23.05 -36.03 -18.76
CA PHE C 215 -22.45 -36.23 -17.44
C PHE C 215 -21.40 -35.17 -17.14
N TYR C 216 -21.37 -34.69 -15.90
CA TYR C 216 -20.30 -33.81 -15.46
C TYR C 216 -20.05 -33.96 -13.96
N LYS C 217 -18.79 -33.82 -13.56
CA LYS C 217 -18.37 -33.92 -12.18
C LYS C 217 -17.16 -33.02 -11.87
N ALA C 218 -17.20 -32.35 -10.73
CA ALA C 218 -16.02 -31.65 -10.23
C ALA C 218 -15.07 -32.68 -9.66
N ILE C 219 -13.85 -32.76 -10.20
CA ILE C 219 -12.94 -33.81 -9.74
C ILE C 219 -11.77 -33.26 -8.92
N ASN C 220 -11.20 -34.14 -8.10
CA ASN C 220 -10.08 -33.85 -7.20
C ASN C 220 -9.02 -34.94 -7.35
N VAL C 221 -7.84 -34.71 -6.76
CA VAL C 221 -6.77 -35.68 -6.87
C VAL C 221 -7.13 -36.94 -6.07
N ASN C 222 -8.03 -36.79 -5.09
CA ASN C 222 -8.50 -37.93 -4.29
C ASN C 222 -9.92 -38.45 -4.65
N THR C 223 -10.48 -37.99 -5.76
CA THR C 223 -11.80 -38.46 -6.24
C THR C 223 -11.81 -40.00 -6.39
N ASP C 224 -12.95 -40.61 -6.10
CA ASP C 224 -13.13 -42.02 -6.41
C ASP C 224 -13.43 -42.16 -7.91
N TYR C 225 -12.39 -42.33 -8.72
CA TYR C 225 -12.56 -42.38 -10.16
C TYR C 225 -13.29 -43.62 -10.66
N LEU C 226 -13.15 -44.74 -9.96
CA LEU C 226 -13.91 -45.95 -10.29
C LEU C 226 -15.41 -45.67 -10.42
N GLN C 227 -15.95 -44.85 -9.52
CA GLN C 227 -17.37 -44.50 -9.60
C GLN C 227 -17.62 -43.62 -10.83
N VAL C 228 -16.73 -42.67 -11.04
CA VAL C 228 -16.89 -41.70 -12.12
C VAL C 228 -16.95 -42.44 -13.45
N PHE C 229 -16.02 -43.37 -13.68
CA PHE C 229 -15.95 -44.08 -14.95
C PHE C 229 -17.08 -45.08 -15.13
N LYS C 230 -17.55 -45.67 -14.03
CA LYS C 230 -18.69 -46.57 -14.10
C LYS C 230 -19.95 -45.79 -14.49
N GLN C 231 -20.14 -44.61 -13.91
CA GLN C 231 -21.29 -43.79 -14.27
C GLN C 231 -21.22 -43.34 -15.74
N ILE C 232 -20.04 -42.90 -16.18
CA ILE C 232 -19.84 -42.54 -17.57
C ILE C 232 -20.14 -43.74 -18.48
N GLU C 233 -19.70 -44.92 -18.07
CA GLU C 233 -19.95 -46.13 -18.84
C GLU C 233 -21.44 -46.47 -18.88
N GLU C 234 -22.12 -46.31 -17.75
CA GLU C 234 -23.56 -46.58 -17.64
C GLU C 234 -24.39 -45.72 -18.57
N GLN C 235 -23.91 -44.51 -18.85
CA GLN C 235 -24.63 -43.61 -19.73
C GLN C 235 -24.17 -43.71 -21.18
N ASN C 236 -23.33 -44.70 -21.47
CA ASN C 236 -22.87 -44.99 -22.83
C ASN C 236 -22.16 -43.81 -23.48
N ILE C 237 -21.44 -43.04 -22.67
CA ILE C 237 -20.75 -41.86 -23.15
C ILE C 237 -19.40 -42.24 -23.77
N LYS C 238 -19.04 -41.60 -24.88
CA LYS C 238 -17.76 -41.91 -25.52
C LYS C 238 -16.77 -40.75 -25.37
N VAL C 239 -17.27 -39.52 -25.45
CA VAL C 239 -16.40 -38.36 -25.41
C VAL C 239 -16.27 -37.86 -23.99
N ILE C 240 -15.03 -37.67 -23.53
CA ILE C 240 -14.79 -37.12 -22.21
C ILE C 240 -13.87 -35.93 -22.27
N VAL C 241 -14.44 -34.75 -22.07
CA VAL C 241 -13.65 -33.55 -21.95
C VAL C 241 -13.06 -33.49 -20.54
N VAL C 242 -11.77 -33.23 -20.44
CA VAL C 242 -11.13 -33.09 -19.13
C VAL C 242 -10.53 -31.71 -19.09
N PHE C 243 -11.17 -30.82 -18.35
CA PHE C 243 -10.80 -29.41 -18.25
C PHE C 243 -10.14 -29.15 -16.89
N ALA C 244 -8.82 -29.30 -16.79
CA ALA C 244 -8.20 -29.35 -15.46
C ALA C 244 -6.69 -29.16 -15.50
N PRO C 245 -6.11 -28.56 -14.44
CA PRO C 245 -4.65 -28.37 -14.41
C PRO C 245 -3.93 -29.71 -14.35
N LYS C 246 -2.61 -29.64 -14.52
CA LYS C 246 -1.71 -30.79 -14.52
C LYS C 246 -2.05 -31.87 -13.50
N VAL C 247 -2.12 -31.53 -12.20
CA VAL C 247 -2.26 -32.57 -11.16
C VAL C 247 -3.62 -33.25 -11.24
N TYR C 248 -4.66 -32.49 -11.63
CA TYR C 248 -5.99 -33.06 -11.75
C TYR C 248 -6.06 -33.98 -12.97
N ALA C 249 -5.52 -33.51 -14.09
CA ALA C 249 -5.65 -34.23 -15.34
C ALA C 249 -4.87 -35.54 -15.25
N GLU C 250 -3.71 -35.49 -14.60
CA GLU C 250 -2.91 -36.71 -14.41
C GLU C 250 -3.64 -37.72 -13.52
N ALA C 251 -4.35 -37.24 -12.52
CA ALA C 251 -5.05 -38.14 -11.62
C ALA C 251 -6.18 -38.83 -12.38
N VAL C 252 -6.86 -38.06 -13.21
CA VAL C 252 -7.95 -38.57 -14.06
C VAL C 252 -7.42 -39.63 -15.02
N VAL C 253 -6.38 -39.28 -15.78
CA VAL C 253 -5.87 -40.16 -16.82
C VAL C 253 -5.15 -41.38 -16.25
N GLU C 254 -4.37 -41.18 -15.19
CA GLU C 254 -3.67 -42.31 -14.59
C GLU C 254 -4.69 -43.29 -14.05
N SER C 255 -5.78 -42.78 -13.49
CA SER C 255 -6.85 -43.65 -13.01
C SER C 255 -7.50 -44.44 -14.16
N ALA C 256 -7.69 -43.77 -15.29
CA ALA C 256 -8.31 -44.44 -16.43
C ALA C 256 -7.44 -45.63 -16.87
N VAL C 257 -6.13 -45.43 -16.85
CA VAL C 257 -5.20 -46.50 -17.16
C VAL C 257 -5.26 -47.62 -16.13
N GLN C 258 -5.26 -47.24 -14.85
CA GLN C 258 -5.27 -48.22 -13.78
C GLN C 258 -6.61 -48.96 -13.68
N LEU C 259 -7.68 -48.37 -14.19
CA LEU C 259 -9.00 -48.97 -14.05
C LEU C 259 -9.50 -49.61 -15.35
N ASN C 260 -8.62 -49.70 -16.35
CA ASN C 260 -8.93 -50.32 -17.64
C ASN C 260 -10.07 -49.65 -18.39
N VAL C 261 -10.16 -48.32 -18.32
CA VAL C 261 -11.10 -47.60 -19.16
C VAL C 261 -10.60 -47.68 -20.59
N THR C 262 -11.49 -48.02 -21.52
CA THR C 262 -11.13 -48.15 -22.93
C THR C 262 -12.14 -47.46 -23.85
N ASN C 263 -11.72 -47.22 -25.09
CA ASN C 263 -12.62 -46.80 -26.18
C ASN C 263 -13.27 -45.45 -25.99
N LYS C 264 -12.60 -44.55 -25.28
CA LYS C 264 -13.09 -43.19 -25.09
C LYS C 264 -12.39 -42.24 -26.05
N VAL C 265 -13.03 -41.11 -26.29
CA VAL C 265 -12.37 -40.02 -26.97
C VAL C 265 -12.14 -38.94 -25.92
N TRP C 266 -10.89 -38.75 -25.54
CA TRP C 266 -10.51 -37.77 -24.52
C TRP C 266 -10.19 -36.40 -25.12
N ILE C 267 -10.75 -35.33 -24.57
CA ILE C 267 -10.42 -34.00 -25.05
C ILE C 267 -9.76 -33.16 -23.96
N ALA C 268 -8.52 -32.74 -24.23
CA ALA C 268 -7.71 -31.95 -23.30
C ALA C 268 -7.78 -30.44 -23.56
N ASP C 269 -7.87 -29.64 -22.51
CA ASP C 269 -7.68 -28.20 -22.65
C ASP C 269 -6.16 -27.93 -22.80
N ASP C 270 -5.75 -26.70 -23.06
CA ASP C 270 -4.33 -26.44 -23.34
C ASP C 270 -3.39 -26.57 -22.13
N GLY C 271 -3.95 -26.69 -20.94
CA GLY C 271 -3.11 -26.92 -19.76
C GLY C 271 -2.59 -28.34 -19.59
N TRP C 272 -3.07 -29.32 -20.37
CA TRP C 272 -2.44 -30.64 -20.34
C TRP C 272 -2.38 -31.37 -21.68
N SER C 273 -2.78 -30.72 -22.77
CA SER C 273 -2.66 -31.35 -24.09
C SER C 273 -1.18 -31.57 -24.41
N LEU C 274 -0.31 -30.75 -23.84
CA LEU C 274 1.14 -30.91 -24.01
C LEU C 274 1.81 -31.45 -22.76
N ASN C 275 1.01 -32.08 -21.89
CA ASN C 275 1.54 -32.79 -20.72
C ASN C 275 2.63 -33.77 -21.15
N LYS C 276 3.72 -33.85 -20.39
CA LYS C 276 4.87 -34.65 -20.83
C LYS C 276 4.97 -36.02 -20.17
N LYS C 277 4.21 -36.21 -19.08
CA LYS C 277 4.23 -37.49 -18.34
C LYS C 277 3.32 -38.54 -18.98
N LEU C 278 2.06 -38.14 -19.20
CA LEU C 278 1.02 -39.04 -19.67
C LEU C 278 1.25 -39.73 -21.01
N PRO C 279 1.70 -38.98 -22.06
CA PRO C 279 1.85 -39.63 -23.37
C PRO C 279 2.77 -40.86 -23.40
N SER C 280 3.77 -40.89 -22.53
CA SER C 280 4.71 -42.02 -22.57
C SER C 280 4.44 -43.03 -21.46
N MET C 281 3.48 -42.72 -20.59
CA MET C 281 3.12 -43.63 -19.51
C MET C 281 2.69 -45.01 -20.04
N ASN C 282 3.20 -46.08 -19.44
CA ASN C 282 2.82 -47.42 -19.87
C ASN C 282 1.32 -47.64 -19.70
N GLY C 283 0.67 -48.09 -20.76
CA GLY C 283 -0.75 -48.36 -20.73
C GLY C 283 -1.62 -47.28 -21.34
N ILE C 284 -1.02 -46.12 -21.66
CA ILE C 284 -1.78 -44.96 -22.14
C ILE C 284 -2.58 -45.25 -23.43
N GLN C 285 -2.07 -46.15 -24.26
CA GLN C 285 -2.70 -46.45 -25.54
C GLN C 285 -4.11 -47.02 -25.35
N ASN C 286 -4.30 -47.77 -24.27
CA ASN C 286 -5.51 -48.56 -24.11
C ASN C 286 -6.77 -47.77 -23.77
N ILE C 287 -6.61 -46.53 -23.29
CA ILE C 287 -7.77 -45.75 -22.87
C ILE C 287 -8.48 -45.08 -24.03
N GLY C 288 -7.91 -45.18 -25.22
CA GLY C 288 -8.54 -44.69 -26.43
C GLY C 288 -7.73 -43.66 -27.18
N THR C 289 -8.39 -42.58 -27.60
CA THR C 289 -7.73 -41.53 -28.38
C THR C 289 -7.75 -40.25 -27.59
N VAL C 290 -6.61 -39.55 -27.55
CA VAL C 290 -6.54 -38.26 -26.88
C VAL C 290 -6.38 -37.13 -27.91
N LEU C 291 -7.35 -36.22 -27.90
CA LEU C 291 -7.28 -35.01 -28.71
C LEU C 291 -7.15 -33.85 -27.74
N GLY C 292 -6.78 -32.68 -28.23
CA GLY C 292 -6.70 -31.54 -27.32
C GLY C 292 -6.60 -30.21 -28.02
N VAL C 293 -6.99 -29.16 -27.32
CA VAL C 293 -6.66 -27.79 -27.74
C VAL C 293 -5.27 -27.51 -27.14
N ALA C 294 -4.35 -26.95 -27.93
CA ALA C 294 -2.99 -26.70 -27.42
C ALA C 294 -2.46 -25.32 -27.82
N GLN C 295 -1.53 -24.78 -27.05
CA GLN C 295 -0.76 -23.64 -27.52
C GLN C 295 0.33 -24.16 -28.45
N PRO C 296 0.43 -23.63 -29.68
CA PRO C 296 1.58 -23.99 -30.50
C PRO C 296 2.89 -23.68 -29.77
N VAL C 297 3.93 -24.47 -30.03
CA VAL C 297 5.21 -24.23 -29.40
C VAL C 297 5.89 -22.98 -29.97
N VAL C 298 6.17 -22.01 -29.12
CA VAL C 298 6.84 -20.80 -29.58
C VAL C 298 8.30 -20.81 -29.12
N THR C 299 9.19 -20.81 -30.10
CA THR C 299 10.62 -20.82 -29.84
C THR C 299 11.08 -19.48 -29.28
N ILE C 300 11.68 -19.51 -28.10
CA ILE C 300 12.25 -18.30 -27.52
C ILE C 300 13.76 -18.39 -27.65
N PRO C 301 14.33 -17.74 -28.66
CA PRO C 301 15.77 -17.87 -28.93
C PRO C 301 16.62 -17.45 -27.73
N GLY C 302 17.63 -18.27 -27.43
CA GLY C 302 18.54 -18.02 -26.34
C GLY C 302 18.10 -18.63 -25.02
N PHE C 303 16.82 -18.97 -24.89
CA PHE C 303 16.34 -19.53 -23.63
C PHE C 303 17.06 -20.83 -23.28
N THR C 304 17.30 -21.68 -24.28
CA THR C 304 18.01 -22.93 -24.04
C THR C 304 19.39 -22.66 -23.44
N ASP C 305 20.12 -21.71 -24.03
CA ASP C 305 21.41 -21.31 -23.50
C ASP C 305 21.31 -20.80 -22.05
N PHE C 306 20.23 -20.06 -21.78
CA PHE C 306 19.99 -19.48 -20.46
C PHE C 306 19.81 -20.55 -19.38
N ILE C 307 19.02 -21.57 -19.69
CA ILE C 307 18.75 -22.66 -18.76
C ILE C 307 20.02 -23.43 -18.35
N TYR C 308 20.87 -23.78 -19.31
CA TYR C 308 22.15 -24.45 -18.97
C TYR C 308 22.94 -23.64 -17.97
N SER C 309 23.07 -22.33 -18.20
CA SER C 309 23.85 -21.48 -17.30
C SER C 309 23.20 -21.39 -15.92
N ALA C 310 21.88 -21.21 -15.91
CA ALA C 310 21.15 -21.04 -14.66
C ALA C 310 21.23 -22.28 -13.75
N ILE C 311 21.09 -23.46 -14.35
CA ILE C 311 21.07 -24.74 -13.64
C ILE C 311 22.44 -25.07 -13.04
N SER C 312 23.50 -24.65 -13.75
CA SER C 312 24.88 -24.79 -13.30
C SER C 312 25.20 -24.14 -11.95
N GLN C 313 24.50 -23.06 -11.62
CA GLN C 313 24.81 -22.28 -10.42
C GLN C 313 24.13 -22.87 -9.19
N MET C 323 16.70 -13.78 5.16
CA MET C 323 15.83 -14.56 4.29
C MET C 323 14.37 -14.10 4.36
N PHE C 324 13.72 -14.03 3.19
CA PHE C 324 12.28 -13.80 3.11
C PHE C 324 11.60 -15.09 2.64
N CYS C 325 10.32 -15.24 2.96
CA CYS C 325 9.59 -16.47 2.69
C CYS C 325 9.26 -16.65 1.22
N ASN C 326 9.12 -17.91 0.84
CA ASN C 326 8.71 -18.28 -0.51
C ASN C 326 9.71 -17.82 -1.57
N GLN C 327 10.98 -17.75 -1.19
CA GLN C 327 12.02 -17.40 -2.15
C GLN C 327 13.16 -18.41 -2.06
N LYS C 328 12.80 -19.68 -2.19
CA LYS C 328 13.73 -20.79 -2.02
C LYS C 328 13.30 -21.93 -2.96
N CYS C 329 14.22 -22.45 -3.76
CA CYS C 329 13.83 -23.45 -4.74
C CYS C 329 13.98 -24.91 -4.24
N ASN C 330 15.06 -25.18 -3.50
CA ASN C 330 15.39 -26.54 -3.06
C ASN C 330 15.29 -27.54 -4.22
N CYS C 331 15.90 -27.17 -5.34
CA CYS C 331 15.94 -28.06 -6.49
C CYS C 331 17.38 -28.09 -7.01
N SER C 332 18.30 -28.54 -6.16
CA SER C 332 19.72 -28.26 -6.35
C SER C 332 20.33 -28.86 -7.61
N ASN C 333 20.23 -30.17 -7.81
CA ASN C 333 20.82 -30.76 -9.01
C ASN C 333 19.74 -31.30 -9.95
N LEU C 334 19.18 -30.37 -10.72
CA LEU C 334 18.13 -30.67 -11.69
C LEU C 334 18.68 -31.19 -13.00
N SER C 335 18.01 -32.20 -13.57
CA SER C 335 18.28 -32.65 -14.91
C SER C 335 17.98 -31.49 -15.87
N VAL C 336 19.02 -30.92 -16.46
CA VAL C 336 18.86 -29.80 -17.39
C VAL C 336 17.98 -30.19 -18.57
N LYS C 337 18.20 -31.41 -19.06
CA LYS C 337 17.48 -31.97 -20.18
C LYS C 337 15.99 -32.03 -19.89
N SER C 338 15.62 -32.36 -18.66
CA SER C 338 14.20 -32.46 -18.31
C SER C 338 13.59 -31.08 -18.11
N LEU C 339 14.41 -30.09 -17.76
CA LEU C 339 13.88 -28.75 -17.65
C LEU C 339 13.60 -28.22 -19.06
N LEU C 340 14.51 -28.51 -19.99
CA LEU C 340 14.36 -28.07 -21.37
C LEU C 340 13.24 -28.79 -22.10
N ASN C 341 13.03 -30.07 -21.78
CA ASN C 341 12.00 -30.85 -22.45
C ASN C 341 10.62 -30.76 -21.76
N ALA C 342 10.53 -29.96 -20.70
CA ALA C 342 9.24 -29.85 -20.01
C ALA C 342 8.25 -29.05 -20.85
N ASP C 343 6.97 -29.28 -20.59
CA ASP C 343 5.85 -28.62 -21.26
C ASP C 343 6.14 -27.12 -21.46
N PRO C 344 6.24 -26.67 -22.72
CA PRO C 344 6.61 -25.27 -22.95
C PRO C 344 5.44 -24.32 -23.09
N SER C 345 4.23 -24.77 -22.78
CA SER C 345 3.06 -23.91 -22.82
C SER C 345 3.24 -22.73 -21.87
N PHE C 346 2.61 -21.61 -22.19
CA PHE C 346 2.68 -20.35 -21.42
C PHE C 346 4.07 -19.65 -21.47
N SER C 347 5.00 -20.17 -22.26
CA SER C 347 6.31 -19.55 -22.44
C SER C 347 6.20 -18.13 -23.03
N PHE C 348 5.62 -18.01 -24.21
CA PHE C 348 5.43 -16.69 -24.78
C PHE C 348 4.51 -15.79 -23.91
N PRO C 349 3.46 -16.34 -23.26
CA PRO C 349 2.72 -15.46 -22.32
C PRO C 349 3.56 -14.85 -21.19
N VAL C 350 4.46 -15.62 -20.58
CA VAL C 350 5.36 -15.05 -19.60
C VAL C 350 6.26 -14.00 -20.23
N TYR C 351 6.90 -14.38 -21.34
CA TYR C 351 7.84 -13.54 -22.08
C TYR C 351 7.19 -12.19 -22.45
N ALA C 352 6.00 -12.24 -23.03
CA ALA C 352 5.26 -11.04 -23.44
C ALA C 352 4.80 -10.19 -22.24
N ALA C 353 4.42 -10.85 -21.14
CA ALA C 353 4.01 -10.10 -19.95
C ALA C 353 5.17 -9.26 -19.39
N VAL C 354 6.37 -9.82 -19.33
CA VAL C 354 7.54 -9.04 -18.89
C VAL C 354 7.82 -7.89 -19.86
N TYR C 355 7.80 -8.19 -21.16
CA TYR C 355 8.10 -7.17 -22.18
C TYR C 355 7.05 -6.06 -22.23
N ALA C 356 5.78 -6.41 -21.98
CA ALA C 356 4.71 -5.41 -21.93
C ALA C 356 4.95 -4.37 -20.85
N ILE C 357 5.27 -4.83 -19.63
CA ILE C 357 5.59 -3.91 -18.55
C ILE C 357 6.83 -3.11 -18.88
N ALA C 358 7.80 -3.75 -19.53
CA ALA C 358 9.05 -3.07 -19.85
C ALA C 358 8.80 -1.94 -20.86
N HIS C 359 8.05 -2.24 -21.93
CA HIS C 359 7.70 -1.23 -22.92
C HIS C 359 6.90 -0.12 -22.23
N ALA C 360 6.00 -0.53 -21.34
CA ALA C 360 5.19 0.41 -20.59
C ALA C 360 6.06 1.37 -19.77
N LEU C 361 7.09 0.84 -19.12
CA LEU C 361 8.04 1.67 -18.39
C LEU C 361 8.83 2.59 -19.33
N HIS C 362 9.45 2.00 -20.35
CA HIS C 362 10.22 2.75 -21.36
C HIS C 362 9.42 3.93 -21.89
N ASN C 363 8.16 3.68 -22.22
CA ASN C 363 7.30 4.73 -22.74
C ASN C 363 6.94 5.77 -21.68
N THR C 364 6.67 5.31 -20.46
CA THR C 364 6.31 6.19 -19.35
C THR C 364 7.45 7.15 -19.01
N LEU C 365 8.69 6.67 -19.08
CA LEU C 365 9.85 7.54 -18.83
C LEU C 365 10.11 8.52 -19.96
N ARG C 366 9.51 8.24 -21.12
CA ARG C 366 9.79 8.93 -22.39
C ARG C 366 11.24 8.70 -22.84
N CYS C 367 11.67 7.43 -22.83
CA CYS C 367 13.00 7.05 -23.27
C CYS C 367 13.15 7.20 -24.77
N GLY C 368 14.36 7.51 -25.21
CA GLY C 368 14.69 7.48 -26.62
C GLY C 368 15.30 6.14 -26.99
N SER C 369 16.09 6.11 -28.05
CA SER C 369 16.71 4.85 -28.47
C SER C 369 18.03 4.61 -27.75
N ASP C 370 18.53 5.62 -27.04
CA ASP C 370 19.84 5.48 -26.41
C ASP C 370 19.98 6.09 -25.02
N ARG C 371 18.90 6.64 -24.47
CA ARG C 371 18.91 7.14 -23.08
C ARG C 371 17.50 7.44 -22.55
N CYS C 372 17.31 7.30 -21.24
CA CYS C 372 16.05 7.65 -20.58
C CYS C 372 16.22 8.80 -19.61
N PRO C 373 15.21 9.66 -19.49
CA PRO C 373 15.23 10.64 -18.40
C PRO C 373 15.44 9.95 -17.04
N LYS C 374 16.32 10.53 -16.22
CA LYS C 374 16.87 9.81 -15.08
C LYS C 374 16.22 10.12 -13.73
N ASN C 375 16.41 9.20 -12.78
CA ASN C 375 15.98 9.34 -11.38
C ASN C 375 14.55 9.85 -11.19
N ILE C 376 13.68 9.46 -12.12
CA ILE C 376 12.28 9.89 -12.14
C ILE C 376 11.37 8.91 -11.39
N THR C 377 10.35 9.46 -10.71
CA THR C 377 9.42 8.62 -9.96
C THR C 377 8.29 8.11 -10.85
N VAL C 378 8.16 6.78 -10.87
CA VAL C 378 7.14 6.14 -11.66
C VAL C 378 6.07 5.55 -10.76
N HIS C 379 4.84 6.03 -10.92
CA HIS C 379 3.73 5.48 -10.17
C HIS C 379 3.03 4.42 -11.00
N PRO C 380 2.72 3.27 -10.38
CA PRO C 380 2.14 2.09 -11.03
C PRO C 380 0.97 2.40 -11.99
N HIS C 381 0.16 3.41 -11.72
CA HIS C 381 -0.97 3.67 -12.62
C HIS C 381 -0.55 4.29 -13.97
N MET C 382 0.63 4.90 -14.01
CA MET C 382 1.16 5.40 -15.28
C MET C 382 1.54 4.21 -16.15
N ILE C 383 2.11 3.20 -15.51
CA ILE C 383 2.43 1.95 -16.18
C ILE C 383 1.17 1.31 -16.74
N LEU C 384 0.07 1.44 -16.00
CA LEU C 384 -1.19 0.85 -16.39
C LEU C 384 -1.73 1.44 -17.69
N GLU C 385 -1.71 2.77 -17.80
CA GLU C 385 -2.23 3.41 -19.00
C GLU C 385 -1.48 2.96 -20.25
N GLU C 386 -0.15 2.86 -20.15
CA GLU C 386 0.65 2.46 -21.30
C GLU C 386 0.47 0.98 -21.58
N LEU C 387 0.30 0.18 -20.52
CA LEU C 387 0.06 -1.24 -20.67
C LEU C 387 -1.16 -1.49 -21.55
N LYS C 388 -2.24 -0.79 -21.22
CA LYS C 388 -3.50 -0.91 -21.97
C LYS C 388 -3.37 -0.46 -23.44
N LYS C 389 -2.46 0.48 -23.69
CA LYS C 389 -2.16 0.97 -25.03
C LYS C 389 -1.06 0.16 -25.71
N SER C 390 -0.54 -0.88 -25.06
CA SER C 390 0.51 -1.72 -25.67
C SER C 390 0.34 -1.95 -27.16
N ASN C 391 1.40 -1.68 -27.90
CA ASN C 391 1.39 -1.86 -29.35
C ASN C 391 2.82 -2.06 -29.84
N PHE C 392 3.36 -3.26 -29.72
CA PHE C 392 4.74 -3.49 -30.14
C PHE C 392 4.93 -4.90 -30.68
N THR C 393 5.94 -5.08 -31.52
CA THR C 393 6.23 -6.40 -32.06
C THR C 393 7.21 -7.15 -31.18
N LEU C 394 7.10 -8.47 -31.19
CA LEU C 394 7.92 -9.35 -30.37
C LEU C 394 7.96 -10.73 -30.99
N LEU C 395 9.13 -11.14 -31.49
CA LEU C 395 9.26 -12.40 -32.21
C LEU C 395 8.14 -12.55 -33.26
N ASN C 396 7.92 -11.50 -34.04
CA ASN C 396 7.00 -11.52 -35.17
C ASN C 396 5.55 -11.68 -34.76
N GLN C 397 5.27 -11.43 -33.49
CA GLN C 397 3.90 -11.31 -33.04
C GLN C 397 3.69 -9.87 -32.62
N THR C 398 2.45 -9.43 -32.65
CA THR C 398 2.12 -8.08 -32.25
C THR C 398 1.41 -8.16 -30.91
N VAL C 399 2.01 -7.58 -29.89
CA VAL C 399 1.45 -7.62 -28.55
C VAL C 399 0.53 -6.43 -28.32
N GLN C 400 -0.75 -6.74 -28.13
CA GLN C 400 -1.79 -5.76 -27.86
C GLN C 400 -2.82 -6.41 -26.96
N PHE C 401 -3.62 -5.59 -26.31
CA PHE C 401 -4.68 -6.05 -25.42
C PHE C 401 -5.98 -5.42 -25.81
N ASP C 402 -7.10 -6.12 -25.66
CA ASP C 402 -8.36 -5.46 -25.98
C ASP C 402 -8.81 -4.63 -24.78
N GLU C 403 -10.02 -4.07 -24.84
CA GLU C 403 -10.48 -3.17 -23.77
C GLU C 403 -10.72 -3.91 -22.44
N ASN C 404 -10.82 -5.23 -22.49
CA ASN C 404 -10.95 -6.05 -21.29
C ASN C 404 -9.61 -6.50 -20.68
N GLY C 405 -8.50 -6.12 -21.31
CA GLY C 405 -7.21 -6.58 -20.85
C GLY C 405 -6.91 -8.00 -21.29
N ASP C 406 -7.67 -8.49 -22.25
CA ASP C 406 -7.41 -9.80 -22.83
C ASP C 406 -6.50 -9.61 -24.04
N PRO C 407 -5.69 -10.63 -24.39
CA PRO C 407 -4.68 -10.51 -25.44
C PRO C 407 -5.22 -10.66 -26.84
N LYS C 408 -4.67 -9.91 -27.78
CA LYS C 408 -5.02 -10.01 -29.18
C LYS C 408 -3.95 -10.77 -29.97
N PHE C 409 -3.28 -11.69 -29.30
CA PHE C 409 -2.20 -12.44 -29.93
C PHE C 409 -2.21 -13.87 -29.38
N GLY C 410 -1.50 -14.79 -30.02
CA GLY C 410 -1.46 -16.17 -29.56
C GLY C 410 -2.53 -17.03 -30.21
N SER C 411 -2.10 -18.10 -30.87
CA SER C 411 -3.02 -19.00 -31.58
C SER C 411 -3.39 -20.16 -30.72
N LEU C 412 -4.36 -20.94 -31.17
CA LEU C 412 -4.59 -22.26 -30.61
C LEU C 412 -4.62 -23.34 -31.69
N SER C 413 -3.98 -24.47 -31.40
CA SER C 413 -3.97 -25.62 -32.30
C SER C 413 -4.77 -26.78 -31.73
N VAL C 414 -5.12 -27.74 -32.59
CA VAL C 414 -5.62 -29.03 -32.17
C VAL C 414 -4.51 -30.07 -32.27
N VAL C 415 -4.36 -30.87 -31.22
CA VAL C 415 -3.39 -31.97 -31.26
C VAL C 415 -4.06 -33.34 -31.05
N PHE C 416 -3.38 -34.35 -31.57
CA PHE C 416 -3.71 -35.76 -31.38
C PHE C 416 -2.47 -36.43 -30.81
N TRP C 417 -2.61 -37.19 -29.73
CA TRP C 417 -1.47 -37.88 -29.12
C TRP C 417 -1.16 -39.13 -29.91
N ASN C 418 -0.08 -39.09 -30.69
CA ASN C 418 0.16 -40.17 -31.64
C ASN C 418 1.05 -41.24 -31.04
N SER C 419 1.32 -42.29 -31.82
CA SER C 419 1.84 -43.53 -31.27
C SER C 419 3.31 -43.46 -30.87
N SER C 420 4.00 -42.40 -31.26
CA SER C 420 5.38 -42.23 -30.83
C SER C 420 5.43 -41.28 -29.63
N GLY C 421 4.27 -40.96 -29.09
CA GLY C 421 4.18 -40.18 -27.87
C GLY C 421 4.23 -38.68 -28.07
N ASN C 422 3.94 -38.22 -29.28
CA ASN C 422 3.99 -36.79 -29.58
C ASN C 422 2.60 -36.19 -29.67
N ALA C 423 2.48 -34.92 -29.29
CA ALA C 423 1.23 -34.22 -29.44
C ALA C 423 1.18 -33.63 -30.85
N GLU C 424 0.66 -34.39 -31.80
CA GLU C 424 0.76 -33.99 -33.21
C GLU C 424 -0.32 -32.99 -33.64
N GLU C 425 0.10 -31.87 -34.20
CA GLU C 425 -0.86 -30.87 -34.65
C GLU C 425 -1.68 -31.44 -35.81
N VAL C 426 -3.01 -31.34 -35.69
CA VAL C 426 -3.90 -31.84 -36.72
C VAL C 426 -4.90 -30.78 -37.19
N GLY C 427 -4.82 -29.58 -36.60
CA GLY C 427 -5.70 -28.50 -37.00
C GLY C 427 -5.40 -27.18 -36.33
N SER C 428 -6.13 -26.14 -36.73
CA SER C 428 -5.90 -24.80 -36.22
C SER C 428 -7.22 -24.14 -35.87
N TYR C 429 -7.27 -23.54 -34.68
CA TYR C 429 -8.47 -22.82 -34.30
C TYR C 429 -8.38 -21.35 -34.71
N HIS C 430 -9.41 -20.86 -35.40
CA HIS C 430 -9.47 -19.45 -35.78
C HIS C 430 -10.52 -18.70 -34.97
N PHE C 431 -10.11 -17.60 -34.34
CA PHE C 431 -11.03 -16.73 -33.61
C PHE C 431 -11.93 -15.91 -34.56
N GLN C 432 -11.91 -16.24 -35.85
CA GLN C 432 -12.45 -15.36 -36.89
C GLN C 432 -13.25 -16.08 -37.96
N SER C 433 -12.55 -16.98 -38.68
CA SER C 433 -13.12 -17.79 -39.76
C SER C 433 -14.48 -18.38 -39.41
N SER C 434 -15.32 -18.61 -40.41
CA SER C 434 -16.67 -19.15 -40.17
C SER C 434 -16.68 -20.66 -40.00
N ILE C 435 -15.71 -21.37 -40.60
CA ILE C 435 -15.34 -22.67 -40.06
C ILE C 435 -14.29 -22.37 -39.02
N HIS C 436 -14.73 -22.19 -37.78
CA HIS C 436 -13.82 -21.82 -36.69
C HIS C 436 -12.69 -22.83 -36.56
N LEU C 437 -13.01 -24.09 -36.87
CA LEU C 437 -12.04 -25.16 -36.66
C LEU C 437 -12.11 -26.25 -37.72
N SER C 438 -10.96 -26.51 -38.33
CA SER C 438 -10.85 -27.61 -39.26
C SER C 438 -9.70 -28.51 -38.83
N ILE C 439 -9.90 -29.80 -39.00
CA ILE C 439 -9.04 -30.85 -38.45
C ILE C 439 -8.67 -31.82 -39.54
N ASN C 440 -7.41 -32.20 -39.60
CA ASN C 440 -7.02 -33.29 -40.47
C ASN C 440 -7.44 -34.61 -39.86
N LYS C 441 -8.56 -35.14 -40.31
CA LYS C 441 -9.10 -36.38 -39.78
C LYS C 441 -8.21 -37.57 -40.11
N THR C 442 -7.53 -37.50 -41.25
CA THR C 442 -6.72 -38.62 -41.73
C THR C 442 -5.59 -38.94 -40.76
N LYS C 443 -5.01 -37.90 -40.15
CA LYS C 443 -3.89 -38.03 -39.22
C LYS C 443 -4.26 -38.74 -37.92
N ILE C 444 -5.51 -38.60 -37.50
CA ILE C 444 -5.95 -39.18 -36.24
C ILE C 444 -6.22 -40.66 -36.39
N LYS C 445 -5.48 -41.47 -35.64
CA LYS C 445 -5.65 -42.92 -35.71
C LYS C 445 -6.27 -43.45 -34.42
N TRP C 446 -7.34 -44.23 -34.56
CA TRP C 446 -8.18 -44.59 -33.40
C TRP C 446 -7.85 -45.97 -32.84
N PRO D 2 -35.22 1.39 31.28
CA PRO D 2 -33.89 0.79 31.08
C PRO D 2 -32.75 1.79 31.29
N ASN D 3 -32.20 1.79 32.50
CA ASN D 3 -31.35 2.86 33.00
C ASN D 3 -30.11 3.17 32.16
N TRP D 4 -29.37 2.15 31.75
CA TRP D 4 -28.08 2.37 31.09
C TRP D 4 -28.18 3.13 29.77
N PHE D 5 -29.40 3.31 29.26
CA PHE D 5 -29.63 4.06 28.03
C PHE D 5 -29.08 5.47 28.10
N ASN D 6 -28.98 6.00 29.33
CA ASN D 6 -28.68 7.41 29.55
C ASN D 6 -27.19 7.80 29.46
N ASN D 7 -26.29 6.83 29.39
CA ASN D 7 -24.87 7.16 29.34
C ASN D 7 -24.28 6.66 28.02
N ILE D 8 -25.14 6.17 27.12
CA ILE D 8 -24.69 5.76 25.79
C ILE D 8 -24.12 6.96 25.04
N SER D 9 -23.15 6.73 24.16
CA SER D 9 -22.51 7.84 23.46
C SER D 9 -23.14 8.07 22.08
N THR D 10 -22.93 9.26 21.53
CA THR D 10 -23.54 9.65 20.26
C THR D 10 -22.69 9.33 19.01
N ASP D 11 -21.65 8.50 19.17
CA ASP D 11 -20.86 8.05 18.03
C ASP D 11 -21.48 6.80 17.43
N LEU D 12 -21.78 6.84 16.13
CA LEU D 12 -22.39 5.69 15.47
C LEU D 12 -21.35 4.67 15.01
N PHE D 13 -20.31 5.15 14.36
CA PHE D 13 -19.47 4.25 13.57
C PHE D 13 -18.07 4.03 14.11
N SER D 14 -17.73 4.74 15.17
CA SER D 14 -16.45 4.48 15.82
C SER D 14 -16.54 4.74 17.32
N MET D 15 -16.37 3.67 18.09
CA MET D 15 -16.32 3.80 19.54
C MET D 15 -14.97 3.39 20.07
N PRO D 16 -14.33 4.29 20.83
CA PRO D 16 -13.05 3.99 21.49
C PRO D 16 -13.21 2.78 22.39
N GLY D 17 -12.11 2.09 22.71
CA GLY D 17 -12.20 0.94 23.59
C GLY D 17 -10.88 0.23 23.75
N ASP D 18 -10.83 -0.71 24.68
CA ASP D 18 -9.62 -1.47 24.92
C ASP D 18 -9.39 -2.53 23.85
N ILE D 19 -10.42 -3.32 23.60
CA ILE D 19 -10.41 -4.34 22.57
C ILE D 19 -11.40 -3.91 21.49
N LYS D 20 -11.03 -4.03 20.22
CA LYS D 20 -11.86 -3.46 19.18
C LYS D 20 -12.30 -4.46 18.11
N LEU D 21 -13.54 -4.32 17.64
CA LEU D 21 -14.04 -5.08 16.52
C LEU D 21 -14.08 -4.23 15.25
N GLY D 22 -13.87 -4.86 14.11
CA GLY D 22 -14.01 -4.18 12.83
C GLY D 22 -15.40 -4.48 12.33
N GLY D 23 -16.04 -3.50 11.71
CA GLY D 23 -17.40 -3.65 11.22
C GLY D 23 -17.47 -3.31 9.74
N LEU D 24 -18.11 -4.18 8.96
CA LEU D 24 -18.28 -3.94 7.51
C LEU D 24 -19.75 -4.08 7.19
N PHE D 25 -20.38 -2.95 6.90
CA PHE D 25 -21.80 -2.94 6.55
C PHE D 25 -21.98 -2.22 5.20
N PRO D 26 -22.98 -2.66 4.41
CA PRO D 26 -23.40 -1.95 3.20
C PRO D 26 -24.24 -0.72 3.55
N ILE D 27 -23.61 0.42 3.78
CA ILE D 27 -24.36 1.57 4.28
C ILE D 27 -24.66 2.55 3.16
N LYS D 28 -23.73 2.70 2.22
CA LYS D 28 -24.01 3.50 1.04
C LYS D 28 -23.49 2.81 -0.21
N GLU D 29 -24.35 2.68 -1.21
CA GLU D 29 -24.06 1.87 -2.39
C GLU D 29 -24.15 2.72 -3.65
N GLN D 30 -23.84 2.12 -4.80
CA GLN D 30 -24.04 2.79 -6.08
C GLN D 30 -25.49 2.72 -6.54
N SER D 31 -25.87 3.59 -7.47
CA SER D 31 -27.14 3.42 -8.17
C SER D 31 -27.03 2.35 -9.25
N VAL D 44 -17.01 5.16 -9.45
CA VAL D 44 -17.62 4.46 -8.32
C VAL D 44 -18.11 5.42 -7.24
N SER D 45 -19.36 5.88 -7.38
CA SER D 45 -19.93 6.82 -6.43
C SER D 45 -20.94 6.16 -5.50
N CYS D 46 -20.57 5.98 -4.24
CA CYS D 46 -21.45 5.30 -3.30
C CYS D 46 -22.34 6.31 -2.58
N ASP D 47 -23.35 6.77 -3.31
CA ASP D 47 -24.11 7.94 -2.93
C ASP D 47 -25.56 7.59 -2.65
N SER D 48 -25.81 6.30 -2.43
CA SER D 48 -27.18 5.86 -2.20
C SER D 48 -27.33 5.12 -0.88
N LEU D 49 -28.17 5.66 -0.01
CA LEU D 49 -28.33 5.11 1.32
C LEU D 49 -29.01 3.77 1.24
N ASN D 50 -28.43 2.79 1.91
CA ASN D 50 -29.05 1.48 2.09
C ASN D 50 -29.61 1.42 3.52
N LYS D 51 -30.92 1.65 3.67
CA LYS D 51 -31.52 1.78 5.00
C LYS D 51 -31.37 0.54 5.90
N ASP D 52 -31.52 -0.64 5.31
CA ASP D 52 -31.32 -1.87 6.05
C ASP D 52 -29.87 -1.99 6.50
N GLY D 53 -28.97 -1.53 5.64
CA GLY D 53 -27.55 -1.58 5.93
C GLY D 53 -27.25 -0.71 7.13
N LEU D 54 -27.80 0.50 7.13
CA LEU D 54 -27.60 1.42 8.26
C LEU D 54 -28.23 0.84 9.51
N GLY D 55 -29.42 0.27 9.34
CA GLY D 55 -30.13 -0.34 10.44
C GLY D 55 -29.29 -1.42 11.12
N ARG D 56 -28.65 -2.25 10.32
CA ARG D 56 -27.84 -3.32 10.87
C ARG D 56 -26.66 -2.76 11.66
N ALA D 57 -26.09 -1.66 11.18
CA ALA D 57 -24.98 -0.99 11.88
C ALA D 57 -25.43 -0.43 13.22
N LEU D 58 -26.68 0.01 13.28
CA LEU D 58 -27.25 0.50 14.54
C LEU D 58 -27.47 -0.64 15.53
N VAL D 59 -27.72 -1.85 15.04
CA VAL D 59 -27.87 -2.99 15.94
C VAL D 59 -26.53 -3.30 16.59
N MET D 60 -25.46 -3.20 15.80
CA MET D 60 -24.13 -3.42 16.31
C MET D 60 -23.83 -2.45 17.43
N LYS D 61 -24.20 -1.18 17.21
CA LYS D 61 -23.97 -0.18 18.22
C LYS D 61 -24.76 -0.53 19.48
N TYR D 62 -26.01 -0.95 19.31
CA TYR D 62 -26.81 -1.34 20.45
C TYR D 62 -26.12 -2.47 21.22
N ALA D 63 -25.70 -3.52 20.53
CA ALA D 63 -25.06 -4.66 21.17
C ALA D 63 -23.79 -4.27 21.94
N VAL D 64 -22.94 -3.45 21.33
CA VAL D 64 -21.71 -3.05 21.96
C VAL D 64 -21.94 -2.17 23.20
N GLU D 65 -22.89 -1.24 23.11
CA GLU D 65 -23.20 -0.38 24.27
C GLU D 65 -23.76 -1.20 25.45
N GLU D 66 -24.58 -2.19 25.11
CA GLU D 66 -25.19 -3.07 26.09
C GLU D 66 -24.13 -3.91 26.77
N ILE D 67 -23.15 -4.37 26.00
CA ILE D 67 -22.11 -5.23 26.52
C ILE D 67 -21.27 -4.50 27.55
N ASN D 68 -20.85 -3.28 27.19
CA ASN D 68 -20.11 -2.42 28.11
C ASN D 68 -20.91 -2.02 29.36
N ALA D 69 -22.23 -1.99 29.25
CA ALA D 69 -23.09 -1.64 30.39
C ALA D 69 -23.28 -2.84 31.33
N ASN D 70 -23.18 -4.05 30.77
CA ASN D 70 -23.20 -5.26 31.56
C ASN D 70 -21.89 -5.38 32.34
N SER D 71 -21.95 -5.17 33.65
CA SER D 71 -20.75 -5.19 34.48
C SER D 71 -20.14 -6.59 34.60
N GLN D 72 -20.88 -7.61 34.19
CA GLN D 72 -20.45 -8.97 34.46
C GLN D 72 -19.93 -9.71 33.23
N LEU D 73 -20.04 -9.06 32.06
CA LEU D 73 -19.47 -9.58 30.83
C LEU D 73 -18.31 -8.68 30.44
N LEU D 74 -17.14 -9.27 30.20
CA LEU D 74 -15.90 -8.50 30.08
C LEU D 74 -15.82 -7.36 31.10
N PRO D 75 -15.84 -7.70 32.40
CA PRO D 75 -15.71 -6.66 33.43
C PRO D 75 -14.34 -5.96 33.40
N GLY D 76 -14.33 -4.63 33.47
CA GLY D 76 -13.08 -3.88 33.46
C GLY D 76 -12.41 -3.83 32.10
N VAL D 77 -13.14 -4.21 31.06
CA VAL D 77 -12.62 -4.16 29.69
C VAL D 77 -13.64 -3.52 28.77
N LYS D 78 -13.27 -2.39 28.18
CA LYS D 78 -14.18 -1.66 27.32
C LYS D 78 -14.04 -2.13 25.88
N LEU D 79 -15.15 -2.64 25.35
CA LEU D 79 -15.20 -3.09 23.97
C LEU D 79 -15.57 -1.93 23.06
N GLY D 80 -14.82 -1.77 21.97
CA GLY D 80 -15.03 -0.67 21.04
C GLY D 80 -14.99 -1.19 19.62
N TYR D 81 -15.11 -0.29 18.64
CA TYR D 81 -15.15 -0.74 17.25
C TYR D 81 -14.93 0.35 16.22
N LYS D 82 -14.61 -0.08 15.01
CA LYS D 82 -14.69 0.81 13.84
C LYS D 82 -15.53 0.16 12.75
N ILE D 83 -16.58 0.88 12.33
CA ILE D 83 -17.47 0.41 11.29
C ILE D 83 -17.22 1.20 10.00
N TYR D 84 -17.06 0.49 8.90
CA TYR D 84 -16.87 1.15 7.61
C TYR D 84 -17.92 0.68 6.63
N ASN D 85 -18.21 1.54 5.67
CA ASN D 85 -19.04 1.20 4.53
C ASN D 85 -18.33 0.20 3.62
N THR D 86 -19.07 -0.78 3.10
CA THR D 86 -18.51 -1.74 2.15
C THR D 86 -18.83 -1.33 0.71
N CYS D 87 -19.91 -0.55 0.58
CA CYS D 87 -20.50 -0.16 -0.70
C CYS D 87 -20.91 -1.37 -1.55
N ARG D 88 -20.79 -2.57 -1.00
CA ARG D 88 -20.91 -3.80 -1.80
C ARG D 88 -20.02 -3.72 -3.03
N HIS D 89 -18.84 -3.16 -2.85
CA HIS D 89 -17.88 -3.04 -3.95
C HIS D 89 -16.49 -3.51 -3.51
N SER D 90 -15.87 -4.37 -4.31
CA SER D 90 -14.55 -4.94 -3.98
C SER D 90 -13.49 -3.87 -3.68
N ALA D 91 -13.44 -2.85 -4.53
CA ALA D 91 -12.44 -1.80 -4.37
C ALA D 91 -12.63 -1.00 -3.07
N VAL D 92 -13.88 -0.89 -2.62
CA VAL D 92 -14.19 -0.09 -1.44
C VAL D 92 -13.93 -0.84 -0.13
N ILE D 93 -14.36 -2.11 -0.08
CA ILE D 93 -14.23 -2.91 1.14
C ILE D 93 -12.77 -3.27 1.49
N VAL D 94 -11.88 -3.30 0.49
CA VAL D 94 -10.50 -3.74 0.69
C VAL D 94 -9.75 -2.85 1.66
N ARG D 95 -9.91 -1.52 1.52
CA ARG D 95 -9.16 -0.61 2.39
C ARG D 95 -9.50 -0.76 3.90
N PRO D 96 -10.78 -0.73 4.28
CA PRO D 96 -11.02 -0.94 5.72
C PRO D 96 -10.60 -2.31 6.20
N ALA D 97 -10.68 -3.33 5.34
CA ALA D 97 -10.25 -4.65 5.77
C ALA D 97 -8.77 -4.61 6.12
N LEU D 98 -7.96 -4.02 5.24
CA LEU D 98 -6.53 -3.87 5.53
C LEU D 98 -6.31 -3.03 6.79
N SER D 99 -7.14 -2.00 6.99
CA SER D 99 -6.96 -1.11 8.12
C SER D 99 -7.14 -1.87 9.45
N PHE D 100 -7.96 -2.92 9.45
CA PHE D 100 -8.14 -3.79 10.62
C PHE D 100 -6.84 -4.55 10.97
N LEU D 101 -5.96 -4.69 9.98
CA LEU D 101 -4.75 -5.49 10.12
C LEU D 101 -3.50 -4.65 10.45
N THR D 102 -3.66 -3.33 10.52
CA THR D 102 -2.54 -2.50 10.93
C THR D 102 -2.14 -2.81 12.37
N GLU D 103 -0.88 -2.52 12.66
CA GLU D 103 -0.30 -2.76 13.97
C GLU D 103 -0.93 -1.79 14.94
N LYS D 104 -1.49 -2.33 16.02
CA LYS D 104 -2.34 -1.56 16.96
C LYS D 104 -1.71 -0.25 17.48
N SER D 105 -0.41 -0.25 17.70
CA SER D 105 0.24 0.94 18.25
C SER D 105 0.81 1.91 17.20
N ASN D 106 0.86 1.50 15.93
CA ASN D 106 1.52 2.33 14.89
C ASN D 106 0.57 2.84 13.82
N GLY D 107 -0.45 2.05 13.50
CA GLY D 107 -1.42 2.44 12.48
C GLY D 107 -0.97 2.09 11.07
N THR D 108 0.12 1.33 10.98
CA THR D 108 0.60 0.83 9.70
C THR D 108 0.62 -0.70 9.68
N LEU D 109 0.37 -1.25 8.50
CA LEU D 109 0.47 -2.69 8.28
C LEU D 109 1.92 -3.00 7.92
N SER D 110 2.54 -3.93 8.65
CA SER D 110 3.94 -4.24 8.35
C SER D 110 4.07 -5.54 7.56
N VAL D 111 5.11 -5.53 6.72
CA VAL D 111 5.42 -6.63 5.84
C VAL D 111 6.22 -7.68 6.60
N GLU D 112 5.60 -8.82 6.88
CA GLU D 112 6.28 -9.90 7.58
C GLU D 112 5.86 -11.26 7.04
N CYS D 113 6.72 -12.25 7.24
CA CYS D 113 6.41 -13.63 6.88
C CYS D 113 5.68 -14.38 8.01
N ASN D 114 5.79 -13.85 9.22
CA ASN D 114 5.26 -14.50 10.44
C ASN D 114 4.56 -13.47 11.31
N TYR D 115 3.24 -13.60 11.43
CA TYR D 115 2.45 -12.63 12.18
C TYR D 115 1.95 -13.19 13.53
N THR D 116 2.57 -14.27 14.00
CA THR D 116 2.12 -14.88 15.25
C THR D 116 2.17 -13.90 16.43
N ASP D 117 3.21 -13.05 16.44
CA ASP D 117 3.40 -12.03 17.48
C ASP D 117 2.97 -10.64 17.04
N TYR D 118 2.13 -10.57 16.02
CA TYR D 118 1.71 -9.30 15.48
C TYR D 118 0.38 -8.89 16.08
N GLU D 119 0.35 -7.75 16.78
CA GLU D 119 -0.91 -7.29 17.35
C GLU D 119 -1.63 -6.35 16.39
N THR D 120 -2.79 -6.80 15.91
CA THR D 120 -3.58 -6.02 14.95
C THR D 120 -4.51 -5.07 15.66
N ASP D 121 -4.86 -3.98 14.98
CA ASP D 121 -5.72 -2.98 15.57
C ASP D 121 -7.08 -3.54 15.98
N MET D 122 -7.65 -4.45 15.17
CA MET D 122 -8.88 -5.16 15.56
C MET D 122 -8.59 -6.61 15.88
N VAL D 123 -9.44 -7.19 16.72
CA VAL D 123 -9.26 -8.57 17.14
C VAL D 123 -10.17 -9.52 16.34
N ALA D 124 -11.27 -8.98 15.82
CA ALA D 124 -12.20 -9.77 15.01
C ALA D 124 -13.03 -8.84 14.16
N VAL D 125 -13.75 -9.42 13.20
CA VAL D 125 -14.55 -8.65 12.27
C VAL D 125 -16.03 -9.07 12.33
N ILE D 126 -16.91 -8.08 12.51
CA ILE D 126 -18.35 -8.25 12.31
C ILE D 126 -18.71 -7.84 10.87
N GLY D 127 -19.24 -8.77 10.08
CA GLY D 127 -19.51 -8.50 8.66
C GLY D 127 -18.56 -9.27 7.73
N PRO D 128 -18.64 -9.06 6.41
CA PRO D 128 -19.62 -8.22 5.72
C PRO D 128 -20.97 -8.91 5.62
N GLN D 129 -21.89 -8.30 4.89
CA GLN D 129 -23.24 -8.82 4.78
C GLN D 129 -23.39 -9.81 3.62
N SER D 130 -22.79 -9.50 2.47
CA SER D 130 -23.02 -10.33 1.30
C SER D 130 -21.92 -11.36 1.05
N SER D 131 -22.28 -12.44 0.36
CA SER D 131 -21.31 -13.47 0.04
C SER D 131 -20.28 -12.94 -0.95
N GLU D 132 -20.74 -12.13 -1.90
CA GLU D 132 -19.86 -11.50 -2.87
C GLU D 132 -18.75 -10.75 -2.13
N MET D 133 -19.11 -10.06 -1.05
CA MET D 133 -18.12 -9.30 -0.32
C MET D 133 -17.18 -10.22 0.48
N VAL D 134 -17.69 -11.34 0.98
CA VAL D 134 -16.84 -12.27 1.71
C VAL D 134 -15.74 -12.87 0.81
N THR D 135 -16.03 -13.05 -0.48
CA THR D 135 -15.02 -13.61 -1.39
C THR D 135 -13.90 -12.62 -1.68
N VAL D 136 -14.12 -11.34 -1.38
CA VAL D 136 -13.10 -10.32 -1.61
C VAL D 136 -12.03 -10.33 -0.51
N ILE D 137 -12.46 -10.47 0.75
CA ILE D 137 -11.53 -10.34 1.88
C ILE D 137 -11.39 -11.61 2.70
N GLY D 138 -12.13 -12.64 2.33
CA GLY D 138 -12.15 -13.86 3.13
C GLY D 138 -10.78 -14.51 3.28
N LYS D 139 -10.07 -14.63 2.18
CA LYS D 139 -8.74 -15.24 2.21
C LYS D 139 -7.73 -14.33 2.92
N LEU D 140 -7.85 -13.01 2.75
CA LEU D 140 -6.96 -12.07 3.41
C LEU D 140 -7.05 -12.17 4.93
N LEU D 141 -8.29 -12.08 5.42
CA LEU D 141 -8.53 -12.20 6.85
C LEU D 141 -8.22 -13.61 7.30
N GLY D 142 -8.50 -14.58 6.42
CA GLY D 142 -8.21 -15.98 6.71
C GLY D 142 -6.73 -16.22 7.04
N PHE D 143 -5.86 -15.66 6.21
CA PHE D 143 -4.40 -15.76 6.40
C PHE D 143 -3.98 -15.24 7.78
N PHE D 144 -4.55 -14.12 8.21
CA PHE D 144 -4.26 -13.61 9.56
C PHE D 144 -5.02 -14.37 10.64
N LEU D 145 -5.79 -15.37 10.23
CA LEU D 145 -6.68 -16.09 11.11
C LEU D 145 -7.50 -15.13 11.99
N MET D 146 -7.97 -14.04 11.38
CA MET D 146 -8.82 -13.09 12.10
C MET D 146 -10.26 -13.54 11.98
N PRO D 147 -10.90 -13.84 13.12
CA PRO D 147 -12.32 -14.23 13.07
C PRO D 147 -13.13 -13.16 12.36
N GLN D 148 -13.86 -13.58 11.33
CA GLN D 148 -14.90 -12.78 10.72
C GLN D 148 -16.21 -13.49 10.99
N ILE D 149 -17.16 -12.78 11.58
CA ILE D 149 -18.49 -13.35 11.74
C ILE D 149 -19.50 -12.54 10.94
N SER D 150 -20.03 -13.15 9.89
CA SER D 150 -20.97 -12.47 9.02
C SER D 150 -22.41 -12.69 9.50
N PHE D 151 -23.23 -11.67 9.33
CA PHE D 151 -24.59 -11.69 9.83
C PHE D 151 -25.56 -11.88 8.67
N GLY D 152 -25.04 -12.18 7.49
CA GLY D 152 -25.91 -12.36 6.34
C GLY D 152 -25.37 -13.13 5.15
N ALA D 153 -24.07 -13.44 5.13
CA ALA D 153 -23.51 -14.10 3.95
C ALA D 153 -23.73 -15.60 4.01
N THR D 154 -24.58 -16.11 3.13
CA THR D 154 -25.09 -17.47 3.27
C THR D 154 -24.59 -18.50 2.25
N SER D 155 -23.66 -18.12 1.39
CA SER D 155 -23.19 -19.05 0.36
C SER D 155 -22.49 -20.26 0.97
N ASP D 156 -22.79 -21.47 0.48
CA ASP D 156 -22.16 -22.65 1.07
C ASP D 156 -20.65 -22.69 0.85
N LYS D 157 -20.15 -21.84 -0.04
CA LYS D 157 -18.71 -21.78 -0.36
C LYS D 157 -17.83 -21.59 0.90
N PHE D 158 -18.34 -20.87 1.89
CA PHE D 158 -17.52 -20.54 3.05
C PHE D 158 -17.64 -21.62 4.15
N SER D 159 -18.32 -22.72 3.85
CA SER D 159 -18.49 -23.84 4.78
C SER D 159 -17.31 -24.79 4.81
N ASP D 160 -16.17 -24.33 4.34
CA ASP D 160 -14.98 -25.16 4.21
C ASP D 160 -13.82 -24.36 4.76
N SER D 161 -13.37 -24.72 5.97
CA SER D 161 -12.29 -24.01 6.63
C SER D 161 -10.92 -24.16 5.95
N LEU D 162 -10.80 -25.14 5.05
CA LEU D 162 -9.60 -25.29 4.23
C LEU D 162 -9.46 -24.11 3.27
N VAL D 163 -10.58 -23.51 2.90
CA VAL D 163 -10.59 -22.37 1.99
C VAL D 163 -10.87 -21.07 2.74
N TYR D 164 -11.80 -21.12 3.71
CA TYR D 164 -12.14 -19.96 4.53
C TYR D 164 -11.86 -20.23 6.01
N PRO D 165 -10.58 -20.10 6.39
CA PRO D 165 -9.97 -20.51 7.66
C PRO D 165 -10.58 -19.88 8.92
N SER D 166 -11.07 -18.65 8.81
CA SER D 166 -11.52 -17.93 9.98
C SER D 166 -12.98 -17.48 9.85
N PHE D 167 -13.72 -18.10 8.95
CA PHE D 167 -15.10 -17.66 8.72
C PHE D 167 -16.15 -18.26 9.66
N PHE D 168 -17.05 -17.41 10.13
CA PHE D 168 -18.23 -17.84 10.85
C PHE D 168 -19.45 -17.07 10.33
N ARG D 169 -20.63 -17.62 10.54
CA ARG D 169 -21.84 -16.83 10.29
C ARG D 169 -22.92 -17.16 11.29
N THR D 170 -23.80 -16.19 11.52
CA THR D 170 -24.93 -16.36 12.44
C THR D 170 -26.23 -16.67 11.69
N VAL D 171 -26.11 -16.92 10.38
CA VAL D 171 -27.24 -17.38 9.58
C VAL D 171 -26.85 -18.67 8.87
N PRO D 172 -27.82 -19.57 8.62
CA PRO D 172 -27.44 -20.89 8.12
C PRO D 172 -26.89 -20.84 6.70
N SER D 173 -26.16 -21.87 6.29
CA SER D 173 -25.72 -21.96 4.91
C SER D 173 -26.92 -22.28 4.03
N ASP D 174 -26.90 -21.74 2.81
CA ASP D 174 -27.99 -21.95 1.87
C ASP D 174 -28.17 -23.41 1.46
N ILE D 175 -27.19 -24.25 1.76
CA ILE D 175 -27.34 -25.67 1.46
C ILE D 175 -28.52 -26.23 2.27
N ARG D 176 -28.82 -25.59 3.40
CA ARG D 176 -29.96 -26.01 4.21
C ARG D 176 -31.25 -25.34 3.71
N GLN D 177 -31.14 -24.10 3.23
CA GLN D 177 -32.30 -23.41 2.65
C GLN D 177 -32.85 -24.13 1.42
N VAL D 178 -31.97 -24.53 0.51
CA VAL D 178 -32.43 -25.22 -0.68
C VAL D 178 -32.98 -26.59 -0.31
N ASP D 179 -32.44 -27.18 0.76
CA ASP D 179 -32.99 -28.43 1.30
C ASP D 179 -34.47 -28.22 1.63
N ALA D 180 -34.72 -27.31 2.56
CA ALA D 180 -36.06 -26.88 2.94
C ALA D 180 -36.94 -26.64 1.72
N MET D 181 -36.43 -25.84 0.80
CA MET D 181 -37.14 -25.54 -0.44
C MET D 181 -37.54 -26.79 -1.24
N VAL D 182 -36.60 -27.73 -1.39
CA VAL D 182 -36.88 -28.94 -2.15
C VAL D 182 -37.94 -29.82 -1.45
N GLN D 183 -37.85 -29.95 -0.13
CA GLN D 183 -38.84 -30.77 0.57
C GLN D 183 -40.23 -30.12 0.49
N LEU D 184 -40.28 -28.79 0.56
CA LEU D 184 -41.56 -28.09 0.49
C LEU D 184 -42.22 -28.29 -0.86
N ILE D 185 -41.45 -28.17 -1.94
CA ILE D 185 -42.03 -28.30 -3.27
C ILE D 185 -42.48 -29.75 -3.48
N LYS D 186 -41.73 -30.69 -2.92
CA LYS D 186 -42.04 -32.10 -3.10
C LYS D 186 -43.21 -32.50 -2.19
N LYS D 187 -43.33 -31.81 -1.07
CA LYS D 187 -44.45 -32.02 -0.16
C LYS D 187 -45.78 -31.67 -0.83
N PHE D 188 -45.74 -30.76 -1.80
CA PHE D 188 -46.93 -30.37 -2.56
C PHE D 188 -46.95 -31.05 -3.93
N VAL D 195 -35.62 -22.11 -12.18
CA VAL D 195 -34.97 -21.30 -11.16
C VAL D 195 -34.30 -20.06 -11.75
N VAL D 196 -34.31 -18.98 -10.97
CA VAL D 196 -33.74 -17.71 -11.40
C VAL D 196 -32.86 -17.15 -10.30
N GLY D 197 -31.58 -16.95 -10.59
CA GLY D 197 -30.68 -16.36 -9.63
C GLY D 197 -30.10 -15.05 -10.12
N SER D 198 -29.62 -14.23 -9.19
CA SER D 198 -28.88 -13.03 -9.55
C SER D 198 -27.43 -13.42 -9.91
N GLU D 199 -26.81 -12.68 -10.83
CA GLU D 199 -25.48 -13.05 -11.34
C GLU D 199 -24.36 -12.52 -10.42
N GLU D 200 -24.20 -13.23 -9.30
CA GLU D 200 -23.13 -12.98 -8.33
CA GLU D 200 -23.09 -13.02 -8.38
C GLU D 200 -23.10 -14.18 -7.39
N GLU D 201 -22.06 -14.27 -6.56
CA GLU D 201 -21.86 -15.40 -5.64
C GLU D 201 -23.13 -16.01 -5.04
N TYR D 202 -23.90 -15.21 -4.30
CA TYR D 202 -25.13 -15.68 -3.66
C TYR D 202 -26.08 -16.35 -4.64
N GLY D 203 -26.43 -15.63 -5.70
CA GLY D 203 -27.39 -16.11 -6.68
C GLY D 203 -26.94 -17.36 -7.41
N GLN D 204 -25.74 -17.33 -7.96
CA GLN D 204 -25.25 -18.47 -8.73
C GLN D 204 -25.12 -19.72 -7.86
N GLN D 205 -24.55 -19.57 -6.66
CA GLN D 205 -24.44 -20.70 -5.74
C GLN D 205 -25.81 -21.21 -5.30
N GLY D 206 -26.76 -20.28 -5.11
CA GLY D 206 -28.11 -20.66 -4.75
C GLY D 206 -28.82 -21.50 -5.80
N VAL D 207 -28.69 -21.12 -7.06
CA VAL D 207 -29.29 -21.86 -8.16
C VAL D 207 -28.71 -23.26 -8.28
N GLN D 208 -27.38 -23.36 -8.21
CA GLN D 208 -26.70 -24.64 -8.42
C GLN D 208 -26.94 -25.63 -7.29
N GLN D 209 -26.92 -25.15 -6.04
CA GLN D 209 -27.21 -26.01 -4.90
C GLN D 209 -28.64 -26.52 -4.98
N PHE D 210 -29.56 -25.66 -5.41
CA PHE D 210 -30.97 -26.05 -5.55
C PHE D 210 -31.16 -27.02 -6.71
N SER D 211 -30.59 -26.68 -7.86
CA SER D 211 -30.65 -27.54 -9.05
C SER D 211 -30.08 -28.91 -8.73
N LYS D 212 -29.04 -28.90 -7.90
CA LYS D 212 -28.54 -30.11 -7.26
C LYS D 212 -29.68 -30.76 -6.46
N LYS D 213 -29.77 -30.46 -5.17
CA LYS D 213 -30.70 -31.10 -4.22
C LYS D 213 -32.07 -31.52 -4.80
N ALA D 214 -32.58 -30.75 -5.76
CA ALA D 214 -33.85 -31.06 -6.40
C ALA D 214 -33.84 -32.37 -7.18
N GLU D 215 -32.65 -32.81 -7.62
CA GLU D 215 -32.52 -34.04 -8.41
C GLU D 215 -33.16 -35.24 -7.71
N ASP D 216 -32.94 -35.34 -6.42
CA ASP D 216 -33.37 -36.51 -5.66
C ASP D 216 -34.57 -36.18 -4.79
N ALA D 222 -36.05 -27.42 -14.39
CA ALA D 222 -36.71 -27.27 -15.69
C ALA D 222 -35.97 -26.29 -16.59
N TYR D 223 -35.49 -25.20 -15.99
CA TYR D 223 -34.70 -24.18 -16.69
C TYR D 223 -33.97 -23.35 -15.65
N GLN D 224 -32.81 -22.80 -16.02
CA GLN D 224 -32.02 -21.97 -15.11
C GLN D 224 -31.76 -20.58 -15.70
N GLY D 225 -32.03 -19.54 -14.93
CA GLY D 225 -31.85 -18.17 -15.40
C GLY D 225 -30.90 -17.35 -14.54
N LEU D 226 -30.28 -16.33 -15.13
CA LEU D 226 -29.31 -15.53 -14.41
C LEU D 226 -29.40 -14.03 -14.71
N ILE D 227 -29.85 -13.28 -13.72
CA ILE D 227 -30.03 -11.82 -13.80
C ILE D 227 -28.75 -11.04 -13.48
N PRO D 228 -28.14 -10.40 -14.49
CA PRO D 228 -26.90 -9.67 -14.25
C PRO D 228 -27.05 -8.45 -13.33
N ILE D 229 -25.92 -7.94 -12.87
CA ILE D 229 -25.84 -6.64 -12.21
C ILE D 229 -24.72 -5.81 -12.84
N ASP D 232 -26.82 -3.87 -17.50
CA ASP D 232 -28.28 -3.72 -17.48
C ASP D 232 -28.98 -5.05 -17.68
N PRO D 233 -29.86 -5.43 -16.74
CA PRO D 233 -30.51 -6.75 -16.65
C PRO D 233 -31.70 -6.98 -17.59
N LYS D 234 -32.31 -5.92 -18.13
CA LYS D 234 -33.58 -6.03 -18.89
C LYS D 234 -33.59 -7.11 -19.99
N PRO D 235 -32.57 -7.13 -20.89
CA PRO D 235 -32.65 -8.14 -21.95
C PRO D 235 -32.50 -9.57 -21.42
N ALA D 236 -31.70 -9.74 -20.37
CA ALA D 236 -31.50 -11.04 -19.77
C ALA D 236 -32.73 -11.42 -18.96
N ILE D 237 -33.35 -10.42 -18.35
CA ILE D 237 -34.54 -10.65 -17.53
C ILE D 237 -35.70 -11.17 -18.39
N GLN D 238 -35.78 -10.73 -19.65
CA GLN D 238 -36.89 -11.09 -20.52
C GLN D 238 -36.58 -12.34 -21.34
N THR D 239 -35.31 -12.72 -21.42
CA THR D 239 -34.96 -14.04 -21.91
C THR D 239 -35.40 -15.00 -20.84
N ILE D 240 -35.04 -14.63 -19.61
CA ILE D 240 -35.56 -15.29 -18.42
C ILE D 240 -37.03 -15.26 -18.53
N ILE D 241 -37.63 -14.07 -18.65
CA ILE D 241 -39.12 -14.04 -18.85
C ILE D 241 -39.56 -14.39 -20.31
N ASN D 242 -38.95 -15.39 -20.91
CA ASN D 242 -39.51 -15.97 -22.10
C ASN D 242 -39.53 -17.50 -22.03
N ASN D 243 -38.59 -18.04 -21.28
CA ASN D 243 -38.52 -19.46 -21.06
C ASN D 243 -39.54 -19.84 -20.00
N ILE D 244 -40.23 -18.83 -19.45
CA ILE D 244 -41.39 -19.00 -18.55
C ILE D 244 -42.58 -19.76 -19.11
N GLN D 245 -42.94 -19.46 -20.35
CA GLN D 245 -44.22 -19.87 -20.88
C GLN D 245 -44.04 -21.14 -21.70
N THR D 246 -42.85 -21.25 -22.28
CA THR D 246 -42.48 -22.42 -23.05
C THR D 246 -42.30 -23.59 -22.10
N THR D 247 -41.78 -23.34 -20.90
CA THR D 247 -41.87 -24.31 -19.80
C THR D 247 -43.31 -24.40 -19.29
N GLU D 248 -44.02 -23.27 -19.38
CA GLU D 248 -45.20 -22.95 -18.56
C GLU D 248 -45.16 -23.66 -17.21
N VAL D 249 -43.97 -23.61 -16.59
CA VAL D 249 -43.80 -23.95 -15.18
C VAL D 249 -44.61 -22.95 -14.38
N LYS D 250 -45.21 -23.38 -13.27
CA LYS D 250 -45.87 -22.43 -12.39
C LYS D 250 -45.48 -22.59 -10.92
N VAL D 251 -44.34 -23.25 -10.68
CA VAL D 251 -43.60 -23.08 -9.43
C VAL D 251 -42.22 -22.58 -9.79
N VAL D 252 -41.96 -21.35 -9.40
CA VAL D 252 -40.77 -20.64 -9.80
C VAL D 252 -39.93 -20.28 -8.56
N VAL D 253 -38.63 -20.52 -8.64
CA VAL D 253 -37.76 -20.29 -7.50
C VAL D 253 -36.84 -19.13 -7.79
N VAL D 254 -37.11 -18.00 -7.14
CA VAL D 254 -36.26 -16.84 -7.30
C VAL D 254 -35.29 -16.74 -6.14
N PHE D 255 -34.11 -17.28 -6.35
CA PHE D 255 -33.01 -17.17 -5.41
C PHE D 255 -32.09 -16.02 -5.80
N SER D 256 -32.47 -14.80 -5.44
CA SER D 256 -31.81 -13.61 -5.96
C SER D 256 -31.63 -12.52 -4.91
N LEU D 257 -30.70 -11.60 -5.15
CA LEU D 257 -30.58 -10.39 -4.34
C LEU D 257 -31.78 -9.48 -4.62
N VAL D 258 -31.94 -8.44 -3.81
CA VAL D 258 -33.16 -7.64 -3.83
C VAL D 258 -33.32 -6.81 -5.10
N SER D 259 -32.27 -6.11 -5.54
CA SER D 259 -32.37 -5.28 -6.75
C SER D 259 -32.59 -6.09 -8.03
N PRO D 260 -31.81 -7.15 -8.27
CA PRO D 260 -32.15 -7.95 -9.45
C PRO D 260 -33.48 -8.68 -9.32
N ALA D 261 -34.02 -8.76 -8.12
CA ALA D 261 -35.34 -9.37 -7.93
C ALA D 261 -36.45 -8.39 -8.36
N VAL D 262 -36.29 -7.12 -8.00
CA VAL D 262 -37.29 -6.11 -8.33
C VAL D 262 -37.31 -5.86 -9.83
N SER D 263 -36.16 -6.04 -10.50
CA SER D 263 -36.10 -5.89 -11.95
C SER D 263 -36.76 -7.09 -12.63
N PHE D 264 -36.61 -8.26 -12.03
CA PHE D 264 -37.27 -9.46 -12.51
C PHE D 264 -38.79 -9.35 -12.34
N PHE D 265 -39.22 -8.88 -11.17
CA PHE D 265 -40.63 -8.78 -10.86
C PHE D 265 -41.27 -7.55 -11.46
N GLU D 266 -40.47 -6.59 -11.90
CA GLU D 266 -41.03 -5.46 -12.62
C GLU D 266 -41.64 -5.97 -13.92
N GLU D 267 -40.92 -6.87 -14.59
CA GLU D 267 -41.34 -7.32 -15.90
C GLU D 267 -42.47 -8.36 -15.84
N VAL D 268 -42.75 -8.90 -14.65
CA VAL D 268 -43.84 -9.87 -14.52
C VAL D 268 -45.19 -9.15 -14.70
N ILE D 269 -46.00 -9.65 -15.62
CA ILE D 269 -47.15 -8.93 -16.10
C ILE D 269 -48.43 -9.74 -15.98
N TRP D 277 -44.41 -19.08 -6.35
CA TRP D 277 -43.17 -18.31 -6.25
C TRP D 277 -42.52 -18.53 -4.89
N ILE D 278 -41.34 -19.15 -4.92
CA ILE D 278 -40.58 -19.49 -3.72
C ILE D 278 -39.48 -18.46 -3.46
N ALA D 279 -39.55 -17.79 -2.32
CA ALA D 279 -38.65 -16.70 -2.02
C ALA D 279 -37.47 -17.14 -1.18
N SER D 280 -36.28 -16.82 -1.68
CA SER D 280 -35.08 -16.93 -0.87
C SER D 280 -35.10 -15.84 0.20
N SER D 281 -34.29 -16.02 1.24
CA SER D 281 -34.25 -15.09 2.36
C SER D 281 -33.93 -13.64 1.96
N SER D 282 -33.13 -13.48 0.91
CA SER D 282 -32.71 -12.16 0.47
C SER D 282 -33.85 -11.22 0.08
N TRP D 283 -34.98 -11.76 -0.40
CA TRP D 283 -36.09 -10.89 -0.79
C TRP D 283 -37.44 -11.30 -0.20
N ALA D 284 -37.46 -12.44 0.50
CA ALA D 284 -38.69 -12.97 1.09
C ALA D 284 -39.45 -11.95 1.94
N ILE D 285 -38.76 -10.94 2.45
CA ILE D 285 -39.42 -9.87 3.19
C ILE D 285 -38.95 -8.49 2.73
N SER D 286 -38.60 -8.40 1.45
CA SER D 286 -38.23 -7.11 0.91
C SER D 286 -39.47 -6.34 0.53
N ASP D 287 -39.66 -5.18 1.15
CA ASP D 287 -40.79 -4.32 0.82
C ASP D 287 -40.66 -3.81 -0.62
N LYS D 288 -39.45 -3.49 -1.05
CA LYS D 288 -39.25 -2.98 -2.40
C LYS D 288 -39.67 -4.00 -3.46
N VAL D 289 -39.85 -5.26 -3.05
CA VAL D 289 -40.55 -6.21 -3.90
C VAL D 289 -42.06 -6.20 -3.61
N TYR D 290 -42.42 -6.04 -2.34
CA TYR D 290 -43.84 -6.05 -1.95
C TYR D 290 -44.46 -4.65 -1.99
N SER D 291 -43.69 -3.68 -2.47
CA SER D 291 -44.20 -2.33 -2.66
C SER D 291 -44.41 -2.07 -4.16
N LEU D 292 -44.27 -3.14 -4.95
CA LEU D 292 -44.44 -3.11 -6.40
C LEU D 292 -45.90 -2.77 -6.77
N PRO D 293 -46.26 -2.73 -8.08
CA PRO D 293 -47.60 -2.17 -8.29
C PRO D 293 -48.74 -3.13 -7.99
N SER D 297 -50.94 -9.03 -7.37
CA SER D 297 -50.57 -9.05 -8.79
C SER D 297 -50.27 -10.45 -9.27
N ILE D 298 -49.46 -11.16 -8.48
CA ILE D 298 -48.59 -12.21 -9.00
C ILE D 298 -49.03 -13.65 -8.68
N GLY D 299 -49.92 -13.81 -7.71
CA GLY D 299 -50.29 -15.13 -7.25
C GLY D 299 -49.81 -15.35 -5.83
N THR D 300 -49.10 -16.46 -5.59
CA THR D 300 -48.76 -16.83 -4.21
C THR D 300 -47.25 -16.93 -3.98
N VAL D 301 -46.76 -16.09 -3.07
CA VAL D 301 -45.35 -16.08 -2.74
C VAL D 301 -45.09 -16.73 -1.40
N ILE D 302 -44.47 -17.91 -1.42
CA ILE D 302 -44.04 -18.58 -0.20
C ILE D 302 -42.58 -18.24 0.02
N GLY D 303 -42.18 -18.09 1.29
CA GLY D 303 -40.82 -17.67 1.58
C GLY D 303 -40.16 -18.34 2.77
N PHE D 304 -38.83 -18.32 2.75
CA PHE D 304 -37.99 -18.81 3.84
C PHE D 304 -37.13 -17.69 4.39
N ILE D 305 -37.24 -17.40 5.69
CA ILE D 305 -36.33 -16.45 6.30
C ILE D 305 -35.65 -17.11 7.50
N ASP D 306 -34.58 -16.50 8.00
CA ASP D 306 -33.90 -17.04 9.18
C ASP D 306 -34.81 -17.03 10.40
N GLU D 307 -34.85 -18.15 11.11
CA GLU D 307 -35.55 -18.21 12.38
C GLU D 307 -34.77 -17.36 13.39
N THR D 308 -35.39 -16.29 13.88
CA THR D 308 -34.71 -15.32 14.75
C THR D 308 -35.59 -14.78 15.86
N GLU D 309 -34.94 -14.33 16.94
CA GLU D 309 -35.62 -13.62 18.01
C GLU D 309 -35.84 -12.16 17.66
N THR D 310 -36.83 -11.56 18.30
CA THR D 310 -37.02 -10.12 18.28
C THR D 310 -36.25 -9.42 19.42
N LEU D 311 -35.43 -8.42 19.06
CA LEU D 311 -34.72 -7.59 20.03
C LEU D 311 -35.64 -6.51 20.60
N GLU D 312 -36.24 -6.77 21.74
CA GLU D 312 -37.24 -5.90 22.34
C GLU D 312 -36.70 -4.52 22.67
N LEU D 313 -35.38 -4.41 22.86
CA LEU D 313 -34.78 -3.14 23.26
C LEU D 313 -34.30 -2.28 22.09
N LEU D 314 -34.23 -2.87 20.89
CA LEU D 314 -33.58 -2.18 19.75
C LEU D 314 -34.18 -0.82 19.44
N SER D 315 -35.51 -0.77 19.36
CA SER D 315 -36.21 0.45 19.05
C SER D 315 -36.10 1.48 20.17
N PRO D 316 -36.47 1.10 21.43
CA PRO D 316 -36.31 2.09 22.51
C PRO D 316 -34.87 2.58 22.68
N PHE D 317 -33.89 1.70 22.49
CA PHE D 317 -32.48 2.10 22.49
C PHE D 317 -32.24 3.17 21.43
N THR D 318 -32.82 2.97 20.25
CA THR D 318 -32.57 3.86 19.14
C THR D 318 -33.28 5.22 19.33
N GLU D 319 -34.48 5.19 19.87
CA GLU D 319 -35.21 6.43 20.17
C GLU D 319 -34.37 7.34 21.05
N VAL D 320 -33.73 6.77 22.07
CA VAL D 320 -32.85 7.52 22.96
C VAL D 320 -31.58 7.98 22.25
N LEU D 321 -30.93 7.10 21.51
CA LEU D 321 -29.73 7.47 20.76
C LEU D 321 -30.00 8.64 19.80
N PHE D 322 -31.07 8.55 19.02
CA PHE D 322 -31.35 9.56 18.01
C PHE D 322 -31.72 10.88 18.67
N LYS D 323 -32.37 10.81 19.82
CA LYS D 323 -32.68 12.01 20.56
C LYS D 323 -31.39 12.68 21.04
N LYS D 324 -30.50 11.88 21.60
CA LYS D 324 -29.21 12.38 22.09
C LYS D 324 -28.41 13.02 20.96
N ILE D 325 -28.35 12.34 19.82
CA ILE D 325 -27.66 12.85 18.63
C ILE D 325 -28.18 14.22 18.24
N HIS D 326 -29.49 14.33 18.11
CA HIS D 326 -30.14 15.56 17.68
C HIS D 326 -29.82 16.74 18.60
N GLU D 327 -29.51 16.43 19.86
CA GLU D 327 -29.32 17.47 20.88
C GLU D 327 -27.89 18.02 21.02
N ALA D 328 -26.95 17.55 20.20
CA ALA D 328 -25.53 17.91 20.36
C ALA D 328 -25.00 18.99 19.41
N SER D 329 -25.04 18.72 18.10
CA SER D 329 -24.51 19.67 17.11
C SER D 329 -25.19 19.53 15.75
N TYR D 338 -13.40 11.15 8.53
CA TYR D 338 -14.04 10.56 7.37
C TYR D 338 -15.09 9.53 7.79
N ASN D 339 -16.17 9.42 7.01
CA ASN D 339 -17.41 8.80 7.49
C ASN D 339 -18.11 7.80 6.56
N PRO D 340 -18.59 6.68 7.12
CA PRO D 340 -19.45 5.77 6.36
C PRO D 340 -20.84 6.33 6.02
N CYS D 341 -21.29 7.41 6.66
CA CYS D 341 -22.60 7.96 6.34
C CYS D 341 -22.68 9.45 6.67
N PRO D 342 -22.27 10.31 5.71
CA PRO D 342 -22.21 11.77 5.87
C PRO D 342 -23.49 12.36 6.47
N GLU D 343 -24.64 12.02 5.89
CA GLU D 343 -25.91 12.60 6.29
C GLU D 343 -26.49 12.08 7.62
N CYS D 344 -25.80 11.15 8.27
CA CYS D 344 -26.26 10.62 9.57
C CYS D 344 -25.97 11.57 10.74
N TRP D 345 -25.44 12.74 10.44
CA TRP D 345 -25.13 13.73 11.47
C TRP D 345 -26.41 14.36 11.97
N SER D 346 -27.43 14.32 11.11
CA SER D 346 -28.71 14.96 11.40
C SER D 346 -29.80 13.96 11.78
N LEU D 347 -29.41 12.74 12.14
CA LEU D 347 -30.35 11.76 12.67
C LEU D 347 -31.09 12.35 13.87
N SER D 348 -32.38 12.02 13.95
CA SER D 348 -33.24 12.56 14.97
C SER D 348 -34.31 11.50 15.26
N PRO D 349 -35.17 11.71 16.28
CA PRO D 349 -36.20 10.70 16.54
C PRO D 349 -37.02 10.32 15.31
N ALA D 350 -37.25 11.27 14.40
CA ALA D 350 -37.99 11.00 13.16
C ALA D 350 -37.41 9.83 12.34
N ASN D 351 -36.15 9.49 12.57
CA ASN D 351 -35.49 8.41 11.86
C ASN D 351 -35.54 7.07 12.56
N VAL D 352 -36.37 6.95 13.60
CA VAL D 352 -36.44 5.74 14.40
C VAL D 352 -36.98 4.59 13.55
N SER D 353 -37.69 4.95 12.48
CA SER D 353 -38.19 3.97 11.52
C SER D 353 -37.09 3.10 10.89
N LEU D 354 -35.84 3.59 10.92
CA LEU D 354 -34.73 2.80 10.41
C LEU D 354 -34.67 1.43 11.08
N VAL D 355 -35.00 1.35 12.37
CA VAL D 355 -34.91 0.06 13.07
C VAL D 355 -36.27 -0.57 13.32
N LYS D 356 -37.35 0.16 13.01
CA LYS D 356 -38.67 -0.42 13.19
C LYS D 356 -39.10 -1.19 11.95
N GLU D 357 -38.36 -1.04 10.85
CA GLU D 357 -38.72 -1.71 9.61
C GLU D 357 -38.63 -3.23 9.80
N GLU D 358 -39.48 -3.94 9.08
CA GLU D 358 -39.70 -5.36 9.31
C GLU D 358 -38.47 -6.19 9.01
N SER D 359 -37.83 -5.87 7.90
CA SER D 359 -36.62 -6.56 7.46
C SER D 359 -35.48 -6.40 8.46
N VAL D 360 -35.43 -5.25 9.14
CA VAL D 360 -34.39 -5.02 10.14
C VAL D 360 -34.73 -5.73 11.44
N GLN D 361 -36.00 -5.67 11.84
CA GLN D 361 -36.46 -6.29 13.07
C GLN D 361 -36.22 -7.80 13.02
N ARG D 362 -36.56 -8.40 11.90
CA ARG D 362 -36.53 -9.84 11.76
C ARG D 362 -35.15 -10.42 11.48
N THR D 363 -34.15 -9.55 11.26
CA THR D 363 -32.76 -9.98 11.04
C THR D 363 -31.74 -9.40 12.01
N ALA D 364 -32.15 -8.38 12.77
CA ALA D 364 -31.26 -7.68 13.71
C ALA D 364 -30.53 -8.61 14.67
N PHE D 365 -31.20 -9.70 15.05
CA PHE D 365 -30.65 -10.64 15.98
C PHE D 365 -29.35 -11.27 15.45
N SER D 366 -29.25 -11.40 14.13
CA SER D 366 -28.07 -11.99 13.50
C SER D 366 -26.83 -11.13 13.71
N VAL D 367 -26.99 -9.82 13.64
CA VAL D 367 -25.89 -8.90 13.94
C VAL D 367 -25.55 -9.01 15.41
N TYR D 368 -26.62 -8.96 16.20
CA TYR D 368 -26.59 -8.97 17.66
C TYR D 368 -25.85 -10.19 18.19
N ALA D 369 -26.19 -11.37 17.65
CA ALA D 369 -25.54 -12.61 18.02
C ALA D 369 -24.10 -12.68 17.47
N ALA D 370 -23.83 -12.07 16.31
CA ALA D 370 -22.45 -12.04 15.84
C ALA D 370 -21.58 -11.26 16.85
N VAL D 371 -22.06 -10.10 17.30
CA VAL D 371 -21.30 -9.28 18.24
C VAL D 371 -21.17 -9.96 19.61
N TYR D 372 -22.26 -10.52 20.11
CA TYR D 372 -22.22 -11.21 21.39
C TYR D 372 -21.37 -12.49 21.35
N THR D 373 -21.26 -13.13 20.18
CA THR D 373 -20.40 -14.30 20.06
C THR D 373 -18.94 -13.92 20.30
N VAL D 374 -18.50 -12.81 19.71
CA VAL D 374 -17.13 -12.37 19.93
C VAL D 374 -16.94 -11.93 21.39
N ALA D 375 -17.96 -11.30 21.97
CA ALA D 375 -17.83 -10.78 23.33
C ALA D 375 -17.66 -11.93 24.32
N HIS D 376 -18.42 -13.02 24.12
CA HIS D 376 -18.32 -14.19 25.00
C HIS D 376 -17.02 -14.97 24.75
N ALA D 377 -16.56 -14.99 23.50
CA ALA D 377 -15.29 -15.62 23.19
C ALA D 377 -14.15 -14.81 23.79
N LEU D 378 -14.28 -13.48 23.80
CA LEU D 378 -13.28 -12.63 24.44
C LEU D 378 -13.26 -12.89 25.95
N HIS D 379 -14.44 -12.94 26.54
CA HIS D 379 -14.63 -13.22 27.96
C HIS D 379 -13.97 -14.55 28.36
N LYS D 380 -14.07 -15.56 27.49
CA LYS D 380 -13.43 -16.84 27.78
C LYS D 380 -11.91 -16.78 27.52
N LEU D 381 -11.51 -16.09 26.45
CA LEU D 381 -10.09 -15.90 26.14
C LEU D 381 -9.32 -15.21 27.27
N LEU D 382 -9.93 -14.21 27.90
CA LEU D 382 -9.26 -13.47 28.96
C LEU D 382 -9.50 -14.09 30.32
N GLU D 383 -10.14 -15.26 30.33
CA GLU D 383 -10.40 -15.99 31.58
C GLU D 383 -11.13 -15.14 32.61
N CYS D 384 -12.17 -14.43 32.18
CA CYS D 384 -12.95 -13.60 33.11
C CYS D 384 -13.90 -14.41 33.98
N ASN D 385 -14.15 -13.92 35.19
CA ASN D 385 -15.33 -14.32 35.92
C ASN D 385 -16.30 -13.14 35.87
N SER D 386 -17.13 -12.97 36.89
CA SER D 386 -18.15 -11.92 36.83
C SER D 386 -17.66 -10.60 37.42
N ALA D 387 -16.39 -10.55 37.79
CA ALA D 387 -15.86 -9.36 38.46
C ALA D 387 -14.55 -8.86 37.86
N ALA D 388 -13.76 -9.77 37.30
CA ALA D 388 -12.49 -9.36 36.70
C ALA D 388 -12.04 -10.28 35.55
N CYS D 389 -11.21 -9.71 34.67
CA CYS D 389 -10.61 -10.43 33.56
C CYS D 389 -9.09 -10.44 33.69
N LYS D 390 -8.43 -11.48 33.19
CA LYS D 390 -6.98 -11.43 33.03
C LYS D 390 -6.63 -10.43 31.92
N TRP D 391 -6.65 -9.16 32.26
CA TRP D 391 -6.39 -8.10 31.29
C TRP D 391 -5.80 -6.86 31.94
N SER D 392 -5.00 -6.13 31.17
CA SER D 392 -4.47 -4.82 31.55
C SER D 392 -4.13 -4.10 30.26
N SER D 393 -3.68 -2.85 30.36
CA SER D 393 -3.32 -2.08 29.18
C SER D 393 -2.21 -2.73 28.33
N SER D 394 -1.42 -3.60 28.95
CA SER D 394 -0.28 -4.21 28.28
C SER D 394 -0.57 -5.63 27.79
N THR D 395 -1.83 -6.05 27.90
CA THR D 395 -2.24 -7.32 27.31
C THR D 395 -2.26 -7.21 25.79
N ARG D 396 -1.68 -8.21 25.14
CA ARG D 396 -1.63 -8.26 23.67
C ARG D 396 -2.57 -9.35 23.14
N LEU D 397 -3.64 -8.92 22.47
CA LEU D 397 -4.58 -9.85 21.86
C LEU D 397 -4.21 -10.13 20.40
N TYR D 398 -3.97 -11.40 20.10
CA TYR D 398 -3.78 -11.83 18.71
C TYR D 398 -5.00 -12.57 18.21
N PRO D 399 -5.51 -12.18 17.02
CA PRO D 399 -6.74 -12.78 16.49
C PRO D 399 -6.68 -14.32 16.45
N TRP D 400 -5.53 -14.91 16.16
CA TRP D 400 -5.44 -16.36 16.05
C TRP D 400 -5.73 -17.06 17.37
N LYS D 401 -5.39 -16.40 18.47
CA LYS D 401 -5.70 -16.96 19.77
C LYS D 401 -7.20 -16.94 19.99
N LEU D 402 -7.84 -15.82 19.63
CA LEU D 402 -9.29 -15.74 19.72
C LEU D 402 -9.95 -16.79 18.82
N LEU D 403 -9.34 -17.03 17.66
CA LEU D 403 -9.88 -18.02 16.73
C LEU D 403 -9.96 -19.41 17.36
N GLU D 404 -8.91 -19.76 18.11
CA GLU D 404 -8.83 -21.05 18.77
C GLU D 404 -9.98 -21.28 19.72
N VAL D 405 -10.49 -20.20 20.31
CA VAL D 405 -11.60 -20.33 21.24
C VAL D 405 -12.92 -20.43 20.47
N LEU D 406 -13.04 -19.68 19.38
CA LEU D 406 -14.26 -19.67 18.57
C LEU D 406 -14.52 -20.98 17.84
N LYS D 407 -13.48 -21.78 17.61
CA LYS D 407 -13.66 -23.07 16.95
C LYS D 407 -14.74 -23.90 17.65
N GLU D 408 -15.81 -24.20 16.92
CA GLU D 408 -16.91 -25.02 17.45
C GLU D 408 -17.43 -24.52 18.80
N PHE D 409 -17.63 -23.22 18.88
CA PHE D 409 -18.01 -22.48 20.09
C PHE D 409 -19.50 -22.61 20.37
N SER D 410 -19.87 -22.93 21.60
CA SER D 410 -21.29 -22.88 22.02
C SER D 410 -21.52 -21.72 22.98
N VAL D 411 -22.62 -21.00 22.76
CA VAL D 411 -22.99 -19.89 23.65
C VAL D 411 -24.48 -19.65 23.63
N ASN D 412 -25.07 -19.37 24.80
CA ASN D 412 -26.45 -18.91 24.88
C ASN D 412 -26.53 -17.40 24.74
N ILE D 413 -27.33 -16.92 23.80
CA ILE D 413 -27.52 -15.49 23.59
C ILE D 413 -29.02 -15.21 23.62
N SER D 414 -29.43 -14.40 24.59
CA SER D 414 -30.84 -14.22 24.94
C SER D 414 -31.50 -15.57 25.22
N ASN D 415 -32.46 -15.96 24.39
CA ASN D 415 -33.10 -17.25 24.56
C ASN D 415 -32.71 -18.25 23.47
N THR D 416 -31.53 -18.04 22.88
CA THR D 416 -31.04 -18.88 21.79
C THR D 416 -29.81 -19.66 22.18
N SER D 417 -29.89 -20.97 22.06
CA SER D 417 -28.77 -21.86 22.30
C SER D 417 -27.92 -21.97 21.02
N LEU D 418 -26.99 -21.04 20.85
CA LEU D 418 -26.21 -20.95 19.60
C LEU D 418 -24.95 -21.80 19.62
N LYS D 419 -24.75 -22.56 18.54
CA LYS D 419 -23.65 -23.50 18.43
C LYS D 419 -23.07 -23.51 16.99
N PHE D 420 -21.76 -23.44 16.87
CA PHE D 420 -21.13 -23.43 15.55
C PHE D 420 -20.53 -24.80 15.22
N ASP D 421 -20.61 -25.23 13.97
CA ASP D 421 -20.01 -26.53 13.66
C ASP D 421 -18.55 -26.31 13.23
N GLN D 422 -17.90 -27.38 12.83
CA GLN D 422 -16.49 -27.31 12.45
C GLN D 422 -16.28 -26.48 11.18
N ASN D 423 -17.39 -26.17 10.49
CA ASN D 423 -17.37 -25.38 9.27
C ASN D 423 -17.68 -23.90 9.49
N GLY D 424 -17.99 -23.52 10.73
CA GLY D 424 -18.37 -22.16 11.04
C GLY D 424 -19.86 -21.85 10.89
N ASN D 425 -20.65 -22.90 10.63
CA ASN D 425 -22.08 -22.75 10.40
C ASN D 425 -22.89 -22.84 11.70
N PRO D 426 -23.95 -22.01 11.82
CA PRO D 426 -24.77 -22.01 13.03
C PRO D 426 -25.88 -23.06 12.98
N ASN D 427 -26.43 -23.37 14.15
CA ASN D 427 -27.62 -24.21 14.26
C ASN D 427 -28.90 -23.35 14.21
N ILE D 428 -29.04 -22.58 13.15
CA ILE D 428 -30.19 -21.70 12.99
C ILE D 428 -31.02 -22.17 11.79
N GLY D 429 -32.31 -22.40 12.03
CA GLY D 429 -33.19 -22.87 10.97
C GLY D 429 -33.95 -21.76 10.27
N TYR D 430 -35.02 -22.12 9.57
CA TYR D 430 -35.83 -21.15 8.86
C TYR D 430 -37.26 -21.11 9.37
N SER D 431 -37.82 -19.91 9.42
CA SER D 431 -39.25 -19.75 9.53
C SER D 431 -39.82 -19.77 8.11
N VAL D 432 -40.81 -20.62 7.88
CA VAL D 432 -41.48 -20.66 6.59
C VAL D 432 -42.65 -19.69 6.59
N ILE D 433 -42.60 -18.68 5.74
CA ILE D 433 -43.65 -17.69 5.69
C ILE D 433 -44.29 -17.64 4.32
N GLN D 434 -45.32 -16.81 4.22
CA GLN D 434 -46.01 -16.58 2.98
C GLN D 434 -46.56 -15.17 2.99
N ARG D 435 -46.53 -14.52 1.82
CA ARG D 435 -46.96 -13.14 1.70
C ARG D 435 -48.44 -13.08 1.34
N ILE D 436 -49.27 -12.66 2.29
CA ILE D 436 -50.68 -12.48 2.03
C ILE D 436 -50.98 -11.00 1.73
N TRP D 437 -51.60 -10.76 0.58
CA TRP D 437 -51.69 -9.42 0.01
C TRP D 437 -52.73 -8.56 0.69
N GLU D 438 -53.79 -9.21 1.21
CA GLU D 438 -54.88 -8.54 1.87
C GLU D 438 -54.38 -7.71 3.06
N ASN D 439 -53.42 -8.27 3.76
CA ASN D 439 -52.88 -7.69 4.99
C ASN D 439 -51.64 -6.85 4.85
N GLN D 440 -51.12 -6.74 3.64
CA GLN D 440 -49.75 -6.25 3.45
C GLN D 440 -48.81 -6.84 4.54
N SER D 441 -48.97 -8.14 4.82
CA SER D 441 -48.26 -8.81 5.91
C SER D 441 -47.76 -10.20 5.51
N LEU D 442 -47.23 -10.93 6.51
CA LEU D 442 -46.59 -12.22 6.27
C LEU D 442 -47.22 -13.31 7.14
N SER D 443 -47.66 -14.39 6.52
CA SER D 443 -48.28 -15.48 7.28
C SER D 443 -47.23 -16.51 7.72
N SER D 444 -47.14 -16.76 9.02
CA SER D 444 -46.27 -17.80 9.53
C SER D 444 -46.91 -19.17 9.34
N VAL D 445 -46.30 -20.02 8.54
CA VAL D 445 -46.96 -21.27 8.15
C VAL D 445 -46.12 -22.51 8.48
N GLY D 446 -45.07 -22.34 9.28
CA GLY D 446 -44.23 -23.46 9.68
C GLY D 446 -42.77 -23.11 9.90
N SER D 447 -41.95 -24.15 10.08
CA SER D 447 -40.54 -23.98 10.42
C SER D 447 -39.66 -25.08 9.84
N TYR D 448 -38.36 -24.80 9.71
CA TYR D 448 -37.39 -25.80 9.28
C TYR D 448 -36.24 -25.85 10.27
N ARG D 449 -36.06 -26.99 10.94
CA ARG D 449 -35.00 -27.12 11.94
C ARG D 449 -34.30 -28.46 11.81
N SER D 450 -32.97 -28.43 11.74
CA SER D 450 -32.13 -29.62 11.72
C SER D 450 -32.56 -30.65 10.68
N ALA D 451 -32.64 -30.21 9.42
CA ALA D 451 -33.04 -31.05 8.29
C ALA D 451 -34.48 -31.57 8.40
N ASN D 452 -35.27 -30.99 9.29
CA ASN D 452 -36.69 -31.33 9.41
C ASN D 452 -37.63 -30.19 9.03
N LEU D 453 -38.26 -30.34 7.88
CA LEU D 453 -39.30 -29.42 7.47
C LEU D 453 -40.60 -29.86 8.11
N SER D 454 -41.09 -29.06 9.05
CA SER D 454 -42.44 -29.26 9.56
C SER D 454 -43.31 -28.07 9.22
N ILE D 455 -43.90 -28.11 8.04
CA ILE D 455 -44.98 -27.21 7.71
C ILE D 455 -46.29 -27.94 7.94
N ASN D 456 -47.38 -27.26 7.64
CA ASN D 456 -48.69 -27.87 7.65
C ASN D 456 -49.59 -26.97 6.82
N GLU D 457 -50.24 -27.59 5.85
CA GLU D 457 -51.01 -26.89 4.86
C GLU D 457 -52.27 -26.26 5.47
N THR D 458 -52.04 -25.24 6.29
CA THR D 458 -53.05 -24.52 7.08
C THR D 458 -53.50 -23.24 6.40
N LEU D 459 -52.54 -22.32 6.33
CA LEU D 459 -52.76 -20.91 6.00
C LEU D 459 -52.42 -20.58 4.55
N PHE D 460 -51.76 -21.51 3.87
CA PHE D 460 -51.43 -21.33 2.46
C PHE D 460 -52.69 -20.98 1.64
N LYS D 461 -52.87 -19.69 1.32
CA LYS D 461 -54.02 -19.26 0.52
C LYS D 461 -53.62 -19.08 -0.94
N TRP D 462 -54.32 -19.79 -1.82
CA TRP D 462 -53.88 -19.98 -3.20
C TRP D 462 -54.72 -19.19 -4.20
N ASN D 466 -60.63 -19.33 -7.90
CA ASN D 466 -60.60 -20.76 -7.63
C ASN D 466 -60.02 -21.06 -6.25
N SER D 467 -58.84 -20.49 -5.99
CA SER D 467 -58.13 -20.53 -4.71
C SER D 467 -57.59 -21.91 -4.35
N GLU D 468 -57.18 -22.67 -5.37
CA GLU D 468 -56.50 -23.94 -5.16
C GLU D 468 -55.24 -24.01 -6.04
N LYS D 469 -54.50 -25.11 -5.96
CA LYS D 469 -53.10 -25.18 -6.41
C LYS D 469 -52.89 -25.02 -7.92
N GLU E 1 16.79 23.70 4.95
CA GLU E 1 17.02 25.09 5.32
C GLU E 1 15.73 25.69 5.88
N VAL E 2 15.82 26.88 6.45
CA VAL E 2 14.65 27.58 6.96
C VAL E 2 13.73 28.10 5.84
N GLN E 3 12.44 27.82 5.96
CA GLN E 3 11.42 28.39 5.07
C GLN E 3 10.21 28.89 5.84
N LEU E 4 9.79 30.13 5.56
CA LEU E 4 8.54 30.70 6.05
C LEU E 4 7.55 30.79 4.90
N GLN E 5 6.47 30.02 4.96
CA GLN E 5 5.55 29.89 3.84
C GLN E 5 4.18 30.44 4.22
N GLN E 6 3.84 31.60 3.67
CA GLN E 6 2.58 32.28 3.99
C GLN E 6 1.41 31.88 3.12
N SER E 7 0.21 32.04 3.66
CA SER E 7 -1.00 31.70 2.93
C SER E 7 -1.18 32.68 1.77
N GLY E 8 -2.05 32.33 0.82
CA GLY E 8 -2.14 33.08 -0.44
C GLY E 8 -2.85 34.42 -0.32
N PRO E 9 -2.87 35.20 -1.41
CA PRO E 9 -3.59 36.48 -1.43
C PRO E 9 -5.06 36.30 -1.05
N GLU E 10 -5.68 37.35 -0.53
CA GLU E 10 -7.04 37.23 -0.07
C GLU E 10 -7.79 38.55 -0.21
N LEU E 11 -8.93 38.44 -0.89
CA LEU E 11 -9.90 39.50 -1.00
C LEU E 11 -10.89 39.34 0.14
N VAL E 12 -11.01 40.38 0.97
CA VAL E 12 -11.86 40.31 2.17
C VAL E 12 -12.76 41.53 2.29
N LYS E 13 -13.96 41.33 2.84
CA LYS E 13 -14.95 42.40 2.98
C LYS E 13 -14.60 43.36 4.11
N PRO E 14 -14.81 44.66 3.89
CA PRO E 14 -14.78 45.68 4.96
C PRO E 14 -15.65 45.25 6.16
N GLY E 15 -15.11 45.36 7.36
CA GLY E 15 -15.86 44.99 8.55
C GLY E 15 -15.60 43.56 8.97
N ALA E 16 -15.16 42.73 8.03
CA ALA E 16 -14.85 41.33 8.31
C ALA E 16 -13.49 41.18 9.00
N SER E 17 -13.17 39.94 9.36
CA SER E 17 -11.83 39.63 9.82
C SER E 17 -11.22 38.54 8.94
N MET E 18 -9.90 38.41 8.98
CA MET E 18 -9.21 37.37 8.22
C MET E 18 -7.98 36.88 8.98
N LYS E 19 -7.58 35.65 8.70
CA LYS E 19 -6.43 35.05 9.37
C LYS E 19 -5.34 34.66 8.36
N ILE E 20 -4.14 35.21 8.55
CA ILE E 20 -2.99 34.88 7.73
C ILE E 20 -2.18 33.78 8.41
N SER E 21 -1.71 32.81 7.64
CA SER E 21 -0.86 31.77 8.20
C SER E 21 0.60 31.92 7.71
N CYS E 22 1.51 31.47 8.55
CA CYS E 22 2.94 31.48 8.29
C CYS E 22 3.48 30.13 8.77
N LYS E 23 3.71 29.23 7.82
CA LYS E 23 4.11 27.87 8.14
C LYS E 23 5.62 27.79 8.17
N ALA E 24 6.16 27.54 9.37
CA ALA E 24 7.60 27.57 9.56
C ALA E 24 8.16 26.14 9.49
N SER E 25 9.25 25.97 8.75
CA SER E 25 9.89 24.68 8.65
C SER E 25 11.41 24.83 8.62
N GLY E 26 12.12 23.76 8.92
CA GLY E 26 13.57 23.72 8.79
C GLY E 26 14.35 24.18 10.02
N TYR E 27 13.64 24.45 11.11
CA TYR E 27 14.29 24.82 12.36
C TYR E 27 13.34 24.59 13.51
N SER E 28 13.86 24.66 14.73
CA SER E 28 13.06 24.47 15.93
C SER E 28 12.12 25.67 16.22
N PHE E 29 10.85 25.45 15.95
CA PHE E 29 9.85 26.51 15.92
C PHE E 29 9.78 27.39 17.17
N THR E 30 9.79 26.77 18.35
CA THR E 30 9.59 27.53 19.60
C THR E 30 10.82 28.24 20.09
N GLY E 31 11.92 28.08 19.36
CA GLY E 31 13.16 28.75 19.70
C GLY E 31 13.34 30.20 19.31
N TYR E 32 12.48 30.71 18.41
CA TYR E 32 12.64 32.09 17.93
C TYR E 32 11.34 32.89 17.86
N SER E 33 11.38 34.17 18.20
CA SER E 33 10.19 35.01 17.98
C SER E 33 9.78 34.99 16.49
N MET E 34 8.48 35.02 16.25
CA MET E 34 7.95 35.26 14.91
C MET E 34 7.37 36.67 14.86
N ASN E 35 7.94 37.51 14.00
CA ASN E 35 7.47 38.89 13.85
C ASN E 35 6.48 39.02 12.73
N TRP E 36 5.67 40.07 12.75
CA TRP E 36 4.86 40.42 11.60
C TRP E 36 5.07 41.87 11.21
N VAL E 37 5.13 42.09 9.90
CA VAL E 37 5.42 43.41 9.32
C VAL E 37 4.35 43.79 8.27
N LYS E 38 3.89 45.04 8.29
CA LYS E 38 2.95 45.55 7.29
C LYS E 38 3.63 46.48 6.28
N GLN E 39 3.37 46.26 5.01
CA GLN E 39 3.88 47.16 3.97
C GLN E 39 2.74 47.67 3.11
N SER E 40 2.37 48.94 3.30
CA SER E 40 1.36 49.55 2.46
C SER E 40 1.94 49.82 1.08
N HIS E 41 1.11 50.19 0.11
CA HIS E 41 1.62 50.33 -1.24
C HIS E 41 2.53 51.55 -1.34
N GLY E 42 2.35 52.49 -0.40
CA GLY E 42 3.28 53.60 -0.22
C GLY E 42 4.70 53.12 0.02
N LYS E 43 4.81 51.92 0.60
CA LYS E 43 6.02 51.07 0.71
C LYS E 43 6.75 51.12 2.06
N ASN E 44 6.28 51.94 3.01
CA ASN E 44 6.85 51.95 4.36
C ASN E 44 6.72 50.57 5.00
N LEU E 45 7.78 50.14 5.68
CA LEU E 45 7.70 48.94 6.49
C LEU E 45 7.28 49.32 7.91
N GLU E 46 6.36 48.55 8.48
CA GLU E 46 5.87 48.84 9.82
C GLU E 46 5.84 47.55 10.61
N TRP E 47 6.44 47.58 11.81
CA TRP E 47 6.45 46.39 12.66
C TRP E 47 5.13 46.28 13.40
N ILE E 48 4.49 45.12 13.31
CA ILE E 48 3.17 44.96 13.90
C ILE E 48 3.30 44.46 15.33
N GLY E 49 4.15 43.46 15.51
CA GLY E 49 4.34 42.85 16.80
C GLY E 49 5.11 41.55 16.64
N LEU E 50 5.38 40.86 17.74
CA LEU E 50 5.94 39.53 17.66
C LEU E 50 5.26 38.58 18.64
N ILE E 51 5.40 37.30 18.40
CA ILE E 51 4.93 36.27 19.31
C ILE E 51 6.07 35.32 19.66
N ASN E 52 6.16 34.99 20.95
CA ASN E 52 7.05 33.92 21.40
C ASN E 52 6.36 32.58 21.27
N PRO E 53 6.77 31.78 20.27
CA PRO E 53 6.02 30.54 20.04
C PRO E 53 6.18 29.53 21.19
N TYR E 54 7.20 29.71 22.03
CA TYR E 54 7.40 28.82 23.18
C TYR E 54 6.24 28.90 24.18
N ASN E 55 5.88 30.12 24.62
CA ASN E 55 4.79 30.26 25.60
C ASN E 55 3.57 31.07 25.13
N GLY E 56 3.66 31.70 23.97
CA GLY E 56 2.55 32.46 23.43
C GLY E 56 2.57 33.95 23.78
N ASP E 57 3.57 34.39 24.54
CA ASP E 57 3.71 35.80 24.87
C ASP E 57 3.71 36.68 23.62
N THR E 58 3.01 37.81 23.70
CA THR E 58 2.92 38.76 22.58
C THR E 58 3.38 40.15 22.96
N THR E 59 3.95 40.85 21.98
CA THR E 59 4.31 42.26 22.12
C THR E 59 3.82 42.97 20.87
N TYR E 60 3.04 44.04 21.03
CA TYR E 60 2.53 44.76 19.86
C TYR E 60 3.03 46.20 19.80
N LYS E 61 3.12 46.72 18.59
CA LYS E 61 3.21 48.16 18.46
C LYS E 61 1.83 48.74 18.82
N GLN E 62 1.81 49.86 19.55
CA GLN E 62 0.58 50.39 20.12
C GLN E 62 -0.62 50.45 19.17
N LYS E 63 -0.40 50.95 17.96
CA LYS E 63 -1.50 51.15 17.03
C LYS E 63 -2.12 49.83 16.56
N PHE E 64 -1.43 48.71 16.74
CA PHE E 64 -2.02 47.43 16.32
C PHE E 64 -2.67 46.63 17.46
N LYS E 65 -2.54 47.14 18.68
CA LYS E 65 -3.26 46.55 19.80
C LYS E 65 -4.77 46.57 19.53
N GLY E 66 -5.40 45.41 19.61
CA GLY E 66 -6.82 45.29 19.37
C GLY E 66 -7.18 45.28 17.90
N LYS E 67 -6.16 45.33 17.04
CA LYS E 67 -6.37 45.34 15.60
C LYS E 67 -5.83 44.06 14.94
N ALA E 68 -4.70 43.59 15.46
CA ALA E 68 -4.10 42.33 15.03
C ALA E 68 -3.96 41.39 16.21
N THR E 69 -4.15 40.09 15.97
CA THR E 69 -4.03 39.11 17.04
C THR E 69 -3.09 38.01 16.60
N LEU E 70 -1.93 37.93 17.25
CA LEU E 70 -0.93 36.93 16.89
C LEU E 70 -1.19 35.66 17.69
N THR E 71 -1.21 34.51 17.03
CA THR E 71 -1.23 33.22 17.70
C THR E 71 -0.18 32.29 17.08
N VAL E 72 -0.01 31.10 17.67
CA VAL E 72 0.80 30.04 17.09
C VAL E 72 0.13 28.72 17.30
N ASP E 73 0.44 27.76 16.44
CA ASP E 73 0.02 26.37 16.61
C ASP E 73 1.29 25.53 16.61
N ARG E 74 1.71 25.12 17.80
CA ARG E 74 3.00 24.45 17.96
C ARG E 74 3.05 23.07 17.30
N SER E 75 1.89 22.44 17.18
CA SER E 75 1.81 21.08 16.64
C SER E 75 1.93 21.07 15.12
N SER E 76 1.80 22.23 14.47
CA SER E 76 1.96 22.30 13.02
C SER E 76 3.01 23.33 12.61
N SER E 77 3.68 23.90 13.62
CA SER E 77 4.74 24.88 13.40
C SER E 77 4.27 26.07 12.57
N THR E 78 3.06 26.55 12.88
CA THR E 78 2.47 27.61 12.10
C THR E 78 2.17 28.81 13.00
N ALA E 79 2.61 29.98 12.56
CA ALA E 79 2.26 31.24 13.20
C ALA E 79 1.07 31.86 12.45
N TYR E 80 0.13 32.45 13.20
CA TYR E 80 -1.05 33.08 12.62
C TYR E 80 -1.17 34.53 13.04
N MET E 81 -1.67 35.36 12.13
CA MET E 81 -2.04 36.72 12.48
C MET E 81 -3.46 36.99 12.02
N GLU E 82 -4.31 37.35 12.95
CA GLU E 82 -5.69 37.65 12.61
C GLU E 82 -5.88 39.15 12.60
N LEU E 83 -6.44 39.66 11.50
CA LEU E 83 -6.71 41.09 11.36
C LEU E 83 -8.19 41.33 11.56
N LEU E 84 -8.54 42.26 12.45
CA LEU E 84 -9.92 42.47 12.84
C LEU E 84 -10.49 43.74 12.23
N ARG E 85 -11.79 43.72 11.95
CA ARG E 85 -12.54 44.91 11.58
C ARG E 85 -11.88 45.64 10.40
N LEU E 86 -11.70 44.90 9.30
CA LEU E 86 -10.91 45.37 8.16
C LEU E 86 -11.48 46.60 7.48
N THR E 87 -10.60 47.53 7.18
CA THR E 87 -10.95 48.70 6.38
C THR E 87 -9.98 48.75 5.21
N SER E 88 -10.15 49.70 4.30
CA SER E 88 -9.33 49.73 3.09
C SER E 88 -7.89 50.12 3.43
N GLU E 89 -7.72 50.66 4.63
CA GLU E 89 -6.39 50.99 5.13
C GLU E 89 -5.67 49.77 5.71
N ASP E 90 -6.35 48.64 5.72
CA ASP E 90 -5.66 47.41 6.09
C ASP E 90 -5.20 46.70 4.84
N SER E 91 -5.56 47.24 3.66
CA SER E 91 -4.99 46.74 2.41
C SER E 91 -3.47 47.00 2.37
N ALA E 92 -2.71 45.94 2.16
CA ALA E 92 -1.26 45.97 2.34
C ALA E 92 -0.70 44.62 2.05
N VAL E 93 0.62 44.57 1.98
CA VAL E 93 1.32 43.30 2.01
C VAL E 93 1.78 43.09 3.46
N TYR E 94 1.47 41.90 3.97
CA TYR E 94 1.83 41.47 5.31
C TYR E 94 2.86 40.35 5.26
N TYR E 95 3.96 40.53 6.01
CA TYR E 95 5.06 39.57 6.12
C TYR E 95 5.16 38.97 7.52
N CYS E 96 5.43 37.66 7.59
CA CYS E 96 6.02 37.12 8.81
C CYS E 96 7.52 37.12 8.64
N ALA E 97 8.25 37.18 9.76
CA ALA E 97 9.70 37.24 9.75
C ALA E 97 10.28 36.73 11.07
N ARG E 98 11.16 35.75 10.99
CA ARG E 98 11.79 35.19 12.18
C ARG E 98 12.94 36.05 12.70
N SER E 99 12.98 36.24 14.02
CA SER E 99 14.16 36.79 14.70
C SER E 99 15.40 35.92 14.44
N GLY E 100 16.57 36.54 14.37
CA GLY E 100 17.81 35.80 14.23
C GLY E 100 18.42 35.44 15.59
N ARG E 101 19.70 35.09 15.55
CA ARG E 101 20.44 34.67 16.73
C ARG E 101 21.62 35.64 16.93
N GLY E 102 21.83 36.12 18.16
CA GLY E 102 22.99 36.97 18.41
C GLY E 102 22.63 38.27 19.10
N ALA E 103 21.36 38.63 19.07
CA ALA E 103 20.92 39.81 19.82
C ALA E 103 20.85 39.48 21.30
N PRO E 104 21.11 40.47 22.16
CA PRO E 104 21.07 40.31 23.62
C PRO E 104 19.65 40.17 24.21
N THR E 105 18.64 40.63 23.50
CA THR E 105 17.26 40.47 23.96
C THR E 105 16.32 40.12 22.81
N THR E 106 15.10 39.69 23.15
CA THR E 106 14.09 39.43 22.15
C THR E 106 13.79 40.72 21.41
N THR E 107 13.90 41.84 22.13
CA THR E 107 13.57 43.13 21.59
C THR E 107 14.59 43.59 20.52
N THR E 108 15.85 43.25 20.69
CA THR E 108 16.88 43.75 19.78
C THR E 108 17.12 42.87 18.55
N ALA E 109 16.49 41.70 18.50
CA ALA E 109 16.76 40.74 17.41
C ALA E 109 16.39 41.35 16.06
N TRP E 110 17.23 41.11 15.04
CA TRP E 110 16.93 41.53 13.67
C TRP E 110 16.23 40.40 12.89
N PHE E 111 15.83 40.65 11.65
CA PHE E 111 15.04 39.66 10.91
C PHE E 111 15.85 38.96 9.81
N THR E 112 16.12 37.68 9.99
CA THR E 112 17.00 36.98 9.05
C THR E 112 16.20 36.22 7.99
N TYR E 113 15.02 35.73 8.36
CA TYR E 113 14.17 34.98 7.45
C TYR E 113 12.80 35.62 7.29
N TRP E 114 12.33 35.66 6.05
CA TRP E 114 11.06 36.32 5.73
C TRP E 114 10.16 35.35 4.99
N GLY E 115 8.87 35.39 5.28
CA GLY E 115 7.88 34.78 4.42
C GLY E 115 7.78 35.54 3.11
N GLN E 116 7.07 35.00 2.14
CA GLN E 116 7.09 35.55 0.79
C GLN E 116 6.11 36.70 0.69
N GLY E 117 5.31 36.88 1.73
CA GLY E 117 4.37 37.99 1.74
C GLY E 117 2.96 37.55 1.39
N THR E 118 1.97 38.20 2.00
CA THR E 118 0.58 37.94 1.76
C THR E 118 -0.12 39.24 1.43
N LEU E 119 -0.68 39.32 0.23
CA LEU E 119 -1.40 40.50 -0.22
C LEU E 119 -2.85 40.45 0.25
N VAL E 120 -3.27 41.46 1.00
CA VAL E 120 -4.64 41.54 1.48
C VAL E 120 -5.34 42.71 0.83
N THR E 121 -6.42 42.43 0.13
CA THR E 121 -7.23 43.45 -0.50
C THR E 121 -8.57 43.59 0.21
N VAL E 122 -8.76 44.68 0.94
CA VAL E 122 -10.04 44.89 1.62
C VAL E 122 -11.00 45.65 0.72
N SER E 123 -11.98 44.96 0.16
CA SER E 123 -12.94 45.58 -0.75
C SER E 123 -14.28 44.82 -0.79
N ALA E 124 -15.35 45.57 -1.04
CA ALA E 124 -16.65 44.97 -1.26
C ALA E 124 -16.86 44.63 -2.73
N ALA E 125 -15.94 45.06 -3.60
CA ALA E 125 -16.05 44.80 -5.04
C ALA E 125 -15.94 43.30 -5.28
N LYS E 126 -16.57 42.78 -6.33
CA LYS E 126 -16.55 41.32 -6.48
C LYS E 126 -15.51 40.82 -7.46
N THR E 127 -15.22 39.54 -7.32
CA THR E 127 -14.19 38.88 -8.10
C THR E 127 -14.62 38.75 -9.57
N THR E 128 -13.76 39.24 -10.46
CA THR E 128 -14.07 39.28 -11.87
C THR E 128 -12.91 38.73 -12.67
N PRO E 129 -13.18 37.79 -13.61
CA PRO E 129 -12.16 37.25 -14.51
C PRO E 129 -11.69 38.33 -15.50
N PRO E 130 -10.44 38.24 -15.99
CA PRO E 130 -9.99 39.22 -16.98
C PRO E 130 -10.48 38.91 -18.38
N SER E 131 -10.55 39.93 -19.22
CA SER E 131 -10.62 39.72 -20.66
C SER E 131 -9.21 39.87 -21.22
N VAL E 132 -8.80 38.94 -22.07
CA VAL E 132 -7.43 38.93 -22.61
C VAL E 132 -7.48 39.21 -24.11
N TYR E 133 -6.90 40.32 -24.52
CA TYR E 133 -6.96 40.70 -25.94
C TYR E 133 -5.58 40.72 -26.59
N PRO E 134 -5.49 40.12 -27.78
CA PRO E 134 -4.27 40.15 -28.59
C PRO E 134 -3.91 41.57 -29.05
N LEU E 135 -2.63 41.90 -29.02
CA LEU E 135 -2.14 43.15 -29.58
C LEU E 135 -1.16 42.86 -30.73
N ALA E 136 -1.65 42.96 -31.96
CA ALA E 136 -0.84 42.76 -33.17
C ALA E 136 -0.68 44.08 -33.93
N PRO E 137 0.46 44.25 -34.63
CA PRO E 137 0.83 45.48 -35.37
C PRO E 137 -0.31 46.15 -36.14
N THR E 143 8.34 47.34 -40.64
CA THR E 143 9.25 46.30 -41.10
C THR E 143 10.67 46.49 -40.59
N ASN E 144 10.81 46.63 -39.27
CA ASN E 144 12.11 46.58 -38.61
C ASN E 144 12.50 45.11 -38.41
N SER E 145 13.77 44.84 -38.15
CA SER E 145 14.25 43.49 -37.89
C SER E 145 13.65 42.89 -36.60
N MET E 146 13.14 43.76 -35.73
CA MET E 146 12.45 43.34 -34.51
C MET E 146 11.01 43.85 -34.51
N VAL E 147 10.07 42.97 -34.16
CA VAL E 147 8.63 43.31 -34.14
C VAL E 147 8.03 43.15 -32.74
N THR E 148 7.23 44.12 -32.29
CA THR E 148 6.68 44.05 -30.94
C THR E 148 5.20 43.64 -30.94
N LEU E 149 4.87 42.71 -30.05
CA LEU E 149 3.50 42.21 -29.93
C LEU E 149 3.00 42.44 -28.50
N GLY E 150 1.74 42.15 -28.23
CA GLY E 150 1.24 42.33 -26.87
C GLY E 150 -0.02 41.60 -26.47
N CYS E 151 -0.31 41.65 -25.17
CA CYS E 151 -1.53 41.13 -24.58
C CYS E 151 -2.09 42.13 -23.60
N LEU E 152 -3.37 42.45 -23.78
CA LEU E 152 -4.11 43.36 -22.93
C LEU E 152 -4.96 42.53 -21.97
N VAL E 153 -4.75 42.74 -20.68
CA VAL E 153 -5.45 41.94 -19.67
C VAL E 153 -6.34 42.86 -18.87
N LYS E 154 -7.62 42.88 -19.25
CA LYS E 154 -8.50 43.95 -18.83
C LYS E 154 -9.68 43.50 -17.97
N GLY E 155 -10.04 44.34 -17.00
CA GLY E 155 -11.27 44.16 -16.24
C GLY E 155 -11.31 43.01 -15.25
N TYR E 156 -10.18 42.72 -14.61
CA TYR E 156 -10.18 41.66 -13.59
C TYR E 156 -10.16 42.25 -12.18
N PHE E 157 -10.36 41.37 -11.20
CA PHE E 157 -10.38 41.75 -9.79
C PHE E 157 -10.54 40.47 -8.99
N PRO E 158 -9.80 40.31 -7.90
CA PRO E 158 -8.73 41.20 -7.41
C PRO E 158 -7.39 40.84 -8.05
N GLU E 159 -6.31 41.38 -7.49
CA GLU E 159 -4.96 40.96 -7.84
C GLU E 159 -4.70 39.57 -7.23
N PRO E 160 -3.81 38.78 -7.83
CA PRO E 160 -2.99 39.10 -8.99
C PRO E 160 -3.36 38.30 -10.23
N VAL E 161 -2.76 38.70 -11.34
CA VAL E 161 -2.69 37.86 -12.52
C VAL E 161 -1.23 37.63 -12.82
N THR E 162 -0.96 36.56 -13.55
CA THR E 162 0.36 36.28 -14.06
C THR E 162 0.32 36.22 -15.59
N VAL E 163 1.41 36.65 -16.23
CA VAL E 163 1.51 36.65 -17.68
C VAL E 163 2.84 36.03 -18.13
N THR E 164 2.74 34.93 -18.88
CA THR E 164 3.88 34.34 -19.55
C THR E 164 3.66 34.40 -21.04
N TRP E 165 4.73 34.14 -21.78
CA TRP E 165 4.69 34.09 -23.23
C TRP E 165 5.21 32.73 -23.70
N ASN E 166 4.49 32.12 -24.63
CA ASN E 166 4.78 30.77 -25.12
C ASN E 166 5.13 29.77 -24.02
N SER E 167 4.35 29.81 -22.94
CA SER E 167 4.44 28.87 -21.81
C SER E 167 5.78 28.97 -21.09
N GLY E 168 6.45 30.10 -21.23
CA GLY E 168 7.71 30.33 -20.54
C GLY E 168 8.88 30.45 -21.48
N SER E 169 8.77 29.85 -22.66
CA SER E 169 9.88 29.76 -23.61
C SER E 169 10.35 31.13 -24.12
N LEU E 170 9.41 32.05 -24.28
CA LEU E 170 9.76 33.43 -24.62
C LEU E 170 9.92 34.22 -23.34
N SER E 171 11.16 34.56 -22.97
CA SER E 171 11.42 35.26 -21.71
C SER E 171 12.14 36.61 -21.89
N SER E 172 13.12 36.66 -22.77
CA SER E 172 13.80 37.92 -23.04
C SER E 172 12.94 38.86 -23.90
N GLY E 173 13.09 40.16 -23.68
CA GLY E 173 12.38 41.15 -24.45
C GLY E 173 10.91 41.26 -24.05
N VAL E 174 10.59 40.78 -22.85
CA VAL E 174 9.24 40.79 -22.31
C VAL E 174 9.08 41.94 -21.32
N HIS E 175 7.99 42.69 -21.44
CA HIS E 175 7.66 43.68 -20.43
C HIS E 175 6.23 43.48 -19.96
N THR E 176 6.07 43.16 -18.69
CA THR E 176 4.76 42.98 -18.09
C THR E 176 4.53 44.12 -17.09
N PHE E 177 3.69 45.07 -17.50
CA PHE E 177 3.48 46.32 -16.76
C PHE E 177 2.57 46.12 -15.56
N PRO E 178 2.83 46.87 -14.48
CA PRO E 178 2.06 46.82 -13.23
C PRO E 178 0.60 47.16 -13.48
N ALA E 179 -0.32 46.40 -12.89
CA ALA E 179 -1.75 46.62 -13.07
C ALA E 179 -2.14 48.05 -12.71
N VAL E 180 -3.23 48.54 -13.28
CA VAL E 180 -3.78 49.80 -12.84
C VAL E 180 -5.27 49.63 -12.50
N LEU E 181 -5.65 50.04 -11.30
CA LEU E 181 -7.02 49.97 -10.82
C LEU E 181 -7.77 51.20 -11.26
N GLN E 182 -8.98 51.01 -11.80
CA GLN E 182 -9.78 52.16 -12.22
C GLN E 182 -11.16 52.22 -11.57
N SER E 183 -12.10 51.40 -12.03
CA SER E 183 -13.43 51.40 -11.42
C SER E 183 -13.66 50.06 -10.72
N ASP E 184 -12.88 49.83 -9.67
CA ASP E 184 -12.79 48.55 -8.99
C ASP E 184 -12.38 47.40 -9.93
N LEU E 185 -11.77 47.74 -11.06
CA LEU E 185 -11.23 46.72 -11.96
C LEU E 185 -9.80 47.03 -12.38
N TYR E 186 -8.97 46.00 -12.46
CA TYR E 186 -7.58 46.17 -12.85
C TYR E 186 -7.37 45.89 -14.32
N THR E 187 -6.43 46.63 -14.90
CA THR E 187 -5.92 46.36 -16.22
C THR E 187 -4.39 46.39 -16.23
N LEU E 188 -3.78 45.36 -16.78
CA LEU E 188 -2.38 45.42 -17.15
C LEU E 188 -2.21 44.92 -18.58
N SER E 189 -1.04 45.20 -19.14
CA SER E 189 -0.73 44.66 -20.46
C SER E 189 0.70 44.16 -20.44
N SER E 190 1.07 43.40 -21.45
CA SER E 190 2.41 42.85 -21.56
C SER E 190 2.88 42.88 -23.01
N SER E 191 4.13 43.29 -23.23
CA SER E 191 4.69 43.29 -24.58
C SER E 191 5.81 42.30 -24.71
N VAL E 192 5.98 41.76 -25.91
CA VAL E 192 7.09 40.88 -26.21
C VAL E 192 7.64 41.25 -27.59
N THR E 193 8.96 41.20 -27.70
CA THR E 193 9.63 41.61 -28.91
C THR E 193 10.38 40.43 -29.52
N VAL E 194 10.04 40.08 -30.75
CA VAL E 194 10.66 38.95 -31.42
C VAL E 194 11.22 39.42 -32.75
N PRO E 195 12.16 38.65 -33.32
CA PRO E 195 12.65 38.97 -34.66
C PRO E 195 11.53 38.94 -35.69
N SER E 196 11.56 39.90 -36.61
CA SER E 196 10.51 40.06 -37.59
C SER E 196 10.41 38.87 -38.54
N SER E 197 11.49 38.09 -38.61
CA SER E 197 11.51 36.91 -39.48
C SER E 197 10.93 35.68 -38.78
N THR E 198 10.74 35.77 -37.48
CA THR E 198 10.15 34.66 -36.73
C THR E 198 8.65 34.84 -36.47
N TRP E 199 8.07 35.89 -37.03
CA TRP E 199 6.62 36.13 -36.87
C TRP E 199 6.05 36.77 -38.13
N PRO E 200 4.93 36.25 -38.63
CA PRO E 200 4.00 35.25 -38.08
C PRO E 200 4.39 33.78 -38.22
N SER E 201 5.53 33.47 -38.83
CA SER E 201 5.86 32.07 -39.16
C SER E 201 5.97 31.18 -37.92
N GLU E 202 6.35 31.76 -36.79
CA GLU E 202 6.41 31.04 -35.52
C GLU E 202 5.42 31.63 -34.53
N THR E 203 4.49 30.82 -34.04
CA THR E 203 3.38 31.32 -33.26
C THR E 203 3.82 31.86 -31.90
N VAL E 204 3.37 33.08 -31.62
CA VAL E 204 3.58 33.70 -30.32
C VAL E 204 2.23 33.76 -29.60
N THR E 205 2.21 33.26 -28.37
CA THR E 205 0.99 33.12 -27.59
C THR E 205 1.20 33.61 -26.17
N CYS E 206 0.32 34.47 -25.67
CA CYS E 206 0.42 34.86 -24.27
C CYS E 206 -0.46 33.99 -23.38
N ASN E 207 0.04 33.65 -22.19
CA ASN E 207 -0.72 32.85 -21.27
C ASN E 207 -1.05 33.70 -20.07
N VAL E 208 -2.34 33.87 -19.78
CA VAL E 208 -2.75 34.69 -18.65
C VAL E 208 -3.45 33.82 -17.63
N ALA E 209 -3.13 34.01 -16.35
CA ALA E 209 -3.89 33.29 -15.34
C ALA E 209 -4.36 34.21 -14.22
N HIS E 210 -5.60 33.98 -13.78
CA HIS E 210 -6.19 34.71 -12.66
C HIS E 210 -6.81 33.70 -11.68
N PRO E 211 -6.01 33.24 -10.71
CA PRO E 211 -6.35 32.22 -9.70
C PRO E 211 -7.67 32.49 -8.99
N ALA E 212 -7.87 33.74 -8.59
CA ALA E 212 -9.05 34.14 -7.83
C ALA E 212 -10.36 33.74 -8.52
N SER E 213 -10.39 33.80 -9.86
CA SER E 213 -11.62 33.45 -10.57
C SER E 213 -11.46 32.11 -11.33
N SER E 214 -10.36 31.41 -11.06
CA SER E 214 -10.01 30.15 -11.71
C SER E 214 -9.97 30.27 -13.22
N THR E 215 -9.30 31.31 -13.70
CA THR E 215 -9.21 31.61 -15.13
C THR E 215 -7.83 31.32 -15.71
N LYS E 216 -7.81 30.60 -16.83
CA LYS E 216 -6.60 30.36 -17.61
C LYS E 216 -6.89 30.58 -19.10
N VAL E 217 -6.22 31.56 -19.68
CA VAL E 217 -6.42 31.93 -21.07
C VAL E 217 -5.12 31.87 -21.86
N ASP E 218 -5.16 31.20 -23.01
CA ASP E 218 -4.05 31.18 -23.95
C ASP E 218 -4.47 31.97 -25.19
N LYS E 219 -3.98 33.20 -25.33
CA LYS E 219 -4.31 34.00 -26.52
C LYS E 219 -3.14 34.06 -27.51
N LYS E 220 -3.35 33.47 -28.68
CA LYS E 220 -2.38 33.51 -29.78
C LYS E 220 -2.39 34.88 -30.45
N ILE E 221 -1.23 35.44 -30.70
CA ILE E 221 -1.16 36.71 -31.42
C ILE E 221 -1.23 36.43 -32.90
N VAL E 222 -2.38 36.74 -33.50
CA VAL E 222 -2.66 36.42 -34.90
C VAL E 222 -2.56 37.69 -35.74
N PRO E 223 -1.87 37.60 -36.90
CA PRO E 223 -1.70 38.75 -37.80
C PRO E 223 -3.02 39.39 -38.16
N ARG E 224 -3.06 40.72 -38.23
CA ARG E 224 -4.30 41.46 -38.49
C ARG E 224 -5.00 41.02 -39.78
N ASP F 1 8.84 56.60 20.58
CA ASP F 1 9.16 55.93 19.31
C ASP F 1 10.33 56.60 18.61
N ILE F 2 11.25 55.79 18.10
CA ILE F 2 12.42 56.30 17.43
C ILE F 2 12.10 56.54 15.96
N VAL F 3 12.41 57.74 15.49
CA VAL F 3 12.14 58.09 14.09
C VAL F 3 13.45 58.00 13.28
N LEU F 4 13.43 57.20 12.21
CA LEU F 4 14.58 57.04 11.32
C LEU F 4 14.40 57.83 10.03
N THR F 5 15.35 58.71 9.73
CA THR F 5 15.25 59.52 8.52
C THR F 5 16.36 59.21 7.51
N GLN F 6 16.01 58.71 6.33
CA GLN F 6 17.06 58.34 5.38
C GLN F 6 17.31 59.45 4.37
N SER F 7 18.56 59.55 3.96
CA SER F 7 18.91 60.46 2.90
C SER F 7 20.00 59.83 2.02
N PRO F 8 19.87 60.02 0.70
CA PRO F 8 18.75 60.75 0.11
C PRO F 8 17.54 59.85 -0.04
N ALA F 9 16.42 60.38 -0.52
CA ALA F 9 15.22 59.56 -0.71
C ALA F 9 15.39 58.64 -1.92
N SER F 10 16.09 59.14 -2.93
CA SER F 10 16.33 58.43 -4.18
C SER F 10 17.72 58.77 -4.69
N LEU F 11 18.28 57.86 -5.47
CA LEU F 11 19.68 57.92 -5.82
C LEU F 11 19.96 57.22 -7.15
N ALA F 12 20.68 57.89 -8.05
CA ALA F 12 21.12 57.24 -9.29
C ALA F 12 22.65 57.12 -9.34
N VAL F 13 23.17 55.90 -9.39
CA VAL F 13 24.62 55.68 -9.40
C VAL F 13 25.05 54.77 -10.56
N SER F 14 26.06 55.19 -11.33
CA SER F 14 26.55 54.38 -12.47
C SER F 14 27.13 53.04 -12.02
N LEU F 15 27.08 52.03 -12.90
CA LEU F 15 27.75 50.75 -12.66
C LEU F 15 29.21 50.96 -12.34
N GLY F 16 29.72 50.25 -11.34
CA GLY F 16 31.13 50.32 -11.02
C GLY F 16 31.42 51.41 -10.00
N GLN F 17 30.46 52.32 -9.79
CA GLN F 17 30.66 53.43 -8.86
C GLN F 17 30.14 53.12 -7.47
N ARG F 18 30.32 54.07 -6.55
CA ARG F 18 29.98 53.89 -5.15
C ARG F 18 28.65 54.57 -4.78
N ALA F 19 27.77 53.82 -4.12
CA ALA F 19 26.54 54.40 -3.62
C ALA F 19 26.67 54.61 -2.11
N THR F 20 26.33 55.81 -1.65
CA THR F 20 26.32 56.05 -0.21
C THR F 20 24.95 56.48 0.29
N ILE F 21 24.47 55.78 1.29
CA ILE F 21 23.12 55.98 1.82
C ILE F 21 23.16 56.19 3.36
N SER F 22 22.57 57.30 3.79
CA SER F 22 22.54 57.69 5.21
C SER F 22 21.23 57.36 5.88
N CYS F 23 21.30 57.10 7.18
CA CYS F 23 20.13 56.91 8.01
C CYS F 23 20.36 57.65 9.31
N ARG F 24 19.48 58.58 9.67
CA ARG F 24 19.62 59.24 10.97
C ARG F 24 18.46 58.94 11.94
N ALA F 25 18.84 58.58 13.15
CA ALA F 25 17.90 58.22 14.22
C ALA F 25 17.62 59.40 15.16
N SER F 26 16.36 59.59 15.55
CA SER F 26 15.97 60.69 16.44
C SER F 26 16.65 60.61 17.81
N GLU F 27 16.96 59.39 18.22
CA GLU F 27 17.60 59.13 19.51
C GLU F 27 18.62 58.03 19.28
N SER F 28 19.60 57.93 20.17
CA SER F 28 20.64 56.91 20.06
C SER F 28 20.03 55.50 20.02
N VAL F 29 20.60 54.64 19.17
CA VAL F 29 20.11 53.28 19.07
C VAL F 29 21.21 52.32 19.53
N ASP F 30 22.06 52.83 20.43
CA ASP F 30 23.12 52.03 21.05
C ASP F 30 22.69 51.39 22.36
N SER F 31 23.12 50.15 22.55
CA SER F 31 23.04 49.50 23.86
C SER F 31 23.83 48.20 23.82
N TYR F 32 24.12 47.66 25.00
CA TYR F 32 24.81 46.39 25.11
C TYR F 32 26.14 46.40 24.36
N GLY F 33 26.76 47.57 24.25
CA GLY F 33 28.00 47.69 23.52
C GLY F 33 27.85 47.64 22.01
N ASN F 34 26.62 47.77 21.51
CA ASN F 34 26.35 47.67 20.06
C ASN F 34 25.45 48.79 19.53
N SER F 35 25.41 48.94 18.21
CA SER F 35 24.45 49.85 17.61
C SER F 35 23.43 49.01 16.90
N PHE F 36 22.18 49.08 17.32
CA PHE F 36 21.18 48.18 16.76
C PHE F 36 20.46 48.82 15.58
N MET F 37 21.24 49.03 14.52
CA MET F 37 20.70 49.57 13.29
C MET F 37 21.06 48.57 12.19
N HIS F 38 20.07 48.18 11.41
CA HIS F 38 20.27 47.14 10.40
C HIS F 38 19.77 47.60 9.03
N TRP F 39 20.34 47.03 7.98
CA TRP F 39 20.07 47.51 6.64
C TRP F 39 19.45 46.37 5.86
N TYR F 40 18.42 46.67 5.08
CA TYR F 40 17.74 45.66 4.25
C TYR F 40 17.63 46.11 2.80
N GLN F 41 17.70 45.15 1.91
CA GLN F 41 17.46 45.39 0.50
C GLN F 41 16.07 44.86 0.17
N GLN F 42 15.25 45.65 -0.54
CA GLN F 42 13.99 45.10 -1.04
C GLN F 42 13.82 45.38 -2.52
N LYS F 43 13.81 44.32 -3.31
CA LYS F 43 13.39 44.41 -4.72
C LYS F 43 11.86 44.40 -4.79
N PRO F 44 11.28 45.07 -5.79
CA PRO F 44 9.82 45.11 -5.96
C PRO F 44 9.19 43.71 -5.96
N GLY F 45 8.13 43.55 -5.19
CA GLY F 45 7.40 42.30 -5.15
C GLY F 45 8.08 41.17 -4.38
N GLN F 46 9.23 41.45 -3.78
CA GLN F 46 9.97 40.44 -3.02
C GLN F 46 10.06 40.81 -1.55
N PRO F 47 10.19 39.81 -0.67
CA PRO F 47 10.50 40.14 0.73
C PRO F 47 11.83 40.89 0.87
N PRO F 48 11.94 41.77 1.87
CA PRO F 48 13.22 42.38 2.23
C PRO F 48 14.29 41.32 2.50
N ILE F 49 15.52 41.66 2.18
CA ILE F 49 16.66 40.80 2.53
C ILE F 49 17.60 41.57 3.43
N LEU F 50 17.99 40.92 4.54
CA LEU F 50 18.91 41.51 5.50
C LEU F 50 20.36 41.53 4.94
N LEU F 51 20.95 42.71 4.89
CA LEU F 51 22.27 42.87 4.31
C LEU F 51 23.31 42.95 5.40
N ILE F 52 23.02 43.81 6.36
CA ILE F 52 23.91 44.18 7.43
C ILE F 52 23.17 44.29 8.76
N SER F 53 23.67 43.61 9.80
CA SER F 53 23.15 43.75 11.16
C SER F 53 24.15 44.50 12.06
N ARG F 54 23.62 45.11 13.12
CA ARG F 54 24.41 45.86 14.10
C ARG F 54 25.41 46.82 13.47
N ALA F 55 24.90 47.67 12.56
CA ALA F 55 25.66 48.74 11.91
C ALA F 55 26.73 48.26 10.91
N SER F 56 27.47 47.19 11.21
CA SER F 56 28.62 46.86 10.35
C SER F 56 28.82 45.37 10.05
N ASN F 57 27.99 44.50 10.62
CA ASN F 57 28.19 43.06 10.38
C ASN F 57 27.47 42.56 9.12
N LEU F 58 28.27 42.25 8.11
CA LEU F 58 27.79 41.71 6.84
C LEU F 58 27.23 40.31 7.03
N GLU F 59 26.00 40.07 6.61
CA GLU F 59 25.38 38.76 6.81
C GLU F 59 25.94 37.72 5.86
N SER F 60 25.88 36.47 6.28
CA SER F 60 26.34 35.34 5.48
C SER F 60 25.62 35.29 4.14
N GLY F 61 26.38 35.12 3.07
CA GLY F 61 25.84 35.04 1.74
C GLY F 61 25.74 36.37 1.03
N ILE F 62 25.91 37.47 1.77
CA ILE F 62 25.77 38.81 1.21
C ILE F 62 27.11 39.23 0.61
N PRO F 63 27.10 39.79 -0.61
CA PRO F 63 28.34 40.18 -1.28
C PRO F 63 29.09 41.28 -0.54
N ALA F 64 30.42 41.22 -0.60
CA ALA F 64 31.30 42.11 0.15
C ALA F 64 31.26 43.57 -0.31
N ARG F 65 30.63 43.84 -1.46
CA ARG F 65 30.54 45.21 -1.93
C ARG F 65 29.57 46.01 -1.04
N PHE F 66 28.75 45.30 -0.27
CA PHE F 66 27.90 45.94 0.73
C PHE F 66 28.64 46.13 2.06
N SER F 67 28.67 47.35 2.58
CA SER F 67 29.21 47.54 3.93
C SER F 67 28.49 48.65 4.70
N GLY F 68 28.55 48.55 6.03
CA GLY F 68 27.87 49.50 6.89
C GLY F 68 28.78 50.17 7.88
N SER F 69 28.44 51.37 8.30
CA SER F 69 29.22 52.04 9.32
C SER F 69 28.36 52.99 10.14
N GLY F 70 28.87 53.39 11.31
CA GLY F 70 28.24 54.42 12.13
C GLY F 70 27.92 54.00 13.55
N SER F 71 27.33 54.92 14.33
CA SER F 71 27.03 54.68 15.74
C SER F 71 26.08 55.73 16.28
N ARG F 72 25.52 55.47 17.47
CA ARG F 72 24.58 56.40 18.11
C ARG F 72 23.37 56.72 17.22
N THR F 73 23.39 57.88 16.57
CA THR F 73 22.28 58.30 15.73
C THR F 73 22.59 58.36 14.24
N ASP F 74 23.83 58.12 13.83
CA ASP F 74 24.18 58.32 12.40
C ASP F 74 24.77 57.08 11.75
N PHE F 75 24.11 56.60 10.71
CA PHE F 75 24.59 55.38 10.05
C PHE F 75 24.67 55.49 8.52
N THR F 76 25.57 54.70 7.96
CA THR F 76 25.80 54.72 6.54
C THR F 76 25.90 53.32 5.96
N LEU F 77 25.17 53.09 4.86
CA LEU F 77 25.30 51.90 4.04
C LEU F 77 26.04 52.28 2.77
N THR F 78 27.04 51.48 2.42
CA THR F 78 27.86 51.73 1.23
C THR F 78 27.80 50.52 0.31
N ILE F 79 27.54 50.79 -0.97
CA ILE F 79 27.56 49.76 -2.00
C ILE F 79 28.63 50.12 -3.00
N ASN F 80 29.65 49.27 -3.10
CA ASN F 80 30.79 49.58 -3.95
C ASN F 80 31.59 48.35 -4.39
N PRO F 81 31.74 48.14 -5.70
CA PRO F 81 31.11 48.94 -6.77
C PRO F 81 29.66 48.56 -6.96
N VAL F 82 28.82 49.49 -7.38
CA VAL F 82 27.42 49.17 -7.67
C VAL F 82 27.33 48.23 -8.88
N GLU F 83 26.46 47.22 -8.81
CA GLU F 83 26.25 46.33 -9.96
C GLU F 83 24.79 46.41 -10.45
N ALA F 84 24.55 45.83 -11.64
CA ALA F 84 23.30 46.04 -12.36
C ALA F 84 22.04 45.54 -11.63
N ASP F 85 22.20 44.57 -10.73
CA ASP F 85 21.04 44.03 -10.02
C ASP F 85 20.85 44.70 -8.64
N ASP F 86 21.58 45.78 -8.37
CA ASP F 86 21.48 46.41 -7.07
C ASP F 86 20.35 47.43 -6.97
N PHE F 87 19.59 47.63 -8.04
CA PHE F 87 18.51 48.61 -7.95
C PHE F 87 17.46 48.03 -7.01
N ALA F 88 17.04 48.84 -6.05
CA ALA F 88 16.12 48.36 -5.03
C ALA F 88 15.80 49.52 -4.13
N THR F 89 14.95 49.27 -3.15
CA THR F 89 14.83 50.21 -2.06
C THR F 89 15.62 49.65 -0.87
N TYR F 90 16.41 50.52 -0.24
CA TYR F 90 17.19 50.12 0.93
C TYR F 90 16.58 50.71 2.18
N TYR F 91 16.24 49.86 3.14
CA TYR F 91 15.70 50.34 4.41
C TYR F 91 16.67 50.14 5.59
N CYS F 92 16.74 51.14 6.46
CA CYS F 92 17.37 50.93 7.75
C CYS F 92 16.28 50.56 8.75
N GLN F 93 16.68 49.94 9.84
CA GLN F 93 15.75 49.50 10.89
C GLN F 93 16.46 49.59 12.25
N GLN F 94 15.83 50.21 13.24
CA GLN F 94 16.40 50.17 14.58
C GLN F 94 15.68 49.11 15.40
N THR F 95 16.43 48.36 16.21
CA THR F 95 15.80 47.42 17.13
C THR F 95 16.24 47.65 18.58
N ASN F 96 16.75 48.83 18.88
CA ASN F 96 17.24 49.11 20.21
C ASN F 96 16.11 49.24 21.23
N GLU F 97 14.90 49.48 20.72
CA GLU F 97 13.77 49.95 21.53
C GLU F 97 12.46 49.57 20.89
N ASP F 98 11.57 48.93 21.64
CA ASP F 98 10.18 48.77 21.21
C ASP F 98 9.48 50.12 21.04
N PRO F 99 8.71 50.29 19.94
CA PRO F 99 8.59 49.32 18.85
C PRO F 99 9.70 49.49 17.81
N ARG F 100 10.10 48.39 17.16
CA ARG F 100 10.99 48.45 16.02
C ARG F 100 10.43 49.42 14.99
N THR F 101 11.30 50.25 14.43
CA THR F 101 10.89 51.14 13.35
C THR F 101 11.85 51.07 12.16
N PHE F 102 11.32 51.34 10.97
CA PHE F 102 12.12 51.40 9.77
C PHE F 102 12.22 52.84 9.24
N GLY F 103 13.29 53.10 8.49
CA GLY F 103 13.39 54.32 7.73
C GLY F 103 12.40 54.28 6.58
N GLY F 104 12.05 55.43 6.03
CA GLY F 104 11.14 55.49 4.91
C GLY F 104 11.74 54.93 3.61
N GLY F 105 13.05 54.65 3.61
CA GLY F 105 13.69 53.95 2.51
C GLY F 105 14.45 54.82 1.51
N THR F 106 15.41 54.22 0.83
CA THR F 106 16.14 54.95 -0.22
C THR F 106 16.14 54.12 -1.47
N LYS F 107 15.64 54.69 -2.56
CA LYS F 107 15.50 53.98 -3.82
C LYS F 107 16.77 54.21 -4.63
N LEU F 108 17.52 53.13 -4.84
CA LEU F 108 18.75 53.21 -5.60
C LEU F 108 18.45 52.85 -7.03
N GLU F 109 18.79 53.75 -7.92
CA GLU F 109 18.65 53.54 -9.35
C GLU F 109 20.05 53.32 -9.98
N ILE F 110 20.14 52.39 -10.93
CA ILE F 110 21.36 52.25 -11.73
C ILE F 110 21.38 53.32 -12.83
N LYS F 111 22.38 54.19 -12.78
CA LYS F 111 22.56 55.20 -13.84
C LYS F 111 23.27 54.56 -15.04
N ARG F 112 22.83 54.91 -16.23
CA ARG F 112 23.44 54.40 -17.47
C ARG F 112 23.39 55.50 -18.53
N ALA F 113 23.95 55.23 -19.71
CA ALA F 113 23.83 56.19 -20.80
C ALA F 113 22.36 56.35 -21.21
N ASP F 114 22.00 57.57 -21.60
CA ASP F 114 20.66 57.86 -22.09
C ASP F 114 20.35 57.02 -23.34
N ALA F 115 19.15 56.49 -23.38
CA ALA F 115 18.68 55.70 -24.51
C ALA F 115 17.23 56.06 -24.84
N ALA F 116 16.97 56.24 -26.13
CA ALA F 116 15.65 56.61 -26.61
C ALA F 116 14.72 55.40 -26.65
N PRO F 117 13.42 55.65 -26.43
CA PRO F 117 12.41 54.58 -26.42
C PRO F 117 12.11 54.02 -27.81
N THR F 118 11.72 52.76 -27.85
CA THR F 118 11.16 52.17 -29.05
C THR F 118 9.64 52.22 -28.94
N VAL F 119 8.99 52.91 -29.86
CA VAL F 119 7.53 53.11 -29.75
C VAL F 119 6.77 52.22 -30.73
N SER F 120 5.75 51.54 -30.21
CA SER F 120 4.86 50.69 -31.00
C SER F 120 3.41 51.02 -30.66
N ILE F 121 2.55 51.16 -31.66
CA ILE F 121 1.15 51.46 -31.39
C ILE F 121 0.25 50.31 -31.86
N PHE F 122 -0.84 50.08 -31.15
CA PHE F 122 -1.73 48.95 -31.46
C PHE F 122 -3.20 49.33 -31.43
N PRO F 123 -3.92 49.04 -32.52
CA PRO F 123 -5.37 49.26 -32.54
C PRO F 123 -6.07 48.28 -31.59
N PRO F 124 -7.33 48.54 -31.23
CA PRO F 124 -8.12 47.59 -30.43
C PRO F 124 -8.34 46.26 -31.16
N SER F 125 -8.42 45.15 -30.45
CA SER F 125 -8.70 43.88 -31.12
C SER F 125 -10.19 43.77 -31.41
N SER F 126 -10.52 43.01 -32.45
CA SER F 126 -11.91 42.77 -32.80
C SER F 126 -12.65 42.07 -31.66
N GLU F 127 -11.91 41.27 -30.90
CA GLU F 127 -12.48 40.56 -29.76
C GLU F 127 -12.99 41.53 -28.70
N GLN F 128 -12.25 42.60 -28.47
CA GLN F 128 -12.71 43.63 -27.55
C GLN F 128 -13.88 44.41 -28.15
N LEU F 129 -13.74 44.82 -29.42
CA LEU F 129 -14.76 45.65 -30.06
C LEU F 129 -16.13 45.00 -29.98
N THR F 130 -16.17 43.67 -30.15
CA THR F 130 -17.45 42.96 -30.23
C THR F 130 -18.11 42.77 -28.85
N SER F 131 -17.42 43.16 -27.79
CA SER F 131 -18.02 43.18 -26.46
C SER F 131 -18.33 44.62 -26.04
N GLY F 132 -17.90 45.58 -26.84
CA GLY F 132 -18.35 46.95 -26.70
C GLY F 132 -17.34 47.98 -26.22
N GLY F 133 -16.07 47.59 -26.17
CA GLY F 133 -15.01 48.49 -25.72
C GLY F 133 -13.92 48.64 -26.75
N ALA F 134 -13.10 49.68 -26.62
CA ALA F 134 -11.99 49.91 -27.53
C ALA F 134 -10.80 50.52 -26.80
N SER F 135 -9.86 49.68 -26.41
CA SER F 135 -8.60 50.14 -25.85
C SER F 135 -7.51 50.24 -26.92
N VAL F 136 -6.86 51.40 -26.99
CA VAL F 136 -5.73 51.62 -27.89
C VAL F 136 -4.48 51.62 -27.01
N VAL F 137 -3.52 50.76 -27.35
CA VAL F 137 -2.31 50.58 -26.53
C VAL F 137 -1.05 51.12 -27.22
N CYS F 138 -0.21 51.78 -26.43
CA CYS F 138 1.08 52.23 -26.92
C CYS F 138 2.22 51.79 -25.99
N PHE F 139 3.20 51.10 -26.56
CA PHE F 139 4.39 50.72 -25.81
C PHE F 139 5.53 51.66 -26.13
N LEU F 140 6.21 52.06 -25.07
CA LEU F 140 7.40 52.90 -25.13
C LEU F 140 8.49 52.18 -24.32
N ASN F 141 9.39 51.51 -25.04
CA ASN F 141 10.20 50.46 -24.46
C ASN F 141 11.69 50.75 -24.46
N ASN F 142 12.33 50.34 -23.36
CA ASN F 142 13.77 50.34 -23.19
C ASN F 142 14.39 51.72 -23.36
N PHE F 143 14.01 52.65 -22.49
CA PHE F 143 14.57 53.99 -22.52
C PHE F 143 15.18 54.34 -21.16
N TYR F 144 16.02 55.37 -21.14
CA TYR F 144 16.64 55.87 -19.92
C TYR F 144 17.05 57.31 -20.22
N PRO F 145 16.85 58.24 -19.27
CA PRO F 145 16.19 58.13 -17.96
C PRO F 145 14.67 57.93 -18.02
N LYS F 146 14.06 57.88 -16.83
CA LYS F 146 12.68 57.46 -16.66
C LYS F 146 11.67 58.54 -17.08
N ASP F 147 12.12 59.79 -17.09
CA ASP F 147 11.27 60.93 -17.43
C ASP F 147 10.93 60.92 -18.91
N ILE F 148 9.65 60.88 -19.20
CA ILE F 148 9.17 60.80 -20.58
C ILE F 148 7.78 61.44 -20.69
N ASN F 149 7.47 62.00 -21.85
CA ASN F 149 6.17 62.63 -22.05
C ASN F 149 5.38 61.98 -23.19
N VAL F 150 4.16 61.52 -22.91
CA VAL F 150 3.32 60.90 -23.94
C VAL F 150 2.02 61.66 -24.20
N LYS F 151 1.77 61.96 -25.47
CA LYS F 151 0.51 62.60 -25.87
C LYS F 151 -0.27 61.70 -26.84
N TRP F 152 -1.59 61.71 -26.69
CA TRP F 152 -2.47 60.99 -27.62
C TRP F 152 -3.20 61.98 -28.50
N LYS F 153 -3.18 61.73 -29.80
CA LYS F 153 -3.95 62.53 -30.75
C LYS F 153 -4.96 61.67 -31.50
N ILE F 154 -6.20 62.11 -31.49
CA ILE F 154 -7.27 61.45 -32.22
C ILE F 154 -7.80 62.44 -33.25
N ASP F 155 -7.61 62.10 -34.53
CA ASP F 155 -8.05 62.95 -35.65
C ASP F 155 -7.50 64.38 -35.59
N GLY F 156 -6.35 64.54 -34.94
CA GLY F 156 -5.69 65.84 -34.87
C GLY F 156 -5.79 66.58 -33.54
N SER F 157 -6.77 66.22 -32.71
CA SER F 157 -6.96 66.87 -31.42
C SER F 157 -6.45 66.01 -30.27
N GLU F 158 -5.60 66.58 -29.42
CA GLU F 158 -5.05 65.84 -28.29
C GLU F 158 -6.16 65.36 -27.34
N ARG F 159 -6.08 64.10 -26.93
CA ARG F 159 -7.08 63.52 -26.04
C ARG F 159 -6.46 63.26 -24.67
N GLN F 160 -7.07 63.81 -23.62
CA GLN F 160 -6.49 63.73 -22.28
C GLN F 160 -7.18 62.72 -21.36
N ASN F 161 -8.50 62.60 -21.49
CA ASN F 161 -9.26 61.64 -20.71
C ASN F 161 -9.16 60.22 -21.27
N GLY F 162 -9.21 59.25 -20.37
CA GLY F 162 -9.23 57.85 -20.77
C GLY F 162 -7.86 57.20 -20.87
N VAL F 163 -6.81 57.99 -20.60
CA VAL F 163 -5.43 57.53 -20.71
C VAL F 163 -4.80 57.09 -19.38
N LEU F 164 -4.49 55.79 -19.30
CA LEU F 164 -3.76 55.24 -18.17
C LEU F 164 -2.35 54.86 -18.58
N ASN F 165 -1.37 55.25 -17.77
CA ASN F 165 0.04 54.94 -18.00
C ASN F 165 0.61 54.04 -16.91
N SER F 166 1.66 53.32 -17.24
CA SER F 166 2.26 52.39 -16.32
C SER F 166 3.73 52.11 -16.66
N TRP F 167 4.63 52.30 -15.69
CA TRP F 167 6.07 52.06 -15.88
C TRP F 167 6.50 50.70 -15.33
N THR F 168 7.43 50.04 -16.00
CA THR F 168 8.07 48.87 -15.39
C THR F 168 9.13 49.34 -14.40
N ASP F 169 9.58 48.44 -13.54
CA ASP F 169 10.76 48.71 -12.74
C ASP F 169 11.98 48.63 -13.66
N GLN F 170 13.12 49.13 -13.20
CA GLN F 170 14.32 49.09 -14.03
C GLN F 170 14.62 47.66 -14.52
N ASP F 171 15.07 47.52 -15.77
CA ASP F 171 15.46 46.21 -16.27
C ASP F 171 16.80 45.78 -15.66
N SER F 172 16.90 44.53 -15.22
CA SER F 172 18.08 44.12 -14.46
C SER F 172 19.27 43.84 -15.38
N LYS F 173 19.02 43.76 -16.68
CA LYS F 173 20.09 43.56 -17.63
C LYS F 173 20.65 44.88 -18.17
N ASP F 174 19.81 45.68 -18.83
CA ASP F 174 20.31 46.88 -19.49
C ASP F 174 19.97 48.18 -18.75
N SER F 175 19.37 48.07 -17.56
CA SER F 175 19.11 49.21 -16.67
C SER F 175 18.17 50.28 -17.28
N THR F 176 17.33 49.89 -18.23
CA THR F 176 16.39 50.83 -18.83
C THR F 176 15.00 50.72 -18.21
N TYR F 177 14.15 51.67 -18.56
CA TYR F 177 12.75 51.62 -18.17
C TYR F 177 11.87 51.42 -19.41
N SER F 178 10.67 50.89 -19.20
CA SER F 178 9.67 50.78 -20.25
C SER F 178 8.35 51.32 -19.72
N MET F 179 7.42 51.63 -20.63
CA MET F 179 6.12 52.19 -20.23
C MET F 179 5.01 51.86 -21.24
N SER F 180 3.79 51.68 -20.73
CA SER F 180 2.63 51.43 -21.57
C SER F 180 1.65 52.54 -21.37
N SER F 181 1.09 53.03 -22.47
CA SER F 181 0.06 54.05 -22.40
C SER F 181 -1.22 53.52 -23.07
N THR F 182 -2.32 53.50 -22.32
CA THR F 182 -3.55 52.89 -22.80
C THR F 182 -4.73 53.86 -22.80
N LEU F 183 -5.21 54.15 -24.01
CA LEU F 183 -6.34 55.05 -24.23
C LEU F 183 -7.60 54.23 -24.36
N THR F 184 -8.47 54.27 -23.36
CA THR F 184 -9.64 53.42 -23.44
C THR F 184 -10.88 54.23 -23.82
N LEU F 185 -11.56 53.75 -24.86
CA LEU F 185 -12.76 54.39 -25.38
C LEU F 185 -13.85 53.32 -25.46
N THR F 186 -15.07 53.74 -25.81
CA THR F 186 -16.09 52.78 -26.17
C THR F 186 -15.97 52.49 -27.66
N LYS F 187 -16.48 51.33 -28.06
CA LYS F 187 -16.50 50.93 -29.46
C LYS F 187 -17.19 52.00 -30.32
N ASP F 188 -18.35 52.50 -29.87
CA ASP F 188 -19.08 53.52 -30.62
C ASP F 188 -18.23 54.75 -30.89
N GLU F 189 -17.50 55.19 -29.87
CA GLU F 189 -16.62 56.36 -29.99
C GLU F 189 -15.37 56.06 -30.85
N TYR F 190 -14.78 54.89 -30.68
CA TYR F 190 -13.66 54.48 -31.53
C TYR F 190 -14.02 54.49 -33.03
N GLU F 191 -15.18 53.92 -33.35
CA GLU F 191 -15.61 53.83 -34.74
C GLU F 191 -16.04 55.18 -35.31
N ARG F 192 -16.04 56.22 -34.47
CA ARG F 192 -16.42 57.57 -34.91
C ARG F 192 -15.19 58.42 -35.26
N HIS F 193 -14.03 57.79 -35.30
CA HIS F 193 -12.78 58.50 -35.52
C HIS F 193 -11.83 57.67 -36.38
N ASN F 194 -10.88 58.32 -37.04
CA ASN F 194 -10.00 57.64 -37.98
C ASN F 194 -8.53 57.49 -37.53
N SER F 195 -7.83 58.61 -37.40
CA SER F 195 -6.40 58.55 -37.12
C SER F 195 -6.10 58.54 -35.62
N TYR F 196 -5.36 57.54 -35.18
CA TYR F 196 -4.99 57.45 -33.75
C TYR F 196 -3.47 57.50 -33.59
N THR F 197 -3.01 58.52 -32.86
CA THR F 197 -1.58 58.79 -32.70
C THR F 197 -1.10 58.73 -31.25
N CYS F 198 0.06 58.10 -31.07
CA CYS F 198 0.78 58.09 -29.79
C CYS F 198 2.13 58.79 -29.97
N GLU F 199 2.33 59.87 -29.24
CA GLU F 199 3.46 60.76 -29.44
C GLU F 199 4.36 60.81 -28.19
N ALA F 200 5.65 60.52 -28.36
CA ALA F 200 6.56 60.38 -27.21
C ALA F 200 7.72 61.37 -27.26
N THR F 201 7.96 62.05 -26.14
CA THR F 201 9.02 63.05 -26.06
C THR F 201 9.97 62.75 -24.90
N HIS F 202 11.27 62.71 -25.21
CA HIS F 202 12.27 62.20 -24.28
C HIS F 202 13.56 62.97 -24.49
N LYS F 203 14.37 63.11 -23.44
CA LYS F 203 15.53 64.02 -23.49
C LYS F 203 16.56 63.59 -24.55
N THR F 204 16.42 62.36 -25.06
CA THR F 204 17.34 61.86 -26.08
C THR F 204 17.11 62.48 -27.46
N SER F 205 15.92 63.06 -27.68
CA SER F 205 15.70 63.81 -28.92
C SER F 205 14.71 64.97 -28.74
N THR F 206 14.97 66.05 -29.45
CA THR F 206 14.15 67.26 -29.40
C THR F 206 12.90 67.09 -30.26
N SER F 207 13.01 66.24 -31.28
CA SER F 207 11.84 65.86 -32.08
C SER F 207 11.17 64.65 -31.46
N PRO F 208 9.83 64.70 -31.32
CA PRO F 208 9.15 63.57 -30.67
C PRO F 208 9.09 62.33 -31.56
N ILE F 209 8.86 61.18 -30.94
CA ILE F 209 8.70 59.96 -31.70
C ILE F 209 7.21 59.70 -31.84
N VAL F 210 6.73 59.73 -33.09
CA VAL F 210 5.31 59.59 -33.35
C VAL F 210 4.99 58.26 -34.04
N LYS F 211 3.96 57.60 -33.51
CA LYS F 211 3.41 56.40 -34.11
C LYS F 211 1.90 56.51 -34.30
N SER F 212 1.43 56.17 -35.49
CA SER F 212 0.02 56.28 -35.83
C SER F 212 -0.50 55.08 -36.59
N PHE F 213 -1.83 54.92 -36.56
CA PHE F 213 -2.51 54.05 -37.51
C PHE F 213 -3.81 54.72 -37.86
N ASN F 214 -4.38 54.35 -39.00
CA ASN F 214 -5.72 54.78 -39.35
C ASN F 214 -6.69 53.61 -39.24
N ARG F 215 -7.85 53.85 -38.63
CA ARG F 215 -8.82 52.80 -38.36
C ARG F 215 -9.32 52.13 -39.65
N ASN F 216 -9.49 52.89 -40.72
CA ASN F 216 -10.10 52.31 -41.93
C ASN F 216 -9.11 51.60 -42.85
N GLU F 217 -8.15 50.88 -42.27
CA GLU F 217 -7.13 50.18 -43.03
C GLU F 217 -6.79 48.82 -42.42
N GLU G 1 -40.33 -20.11 -32.56
CA GLU G 1 -39.49 -19.00 -32.96
C GLU G 1 -38.32 -19.49 -33.85
N VAL G 2 -38.05 -20.79 -33.82
CA VAL G 2 -37.19 -21.37 -34.85
C VAL G 2 -37.97 -21.44 -36.15
N GLN G 3 -37.36 -21.05 -37.25
CA GLN G 3 -38.01 -21.12 -38.55
C GLN G 3 -37.10 -21.60 -39.65
N LEU G 4 -37.65 -22.45 -40.50
CA LEU G 4 -36.96 -22.88 -41.70
C LEU G 4 -37.80 -22.46 -42.91
N GLN G 5 -37.25 -21.54 -43.71
CA GLN G 5 -37.97 -21.02 -44.87
C GLN G 5 -37.29 -21.45 -46.18
N GLN G 6 -37.98 -22.29 -46.94
CA GLN G 6 -37.47 -22.77 -48.22
C GLN G 6 -37.91 -21.85 -49.34
N SER G 7 -37.15 -21.87 -50.43
CA SER G 7 -37.46 -21.09 -51.62
C SER G 7 -38.69 -21.68 -52.30
N GLY G 8 -39.20 -20.96 -53.29
CA GLY G 8 -40.50 -21.26 -53.85
C GLY G 8 -40.53 -22.44 -54.81
N PRO G 9 -41.75 -22.77 -55.29
CA PRO G 9 -41.94 -23.81 -56.31
C PRO G 9 -41.03 -23.57 -57.50
N GLU G 10 -40.60 -24.65 -58.15
CA GLU G 10 -39.76 -24.49 -59.32
C GLU G 10 -40.21 -25.40 -60.43
N LEU G 11 -40.27 -24.85 -61.63
CA LEU G 11 -40.46 -25.61 -62.85
C LEU G 11 -39.12 -25.69 -63.55
N VAL G 12 -38.64 -26.91 -63.80
CA VAL G 12 -37.30 -27.14 -64.30
C VAL G 12 -37.26 -28.02 -65.55
N LYS G 13 -36.47 -27.62 -66.54
CA LYS G 13 -36.23 -28.43 -67.73
C LYS G 13 -35.50 -29.72 -67.36
N PRO G 14 -35.89 -30.85 -67.96
CA PRO G 14 -35.17 -32.11 -67.78
C PRO G 14 -33.71 -32.03 -68.23
N GLY G 15 -32.82 -32.67 -67.47
CA GLY G 15 -31.40 -32.64 -67.76
C GLY G 15 -30.68 -31.46 -67.14
N ALA G 16 -31.44 -30.42 -66.79
CA ALA G 16 -30.87 -29.26 -66.12
C ALA G 16 -30.53 -29.58 -64.66
N SER G 17 -30.12 -28.56 -63.91
CA SER G 17 -29.93 -28.73 -62.48
C SER G 17 -30.62 -27.58 -61.77
N MET G 18 -30.72 -27.66 -60.45
CA MET G 18 -31.41 -26.63 -59.69
C MET G 18 -31.01 -26.61 -58.20
N LYS G 19 -31.02 -25.42 -57.62
CA LYS G 19 -30.60 -25.25 -56.25
C LYS G 19 -31.77 -24.78 -55.37
N ILE G 20 -32.16 -25.62 -54.42
CA ILE G 20 -33.19 -25.26 -53.43
C ILE G 20 -32.51 -24.64 -52.22
N SER G 21 -33.09 -23.57 -51.68
CA SER G 21 -32.52 -22.95 -50.48
C SER G 21 -33.41 -23.15 -49.25
N CYS G 22 -32.78 -23.13 -48.09
CA CYS G 22 -33.48 -23.27 -46.81
C CYS G 22 -32.85 -22.29 -45.84
N LYS G 23 -33.56 -21.20 -45.57
CA LYS G 23 -33.00 -20.17 -44.70
C LYS G 23 -33.41 -20.39 -43.24
N ALA G 24 -32.42 -20.58 -42.37
CA ALA G 24 -32.68 -20.89 -40.97
C ALA G 24 -32.58 -19.62 -40.11
N SER G 25 -33.58 -19.40 -39.28
CA SER G 25 -33.48 -18.31 -38.31
C SER G 25 -34.00 -18.75 -36.95
N GLY G 26 -33.60 -18.02 -35.91
CA GLY G 26 -34.12 -18.25 -34.57
C GLY G 26 -33.27 -19.17 -33.72
N TYR G 27 -32.09 -19.55 -34.22
CA TYR G 27 -31.20 -20.38 -33.42
C TYR G 27 -29.77 -20.28 -33.93
N SER G 28 -28.86 -20.96 -33.24
CA SER G 28 -27.45 -21.02 -33.64
C SER G 28 -27.30 -21.97 -34.84
N PHE G 29 -27.13 -21.41 -36.03
CA PHE G 29 -27.18 -22.16 -37.29
C PHE G 29 -26.20 -23.33 -37.37
N THR G 30 -24.99 -23.13 -36.87
CA THR G 30 -23.92 -24.13 -37.02
C THR G 30 -23.95 -25.20 -35.92
N GLY G 31 -24.91 -25.11 -35.00
CA GLY G 31 -25.02 -26.08 -33.92
C GLY G 31 -25.80 -27.36 -34.23
N TYR G 32 -26.51 -27.41 -35.36
CA TYR G 32 -27.35 -28.56 -35.68
C TYR G 32 -27.26 -29.02 -37.13
N SER G 33 -27.29 -30.34 -37.36
CA SER G 33 -27.34 -30.86 -38.73
C SER G 33 -28.56 -30.31 -39.46
N MET G 34 -28.41 -30.07 -40.76
CA MET G 34 -29.57 -29.80 -41.59
C MET G 34 -29.80 -31.01 -42.50
N ASN G 35 -30.98 -31.61 -42.40
CA ASN G 35 -31.33 -32.76 -43.20
C ASN G 35 -32.15 -32.35 -44.41
N TRP G 36 -32.18 -33.23 -45.41
CA TRP G 36 -33.04 -33.06 -46.58
C TRP G 36 -33.84 -34.33 -46.85
N VAL G 37 -35.12 -34.15 -47.16
CA VAL G 37 -36.09 -35.22 -47.28
C VAL G 37 -36.89 -35.10 -48.57
N LYS G 38 -37.08 -36.21 -49.26
CA LYS G 38 -37.83 -36.20 -50.51
C LYS G 38 -39.18 -36.85 -50.34
N GLN G 39 -40.22 -36.25 -50.90
CA GLN G 39 -41.53 -36.88 -50.94
C GLN G 39 -42.17 -36.80 -52.33
N SER G 40 -42.27 -37.94 -53.00
CA SER G 40 -42.95 -38.03 -54.28
C SER G 40 -44.43 -38.25 -54.00
N HIS G 41 -45.32 -37.74 -54.86
CA HIS G 41 -46.76 -37.71 -54.57
C HIS G 41 -47.29 -39.02 -53.99
N GLY G 42 -46.76 -40.16 -54.44
CA GLY G 42 -47.09 -41.47 -53.88
C GLY G 42 -47.17 -41.51 -52.35
N LYS G 43 -46.28 -40.74 -51.73
CA LYS G 43 -46.34 -40.23 -50.34
C LYS G 43 -45.24 -40.76 -49.42
N ASN G 44 -44.32 -41.56 -49.92
CA ASN G 44 -43.28 -42.01 -49.02
C ASN G 44 -42.27 -40.90 -48.74
N LEU G 45 -41.79 -40.86 -47.50
CA LEU G 45 -40.69 -39.97 -47.11
C LEU G 45 -39.35 -40.68 -47.30
N GLU G 46 -38.39 -39.93 -47.84
CA GLU G 46 -37.08 -40.47 -48.15
C GLU G 46 -35.99 -39.52 -47.68
N TRP G 47 -35.04 -40.06 -46.90
CA TRP G 47 -33.92 -39.25 -46.40
C TRP G 47 -32.83 -39.11 -47.44
N ILE G 48 -32.53 -37.87 -47.81
CA ILE G 48 -31.53 -37.64 -48.85
C ILE G 48 -30.12 -37.59 -48.22
N GLY G 49 -29.99 -36.85 -47.14
CA GLY G 49 -28.71 -36.68 -46.50
C GLY G 49 -28.74 -35.55 -45.50
N LEU G 50 -27.59 -35.24 -44.92
CA LEU G 50 -27.51 -34.12 -44.00
C LEU G 50 -26.15 -33.45 -44.13
N ILE G 51 -26.13 -32.18 -43.79
CA ILE G 51 -24.89 -31.45 -43.73
C ILE G 51 -24.70 -30.91 -42.31
N ASN G 52 -23.46 -30.99 -41.83
CA ASN G 52 -22.99 -30.29 -40.65
C ASN G 52 -22.58 -28.85 -41.03
N PRO G 53 -23.37 -27.84 -40.63
CA PRO G 53 -23.11 -26.48 -41.10
C PRO G 53 -21.85 -25.88 -40.50
N TYR G 54 -21.37 -26.49 -39.42
CA TYR G 54 -20.16 -26.01 -38.76
C TYR G 54 -18.94 -26.15 -39.65
N ASN G 55 -18.81 -27.28 -40.35
CA ASN G 55 -17.62 -27.50 -41.17
C ASN G 55 -17.92 -28.02 -42.59
N GLY G 56 -19.21 -28.19 -42.91
CA GLY G 56 -19.60 -28.58 -44.25
C GLY G 56 -19.53 -30.07 -44.56
N ASP G 57 -19.18 -30.89 -43.57
CA ASP G 57 -19.21 -32.34 -43.72
C ASP G 57 -20.63 -32.81 -44.09
N THR G 58 -20.69 -33.73 -45.04
CA THR G 58 -21.95 -34.21 -45.56
C THR G 58 -22.09 -35.70 -45.34
N THR G 59 -23.32 -36.15 -45.18
CA THR G 59 -23.61 -37.57 -45.19
C THR G 59 -24.80 -37.80 -46.12
N TYR G 60 -24.67 -38.77 -47.02
CA TYR G 60 -25.69 -38.99 -48.06
C TYR G 60 -26.25 -40.39 -48.00
N LYS G 61 -27.52 -40.54 -48.34
CA LYS G 61 -28.07 -41.86 -48.64
C LYS G 61 -27.50 -42.26 -50.00
N GLN G 62 -27.03 -43.50 -50.10
CA GLN G 62 -26.30 -44.00 -51.27
C GLN G 62 -26.86 -43.53 -52.61
N LYS G 63 -28.15 -43.78 -52.84
CA LYS G 63 -28.76 -43.51 -54.14
C LYS G 63 -28.71 -42.03 -54.53
N PHE G 64 -28.46 -41.14 -53.56
CA PHE G 64 -28.37 -39.72 -53.86
C PHE G 64 -26.92 -39.20 -53.97
N LYS G 65 -25.93 -40.06 -53.78
CA LYS G 65 -24.54 -39.66 -54.00
C LYS G 65 -24.33 -39.38 -55.49
N GLY G 66 -23.85 -38.19 -55.80
CA GLY G 66 -23.65 -37.77 -57.18
C GLY G 66 -24.93 -37.23 -57.80
N LYS G 67 -25.97 -37.09 -56.99
CA LYS G 67 -27.26 -36.60 -57.48
C LYS G 67 -27.68 -35.36 -56.71
N ALA G 68 -27.44 -35.38 -55.41
CA ALA G 68 -27.69 -34.23 -54.58
C ALA G 68 -26.39 -33.71 -53.99
N THR G 69 -26.26 -32.40 -53.92
CA THR G 69 -25.07 -31.74 -53.36
C THR G 69 -25.52 -30.71 -52.33
N LEU G 70 -25.29 -31.03 -51.06
CA LEU G 70 -25.69 -30.16 -49.95
C LEU G 70 -24.59 -29.16 -49.62
N THR G 71 -24.95 -27.89 -49.54
CA THR G 71 -24.01 -26.88 -49.07
C THR G 71 -24.66 -25.98 -48.02
N VAL G 72 -23.86 -25.12 -47.41
CA VAL G 72 -24.39 -24.12 -46.49
C VAL G 72 -23.69 -22.80 -46.74
N ASP G 73 -24.36 -21.70 -46.41
CA ASP G 73 -23.74 -20.38 -46.36
C ASP G 73 -23.88 -19.86 -44.94
N ARG G 74 -22.81 -19.93 -44.16
CA ARG G 74 -22.87 -19.59 -42.74
C ARG G 74 -23.16 -18.11 -42.50
N SER G 75 -22.68 -17.28 -43.41
CA SER G 75 -22.95 -15.85 -43.41
C SER G 75 -24.44 -15.51 -43.43
N SER G 76 -25.23 -16.32 -44.12
CA SER G 76 -26.65 -16.01 -44.31
C SER G 76 -27.56 -17.05 -43.66
N SER G 77 -26.96 -17.94 -42.87
CA SER G 77 -27.66 -19.04 -42.19
C SER G 77 -28.57 -19.82 -43.13
N THR G 78 -28.07 -20.12 -44.32
CA THR G 78 -28.87 -20.78 -45.34
C THR G 78 -28.25 -22.12 -45.72
N ALA G 79 -29.10 -23.14 -45.81
CA ALA G 79 -28.68 -24.44 -46.32
C ALA G 79 -29.19 -24.62 -47.77
N TYR G 80 -28.39 -25.25 -48.62
CA TYR G 80 -28.75 -25.43 -50.04
C TYR G 80 -28.69 -26.90 -50.45
N MET G 81 -29.64 -27.30 -51.30
CA MET G 81 -29.58 -28.59 -51.95
C MET G 81 -29.65 -28.45 -53.46
N GLU G 82 -28.60 -28.91 -54.13
CA GLU G 82 -28.51 -28.84 -55.57
C GLU G 82 -28.79 -30.22 -56.15
N LEU G 83 -29.82 -30.31 -56.97
CA LEU G 83 -30.17 -31.54 -57.65
C LEU G 83 -29.64 -31.48 -59.07
N LEU G 84 -29.00 -32.55 -59.53
CA LEU G 84 -28.35 -32.53 -60.82
C LEU G 84 -29.00 -33.51 -61.80
N ARG G 85 -28.92 -33.18 -63.10
CA ARG G 85 -29.40 -34.06 -64.18
C ARG G 85 -30.84 -34.49 -63.92
N LEU G 86 -31.71 -33.52 -63.78
CA LEU G 86 -33.08 -33.77 -63.35
C LEU G 86 -33.86 -34.53 -64.40
N THR G 87 -34.61 -35.52 -63.92
CA THR G 87 -35.58 -36.24 -64.74
C THR G 87 -36.93 -36.13 -64.09
N SER G 88 -37.95 -36.69 -64.75
CA SER G 88 -39.31 -36.64 -64.22
C SER G 88 -39.41 -37.34 -62.87
N GLU G 89 -38.46 -38.24 -62.59
CA GLU G 89 -38.48 -38.99 -61.33
C GLU G 89 -37.98 -38.16 -60.14
N ASP G 90 -37.54 -36.93 -60.39
CA ASP G 90 -37.12 -36.05 -59.30
C ASP G 90 -38.21 -35.01 -59.05
N SER G 91 -39.30 -35.09 -59.80
CA SER G 91 -40.48 -34.28 -59.50
C SER G 91 -41.05 -34.71 -58.15
N ALA G 92 -41.10 -33.77 -57.21
CA ALA G 92 -41.41 -34.08 -55.82
C ALA G 92 -41.42 -32.83 -54.97
N VAL G 93 -41.91 -32.98 -53.74
CA VAL G 93 -41.73 -31.98 -52.69
C VAL G 93 -40.44 -32.30 -51.93
N TYR G 94 -39.59 -31.30 -51.75
CA TYR G 94 -38.36 -31.51 -50.98
C TYR G 94 -38.41 -30.68 -49.70
N TYR G 95 -38.04 -31.32 -48.59
CA TYR G 95 -38.02 -30.64 -47.29
C TYR G 95 -36.61 -30.50 -46.79
N CYS G 96 -36.32 -29.38 -46.13
CA CYS G 96 -35.20 -29.34 -45.23
C CYS G 96 -35.78 -29.61 -43.84
N ALA G 97 -34.99 -30.20 -42.94
CA ALA G 97 -35.41 -30.42 -41.55
C ALA G 97 -34.20 -30.44 -40.62
N ARG G 98 -34.28 -29.70 -39.51
CA ARG G 98 -33.17 -29.58 -38.56
C ARG G 98 -33.15 -30.71 -37.56
N SER G 99 -31.98 -31.25 -37.26
CA SER G 99 -31.86 -32.21 -36.17
C SER G 99 -32.26 -31.56 -34.84
N GLY G 100 -32.75 -32.37 -33.91
CA GLY G 100 -33.01 -31.89 -32.56
C GLY G 100 -31.80 -32.05 -31.65
N ARG G 101 -32.03 -31.84 -30.37
CA ARG G 101 -31.03 -32.01 -29.34
C ARG G 101 -31.44 -33.20 -28.47
N GLY G 102 -30.47 -33.99 -28.04
CA GLY G 102 -30.74 -35.10 -27.14
C GLY G 102 -30.26 -36.47 -27.59
N ALA G 103 -30.02 -36.63 -28.89
CA ALA G 103 -29.50 -37.89 -29.44
C ALA G 103 -28.01 -38.01 -29.18
N PRO G 104 -27.52 -39.26 -29.06
CA PRO G 104 -26.10 -39.53 -28.73
C PRO G 104 -25.13 -39.30 -29.90
N THR G 105 -25.64 -39.30 -31.12
CA THR G 105 -24.81 -39.05 -32.30
C THR G 105 -25.54 -38.19 -33.33
N THR G 106 -24.81 -37.74 -34.35
CA THR G 106 -25.42 -36.98 -35.43
C THR G 106 -26.33 -37.87 -36.27
N THR G 107 -26.00 -39.16 -36.35
CA THR G 107 -26.81 -40.10 -37.11
C THR G 107 -28.13 -40.47 -36.41
N THR G 108 -28.15 -40.43 -35.08
CA THR G 108 -29.35 -40.84 -34.34
C THR G 108 -30.35 -39.72 -34.09
N ALA G 109 -30.02 -38.50 -34.48
CA ALA G 109 -30.91 -37.36 -34.24
C ALA G 109 -32.21 -37.45 -35.07
N TRP G 110 -33.32 -37.05 -34.43
CA TRP G 110 -34.64 -37.00 -35.04
C TRP G 110 -34.95 -35.56 -35.51
N PHE G 111 -36.05 -35.37 -36.23
CA PHE G 111 -36.29 -34.09 -36.93
C PHE G 111 -37.37 -33.22 -36.26
N THR G 112 -36.93 -32.18 -35.56
CA THR G 112 -37.85 -31.41 -34.73
C THR G 112 -38.43 -30.17 -35.44
N TYR G 113 -37.70 -29.62 -36.41
CA TYR G 113 -38.18 -28.45 -37.15
C TYR G 113 -38.11 -28.73 -38.65
N TRP G 114 -39.18 -28.39 -39.37
CA TRP G 114 -39.27 -28.64 -40.80
C TRP G 114 -39.51 -27.36 -41.61
N GLY G 115 -38.99 -27.32 -42.84
CA GLY G 115 -39.33 -26.22 -43.74
C GLY G 115 -40.69 -26.48 -44.36
N GLN G 116 -41.26 -25.50 -45.06
CA GLN G 116 -42.61 -25.64 -45.58
C GLN G 116 -42.67 -26.56 -46.80
N GLY G 117 -41.51 -26.98 -47.28
CA GLY G 117 -41.48 -27.82 -48.45
C GLY G 117 -41.35 -26.98 -49.71
N THR G 118 -40.68 -27.54 -50.71
CA THR G 118 -40.43 -26.91 -52.00
C THR G 118 -40.90 -27.84 -53.12
N LEU G 119 -41.90 -27.40 -53.87
CA LEU G 119 -42.45 -28.22 -54.96
C LEU G 119 -41.61 -28.12 -56.24
N VAL G 120 -41.15 -29.26 -56.74
CA VAL G 120 -40.29 -29.27 -57.93
C VAL G 120 -40.95 -30.05 -59.07
N THR G 121 -41.21 -29.35 -60.18
CA THR G 121 -41.76 -29.99 -61.36
C THR G 121 -40.71 -30.04 -62.46
N VAL G 122 -40.33 -31.25 -62.85
CA VAL G 122 -39.38 -31.42 -63.92
C VAL G 122 -40.13 -31.76 -65.19
N SER G 123 -40.18 -30.80 -66.09
CA SER G 123 -40.99 -30.90 -67.30
C SER G 123 -40.50 -29.93 -68.35
N ALA G 124 -40.75 -30.29 -69.60
CA ALA G 124 -40.41 -29.45 -70.72
C ALA G 124 -41.60 -28.57 -71.12
N ALA G 125 -42.74 -28.76 -70.45
CA ALA G 125 -43.95 -28.02 -70.82
C ALA G 125 -43.80 -26.54 -70.49
N LYS G 126 -44.69 -25.73 -71.06
CA LYS G 126 -44.54 -24.28 -71.00
C LYS G 126 -45.41 -23.69 -69.91
N THR G 127 -44.89 -22.68 -69.21
CA THR G 127 -45.66 -22.04 -68.16
C THR G 127 -46.90 -21.40 -68.78
N THR G 128 -48.06 -21.70 -68.23
CA THR G 128 -49.32 -21.23 -68.81
C THR G 128 -50.25 -20.74 -67.71
N PRO G 129 -50.76 -19.50 -67.85
CA PRO G 129 -51.64 -18.89 -66.86
C PRO G 129 -53.07 -19.43 -66.93
N PRO G 130 -53.73 -19.52 -65.78
CA PRO G 130 -55.11 -20.01 -65.72
C PRO G 130 -56.09 -19.05 -66.35
N SER G 131 -57.17 -19.59 -66.90
CA SER G 131 -58.38 -18.81 -67.12
C SER G 131 -59.29 -19.08 -65.94
N VAL G 132 -59.70 -18.03 -65.24
CA VAL G 132 -60.63 -18.19 -64.15
C VAL G 132 -62.02 -17.89 -64.70
N TYR G 133 -63.02 -18.69 -64.31
CA TYR G 133 -64.41 -18.47 -64.76
C TYR G 133 -65.40 -18.58 -63.59
N PRO G 134 -66.48 -17.79 -63.63
CA PRO G 134 -67.43 -17.85 -62.51
C PRO G 134 -68.38 -19.04 -62.59
N LEU G 135 -68.57 -19.74 -61.47
CA LEU G 135 -69.60 -20.77 -61.36
C LEU G 135 -70.80 -20.17 -60.60
N ALA G 136 -71.80 -19.77 -61.37
CA ALA G 136 -72.96 -19.06 -60.86
C ALA G 136 -74.24 -19.88 -60.92
N PRO G 137 -74.98 -19.91 -59.82
CA PRO G 137 -76.29 -20.58 -59.74
C PRO G 137 -77.40 -19.71 -60.33
N SER G 145 -81.94 -21.65 -48.97
CA SER G 145 -81.46 -21.01 -47.74
C SER G 145 -79.93 -20.85 -47.75
N MET G 146 -79.22 -21.88 -48.19
CA MET G 146 -77.80 -21.79 -48.43
C MET G 146 -77.56 -21.83 -49.93
N VAL G 147 -76.59 -21.05 -50.41
CA VAL G 147 -76.29 -21.01 -51.84
C VAL G 147 -74.83 -21.35 -52.11
N THR G 148 -74.60 -22.27 -53.04
CA THR G 148 -73.23 -22.66 -53.37
C THR G 148 -72.75 -21.99 -54.65
N LEU G 149 -71.62 -21.33 -54.57
CA LEU G 149 -71.00 -20.66 -55.72
C LEU G 149 -69.66 -21.29 -55.94
N GLY G 150 -69.01 -20.94 -57.04
CA GLY G 150 -67.69 -21.47 -57.31
C GLY G 150 -66.83 -20.65 -58.24
N CYS G 151 -65.57 -21.09 -58.38
CA CYS G 151 -64.59 -20.53 -59.30
C CYS G 151 -63.91 -21.67 -60.08
N LEU G 152 -64.06 -21.68 -61.41
CA LEU G 152 -63.36 -22.63 -62.26
C LEU G 152 -61.99 -22.07 -62.66
N VAL G 153 -60.93 -22.80 -62.36
CA VAL G 153 -59.58 -22.36 -62.67
C VAL G 153 -59.00 -23.31 -63.72
N LYS G 154 -58.92 -22.87 -64.96
CA LYS G 154 -58.72 -23.79 -66.07
C LYS G 154 -57.49 -23.53 -66.93
N GLY G 155 -56.77 -24.61 -67.27
CA GLY G 155 -55.74 -24.55 -68.28
C GLY G 155 -54.42 -23.91 -67.88
N TYR G 156 -53.98 -24.17 -66.66
CA TYR G 156 -52.73 -23.59 -66.18
C TYR G 156 -51.66 -24.65 -66.04
N PHE G 157 -50.41 -24.20 -66.04
CA PHE G 157 -49.24 -25.04 -65.80
C PHE G 157 -48.11 -24.13 -65.33
N PRO G 158 -47.29 -24.59 -64.37
CA PRO G 158 -47.46 -25.84 -63.61
C PRO G 158 -48.23 -25.56 -62.32
N GLU G 159 -48.21 -26.52 -61.41
CA GLU G 159 -48.68 -26.28 -60.05
C GLU G 159 -47.70 -25.33 -59.34
N PRO G 160 -48.20 -24.53 -58.39
CA PRO G 160 -49.58 -24.59 -57.90
C PRO G 160 -50.41 -23.36 -58.21
N VAL G 161 -51.67 -23.46 -57.81
CA VAL G 161 -52.60 -22.36 -57.87
C VAL G 161 -53.16 -22.24 -56.47
N THR G 162 -53.40 -21.01 -56.02
CA THR G 162 -54.04 -20.80 -54.72
C THR G 162 -55.37 -20.08 -54.89
N VAL G 163 -56.40 -20.57 -54.19
CA VAL G 163 -57.70 -19.92 -54.21
C VAL G 163 -58.14 -19.51 -52.81
N THR G 164 -58.60 -18.27 -52.68
CA THR G 164 -59.22 -17.80 -51.45
C THR G 164 -60.53 -17.12 -51.81
N TRP G 165 -61.37 -16.88 -50.82
CA TRP G 165 -62.64 -16.19 -51.05
C TRP G 165 -62.73 -14.94 -50.16
N ASN G 166 -63.07 -13.81 -50.77
CA ASN G 166 -63.11 -12.52 -50.07
C ASN G 166 -61.82 -12.26 -49.30
N SER G 167 -60.71 -12.47 -49.99
CA SER G 167 -59.37 -12.28 -49.43
C SER G 167 -59.14 -13.09 -48.14
N GLY G 168 -59.93 -14.14 -47.92
CA GLY G 168 -59.81 -14.97 -46.73
C GLY G 168 -60.89 -14.75 -45.70
N SER G 169 -61.70 -13.70 -45.88
CA SER G 169 -62.80 -13.38 -44.96
C SER G 169 -63.86 -14.48 -44.97
N LEU G 170 -63.98 -15.17 -46.10
CA LEU G 170 -64.79 -16.37 -46.21
C LEU G 170 -63.89 -17.59 -46.21
N SER G 171 -63.91 -18.35 -45.12
CA SER G 171 -63.03 -19.50 -45.00
C SER G 171 -63.79 -20.78 -44.69
N SER G 172 -65.00 -20.66 -44.16
CA SER G 172 -65.78 -21.86 -43.86
C SER G 172 -66.73 -22.18 -45.01
N GLY G 173 -66.92 -23.47 -45.26
CA GLY G 173 -67.77 -23.91 -46.36
C GLY G 173 -67.04 -23.80 -47.69
N VAL G 174 -65.72 -23.82 -47.63
CA VAL G 174 -64.88 -23.77 -48.82
C VAL G 174 -64.24 -25.12 -49.12
N HIS G 175 -64.49 -25.59 -50.35
CA HIS G 175 -63.84 -26.77 -50.89
C HIS G 175 -63.03 -26.41 -52.12
N THR G 176 -61.72 -26.54 -52.03
CA THR G 176 -60.88 -26.36 -53.21
C THR G 176 -60.27 -27.70 -53.59
N PHE G 177 -60.74 -28.22 -54.72
CA PHE G 177 -60.42 -29.57 -55.16
C PHE G 177 -59.05 -29.68 -55.78
N PRO G 178 -58.41 -30.86 -55.66
CA PRO G 178 -57.11 -31.11 -56.30
C PRO G 178 -57.22 -30.98 -57.81
N ALA G 179 -56.18 -30.46 -58.44
CA ALA G 179 -56.13 -30.30 -59.89
C ALA G 179 -56.12 -31.64 -60.60
N VAL G 180 -56.72 -31.67 -61.78
CA VAL G 180 -56.57 -32.79 -62.71
C VAL G 180 -55.72 -32.36 -63.92
N LEU G 181 -54.84 -33.25 -64.35
CA LEU G 181 -53.97 -32.96 -65.47
C LEU G 181 -54.53 -33.53 -66.78
N GLN G 182 -54.88 -32.64 -67.71
CA GLN G 182 -55.30 -33.03 -69.04
C GLN G 182 -54.51 -32.25 -70.11
N SER G 183 -53.78 -32.97 -70.97
CA SER G 183 -53.02 -32.36 -72.07
C SER G 183 -52.02 -31.28 -71.62
N ASP G 184 -51.24 -31.60 -70.59
CA ASP G 184 -50.19 -30.71 -70.07
C ASP G 184 -50.72 -29.43 -69.44
N LEU G 185 -52.02 -29.38 -69.23
CA LEU G 185 -52.63 -28.28 -68.49
C LEU G 185 -53.43 -28.78 -67.27
N TYR G 186 -53.34 -28.04 -66.17
CA TYR G 186 -54.09 -28.35 -64.96
C TYR G 186 -55.40 -27.60 -64.91
N THR G 187 -56.41 -28.22 -64.30
CA THR G 187 -57.71 -27.57 -64.11
C THR G 187 -58.24 -27.90 -62.73
N LEU G 188 -58.85 -26.90 -62.07
CA LEU G 188 -59.48 -27.15 -60.77
C LEU G 188 -60.60 -26.18 -60.48
N SER G 189 -61.47 -26.57 -59.56
CA SER G 189 -62.54 -25.71 -59.13
C SER G 189 -62.48 -25.49 -57.62
N SER G 190 -63.01 -24.36 -57.19
CA SER G 190 -63.24 -24.10 -55.77
C SER G 190 -64.72 -23.79 -55.54
N SER G 191 -65.32 -24.38 -54.51
CA SER G 191 -66.71 -24.06 -54.19
C SER G 191 -66.80 -23.39 -52.81
N VAL G 192 -67.72 -22.44 -52.69
CA VAL G 192 -68.02 -21.84 -51.39
C VAL G 192 -69.53 -21.82 -51.18
N THR G 193 -69.96 -22.12 -49.95
CA THR G 193 -71.37 -22.13 -49.60
C THR G 193 -71.66 -21.09 -48.51
N VAL G 194 -72.58 -20.17 -48.82
CA VAL G 194 -72.89 -19.02 -47.98
C VAL G 194 -74.41 -18.82 -47.83
N PRO G 195 -74.85 -18.19 -46.74
CA PRO G 195 -76.28 -17.93 -46.56
C PRO G 195 -76.85 -17.09 -47.70
N SER G 196 -78.10 -17.38 -48.09
CA SER G 196 -78.81 -16.56 -49.08
C SER G 196 -78.97 -15.11 -48.60
N SER G 197 -78.77 -14.90 -47.31
CA SER G 197 -78.86 -13.57 -46.71
C SER G 197 -77.57 -12.77 -46.85
N THR G 198 -76.48 -13.45 -47.21
CA THR G 198 -75.22 -12.77 -47.46
C THR G 198 -74.85 -12.87 -48.94
N TRP G 199 -75.83 -13.23 -49.77
CA TRP G 199 -75.61 -13.42 -51.19
C TRP G 199 -76.93 -13.63 -51.94
N PRO G 200 -77.16 -12.83 -53.01
CA PRO G 200 -76.33 -11.82 -53.65
C PRO G 200 -76.21 -10.50 -52.90
N SER G 201 -76.85 -10.38 -51.73
CA SER G 201 -76.92 -9.11 -50.98
C SER G 201 -75.58 -8.39 -50.88
N GLU G 202 -74.60 -9.04 -50.26
CA GLU G 202 -73.21 -8.53 -50.26
C GLU G 202 -72.32 -9.38 -51.18
N THR G 203 -71.13 -8.88 -51.53
CA THR G 203 -70.34 -9.53 -52.58
C THR G 203 -69.50 -10.72 -52.11
N VAL G 204 -69.52 -11.77 -52.94
CA VAL G 204 -68.69 -12.94 -52.76
C VAL G 204 -67.70 -13.01 -53.92
N THR G 205 -66.42 -12.97 -53.59
CA THR G 205 -65.37 -12.83 -54.58
C THR G 205 -64.27 -13.89 -54.43
N CYS G 206 -63.97 -14.56 -55.53
CA CYS G 206 -62.88 -15.51 -55.63
C CYS G 206 -61.53 -14.85 -55.99
N ASN G 207 -60.47 -15.18 -55.24
CA ASN G 207 -59.12 -14.68 -55.54
C ASN G 207 -58.19 -15.78 -56.03
N VAL G 208 -57.82 -15.73 -57.30
CA VAL G 208 -56.94 -16.78 -57.82
C VAL G 208 -55.52 -16.30 -58.06
N ALA G 209 -54.57 -17.02 -57.50
CA ALA G 209 -53.18 -16.69 -57.72
C ALA G 209 -52.48 -17.84 -58.43
N HIS G 210 -51.61 -17.51 -59.36
CA HIS G 210 -50.77 -18.50 -60.01
C HIS G 210 -49.37 -17.90 -60.16
N PRO G 211 -48.45 -18.31 -59.28
CA PRO G 211 -47.14 -17.65 -59.13
C PRO G 211 -46.27 -17.78 -60.37
N ALA G 212 -46.28 -18.96 -60.99
CA ALA G 212 -45.41 -19.26 -62.13
C ALA G 212 -45.63 -18.34 -63.34
N SER G 213 -46.84 -17.79 -63.45
CA SER G 213 -47.15 -16.90 -64.56
C SER G 213 -47.49 -15.52 -64.04
N SER G 214 -47.21 -15.30 -62.75
CA SER G 214 -47.46 -14.01 -62.10
C SER G 214 -48.90 -13.55 -62.29
N THR G 215 -49.85 -14.44 -62.02
CA THR G 215 -51.26 -14.16 -62.22
C THR G 215 -51.97 -13.98 -60.88
N LYS G 216 -52.74 -12.90 -60.79
CA LYS G 216 -53.61 -12.64 -59.64
C LYS G 216 -54.93 -12.09 -60.17
N VAL G 217 -55.97 -12.92 -60.13
CA VAL G 217 -57.28 -12.54 -60.67
C VAL G 217 -58.34 -12.53 -59.57
N ASP G 218 -59.13 -11.46 -59.51
CA ASP G 218 -60.25 -11.42 -58.59
C ASP G 218 -61.53 -11.55 -59.39
N LYS G 219 -62.37 -12.51 -59.02
CA LYS G 219 -63.68 -12.58 -59.69
C LYS G 219 -64.86 -12.55 -58.74
N LYS G 220 -65.66 -11.51 -58.95
CA LYS G 220 -66.91 -11.35 -58.27
C LYS G 220 -67.90 -12.36 -58.85
N ILE G 221 -68.24 -13.37 -58.07
CA ILE G 221 -69.31 -14.29 -58.46
C ILE G 221 -70.57 -13.45 -58.43
N VAL G 222 -71.55 -13.80 -59.23
CA VAL G 222 -72.33 -12.75 -59.88
C VAL G 222 -73.73 -12.35 -59.31
N PRO G 223 -74.80 -13.19 -59.35
CA PRO G 223 -75.31 -14.47 -59.85
C PRO G 223 -76.13 -14.27 -61.12
N ARG G 224 -76.69 -15.34 -61.68
CA ARG G 224 -77.33 -15.27 -62.98
C ARG G 224 -78.62 -16.08 -63.07
N ASP H 1 -29.60 -51.42 -45.04
CA ASP H 1 -30.71 -50.51 -44.77
C ASP H 1 -31.81 -51.17 -43.95
N ILE H 2 -32.38 -50.41 -43.03
CA ILE H 2 -33.47 -50.90 -42.22
C ILE H 2 -34.81 -50.62 -42.90
N VAL H 3 -35.61 -51.67 -43.08
CA VAL H 3 -36.92 -51.54 -43.71
C VAL H 3 -37.98 -51.42 -42.62
N LEU H 4 -38.81 -50.39 -42.71
CA LEU H 4 -39.93 -50.20 -41.79
C LEU H 4 -41.27 -50.53 -42.47
N THR H 5 -42.01 -51.46 -41.89
CA THR H 5 -43.28 -51.91 -42.43
C THR H 5 -44.45 -51.46 -41.53
N GLN H 6 -45.26 -50.50 -41.97
CA GLN H 6 -46.34 -50.05 -41.11
C GLN H 6 -47.60 -50.87 -41.32
N SER H 7 -48.53 -50.74 -40.37
CA SER H 7 -49.81 -51.41 -40.44
C SER H 7 -50.83 -50.85 -39.48
N PRO H 8 -52.11 -50.72 -39.92
CA PRO H 8 -52.56 -51.06 -41.28
C PRO H 8 -52.15 -49.95 -42.23
N ALA H 9 -52.27 -50.18 -43.53
CA ALA H 9 -51.99 -49.13 -44.50
C ALA H 9 -53.00 -47.99 -44.33
N SER H 10 -54.20 -48.36 -43.93
CA SER H 10 -55.33 -47.45 -43.92
C SER H 10 -56.27 -47.82 -42.78
N LEU H 11 -56.85 -46.82 -42.13
CA LEU H 11 -57.60 -47.04 -40.90
C LEU H 11 -58.72 -46.01 -40.75
N ALA H 12 -59.91 -46.47 -40.39
CA ALA H 12 -61.03 -45.58 -40.14
C ALA H 12 -61.48 -45.71 -38.70
N VAL H 13 -61.44 -44.62 -37.94
CA VAL H 13 -61.77 -44.69 -36.51
C VAL H 13 -62.74 -43.55 -36.16
N SER H 14 -63.78 -43.87 -35.38
CA SER H 14 -64.80 -42.90 -35.02
C SER H 14 -64.26 -41.88 -34.03
N LEU H 15 -64.81 -40.67 -34.07
CA LEU H 15 -64.55 -39.69 -33.03
C LEU H 15 -64.70 -40.30 -31.65
N GLY H 16 -63.74 -40.04 -30.76
CA GLY H 16 -63.82 -40.51 -29.39
C GLY H 16 -63.27 -41.92 -29.20
N GLN H 17 -63.00 -42.63 -30.29
CA GLN H 17 -62.50 -44.00 -30.20
C GLN H 17 -60.98 -44.04 -30.31
N ARG H 18 -60.43 -45.25 -30.19
CA ARG H 18 -58.98 -45.44 -30.15
C ARG H 18 -58.38 -45.88 -31.48
N ALA H 19 -57.30 -45.22 -31.89
CA ALA H 19 -56.55 -45.66 -33.07
C ALA H 19 -55.21 -46.27 -32.67
N THR H 20 -54.89 -47.41 -33.29
CA THR H 20 -53.64 -48.09 -33.03
C THR H 20 -52.88 -48.40 -34.31
N ILE H 21 -51.67 -47.87 -34.40
CA ILE H 21 -50.85 -47.95 -35.60
C ILE H 21 -49.53 -48.65 -35.28
N SER H 22 -49.20 -49.65 -36.09
CA SER H 22 -48.05 -50.49 -35.84
C SER H 22 -46.91 -50.20 -36.83
N CYS H 23 -45.68 -50.24 -36.31
CA CYS H 23 -44.44 -50.19 -37.10
C CYS H 23 -43.52 -51.35 -36.70
N ARG H 24 -43.16 -52.17 -37.66
CA ARG H 24 -42.12 -53.18 -37.43
C ARG H 24 -40.87 -52.90 -38.30
N ALA H 25 -39.69 -53.03 -37.68
CA ALA H 25 -38.39 -52.82 -38.33
C ALA H 25 -37.76 -54.14 -38.69
N SER H 26 -37.05 -54.19 -39.83
CA SER H 26 -36.37 -55.42 -40.26
C SER H 26 -35.19 -55.83 -39.34
N GLU H 27 -34.64 -54.87 -38.61
CA GLU H 27 -33.55 -55.10 -37.64
C GLU H 27 -33.89 -54.29 -36.40
N SER H 28 -33.22 -54.59 -35.30
CA SER H 28 -33.37 -53.80 -34.08
C SER H 28 -32.94 -52.35 -34.32
N VAL H 29 -33.70 -51.43 -33.74
CA VAL H 29 -33.32 -50.03 -33.78
C VAL H 29 -32.96 -49.52 -32.38
N ASP H 30 -32.53 -50.45 -31.53
CA ASP H 30 -32.03 -50.10 -30.20
C ASP H 30 -30.52 -49.85 -30.21
N SER H 31 -30.11 -48.85 -29.43
CA SER H 31 -28.71 -48.62 -29.06
C SER H 31 -28.72 -47.51 -28.00
N TYR H 32 -27.55 -47.26 -27.39
CA TYR H 32 -27.39 -46.25 -26.34
C TYR H 32 -28.48 -46.28 -25.27
N GLY H 33 -28.99 -47.47 -24.96
CA GLY H 33 -30.08 -47.61 -24.01
C GLY H 33 -31.42 -47.10 -24.52
N ASN H 34 -31.50 -46.74 -25.80
CA ASN H 34 -32.72 -46.18 -26.39
C ASN H 34 -33.24 -46.96 -27.59
N SER H 35 -34.53 -46.78 -27.89
CA SER H 35 -35.11 -47.23 -29.15
C SER H 35 -35.22 -46.01 -30.03
N PHE H 36 -34.50 -45.98 -31.15
CA PHE H 36 -34.54 -44.81 -32.02
C PHE H 36 -35.60 -44.91 -33.11
N MET H 37 -36.85 -45.02 -32.66
CA MET H 37 -38.02 -45.01 -33.53
C MET H 37 -38.83 -43.80 -33.18
N HIS H 38 -39.24 -43.04 -34.18
CA HIS H 38 -39.93 -41.80 -33.95
C HIS H 38 -41.22 -41.81 -34.78
N TRP H 39 -42.18 -40.98 -34.40
CA TRP H 39 -43.48 -40.97 -35.06
C TRP H 39 -43.79 -39.57 -35.53
N TYR H 40 -44.19 -39.45 -36.80
CA TYR H 40 -44.56 -38.16 -37.36
C TYR H 40 -46.00 -38.12 -37.92
N GLN H 41 -46.67 -36.98 -37.74
CA GLN H 41 -47.96 -36.73 -38.36
C GLN H 41 -47.82 -35.84 -39.57
N GLN H 42 -48.38 -36.25 -40.71
CA GLN H 42 -48.39 -35.34 -41.86
C GLN H 42 -49.79 -35.09 -42.42
N LYS H 43 -50.25 -33.84 -42.31
CA LYS H 43 -51.48 -33.43 -42.97
C LYS H 43 -51.16 -33.15 -44.44
N PRO H 44 -52.08 -33.49 -45.35
CA PRO H 44 -51.90 -33.28 -46.80
C PRO H 44 -51.49 -31.85 -47.12
N GLY H 45 -50.47 -31.68 -47.94
CA GLY H 45 -49.95 -30.37 -48.28
C GLY H 45 -49.05 -29.71 -47.23
N GLN H 46 -48.78 -30.44 -46.15
CA GLN H 46 -48.10 -29.84 -45.01
C GLN H 46 -46.84 -30.60 -44.64
N PRO H 47 -45.87 -29.92 -44.00
CA PRO H 47 -44.68 -30.66 -43.56
C PRO H 47 -45.02 -31.59 -42.40
N PRO H 48 -44.33 -32.74 -42.30
CA PRO H 48 -44.51 -33.65 -41.16
C PRO H 48 -44.31 -32.92 -39.83
N ILE H 49 -45.02 -33.39 -38.81
CA ILE H 49 -44.90 -32.85 -37.45
C ILE H 49 -44.45 -33.98 -36.53
N LEU H 50 -43.39 -33.75 -35.78
CA LEU H 50 -42.90 -34.75 -34.83
C LEU H 50 -43.89 -34.93 -33.67
N LEU H 51 -44.29 -36.18 -33.43
CA LEU H 51 -45.18 -36.47 -32.32
C LEU H 51 -44.43 -37.02 -31.13
N ILE H 52 -43.61 -38.02 -31.41
CA ILE H 52 -42.98 -38.84 -30.40
C ILE H 52 -41.55 -39.19 -30.84
N SER H 53 -40.58 -39.00 -29.93
CA SER H 53 -39.21 -39.39 -30.21
C SER H 53 -38.83 -40.55 -29.30
N ARG H 54 -37.92 -41.41 -29.79
CA ARG H 54 -37.36 -42.50 -28.99
C ARG H 54 -38.43 -43.43 -28.40
N ALA H 55 -39.38 -43.77 -29.27
CA ALA H 55 -40.45 -44.75 -29.08
C ALA H 55 -41.61 -44.26 -28.19
N SER H 56 -41.32 -43.46 -27.17
CA SER H 56 -42.34 -43.12 -26.18
C SER H 56 -42.33 -41.69 -25.64
N ASN H 57 -41.35 -40.89 -26.06
CA ASN H 57 -41.24 -39.53 -25.54
C ASN H 57 -42.11 -38.53 -26.31
N LEU H 58 -43.16 -38.07 -25.64
CA LEU H 58 -44.05 -37.06 -26.20
C LEU H 58 -43.33 -35.72 -26.29
N GLU H 59 -43.33 -35.14 -27.48
CA GLU H 59 -42.70 -33.84 -27.71
C GLU H 59 -43.55 -32.68 -27.19
N SER H 60 -42.87 -31.59 -26.83
CA SER H 60 -43.53 -30.39 -26.28
C SER H 60 -44.60 -29.88 -27.22
N GLY H 61 -45.78 -29.60 -26.67
CA GLY H 61 -46.84 -28.98 -27.44
C GLY H 61 -47.78 -29.99 -28.05
N ILE H 62 -47.36 -31.24 -28.13
CA ILE H 62 -48.17 -32.31 -28.74
C ILE H 62 -49.14 -32.86 -27.68
N PRO H 63 -50.43 -32.95 -28.01
CA PRO H 63 -51.47 -33.36 -27.04
C PRO H 63 -51.19 -34.75 -26.46
N ALA H 64 -51.65 -34.95 -25.23
CA ALA H 64 -51.40 -36.16 -24.50
C ALA H 64 -52.15 -37.36 -25.06
N ARG H 65 -53.09 -37.13 -25.98
CA ARG H 65 -53.80 -38.26 -26.55
C ARG H 65 -52.92 -39.08 -27.49
N PHE H 66 -51.76 -38.51 -27.84
CA PHE H 66 -50.76 -39.26 -28.60
C PHE H 66 -49.77 -39.96 -27.66
N SER H 67 -49.56 -41.26 -27.85
CA SER H 67 -48.56 -41.99 -27.07
C SER H 67 -47.93 -43.11 -27.89
N GLY H 68 -46.71 -43.46 -27.54
CA GLY H 68 -46.01 -44.51 -28.25
C GLY H 68 -45.39 -45.50 -27.30
N SER H 69 -45.21 -46.73 -27.80
CA SER H 69 -44.50 -47.76 -27.05
C SER H 69 -43.79 -48.75 -27.97
N GLY H 70 -43.00 -49.61 -27.34
CA GLY H 70 -42.35 -50.71 -28.02
C GLY H 70 -40.84 -50.69 -27.84
N SER H 71 -40.19 -51.69 -28.40
CA SER H 71 -38.73 -51.77 -28.37
C SER H 71 -38.24 -52.72 -29.44
N ARG H 72 -36.94 -52.63 -29.75
CA ARG H 72 -36.27 -53.52 -30.69
C ARG H 72 -36.79 -53.38 -32.13
N THR H 73 -37.70 -54.27 -32.54
CA THR H 73 -38.23 -54.21 -33.90
C THR H 73 -39.73 -53.93 -33.97
N ASP H 74 -40.39 -53.70 -32.83
CA ASP H 74 -41.85 -53.51 -32.87
C ASP H 74 -42.33 -52.35 -32.03
N PHE H 75 -43.11 -51.50 -32.67
CA PHE H 75 -43.51 -50.23 -32.11
C PHE H 75 -44.97 -49.93 -32.42
N THR H 76 -45.59 -49.14 -31.55
CA THR H 76 -47.00 -48.82 -31.61
C THR H 76 -47.26 -47.35 -31.30
N LEU H 77 -48.04 -46.74 -32.16
CA LEU H 77 -48.50 -45.39 -31.98
C LEU H 77 -49.98 -45.46 -31.64
N THR H 78 -50.36 -44.85 -30.52
CA THR H 78 -51.74 -44.86 -30.07
C THR H 78 -52.31 -43.43 -30.05
N ILE H 79 -53.44 -43.26 -30.73
CA ILE H 79 -54.17 -42.01 -30.63
C ILE H 79 -55.50 -42.29 -29.94
N ASN H 80 -55.72 -41.65 -28.78
CA ASN H 80 -56.89 -41.93 -27.95
C ASN H 80 -57.24 -40.83 -26.94
N PRO H 81 -58.44 -40.24 -27.03
CA PRO H 81 -59.44 -40.45 -28.09
C PRO H 81 -59.09 -39.67 -29.35
N VAL H 82 -59.43 -40.24 -30.49
CA VAL H 82 -59.25 -39.60 -31.78
C VAL H 82 -60.19 -38.41 -31.90
N GLU H 83 -59.69 -37.31 -32.46
CA GLU H 83 -60.49 -36.11 -32.67
C GLU H 83 -60.49 -35.72 -34.15
N ALA H 84 -61.34 -34.78 -34.52
CA ALA H 84 -61.70 -34.60 -35.92
C ALA H 84 -60.51 -34.16 -36.76
N ASP H 85 -59.61 -33.38 -36.16
CA ASP H 85 -58.43 -32.93 -36.90
C ASP H 85 -57.26 -33.92 -36.88
N ASP H 86 -57.52 -35.16 -36.46
CA ASP H 86 -56.45 -36.15 -36.41
C ASP H 86 -56.27 -36.91 -37.73
N PHE H 87 -57.11 -36.64 -38.74
CA PHE H 87 -56.95 -37.33 -40.02
C PHE H 87 -55.66 -36.84 -40.68
N ALA H 88 -54.85 -37.78 -41.13
CA ALA H 88 -53.48 -37.52 -41.55
C ALA H 88 -52.85 -38.83 -41.94
N THR H 89 -51.64 -38.74 -42.48
CA THR H 89 -50.83 -39.92 -42.63
C THR H 89 -49.77 -39.92 -41.52
N TYR H 90 -49.61 -41.07 -40.89
CA TYR H 90 -48.66 -41.21 -39.78
C TYR H 90 -47.48 -42.07 -40.19
N TYR H 91 -46.28 -41.57 -39.92
CA TYR H 91 -45.06 -42.26 -40.34
C TYR H 91 -44.17 -42.57 -39.16
N CYS H 92 -43.61 -43.78 -39.15
CA CYS H 92 -42.52 -44.07 -38.21
C CYS H 92 -41.21 -43.78 -38.92
N GLN H 93 -40.16 -43.55 -38.15
CA GLN H 93 -38.84 -43.28 -38.69
C GLN H 93 -37.80 -43.89 -37.76
N GLN H 94 -36.83 -44.61 -38.32
CA GLN H 94 -35.72 -45.10 -37.49
C GLN H 94 -34.50 -44.24 -37.76
N THR H 95 -33.72 -43.97 -36.71
CA THR H 95 -32.50 -43.19 -36.86
C THR H 95 -31.37 -43.94 -36.19
N ASN H 96 -31.53 -45.25 -36.04
CA ASN H 96 -30.48 -46.06 -35.40
C ASN H 96 -29.25 -46.24 -36.29
N GLU H 97 -29.44 -46.30 -37.60
CA GLU H 97 -28.27 -46.33 -38.50
C GLU H 97 -28.55 -45.62 -39.82
N ASP H 98 -27.49 -45.09 -40.42
CA ASP H 98 -27.54 -44.56 -41.78
C ASP H 98 -27.81 -45.68 -42.78
N PRO H 99 -28.67 -45.43 -43.76
CA PRO H 99 -29.45 -44.19 -43.85
C PRO H 99 -30.76 -44.27 -43.06
N ARG H 100 -31.18 -43.14 -42.49
CA ARG H 100 -32.49 -43.04 -41.88
C ARG H 100 -33.57 -43.44 -42.88
N THR H 101 -34.58 -44.13 -42.39
CA THR H 101 -35.64 -44.59 -43.26
C THR H 101 -37.00 -44.34 -42.58
N PHE H 102 -38.06 -44.26 -43.37
CA PHE H 102 -39.42 -44.09 -42.86
C PHE H 102 -40.26 -45.30 -43.25
N GLY H 103 -41.31 -45.62 -42.51
CA GLY H 103 -42.28 -46.58 -43.00
C GLY H 103 -43.12 -45.98 -44.13
N GLY H 104 -43.95 -46.82 -44.75
CA GLY H 104 -44.74 -46.42 -45.88
C GLY H 104 -45.90 -45.55 -45.49
N GLY H 105 -46.15 -45.43 -44.19
CA GLY H 105 -47.19 -44.54 -43.70
C GLY H 105 -48.53 -45.21 -43.49
N THR H 106 -49.28 -44.69 -42.52
CA THR H 106 -50.63 -45.17 -42.21
C THR H 106 -51.62 -44.01 -42.32
N LYS H 107 -52.59 -44.15 -43.22
CA LYS H 107 -53.57 -43.11 -43.43
C LYS H 107 -54.70 -43.24 -42.43
N LEU H 108 -54.89 -42.22 -41.59
CA LEU H 108 -56.01 -42.25 -40.65
C LEU H 108 -57.15 -41.38 -41.13
N GLU H 109 -58.31 -42.00 -41.31
CA GLU H 109 -59.55 -41.32 -41.63
C GLU H 109 -60.46 -41.32 -40.39
N ILE H 110 -61.18 -40.22 -40.15
CA ILE H 110 -62.17 -40.14 -39.10
C ILE H 110 -63.49 -40.75 -39.53
N LYS H 111 -63.98 -41.74 -38.80
CA LYS H 111 -65.26 -42.35 -39.13
C LYS H 111 -66.42 -41.61 -38.47
N ARG H 112 -67.48 -41.38 -39.24
CA ARG H 112 -68.66 -40.65 -38.79
C ARG H 112 -69.92 -41.27 -39.39
N ALA H 113 -71.08 -40.74 -39.03
CA ALA H 113 -72.35 -41.21 -39.59
C ALA H 113 -72.42 -40.94 -41.09
N ASP H 114 -73.02 -41.87 -41.83
CA ASP H 114 -73.28 -41.61 -43.24
C ASP H 114 -73.99 -40.27 -43.43
N ALA H 115 -73.62 -39.56 -44.48
CA ALA H 115 -74.27 -38.30 -44.81
C ALA H 115 -74.38 -38.18 -46.31
N ALA H 116 -75.57 -37.75 -46.76
CA ALA H 116 -75.89 -37.58 -48.17
C ALA H 116 -75.24 -36.32 -48.74
N PRO H 117 -74.93 -36.32 -50.05
CA PRO H 117 -74.25 -35.14 -50.62
C PRO H 117 -75.22 -34.00 -50.93
N THR H 118 -74.72 -32.77 -50.92
CA THR H 118 -75.48 -31.65 -51.46
C THR H 118 -75.00 -31.43 -52.89
N VAL H 119 -75.90 -31.50 -53.86
CA VAL H 119 -75.46 -31.40 -55.25
C VAL H 119 -75.81 -30.04 -55.85
N SER H 120 -74.86 -29.48 -56.58
CA SER H 120 -74.98 -28.19 -57.26
C SER H 120 -74.45 -28.32 -58.69
N ILE H 121 -75.17 -27.75 -59.66
CA ILE H 121 -74.73 -27.84 -61.05
C ILE H 121 -74.61 -26.43 -61.63
N PHE H 122 -73.57 -26.17 -62.43
CA PHE H 122 -73.33 -24.84 -62.99
C PHE H 122 -73.09 -24.86 -64.49
N PRO H 123 -73.77 -23.97 -65.23
CA PRO H 123 -73.54 -23.92 -66.68
C PRO H 123 -72.17 -23.34 -66.99
N PRO H 124 -71.67 -23.56 -68.22
CA PRO H 124 -70.53 -22.78 -68.71
C PRO H 124 -70.80 -21.28 -68.59
N SER H 125 -69.87 -20.52 -68.05
CA SER H 125 -70.01 -19.07 -68.00
C SER H 125 -70.07 -18.48 -69.42
N SER H 126 -70.67 -17.30 -69.58
CA SER H 126 -70.77 -16.67 -70.89
C SER H 126 -69.39 -16.20 -71.37
N GLU H 127 -68.50 -16.02 -70.41
CA GLU H 127 -67.10 -15.70 -70.66
C GLU H 127 -66.30 -16.86 -71.31
N GLN H 128 -66.50 -18.08 -70.83
CA GLN H 128 -65.79 -19.23 -71.40
C GLN H 128 -66.32 -19.59 -72.78
N LEU H 129 -67.59 -19.25 -73.04
CA LEU H 129 -68.24 -19.63 -74.27
C LEU H 129 -67.73 -18.81 -75.46
N THR H 130 -67.27 -17.60 -75.20
CA THR H 130 -66.71 -16.79 -76.27
C THR H 130 -65.32 -17.31 -76.64
N SER H 131 -64.80 -18.21 -75.80
CA SER H 131 -63.46 -18.77 -75.98
C SER H 131 -63.46 -20.12 -76.70
N GLY H 132 -64.64 -20.65 -77.01
CA GLY H 132 -64.74 -21.89 -77.77
C GLY H 132 -64.88 -23.15 -76.92
N GLY H 133 -64.63 -23.04 -75.62
CA GLY H 133 -64.75 -24.18 -74.75
C GLY H 133 -65.98 -24.11 -73.86
N ALA H 134 -66.30 -25.21 -73.20
CA ALA H 134 -67.44 -25.26 -72.29
C ALA H 134 -67.25 -26.31 -71.23
N SER H 135 -67.14 -25.85 -69.99
CA SER H 135 -67.06 -26.75 -68.86
C SER H 135 -68.34 -26.65 -68.05
N VAL H 136 -68.99 -27.78 -67.85
CA VAL H 136 -70.15 -27.89 -67.00
C VAL H 136 -69.68 -28.55 -65.70
N VAL H 137 -69.89 -27.87 -64.58
CA VAL H 137 -69.29 -28.29 -63.31
C VAL H 137 -70.37 -28.75 -62.32
N CYS H 138 -70.14 -29.91 -61.72
CA CYS H 138 -71.05 -30.39 -60.71
C CYS H 138 -70.33 -30.63 -59.38
N PHE H 139 -70.83 -30.01 -58.30
CA PHE H 139 -70.29 -30.24 -56.96
C PHE H 139 -71.14 -31.21 -56.18
N LEU H 140 -70.49 -32.23 -55.61
CA LEU H 140 -71.14 -33.15 -54.71
C LEU H 140 -70.52 -32.95 -53.33
N ASN H 141 -71.18 -32.18 -52.47
CA ASN H 141 -70.51 -31.71 -51.26
C ASN H 141 -70.95 -32.37 -49.95
N ASN H 142 -69.97 -32.56 -49.09
CA ASN H 142 -70.17 -32.95 -47.69
C ASN H 142 -70.96 -34.23 -47.51
N PHE H 143 -70.35 -35.32 -47.98
CA PHE H 143 -70.95 -36.63 -47.84
C PHE H 143 -69.99 -37.59 -47.14
N TYR H 144 -70.54 -38.71 -46.67
CA TYR H 144 -69.77 -39.77 -46.01
C TYR H 144 -70.56 -41.07 -46.14
N PRO H 145 -69.88 -42.19 -46.45
CA PRO H 145 -68.46 -42.38 -46.74
C PRO H 145 -68.04 -41.87 -48.12
N LYS H 146 -66.75 -42.06 -48.42
CA LYS H 146 -66.13 -41.44 -49.57
C LYS H 146 -66.61 -42.01 -50.90
N ASP H 147 -67.10 -43.25 -50.88
CA ASP H 147 -67.59 -43.91 -52.09
C ASP H 147 -68.87 -43.27 -52.63
N ILE H 148 -68.82 -42.78 -53.86
CA ILE H 148 -69.96 -42.08 -54.47
C ILE H 148 -69.89 -42.23 -55.99
N ASN H 149 -71.04 -42.12 -56.66
CA ASN H 149 -71.11 -42.25 -58.11
C ASN H 149 -71.81 -41.06 -58.75
N VAL H 150 -71.23 -40.53 -59.82
CA VAL H 150 -71.84 -39.41 -60.51
C VAL H 150 -72.13 -39.77 -61.97
N LYS H 151 -73.34 -39.46 -62.41
CA LYS H 151 -73.70 -39.69 -63.79
C LYS H 151 -74.11 -38.39 -64.45
N TRP H 152 -73.58 -38.14 -65.65
CA TRP H 152 -73.95 -36.99 -66.46
C TRP H 152 -74.96 -37.34 -67.54
N LYS H 153 -75.92 -36.45 -67.73
CA LYS H 153 -76.82 -36.62 -68.84
C LYS H 153 -76.92 -35.34 -69.66
N ILE H 154 -77.04 -35.54 -70.96
CA ILE H 154 -77.28 -34.44 -71.87
C ILE H 154 -78.59 -34.73 -72.57
N ASP H 155 -79.55 -33.78 -72.50
CA ASP H 155 -80.89 -34.01 -73.03
C ASP H 155 -81.51 -35.32 -72.53
N GLY H 156 -81.15 -35.76 -71.32
CA GLY H 156 -81.68 -37.00 -70.77
C GLY H 156 -80.93 -38.29 -71.09
N SER H 157 -79.91 -38.21 -71.95
CA SER H 157 -79.10 -39.38 -72.28
C SER H 157 -77.74 -39.36 -71.59
N GLU H 158 -77.30 -40.53 -71.13
CA GLU H 158 -76.05 -40.66 -70.42
C GLU H 158 -74.84 -40.21 -71.26
N ARG H 159 -73.97 -39.43 -70.64
CA ARG H 159 -72.74 -38.96 -71.28
C ARG H 159 -71.53 -39.37 -70.43
N GLN H 160 -70.55 -40.01 -71.07
CA GLN H 160 -69.31 -40.35 -70.36
C GLN H 160 -68.09 -39.65 -70.97
N ASN H 161 -68.20 -39.26 -72.24
CA ASN H 161 -67.11 -38.59 -72.92
C ASN H 161 -66.82 -37.22 -72.32
N GLY H 162 -65.68 -37.07 -71.66
CA GLY H 162 -65.18 -35.76 -71.26
C GLY H 162 -65.36 -35.39 -69.79
N VAL H 163 -65.61 -36.40 -68.96
CA VAL H 163 -65.90 -36.20 -67.54
C VAL H 163 -64.67 -36.39 -66.62
N LEU H 164 -64.37 -35.39 -65.78
CA LEU H 164 -63.28 -35.55 -64.83
C LEU H 164 -63.72 -35.24 -63.38
N ASN H 165 -63.50 -36.23 -62.52
CA ASN H 165 -63.90 -36.18 -61.11
C ASN H 165 -62.70 -35.97 -60.23
N SER H 166 -62.86 -35.18 -59.18
CA SER H 166 -61.78 -34.91 -58.23
C SER H 166 -62.31 -34.82 -56.79
N TRP H 167 -61.66 -35.52 -55.86
CA TRP H 167 -62.04 -35.57 -54.42
C TRP H 167 -61.18 -34.70 -53.51
N THR H 168 -61.80 -33.99 -52.56
CA THR H 168 -61.03 -33.32 -51.49
C THR H 168 -60.58 -34.34 -50.47
N ASP H 169 -59.64 -33.93 -49.62
CA ASP H 169 -59.34 -34.71 -48.42
C ASP H 169 -60.50 -34.50 -47.45
N GLN H 170 -60.53 -35.29 -46.37
CA GLN H 170 -61.56 -35.16 -45.36
C GLN H 170 -61.64 -33.74 -44.74
N ASP H 171 -62.85 -33.27 -44.51
CA ASP H 171 -63.06 -31.96 -43.91
C ASP H 171 -62.80 -31.96 -42.41
N SER H 172 -62.06 -30.96 -41.92
CA SER H 172 -61.60 -30.96 -40.52
C SER H 172 -62.73 -30.69 -39.51
N LYS H 173 -63.78 -30.01 -39.94
CA LYS H 173 -64.92 -29.76 -39.07
C LYS H 173 -65.93 -30.92 -39.03
N ASP H 174 -66.45 -31.35 -40.20
CA ASP H 174 -67.55 -32.32 -40.18
C ASP H 174 -67.13 -33.72 -40.64
N SER H 175 -65.85 -33.89 -40.96
CA SER H 175 -65.28 -35.20 -41.31
C SER H 175 -65.87 -35.81 -42.58
N THR H 176 -66.49 -34.97 -43.41
CA THR H 176 -67.03 -35.44 -44.69
C THR H 176 -66.05 -35.28 -45.85
N TYR H 177 -66.47 -35.79 -47.01
CA TYR H 177 -65.76 -35.60 -48.27
C TYR H 177 -66.62 -34.79 -49.24
N SER H 178 -65.96 -34.18 -50.22
CA SER H 178 -66.66 -33.50 -51.30
C SER H 178 -66.00 -33.91 -52.60
N MET H 179 -66.71 -33.73 -53.71
CA MET H 179 -66.16 -34.14 -54.97
C MET H 179 -66.65 -33.23 -56.10
N SER H 180 -65.77 -32.91 -57.03
CA SER H 180 -66.14 -32.12 -58.18
C SER H 180 -66.16 -33.05 -59.37
N SER H 181 -67.16 -32.84 -60.22
CA SER H 181 -67.26 -33.57 -61.47
C SER H 181 -67.41 -32.55 -62.57
N THR H 182 -66.57 -32.67 -63.60
CA THR H 182 -66.52 -31.67 -64.64
C THR H 182 -66.63 -32.30 -66.02
N LEU H 183 -67.62 -31.82 -66.78
CA LEU H 183 -67.89 -32.29 -68.12
C LEU H 183 -67.43 -31.23 -69.10
N THR H 184 -66.39 -31.54 -69.85
CA THR H 184 -65.83 -30.55 -70.76
C THR H 184 -66.23 -30.85 -72.19
N LEU H 185 -66.81 -29.84 -72.83
CA LEU H 185 -67.29 -29.93 -74.20
C LEU H 185 -66.73 -28.80 -75.01
N THR H 186 -66.82 -28.92 -76.34
CA THR H 186 -66.57 -27.78 -77.20
C THR H 186 -67.79 -26.86 -77.08
N LYS H 187 -67.63 -25.59 -77.42
CA LYS H 187 -68.76 -24.69 -77.43
C LYS H 187 -69.79 -25.17 -78.47
N ASP H 188 -69.31 -25.61 -79.64
CA ASP H 188 -70.20 -26.11 -80.69
C ASP H 188 -71.14 -27.19 -80.14
N GLU H 189 -70.56 -28.20 -79.51
CA GLU H 189 -71.36 -29.32 -79.04
C GLU H 189 -72.28 -28.91 -77.88
N TYR H 190 -71.77 -28.06 -77.00
CA TYR H 190 -72.57 -27.60 -75.87
C TYR H 190 -73.88 -26.93 -76.34
N GLU H 191 -73.77 -26.21 -77.46
CA GLU H 191 -74.89 -25.40 -77.95
C GLU H 191 -75.82 -26.19 -78.88
N ARG H 192 -75.47 -27.44 -79.15
CA ARG H 192 -76.36 -28.33 -79.90
C ARG H 192 -77.36 -29.03 -79.00
N HIS H 193 -77.28 -28.80 -77.69
CA HIS H 193 -78.15 -29.48 -76.74
C HIS H 193 -78.88 -28.50 -75.82
N ASN H 194 -79.92 -29.01 -75.16
CA ASN H 194 -80.87 -28.14 -74.47
C ASN H 194 -80.78 -28.16 -72.96
N SER H 195 -80.50 -29.32 -72.39
CA SER H 195 -80.45 -29.43 -70.94
C SER H 195 -79.30 -30.35 -70.51
N TYR H 196 -78.85 -30.15 -69.28
CA TYR H 196 -77.73 -30.91 -68.73
C TYR H 196 -78.06 -31.36 -67.33
N THR H 197 -77.69 -32.59 -67.01
CA THR H 197 -78.09 -33.17 -65.75
C THR H 197 -76.92 -33.89 -65.11
N CYS H 198 -76.81 -33.69 -63.80
CA CYS H 198 -75.80 -34.31 -62.96
C CYS H 198 -76.50 -35.14 -61.88
N GLU H 199 -76.22 -36.43 -61.80
CA GLU H 199 -76.90 -37.32 -60.85
C GLU H 199 -75.93 -37.97 -59.89
N ALA H 200 -76.14 -37.78 -58.59
CA ALA H 200 -75.29 -38.35 -57.57
C ALA H 200 -75.96 -39.56 -56.93
N THR H 201 -75.29 -40.70 -56.96
CA THR H 201 -75.82 -41.88 -56.31
C THR H 201 -74.92 -42.26 -55.13
N HIS H 202 -75.53 -42.34 -53.96
CA HIS H 202 -74.78 -42.57 -52.73
C HIS H 202 -75.58 -43.52 -51.83
N LYS H 203 -74.90 -44.27 -50.95
CA LYS H 203 -75.56 -45.34 -50.19
C LYS H 203 -76.65 -44.78 -49.29
N THR H 204 -76.57 -43.48 -49.00
CA THR H 204 -77.52 -42.81 -48.13
C THR H 204 -78.94 -42.74 -48.69
N SER H 205 -79.08 -42.89 -50.01
CA SER H 205 -80.42 -42.85 -50.60
C SER H 205 -80.57 -43.86 -51.74
N THR H 206 -81.75 -44.45 -51.83
CA THR H 206 -82.03 -45.42 -52.87
C THR H 206 -82.15 -44.68 -54.19
N SER H 207 -82.65 -43.45 -54.14
CA SER H 207 -82.84 -42.64 -55.33
C SER H 207 -81.64 -41.73 -55.59
N PRO H 208 -81.32 -41.49 -56.86
CA PRO H 208 -80.24 -40.55 -57.21
C PRO H 208 -80.65 -39.10 -56.93
N ILE H 209 -79.70 -38.31 -56.45
CA ILE H 209 -79.93 -36.86 -56.31
C ILE H 209 -79.67 -36.18 -57.65
N VAL H 210 -80.71 -35.58 -58.22
CA VAL H 210 -80.70 -35.07 -59.58
C VAL H 210 -80.74 -33.54 -59.65
N LYS H 211 -79.77 -32.97 -60.36
CA LYS H 211 -79.71 -31.53 -60.60
C LYS H 211 -79.54 -31.24 -62.09
N SER H 212 -80.41 -30.39 -62.63
CA SER H 212 -80.35 -29.99 -64.03
C SER H 212 -80.49 -28.49 -64.21
N PHE H 213 -80.06 -28.01 -65.37
CA PHE H 213 -80.37 -26.67 -65.85
C PHE H 213 -80.71 -26.78 -67.34
N ASN H 214 -81.46 -25.81 -67.87
CA ASN H 214 -81.61 -25.68 -69.31
C ASN H 214 -80.59 -24.71 -69.88
N ARG H 215 -80.16 -24.93 -71.11
CA ARG H 215 -79.23 -24.01 -71.74
C ARG H 215 -79.93 -22.66 -71.93
N ASN H 216 -81.25 -22.70 -72.10
CA ASN H 216 -82.09 -21.51 -72.03
C ASN H 216 -83.10 -21.59 -70.89
C1 NAG I . 9.20 1.37 63.65
C2 NAG I . 9.16 2.90 63.70
C3 NAG I . 9.62 3.49 65.02
C4 NAG I . 9.00 2.76 66.20
C5 NAG I . 9.18 1.25 66.10
C6 NAG I . 8.36 0.54 67.17
C7 NAG I . 9.68 3.94 61.55
C8 NAG I . 8.21 3.94 61.36
N2 NAG I . 10.08 3.42 62.71
O3 NAG I . 9.31 4.87 65.07
O4 NAG I . 9.67 3.20 67.33
O5 NAG I . 8.75 0.74 64.83
O6 NAG I . 8.70 -0.84 67.24
O7 NAG I . 10.44 4.38 60.67
C1 NAG J . 10.05 -15.65 60.76
C2 NAG J . 9.19 -16.90 61.00
C3 NAG J . 9.90 -17.98 61.79
C4 NAG J . 11.37 -18.10 61.41
C5 NAG J . 12.02 -16.74 61.47
C6 NAG J . 13.53 -16.83 61.23
C7 NAG J . 6.80 -16.33 61.05
C8 NAG J . 6.73 -16.64 59.58
N2 NAG J . 7.97 -16.47 61.67
O3 NAG J . 9.26 -19.22 61.55
O4 NAG J . 12.05 -18.99 62.29
O5 NAG J . 11.42 -15.92 60.50
O6 NAG J . 14.12 -15.57 61.47
O7 NAG J . 5.78 -15.95 61.62
C1 NAG K . 31.85 47.04 42.05
C2 NAG K . 31.80 46.92 40.52
C3 NAG K . 32.94 47.67 39.84
C4 NAG K . 33.23 49.03 40.48
C5 NAG K . 33.26 48.92 42.00
C6 NAG K . 33.49 50.28 42.66
C7 NAG K . 30.86 44.99 39.32
C8 NAG K . 29.73 45.89 38.89
N2 NAG K . 31.82 45.54 40.08
O3 NAG K . 32.60 47.85 38.48
O4 NAG K . 34.48 49.52 40.03
O5 NAG K . 32.03 48.38 42.45
O6 NAG K . 32.26 50.85 43.04
O7 NAG K . 30.89 43.82 38.96
C1 NAG L . 35.93 15.55 64.31
C2 NAG L . 37.26 14.96 64.79
C3 NAG L . 38.23 16.03 65.29
C4 NAG L . 38.44 17.03 64.16
C5 NAG L . 37.11 17.61 63.69
C6 NAG L . 37.36 18.46 62.45
C7 NAG L . 37.24 12.64 65.55
C8 NAG L . 37.83 12.30 64.21
N2 NAG L . 36.99 13.93 65.79
O3 NAG L . 39.48 15.46 65.63
O4 NAG L . 39.31 18.07 64.57
O5 NAG L . 36.16 16.61 63.38
O6 NAG L . 36.15 19.06 62.01
O7 NAG L . 37.00 11.77 66.38
C1 NAG M . 1.12 -1.18 36.96
C2 NAG M . 0.61 -1.56 35.57
C3 NAG M . -0.76 -0.95 35.32
C4 NAG M . -1.71 -1.41 36.42
C5 NAG M . -1.15 -1.19 37.82
C6 NAG M . -1.99 -1.97 38.83
C7 NAG M . 2.21 -2.02 33.80
C8 NAG M . 1.91 -3.49 34.04
N2 NAG M . 1.56 -1.14 34.55
O3 NAG M . -1.26 -1.35 34.07
O4 NAG M . -2.92 -0.68 36.29
O5 NAG M . 0.20 -1.60 37.95
O6 NAG M . -1.18 -2.48 39.86
O7 NAG M . 3.00 -1.69 32.93
C1 NAG N . 7.94 33.56 50.14
C2 NAG N . 6.74 34.31 50.70
C3 NAG N . 6.05 33.54 51.81
C4 NAG N . 5.70 32.16 51.30
C5 NAG N . 7.00 31.49 50.86
C6 NAG N . 6.79 30.03 50.46
C7 NAG N . 6.84 36.73 50.49
C8 NAG N . 6.05 36.56 49.22
N2 NAG N . 7.15 35.62 51.17
O3 NAG N . 4.85 34.19 52.17
O4 NAG N . 5.06 31.45 52.33
O5 NAG N . 7.57 32.23 49.80
O6 NAG N . 6.58 29.92 49.06
O7 NAG N . 7.19 37.84 50.87
C1 NAG O . 0.02 34.53 40.40
C2 NAG O . -1.14 33.85 41.14
C3 NAG O . -1.87 34.76 42.15
C4 NAG O . -0.91 35.65 42.91
C5 NAG O . -0.02 36.38 41.91
C6 NAG O . 0.88 37.40 42.60
C7 NAG O . -2.47 32.08 40.11
C8 NAG O . -1.85 31.13 41.10
N2 NAG O . -2.10 33.36 40.17
O3 NAG O . -2.58 33.96 43.06
O4 NAG O . -1.61 36.59 43.69
O5 NAG O . 0.75 35.43 41.22
O6 NAG O . 1.45 36.81 43.75
O7 NAG O . -3.28 31.67 39.28
N GLN P . 23.28 15.34 40.11
CA GLN P . 24.64 15.52 40.57
C GLN P . 25.59 14.59 39.82
O GLN P . 26.80 14.66 40.02
CB GLN P . 24.76 15.24 42.08
CG GLN P . 23.95 16.16 42.95
CD GLN P . 24.32 17.61 42.79
OE1 GLN P . 23.57 18.40 42.18
NE2 GLN P . 25.47 17.98 43.33
OXT GLN P . 25.14 13.75 39.03
NA NA Q . 8.93 -6.02 56.40
C1 NAG R . 69.67 -21.77 25.08
C2 NAG R . 70.10 -22.44 26.38
C3 NAG R . 71.28 -23.42 26.22
C4 NAG R . 71.26 -24.19 24.90
C5 NAG R . 70.89 -23.29 23.72
C6 NAG R . 70.74 -24.10 22.44
C7 NAG R . 69.81 -21.14 28.46
C8 NAG R . 68.54 -21.91 28.70
N2 NAG R . 70.50 -21.43 27.35
O3 NAG R . 71.23 -24.34 27.28
O4 NAG R . 72.54 -24.74 24.67
O5 NAG R . 69.66 -22.66 23.99
O6 NAG R . 69.66 -23.58 21.68
O7 NAG R . 70.17 -20.28 29.26
C1 NAG S . 48.68 1.54 56.59
C2 NAG S . 48.84 2.52 57.77
C3 NAG S . 50.25 3.07 57.84
C4 NAG S . 51.24 1.93 57.96
C5 NAG S . 50.99 0.92 56.85
C6 NAG S . 51.89 -0.28 57.06
C7 NAG S . 46.91 3.67 58.62
C8 NAG S . 46.84 2.56 59.64
N2 NAG S . 47.89 3.62 57.71
O3 NAG S . 50.38 3.94 58.94
O4 NAG S . 52.56 2.43 57.87
O5 NAG S . 49.63 0.50 56.78
O6 NAG S . 51.20 -1.24 57.82
O7 NAG S . 46.07 4.57 58.64
C1 NAG T . 47.72 -17.39 9.64
C2 NAG T . 46.32 -16.79 9.87
C3 NAG T . 45.25 -17.67 9.24
C4 NAG T . 45.54 -17.86 7.77
C5 NAG T . 46.98 -18.34 7.54
C6 NAG T . 47.32 -18.23 6.06
C7 NAG T . 45.79 -15.36 11.75
C8 NAG T . 45.77 -14.23 10.75
N2 NAG T . 46.06 -16.58 11.28
O3 NAG T . 43.98 -17.06 9.42
O4 NAG T . 44.65 -18.82 7.24
O5 NAG T . 47.95 -17.60 8.26
O6 NAG T . 48.66 -17.82 5.91
O7 NAG T . 45.55 -15.15 12.92
C1 NAG U . 55.76 5.84 -4.21
C2 NAG U . 56.06 7.26 -3.73
C3 NAG U . 57.53 7.46 -3.35
C4 NAG U . 57.92 6.35 -2.39
C5 NAG U . 57.81 4.98 -3.07
C6 NAG U . 57.67 3.88 -2.02
C7 NAG U . 55.02 9.36 -4.54
C8 NAG U . 54.70 9.71 -3.10
N2 NAG U . 55.67 8.21 -4.77
O3 NAG U . 57.69 8.72 -2.74
O4 NAG U . 59.25 6.55 -1.96
O5 NAG U . 56.79 4.86 -4.04
O6 NAG U . 56.40 3.27 -2.11
O7 NAG U . 54.70 10.12 -5.44
C1 NAG V . 28.27 8.70 -7.26
C2 NAG V . 26.78 8.99 -7.43
C3 NAG V . 26.07 8.02 -8.38
C4 NAG V . 26.86 7.79 -9.66
C5 NAG V . 28.32 7.44 -9.35
C6 NAG V . 29.10 7.36 -10.67
C7 NAG V . 25.74 10.12 -5.54
C8 NAG V . 26.02 11.41 -6.24
N2 NAG V . 26.11 8.99 -6.14
O3 NAG V . 24.80 8.50 -8.71
O4 NAG V . 26.27 6.74 -10.43
O5 NAG V . 28.93 8.38 -8.48
O6 NAG V . 30.41 6.89 -10.43
O7 NAG V . 25.19 10.12 -4.44
C1 NAG W . 70.62 8.81 27.94
C2 NAG W . 71.24 8.96 29.34
C3 NAG W . 71.76 10.38 29.57
C4 NAG W . 72.62 10.82 28.39
C5 NAG W . 71.83 10.65 27.09
C6 NAG W . 72.59 11.17 25.87
C7 NAG W . 70.22 7.45 31.01
C8 NAG W . 71.25 6.43 30.64
N2 NAG W . 70.26 8.63 30.36
O3 NAG W . 72.51 10.45 30.77
O4 NAG W . 73.01 12.17 28.57
O5 NAG W . 71.50 9.28 26.92
O6 NAG W . 73.82 10.48 25.75
O7 NAG W . 69.37 7.19 31.86
C1 NAG X . 61.08 20.99 0.84
C2 NAG X . 62.56 21.15 1.14
C3 NAG X . 63.31 21.62 -0.10
C4 NAG X . 62.68 21.26 -1.46
C5 NAG X . 61.27 20.67 -1.45
C6 NAG X . 61.01 19.61 -2.51
C7 NAG X . 62.92 21.72 3.49
C8 NAG X . 62.98 20.25 3.78
N2 NAG X . 62.73 22.11 2.23
O3 NAG X . 64.61 21.07 -0.03
O4 NAG X . 62.63 22.43 -2.26
O5 NAG X . 60.99 20.08 -0.21
O6 NAG X . 60.95 20.21 -3.79
O7 NAG X . 63.06 22.54 4.40
N GLN Y . 44.30 6.92 20.74
CA GLN Y . 43.14 6.02 20.73
C GLN Y . 42.41 6.05 22.09
O GLN Y . 42.89 6.75 22.99
CB GLN Y . 43.61 4.61 20.41
CG GLN Y . 42.54 3.68 19.96
CD GLN Y . 43.09 2.50 19.21
OE1 GLN Y . 44.22 2.52 18.74
NE2 GLN Y . 42.29 1.44 19.11
OXT GLN Y . 41.39 5.42 22.35
CL CL Z . 41.96 -1.83 24.95
C1 NAG AA . 23.19 -11.06 -21.33
C2 NAG AA . 22.85 -12.52 -21.68
C3 NAG AA . 23.83 -13.49 -21.04
C4 NAG AA . 25.27 -13.05 -21.24
C5 NAG AA . 25.46 -11.62 -20.74
C6 NAG AA . 26.94 -11.22 -20.94
C7 NAG AA . 20.46 -12.99 -22.02
C8 NAG AA . 20.66 -12.67 -23.45
N2 NAG AA . 21.53 -12.89 -21.22
O3 NAG AA . 23.63 -14.76 -21.61
O4 NAG AA . 26.14 -13.92 -20.56
O5 NAG AA . 24.58 -10.75 -21.44
O6 NAG AA . 27.20 -9.89 -20.54
O7 NAG AA . 19.34 -13.33 -21.61
C1 NAG BA . 23.75 5.42 -16.89
C2 NAG BA . 24.90 6.30 -17.40
C3 NAG BA . 25.89 6.50 -16.26
C4 NAG BA . 25.20 6.89 -14.95
C5 NAG BA . 24.04 5.97 -14.63
C6 NAG BA . 23.28 6.39 -13.37
C7 NAG BA . 25.32 5.98 -19.82
C8 NAG BA . 24.43 7.16 -20.10
N2 NAG BA . 25.52 5.63 -18.54
O3 NAG BA . 26.82 7.50 -16.62
O4 NAG BA . 26.14 6.85 -13.89
O5 NAG BA . 23.15 5.96 -15.72
O6 NAG BA . 22.21 5.49 -13.17
O7 NAG BA . 25.85 5.38 -20.74
C1 NAG CA . -7.77 -54.20 -14.98
C2 NAG CA . -8.42 -54.64 -13.68
C3 NAG CA . -7.50 -55.55 -12.87
C4 NAG CA . -6.88 -56.66 -13.72
C5 NAG CA . -6.38 -56.17 -15.08
C6 NAG CA . -6.13 -57.36 -16.01
C7 NAG CA . -10.05 -53.01 -12.81
C8 NAG CA . -11.10 -53.74 -13.60
N2 NAG CA . -8.79 -53.47 -12.88
O3 NAG CA . -8.25 -56.10 -11.81
O4 NAG CA . -5.79 -57.21 -13.02
O5 NAG CA . -7.31 -55.31 -15.73
O6 NAG CA . -7.26 -57.57 -16.84
O7 NAG CA . -10.37 -52.03 -12.14
C1 NAG DA . 14.03 -30.25 -0.07
C2 NAG DA . 14.37 -30.05 1.41
C3 NAG DA . 14.42 -31.38 2.17
C4 NAG DA . 13.12 -32.13 1.93
C5 NAG DA . 12.84 -32.28 0.44
C6 NAG DA . 11.49 -32.94 0.23
C7 NAG DA . 15.47 -28.03 2.10
C8 NAG DA . 14.08 -27.53 2.40
N2 NAG DA . 15.57 -29.27 1.61
O3 NAG DA . 14.53 -31.12 3.56
O4 NAG DA . 13.18 -33.41 2.51
O5 NAG DA . 12.85 -31.02 -0.20
O6 NAG DA . 11.39 -33.23 -1.15
O7 NAG DA . 16.44 -27.30 2.32
C1 NAG EA . 0.42 0.22 -33.70
C2 NAG EA . -0.25 1.52 -34.18
C3 NAG EA . -0.09 1.79 -35.67
C4 NAG EA . 1.37 1.61 -36.04
C5 NAG EA . 1.84 0.22 -35.68
C6 NAG EA . 3.32 0.08 -35.99
C7 NAG EA . -2.17 2.52 -33.10
C8 NAG EA . -1.25 3.63 -32.66
N2 NAG EA . -1.66 1.53 -33.83
O3 NAG EA . -0.49 3.11 -35.94
O4 NAG EA . 1.56 1.83 -37.42
O5 NAG EA . 1.67 -0.05 -34.31
O6 NAG EA . 3.79 -1.07 -35.33
O7 NAG EA . -3.36 2.56 -32.78
C1 NAG FA . 3.88 -37.92 -34.19
C2 NAG FA . 4.55 -38.66 -35.36
C3 NAG FA . 5.93 -38.13 -35.65
C4 NAG FA . 5.88 -36.61 -35.83
C5 NAG FA . 5.20 -35.96 -34.63
C6 NAG FA . 5.10 -34.47 -34.89
C7 NAG FA . 3.85 -40.95 -35.73
C8 NAG FA . 2.88 -40.41 -36.74
N2 NAG FA . 4.63 -40.08 -35.10
O3 NAG FA . 6.37 -38.75 -36.84
O4 NAG FA . 7.17 -36.06 -35.97
O5 NAG FA . 3.91 -36.52 -34.40
O6 NAG FA . 4.11 -33.89 -34.08
O7 NAG FA . 3.91 -42.16 -35.51
C1 NAG GA . -3.42 -34.70 -43.53
C2 NAG GA . -4.17 -34.65 -44.86
C3 NAG GA . -3.45 -35.58 -45.85
C4 NAG GA . -1.98 -35.22 -45.97
C5 NAG GA . -1.34 -35.24 -44.59
C6 NAG GA . 0.11 -34.77 -44.66
C7 NAG GA . -6.64 -34.35 -44.79
C8 NAG GA . -6.48 -32.88 -45.10
N2 NAG GA . -5.54 -35.10 -44.69
O3 NAG GA . -4.05 -35.54 -47.13
O4 NAG GA . -1.30 -36.14 -46.80
O5 NAG GA . -2.05 -34.39 -43.70
O6 NAG GA . 0.76 -34.98 -43.42
O7 NAG GA . -7.77 -34.82 -44.63
N GLN HA . -5.61 -21.31 -16.66
CA GLN HA . -5.57 -21.84 -15.30
C GLN HA . -6.35 -20.94 -14.37
O GLN HA . -6.77 -19.84 -14.79
CB GLN HA . -4.12 -21.97 -14.81
CG GLN HA . -3.21 -22.73 -15.74
CD GLN HA . -3.68 -24.16 -15.95
OE1 GLN HA . -4.20 -24.50 -17.02
NE2 GLN HA . -3.53 -24.97 -14.93
OXT GLN HA . -6.53 -21.29 -13.20
NA NA IA . 17.87 -2.24 -21.25
C1 NAG JA . 6.58 -17.61 14.17
C2 NAG JA . 7.55 -18.78 14.26
C3 NAG JA . 7.34 -19.63 15.52
C4 NAG JA . 7.40 -18.72 16.73
C5 NAG JA . 6.37 -17.61 16.57
C6 NAG JA . 6.44 -16.70 17.77
C7 NAG JA . 8.44 -19.76 12.22
C8 NAG JA . 9.65 -18.91 12.45
N2 NAG JA . 7.45 -19.66 13.10
O3 NAG JA . 8.28 -20.68 15.64
O4 NAG JA . 7.08 -19.48 17.87
O5 NAG JA . 6.59 -16.87 15.39
O6 NAG JA . 7.43 -15.73 17.53
O7 NAG JA . 8.37 -20.50 11.24
C1 NAG KA . -34.25 11.11 8.70
C2 NAG KA . -33.86 10.72 7.28
C3 NAG KA . -33.83 11.96 6.41
C4 NAG KA . -35.27 12.44 6.34
C5 NAG KA . -35.84 12.71 7.75
C6 NAG KA . -37.35 12.79 7.69
C7 NAG KA . -32.54 8.68 7.12
C8 NAG KA . -33.83 7.93 7.07
N2 NAG KA . -32.59 10.02 7.23
O3 NAG KA . -33.37 11.66 5.12
O4 NAG KA . -35.33 13.62 5.59
O5 NAG KA . -35.50 11.75 8.74
O6 NAG KA . -37.75 13.89 8.46
O7 NAG KA . -31.47 8.08 7.09
C1 NAG LA . -54.51 -10.68 8.46
C2 NAG LA . -54.53 -12.21 8.46
C3 NAG LA . -54.27 -12.76 9.85
C4 NAG LA . -52.96 -12.17 10.35
C5 NAG LA . -53.07 -10.65 10.45
C6 NAG LA . -51.75 -9.98 10.05
C7 NAG LA . -55.85 -13.64 6.96
C8 NAG LA . -54.59 -14.34 6.54
N2 NAG LA . -55.78 -12.67 7.87
O3 NAG LA . -54.16 -14.17 9.77
O4 NAG LA . -52.64 -12.67 11.63
O5 NAG LA . -54.15 -10.10 9.71
O6 NAG LA . -51.91 -8.58 10.27
O7 NAG LA . -56.92 -14.01 6.47
C1 NAG MA . -27.49 -22.76 27.74
C2 NAG MA . -26.35 -23.28 28.61
C3 NAG MA . -26.47 -24.78 28.87
C4 NAG MA . -27.90 -25.18 29.25
C5 NAG MA . -28.93 -24.50 28.36
C6 NAG MA . -30.36 -24.79 28.85
C7 NAG MA . -24.25 -22.02 28.48
C8 NAG MA . -24.68 -21.30 29.73
N2 NAG MA . -25.07 -22.95 27.99
O3 NAG MA . -25.60 -25.13 29.93
O4 NAG MA . -28.03 -26.57 29.15
O5 NAG MA . -28.74 -23.11 28.30
O6 NAG MA . -30.60 -24.03 30.01
O7 NAG MA . -23.18 -21.73 27.94
C1 NAG NA . -52.52 -28.34 10.81
C2 NAG NA . -53.28 -29.57 11.30
C3 NAG NA . -54.64 -29.04 11.74
C4 NAG NA . -54.56 -27.85 12.73
C5 NAG NA . -53.54 -26.80 12.22
C6 NAG NA . -53.21 -25.55 13.06
C7 NAG NA . -53.44 -31.82 10.34
C8 NAG NA . -53.01 -32.36 11.67
N2 NAG NA . -53.53 -30.50 10.22
O3 NAG NA . -55.35 -30.12 12.30
O4 NAG NA . -55.86 -27.29 12.83
O5 NAG NA . -52.34 -27.52 11.94
O6 NAG NA . -54.31 -24.97 13.73
O7 NAG NA . -53.66 -32.61 9.41
C1 NAG OA . 5.82 -0.03 15.53
C2 NAG OA . 7.22 0.11 14.94
C3 NAG OA . 8.10 -0.90 15.65
C4 NAG OA . 7.96 -0.84 17.18
C5 NAG OA . 6.51 -0.60 17.66
C6 NAG OA . 6.50 -0.19 19.13
C7 NAG OA . 7.60 0.79 12.63
C8 NAG OA . 8.14 2.09 13.17
N2 NAG OA . 7.18 -0.12 13.51
O3 NAG OA . 9.45 -0.66 15.31
O4 NAG OA . 8.41 -2.05 17.73
O5 NAG OA . 5.89 0.40 16.87
O6 NAG OA . 5.19 -0.24 19.65
O7 NAG OA . 7.56 0.60 11.42
N GLN PA . -27.69 -13.75 1.80
CA GLN PA . -27.12 -12.75 0.91
C GLN PA . -25.69 -13.09 0.47
O GLN PA . -25.04 -12.29 -0.22
CB GLN PA . -27.11 -11.38 1.61
CG GLN PA . -28.40 -10.63 1.53
CD GLN PA . -28.17 -9.13 1.56
OE1 GLN PA . -27.10 -8.64 1.18
NE2 GLN PA . -29.16 -8.38 2.02
OXT GLN PA . -25.16 -14.15 0.80
NA NA QA . -19.12 -5.13 30.12
CL CL RA . -21.48 -5.93 2.68
CA CA SA . -15.96 61.35 -30.58
#